data_9PDL
#
_entry.id   9PDL
#
_cell.length_a   1.00
_cell.length_b   1.00
_cell.length_c   1.00
_cell.angle_alpha   90.00
_cell.angle_beta   90.00
_cell.angle_gamma   90.00
#
_symmetry.space_group_name_H-M   'P 1'
#
loop_
_entity.id
_entity.type
_entity.pdbx_description
1 polymer '26S protease regulatory subunit 8'
2 polymer 'Proteasome subunit alpha type-6'
3 polymer 'Proteasome subunit alpha type-2'
4 polymer 'Proteasome subunit alpha type-4'
5 polymer 'Proteasome subunit alpha type-7'
6 polymer 'Proteasome subunit alpha type-1'
7 polymer 'Proteasome subunit alpha type-3'
8 polymer '26S proteasome non-ATPase regulatory subunit 14'
9 polymer 'Substrate polypeptide'
10 polymer '26S proteasome regulatory subunit 7'
11 polymer '26S proteasome regulatory subunit 4'
12 polymer '26S proteasome regulatory subunit 6B'
13 polymer '26S protease regulatory subunit 10B'
14 polymer '26S proteasome regulatory subunit 6A'
15 polymer 'Proteasome subunit alpha type-5'
16 non-polymer "ADENOSINE-5'-DIPHOSPHATE"
17 non-polymer 'MAGNESIUM ION'
18 non-polymer 'ZINC ION'
19 non-polymer "ADENOSINE-5'-TRIPHOSPHATE"
#
loop_
_entity_poly.entity_id
_entity_poly.type
_entity_poly.pdbx_seq_one_letter_code
_entity_poly.pdbx_strand_id
1 'polypeptide(L)'
;MALDGPEQMELEEGKAGSGLRQYYLSKIEELQLIVNDKSQNLRRLQAQRNELNAKVRLLREELQLLQEQGSYVGEVVRAM
DKKKVLVKVHPEGKFVVDVDKNIDINDVTPNCRVALRNDSYTLHKILPNKVDPLVSLMMVEKVPDSTYEMIGGLDKQIKE
IKEVIELPVKHPELFEALGIAQPKGVLLYGPPGTGKTLLARAVAHHTDCTFIRVSGSELVQKFIGEGARMVRELFVMARE
HAPSIIFMDEIDSIGSSRLEGGSGGDSEVQRTMLELLNQLDGFEATKNIKVIMATNRIDILDSALLRPGRIDRKIEFPPP
NEEARLDILKIHSRKMNLTRGINLRKIAELMPGASGAEVKGVCTEAGMYALRERRVHVTQEDFEMAVAKVMQKDSEKNMS
IKKLWK
;
C
2 'polypeptide(L)'
;MSRGSSAGFDRHITIFSPEGRLYQVEYAFKAINQGGLTSVAVRGKDCAVIVTQKKVPDKLLDSSTVTHLFKITENIGCVM
TGMTADSRSQVQRARYEAANWKYKYGYEIPVDMLCKRIADISQVYTQNAEMRPLGCCMILIGIDEEQGPQVYKCDPAGYY
CGFKATAAGVKQTESTSFLEKKVKKKFDWTFEQTVETAITCLSTVLSIDFKPSEIEVGVVTVENPKFRILTEAEIDAHLV
ALAERD
;
G
3 'polypeptide(L)'
;MAERGYSFSLTTFSPSGKLVQIEYALAAVAGGAPSVGIKAANGVVLATEKKQKSILYDERSVHKVEPITKHIGLVYSGMG
PDYRVLVHRARKLAQQYYLVYQEPIPTAQLVQRVASVMQEYTQSGGVRPFGVSLLICGWNEGRPYLFQSDPSGAYFAWKA
TAMGKNYVNGKTFLEKRYNEDLELEDAIHTAILTLKESFEGQMTEDNIEVGICNEAGFRRLTPTEVKDYLAAIA
;
H
4 'polypeptide(L)'
;MSRRYDSRTTIFSPEGRLYQVEYAMEAIGHAGTCLGILANDGVLLAAERRNIHKLLDEVFFSEKIYKLNEDMACSVAGIT
SDANVLTNELRLIAQRYLLQYQEPIPCEQLVTALCDIKQAYTQFGGKRPFGVSLLYIGWDKHYGFQLYQSDPSGNYGGWK
ATCIGNNSAAAVSMLKQDYKEGEMTLKSALALAIKVLNKTMDVSKLSAEKVEIATLTRENGKTVIRVLKQKEVEQLIKKH
EEEEAKAEREKKEKEQKEKDK
;
I
5 'polypeptide(L)'
;MSYDRAITVFSPDGHLFQVEYAQEAVKKGSTAVGVRGRDIVVLGVEKKSVAKLQDERTVRKICALDDNVCMAFAGLTADA
RIVINRARVECQSHRLTVEDPVTVEYITRYIASLKQRYTQSNGRRPFGISALIVGFDFDGTPRLYQTDPSGTYHAWKANA
IGRGAKSVREFLEKNYTDEAIETDDLTIKLVIKALLEVVQSGGKNIELAVMRRDQSLKILNPEEIEKYVVEIEKEKEENE
KKKQKKAS
;
J
6 'polypeptide(L)'
;MFRNQYDNDVTVWSPQGRIHQIEYAMEAVKQGSATVGLKSKTHAVLVALKRAQSELAAHQKKILHVDNHIGISIAGLTAD
ARLLCNFMRQECLDSRFVFDRPLPVSRLVSLIGSKTQIPTQRYGRRPYGVGLLIAGYDDMGPHIFQTCPSANYFDCRAMS
IGARSQSARTYLERHMSEFMECNLNELVKHGLRALRETLPAEQDLTTKNVSIGIVGKDLEFTIYDDDDVSPFLEGLEERP
QRKAQPAQPADEPAEKADEPMEH
;
L
7 'polypeptide(L)'
;MSSIGTGYDLSASTFSPDGRVFQVEYAMKAVENSSTAIGIRCKDGVVFGVEKLVLSKLYEEGSNKRLFNVDRHVGMAVAG
LLADARSLADIAREEASNFRSNFGYNIPLKHLADRVAMYVHAYTLYSAVRPFGCSFMLGSYSVNDGAQLYMIDPSGVSYG
YWGCAIGKARQAAKTEIEKLQMKEMTCRDIVKEVAKIIYIVHDEVKDKAFELELSWVGELTNGRHEIVPKDIREEAEKYA
KESLKEEDESDDDNM
;
M
8 'polypeptide(L)'
;MDRLLRLGGGMPGLGQGPPTDAPAVDTAEQVYISSLALLKMLKHGRAGVPMEVMGLMLGEFVDDYTVRVIDVFAMPQSGT
GVSVEAVDPVFQAKMLDMLKQTGRPEMVVGWYHSHPGFGCWLSGVDINTQQSFEALSERAVAVVVDPIQSVKGKVVIDAF
RLINANMMVLGHEPRQTTSNLGHLNKPSIQALIHGLNRHYYSITINYRKNELEQKMLLNLHKKSWMEGLTLQDYSEHCKH
NESVVKEMLELAKNYNKAVEEEDKMTPEQLAIKNVGKQDPKRHLEEHVDVLMTSNIVQCLAAMLDTVVFKLINHHHHHHD
YDIPTTASENLYFQGELGMRGSAGKAGEGEIPAPLAGTVSKILVKEGDTVKAGQTVLVLEAMKMETEINAPTDGKVEKVL
VKERDAVQGGQGLIKIGVHHHHHH
;
c
9 'polypeptide(L)' (UNK)(UNK)(UNK)(UNK)(UNK)(UNK)(UNK)(UNK)(UNK)(UNK)(UNK)(UNK) v
10 'polypeptide(L)'
;MPDYLGADQRKTKEDEKDDKPIRALDEGDIALLKTYGQSTYSRQIKQVEDDIQQLLKKINELTGIKESDTGLAPPALWDL
AADKQTLQSEQPLQVARCTKIINADSEDPKYIINVKQFAKFVVDLSDQVAPTDIEEGMRVGVDRNKYQIHIPLPPKIDPT
VTMMQVEEKPDVTYSDVGGCKEQIEKLREVVETPLLHPERFVNLGIEPPKGVLLFGPPGTGKTLCARAVANRTDACFIRV
IGSELVQKYVGEGARMVRELFEMARTKKACLIFFDEIDAIGGARFDDGAGGDNEVQRTMLELINQLDGFDPRGNIKVLMA
TNRPDTLDPALMRPGRLDRKIEFSLPDLEGRTHIFKIHARSMSVERDIRFELLARLCPNSTGAEIRSVCTEAGMFAIRAR
RKIATEKDFLEAVNKVIKSYAKFSATPRYMTYN
;
A
11 'polypeptide(L)'
;MGQSQSGGHGPGGGKKDDKDKKKKYEPPVPTRVGKKKKKTKGPDAASKLPLVTPHTQCRLKLLKLERIKDYLLMEEEFIR
NQEQMKPLEEKQEEERSKVDDLRGTPMSVGTLEEIIDDNHAIVSTSVGSEHYVSILSFVDKDLLEPGCSVLLNHKVHAVI
GVLMDDTDPLVTVMKVEKAPQETYADIGGLDNQIQEIKESVELPLTHPEYYEEMGIKPPKGVILYGPPGTGKTLLAKAVA
NQTSATFLRVVGSELIQKYLGDGPKLVRELFRVAEEHAPSIVFIDEIDAIGTKRYDSNSGGEREIQRTMLELLNQLDGFD
SRGDVKVIMATNRIETLDPALIRPGRIDRKIEFPLPDEKTKKRIFQIHTSRMTLADDVTLDDLIMAKDDLSGADIKAICT
EAGLMALRERRMKVTNEDFKKSKENVLYKKQEGTPEGLYL
;
B
12 'polypeptide(L)'
;MEEIGILVEKAQDEIPALSVSRPQTGLSFLGPEPEDLEDLYSRYKKLQQELEFLEVQEEYIKDEQKNLKKEFLHAQEEVK
RIQSIPLVIGQFLEAVDQNTAIVGSTTGSNYYVRILSTIDRELLKPNASVALHKHSNALVDVLPPEADSSIMMLTSDQKP
DVMYADIGGMDIQKQEVREAVELPLTHFELYKQIGIDPPRGVLMYGPPGCGKTMLAKAVAHHTTAAFIRVVGSEFVQKYL
GEGPRMVRDVFRLAKENAPAIIFIDEIDAIATKRFDAQTGADREVQRILLELLNQMDGFDQNVNVKVIMATNRADTLDPA
LLRPGRLDRKIEFPLPDRRQKRLIFSTITSKMNLSEEVDLEDYVARPDKISGADINSICQESGMLAVRENRYIVLAKDFE
KAYKTVIKKDEQEHEFYK
;
D
13 'polypeptide(L)'
;MADPRDKALQDYRKKLLEHKEIDGRLKELREQLKELTKQYEKSENDLKALQSVGQIVGEVLKQLTEEKFIVKATNGPRYV
VGCRRQLDKSKLKPGTRVALDMTTLTIMRYLPREVDPLVYNMSHEDPGNVSYSEIGGLSEQIRELREVIELPLTNPELFQ
RVGIIPPKGCLLYGPPGTGKTLLARAVASQLDCNFLKVVSSSIVDKYIGESARLIREMFNYARDHQPCIIFMDEIDAIGG
RRFSEGTSADREIQRTLMELLNQMDGFDTLHRVKMIMATNRPDTLDPALLRPGRLDRKIHIDLPNEQARLDILKIHAGPI
TKHGEIDYEAIVKLSDGFNGADLRNVCTEAGMFAIRADHDFVVQEDFMKAVRKVADSKKLESKLDYKPV
;
E
14 'polypeptide(L)'
;MNLLPNIESPVTRQEKMATVWDEAEQDGIGEEVLKMSTEEIIQRTRLLDSEIKIMKSEVLRVTHELQAMKDKIKENSEKI
KVNKTLPYLVSNVIELLDVDPNDQEEDGANIDLDSQRKGKCAVIKTSTRQTYFLPVIGLVDAEKLKPGDLVGVNKDSYLI
LETLPTEYDSRVKAMEVDERPTEQYSDIGGLDKQIQELVEAIVLPMNHKEKFENLGIQPPKGVLMYGPPGTGKTLLARAC
AAQTKATFLKLAGPQLVQMFIGDGAKLVRDAFALAKEKAPSIIFIDELDAIGTKRFDSEKAGDREVQRTMLELLNQLDGF
QPNTQVKVIAATNRVDILDPALLRSGRLDRKIEFPMPNEEARARIMQIHSRKMNVSPDVNYEELARCTDDFNGAQCKAVC
VEAGMIALRRGATELTHEDYMEGILEVQAKKKANLQYYA
;
F
15 'polypeptide(L)'
;MFLTRSEYDRGVNTFSPEGRLFQVEYAIEAIKLGSTAIGIQTSEGVCLAVEKRITSPLMEPSSIEKIVEIDAHIGCAMSG
LIKDAKTLIDKARVETQNHWFTYNETMTVESVTQAVSNLALQFGEEDADPGAMSRPFGVALLFGGVDEKGPQLFHMDPSG
TFVQCDARAIGSASEGAQSSLQEVYHKSMTLKEAIKSSLIILKQVMEEKLNATNIELATVQPGQNFHMFTKEELEEVIKD
I
;
K
#
loop_
_chem_comp.id
_chem_comp.type
_chem_comp.name
_chem_comp.formula
ADP non-polymer ADENOSINE-5'-DIPHOSPHATE 'C10 H15 N5 O10 P2'
ATP non-polymer ADENOSINE-5'-TRIPHOSPHATE 'C10 H16 N5 O13 P3'
MG non-polymer 'MAGNESIUM ION' 'Mg 2'
ZN non-polymer 'ZINC ION' 'Zn 2'
#
# COMPACT_ATOMS: atom_id res chain seq x y z
N ARG A 21 -23.56 100.51 -56.31
CA ARG A 21 -22.95 99.39 -57.03
C ARG A 21 -21.75 98.86 -56.25
N GLN A 22 -20.70 99.68 -56.14
CA GLN A 22 -19.47 99.23 -55.49
C GLN A 22 -19.65 99.11 -53.98
N TYR A 23 -20.50 99.96 -53.39
CA TYR A 23 -20.80 99.82 -51.96
C TYR A 23 -21.44 98.47 -51.68
N TYR A 24 -22.45 98.11 -52.46
CA TYR A 24 -23.13 96.82 -52.31
C TYR A 24 -22.15 95.67 -52.53
N LEU A 25 -21.32 95.78 -53.57
CA LEU A 25 -20.38 94.70 -53.89
C LEU A 25 -19.38 94.50 -52.76
N SER A 26 -18.82 95.60 -52.23
CA SER A 26 -17.84 95.49 -51.16
C SER A 26 -18.47 94.90 -49.90
N LYS A 27 -19.65 95.39 -49.53
CA LYS A 27 -20.33 94.86 -48.35
C LYS A 27 -20.64 93.38 -48.52
N ILE A 28 -21.10 93.00 -49.71
CA ILE A 28 -21.45 91.61 -49.99
C ILE A 28 -20.22 90.72 -49.92
N GLU A 29 -19.08 91.21 -50.44
CA GLU A 29 -17.86 90.40 -50.39
C GLU A 29 -17.37 90.21 -48.96
N GLU A 30 -17.35 91.28 -48.17
CA GLU A 30 -16.96 91.16 -46.77
C GLU A 30 -17.86 90.16 -46.04
N LEU A 31 -19.17 90.28 -46.24
CA LEU A 31 -20.09 89.37 -45.57
C LEU A 31 -19.92 87.95 -46.08
N GLN A 32 -19.65 87.78 -47.38
CA GLN A 32 -19.43 86.45 -47.94
C GLN A 32 -18.26 85.77 -47.26
N LEU A 33 -17.12 86.43 -47.17
CA LEU A 33 -15.96 85.80 -46.56
C LEU A 33 -16.20 85.53 -45.07
N ILE A 34 -16.79 86.49 -44.37
CA ILE A 34 -16.98 86.33 -42.93
C ILE A 34 -17.93 85.18 -42.64
N VAL A 35 -19.00 85.04 -43.43
CA VAL A 35 -19.97 83.99 -43.16
C VAL A 35 -19.46 82.65 -43.68
N ASN A 36 -18.58 82.67 -44.68
CA ASN A 36 -17.94 81.42 -45.10
C ASN A 36 -17.10 80.84 -43.98
N ASP A 37 -16.26 81.67 -43.36
CA ASP A 37 -15.48 81.17 -42.24
C ASP A 37 -16.39 80.82 -41.05
N LYS A 38 -17.47 81.57 -40.87
CA LYS A 38 -18.43 81.23 -39.82
C LYS A 38 -19.05 79.86 -40.03
N SER A 39 -19.40 79.53 -41.27
CA SER A 39 -20.01 78.24 -41.57
C SER A 39 -19.00 77.11 -41.39
N GLN A 40 -17.75 77.33 -41.80
CA GLN A 40 -16.74 76.31 -41.55
C GLN A 40 -16.55 76.06 -40.06
N ASN A 41 -16.49 77.15 -39.28
CA ASN A 41 -16.38 77.02 -37.83
C ASN A 41 -17.59 76.30 -37.25
N LEU A 42 -18.78 76.58 -37.78
CA LEU A 42 -19.99 75.93 -37.28
C LEU A 42 -19.97 74.43 -37.56
N ARG A 43 -19.51 74.04 -38.75
CA ARG A 43 -19.39 72.61 -39.04
C ARG A 43 -18.40 71.94 -38.10
N ARG A 44 -17.27 72.59 -37.85
CA ARG A 44 -16.28 72.05 -36.92
C ARG A 44 -16.86 71.90 -35.52
N LEU A 45 -17.57 72.94 -35.05
CA LEU A 45 -18.13 72.92 -33.71
C LEU A 45 -19.20 71.84 -33.58
N GLN A 46 -20.02 71.67 -34.62
CA GLN A 46 -21.02 70.59 -34.58
C GLN A 46 -20.38 69.22 -34.60
N ALA A 47 -19.30 69.02 -35.35
CA ALA A 47 -18.58 67.74 -35.29
C ALA A 47 -18.06 67.47 -33.89
N GLN A 48 -17.47 68.49 -33.25
CA GLN A 48 -16.99 68.32 -31.88
C GLN A 48 -18.14 68.00 -30.92
N ARG A 49 -19.27 68.69 -31.10
CA ARG A 49 -20.44 68.44 -30.25
C ARG A 49 -20.93 67.01 -30.41
N ASN A 50 -20.97 66.52 -31.66
CA ASN A 50 -21.41 65.15 -31.89
C ASN A 50 -20.44 64.14 -31.29
N GLU A 51 -19.14 64.44 -31.33
CA GLU A 51 -18.17 63.55 -30.69
C GLU A 51 -18.39 63.49 -29.19
N LEU A 52 -18.59 64.65 -28.56
CA LEU A 52 -18.86 64.67 -27.12
C LEU A 52 -20.15 63.93 -26.80
N ASN A 53 -21.16 64.09 -27.65
CA ASN A 53 -22.44 63.42 -27.48
C ASN A 53 -22.25 61.91 -27.55
N ALA A 54 -21.41 61.46 -28.48
CA ALA A 54 -21.11 60.04 -28.61
C ALA A 54 -20.44 59.51 -27.34
N LYS A 55 -19.48 60.26 -26.81
CA LYS A 55 -18.82 59.84 -25.57
C LYS A 55 -19.81 59.72 -24.42
N VAL A 56 -20.64 60.75 -24.25
CA VAL A 56 -21.60 60.77 -23.15
C VAL A 56 -22.59 59.62 -23.29
N ARG A 57 -23.09 59.41 -24.51
CA ARG A 57 -24.03 58.31 -24.74
C ARG A 57 -23.38 56.97 -24.46
N LEU A 58 -22.13 56.78 -24.88
CA LEU A 58 -21.45 55.52 -24.61
C LEU A 58 -21.34 55.26 -23.12
N LEU A 59 -20.97 56.29 -22.35
CA LEU A 59 -20.89 56.13 -20.90
C LEU A 59 -22.26 55.82 -20.31
N ARG A 60 -23.31 56.46 -20.82
CA ARG A 60 -24.65 56.22 -20.27
C ARG A 60 -25.12 54.80 -20.54
N GLU A 61 -24.90 54.29 -21.76
CA GLU A 61 -25.26 52.91 -22.04
C GLU A 61 -24.41 51.94 -21.24
N GLU A 62 -23.14 52.27 -20.98
CA GLU A 62 -22.34 51.42 -20.12
C GLU A 62 -22.94 51.37 -18.71
N LEU A 63 -23.37 52.52 -18.19
CA LEU A 63 -24.02 52.52 -16.88
C LEU A 63 -25.29 51.67 -16.89
N GLN A 64 -26.12 51.83 -17.92
CA GLN A 64 -27.38 51.08 -17.98
C GLN A 64 -27.10 49.58 -18.06
N LEU A 65 -26.13 49.19 -18.88
CA LEU A 65 -25.84 47.76 -19.04
C LEU A 65 -25.10 47.21 -17.83
N LEU A 66 -24.52 48.09 -17.01
CA LEU A 66 -23.97 47.67 -15.74
C LEU A 66 -25.02 47.50 -14.66
N GLN A 67 -26.14 48.23 -14.75
CA GLN A 67 -27.17 48.11 -13.72
C GLN A 67 -27.92 46.78 -13.77
N GLU A 68 -27.98 46.14 -14.94
CA GLU A 68 -28.66 44.85 -15.03
C GLU A 68 -27.89 43.78 -14.27
N GLN A 69 -28.63 42.84 -13.70
CA GLN A 69 -28.03 41.81 -12.86
C GLN A 69 -27.26 40.80 -13.71
N GLY A 70 -26.30 40.13 -13.08
CA GLY A 70 -25.55 39.08 -13.73
C GLY A 70 -26.38 37.82 -13.88
N SER A 71 -26.25 37.17 -15.03
CA SER A 71 -27.04 36.00 -15.35
C SER A 71 -26.33 34.74 -14.85
N TYR A 72 -27.12 33.72 -14.50
CA TYR A 72 -26.57 32.48 -14.00
C TYR A 72 -25.84 31.72 -15.12
N VAL A 73 -24.92 30.85 -14.70
CA VAL A 73 -24.13 30.03 -15.59
C VAL A 73 -24.43 28.57 -15.29
N GLY A 74 -24.90 27.84 -16.29
CA GLY A 74 -25.28 26.45 -16.09
C GLY A 74 -24.91 25.60 -17.28
N GLU A 75 -24.59 24.34 -16.99
CA GLU A 75 -24.30 23.36 -18.03
C GLU A 75 -25.60 22.74 -18.52
N VAL A 76 -25.60 22.34 -19.78
CA VAL A 76 -26.79 21.79 -20.43
C VAL A 76 -26.72 20.27 -20.34
N VAL A 77 -27.71 19.67 -19.67
CA VAL A 77 -27.81 18.21 -19.67
C VAL A 77 -28.19 17.71 -21.06
N ARG A 78 -29.24 18.31 -21.63
CA ARG A 78 -29.73 17.95 -22.96
C ARG A 78 -30.83 18.93 -23.33
N ALA A 79 -31.02 19.11 -24.64
CA ALA A 79 -32.16 19.89 -25.11
C ALA A 79 -33.40 19.01 -25.17
N MET A 80 -34.45 19.45 -24.50
CA MET A 80 -35.68 18.68 -24.38
C MET A 80 -36.69 18.95 -25.48
N ASP A 81 -36.85 20.22 -25.87
CA ASP A 81 -37.81 20.58 -26.91
C ASP A 81 -37.12 21.42 -27.98
N LYS A 82 -37.91 22.00 -28.86
CA LYS A 82 -37.43 23.08 -29.72
C LYS A 82 -37.40 24.41 -28.97
N LYS A 83 -37.94 24.45 -27.75
CA LYS A 83 -37.95 25.69 -26.98
C LYS A 83 -37.65 25.48 -25.49
N LYS A 84 -37.15 24.30 -25.10
CA LYS A 84 -36.88 24.02 -23.69
C LYS A 84 -35.60 23.23 -23.57
N VAL A 85 -34.76 23.59 -22.60
CA VAL A 85 -33.48 22.95 -22.37
C VAL A 85 -33.39 22.53 -20.91
N LEU A 86 -32.91 21.31 -20.68
CA LEU A 86 -32.66 20.81 -19.33
C LEU A 86 -31.24 21.18 -18.94
N VAL A 87 -31.09 22.23 -18.14
CA VAL A 87 -29.79 22.71 -17.72
C VAL A 87 -29.57 22.33 -16.26
N LYS A 88 -28.34 22.54 -15.80
CA LYS A 88 -27.94 22.23 -14.43
C LYS A 88 -27.24 23.46 -13.85
N VAL A 89 -27.99 24.27 -13.11
CA VAL A 89 -27.40 25.43 -12.47
C VAL A 89 -26.76 25.03 -11.14
N HIS A 90 -25.50 25.43 -10.98
CA HIS A 90 -24.68 25.15 -9.81
C HIS A 90 -24.77 26.30 -8.82
N PRO A 91 -25.16 26.03 -7.56
CA PRO A 91 -25.56 24.75 -6.97
C PRO A 91 -27.06 24.54 -6.85
N GLU A 92 -27.88 25.39 -7.47
CA GLU A 92 -29.33 25.31 -7.27
C GLU A 92 -29.88 23.99 -7.77
N GLY A 93 -29.35 23.48 -8.89
CA GLY A 93 -29.79 22.19 -9.38
C GLY A 93 -30.14 22.19 -10.85
N LYS A 94 -31.07 21.33 -11.24
CA LYS A 94 -31.47 21.20 -12.64
C LYS A 94 -32.75 21.96 -12.90
N PHE A 95 -32.81 22.61 -14.06
CA PHE A 95 -33.96 23.41 -14.45
C PHE A 95 -34.31 23.11 -15.90
N VAL A 96 -35.61 23.15 -16.20
CA VAL A 96 -36.09 23.11 -17.58
C VAL A 96 -36.36 24.55 -17.97
N VAL A 97 -35.42 25.14 -18.71
CA VAL A 97 -35.49 26.56 -19.01
C VAL A 97 -35.93 26.78 -20.45
N ASP A 98 -36.46 27.98 -20.70
CA ASP A 98 -36.85 28.38 -22.04
C ASP A 98 -35.70 29.09 -22.73
N VAL A 99 -35.72 29.06 -24.05
CA VAL A 99 -34.65 29.63 -24.85
C VAL A 99 -35.05 31.01 -25.34
N ASP A 100 -34.09 31.92 -25.37
CA ASP A 100 -34.33 33.24 -25.94
C ASP A 100 -34.49 33.13 -27.45
N LYS A 101 -35.12 34.15 -28.03
CA LYS A 101 -35.39 34.15 -29.47
C LYS A 101 -34.14 34.36 -30.31
N ASN A 102 -33.04 34.82 -29.72
CA ASN A 102 -31.79 35.04 -30.43
C ASN A 102 -30.83 33.86 -30.30
N ILE A 103 -31.28 32.76 -29.70
CA ILE A 103 -30.47 31.56 -29.57
C ILE A 103 -31.18 30.43 -30.28
N ASP A 104 -30.53 29.84 -31.28
CA ASP A 104 -31.10 28.72 -32.02
C ASP A 104 -30.88 27.47 -31.19
N ILE A 105 -31.93 26.66 -31.02
CA ILE A 105 -31.89 25.48 -30.17
C ILE A 105 -30.86 24.47 -30.69
N ASN A 106 -30.60 24.50 -31.99
CA ASN A 106 -29.70 23.52 -32.59
C ASN A 106 -28.25 23.69 -32.15
N ASP A 107 -27.86 24.88 -31.68
CA ASP A 107 -26.53 25.09 -31.14
C ASP A 107 -26.44 24.77 -29.66
N VAL A 108 -27.55 24.43 -29.01
CA VAL A 108 -27.52 24.04 -27.61
C VAL A 108 -27.26 22.54 -27.54
N THR A 109 -26.01 22.17 -27.63
CA THR A 109 -25.56 20.79 -27.58
C THR A 109 -25.40 20.34 -26.13
N PRO A 110 -25.45 19.03 -25.87
CA PRO A 110 -25.23 18.55 -24.50
C PRO A 110 -23.88 18.97 -23.94
N ASN A 111 -23.85 19.27 -22.64
CA ASN A 111 -22.65 19.63 -21.90
C ASN A 111 -22.07 20.98 -22.32
N CYS A 112 -22.89 21.89 -22.84
CA CYS A 112 -22.40 23.23 -23.10
C CYS A 112 -22.81 24.16 -21.96
N ARG A 113 -22.00 25.20 -21.75
CA ARG A 113 -22.20 26.15 -20.66
C ARG A 113 -23.06 27.30 -21.17
N VAL A 114 -24.36 27.27 -20.87
CA VAL A 114 -25.23 28.37 -21.29
C VAL A 114 -25.40 29.38 -20.16
N ALA A 115 -25.79 30.59 -20.51
CA ALA A 115 -26.05 31.66 -19.55
C ALA A 115 -27.55 31.87 -19.41
N LEU A 116 -28.02 31.91 -18.17
CA LEU A 116 -29.44 32.01 -17.86
C LEU A 116 -29.73 33.31 -17.12
N ARG A 117 -30.70 34.07 -17.61
CA ARG A 117 -31.06 35.35 -17.02
C ARG A 117 -31.38 35.22 -15.54
N ASN A 118 -31.24 36.33 -14.80
CA ASN A 118 -31.38 36.30 -13.34
C ASN A 118 -32.76 35.91 -12.86
N ASP A 119 -33.80 36.07 -13.67
CA ASP A 119 -35.17 35.93 -13.19
C ASP A 119 -35.85 34.68 -13.76
N SER A 120 -35.93 34.55 -15.08
CA SER A 120 -36.61 33.43 -15.70
C SER A 120 -35.68 32.30 -16.07
N TYR A 121 -34.38 32.42 -15.77
CA TYR A 121 -33.37 31.42 -16.12
C TYR A 121 -33.36 31.18 -17.62
N THR A 122 -33.68 32.23 -18.37
CA THR A 122 -33.82 32.14 -19.81
C THR A 122 -32.45 31.99 -20.47
N LEU A 123 -32.31 30.95 -21.29
CA LEU A 123 -31.07 30.72 -22.01
C LEU A 123 -30.86 31.83 -23.03
N HIS A 124 -29.82 32.64 -22.82
CA HIS A 124 -29.59 33.80 -23.67
C HIS A 124 -28.19 33.89 -24.27
N LYS A 125 -27.28 32.95 -23.97
CA LYS A 125 -25.98 32.96 -24.61
C LYS A 125 -25.40 31.56 -24.57
N ILE A 126 -24.57 31.24 -25.56
CA ILE A 126 -24.03 29.89 -25.69
C ILE A 126 -22.74 29.73 -24.91
N LEU A 127 -21.89 30.76 -24.89
CA LEU A 127 -20.71 30.85 -24.03
C LEU A 127 -19.63 29.83 -24.39
N PRO A 128 -18.38 30.07 -24.02
CA PRO A 128 -17.34 29.07 -24.25
C PRO A 128 -17.56 27.84 -23.37
N ASN A 129 -17.08 26.70 -23.85
CA ASN A 129 -17.28 25.44 -23.16
C ASN A 129 -16.40 25.37 -21.91
N LYS A 130 -16.76 24.45 -21.02
CA LYS A 130 -16.06 24.27 -19.76
C LYS A 130 -14.85 23.37 -19.96
N VAL A 131 -13.70 23.84 -19.49
CA VAL A 131 -12.46 23.07 -19.49
C VAL A 131 -11.97 22.97 -18.06
N ASP A 132 -11.50 21.79 -17.68
CA ASP A 132 -10.90 21.61 -16.36
C ASP A 132 -9.73 22.57 -16.22
N PRO A 133 -9.67 23.37 -15.14
CA PRO A 133 -8.59 24.37 -15.04
C PRO A 133 -7.19 23.81 -15.15
N LEU A 134 -6.97 22.58 -14.67
CA LEU A 134 -5.65 21.98 -14.81
C LEU A 134 -5.37 21.59 -16.26
N VAL A 135 -6.41 21.34 -17.05
CA VAL A 135 -6.23 20.93 -18.44
C VAL A 135 -6.16 22.16 -19.34
N SER A 136 -6.68 23.28 -18.86
CA SER A 136 -6.62 24.53 -19.61
C SER A 136 -5.22 25.09 -19.74
N LEU A 137 -4.41 24.95 -18.69
CA LEU A 137 -3.02 25.42 -18.74
C LEU A 137 -2.13 24.54 -19.57
N MET A 138 -2.62 23.39 -20.05
CA MET A 138 -1.83 22.48 -20.86
C MET A 138 -1.63 22.97 -22.29
N MET A 139 -2.50 23.86 -22.78
CA MET A 139 -2.39 24.36 -24.15
C MET A 139 -1.32 25.45 -24.19
N VAL A 140 -0.43 25.36 -25.17
CA VAL A 140 0.62 26.37 -25.32
C VAL A 140 0.02 27.65 -25.85
N GLU A 141 0.22 28.75 -25.12
CA GLU A 141 -0.23 30.07 -25.54
C GLU A 141 0.90 30.94 -26.06
N LYS A 142 2.07 30.87 -25.43
CA LYS A 142 3.26 31.55 -25.92
C LYS A 142 4.21 30.46 -26.42
N VAL A 143 4.46 30.47 -27.74
CA VAL A 143 5.26 29.39 -28.31
C VAL A 143 6.69 29.49 -27.81
N PRO A 144 7.39 28.37 -27.60
CA PRO A 144 8.80 28.45 -27.20
C PRO A 144 9.66 29.03 -28.31
N ASP A 145 10.78 29.62 -27.91
CA ASP A 145 11.66 30.33 -28.82
C ASP A 145 12.64 29.41 -29.54
N SER A 146 12.61 28.10 -29.24
CA SER A 146 13.50 27.17 -29.91
C SER A 146 13.05 26.97 -31.35
N THR A 147 13.97 27.14 -32.29
CA THR A 147 13.69 26.95 -33.70
C THR A 147 14.46 25.76 -34.25
N TYR A 148 14.09 25.36 -35.47
CA TYR A 148 14.70 24.19 -36.08
C TYR A 148 16.17 24.41 -36.34
N GLU A 149 16.57 25.64 -36.63
CA GLU A 149 17.97 25.96 -36.86
C GLU A 149 18.81 25.90 -35.59
N MET A 150 18.19 25.80 -34.41
CA MET A 150 18.91 25.62 -33.16
C MET A 150 19.15 24.15 -32.83
N ILE A 151 18.77 23.23 -33.71
CA ILE A 151 18.99 21.80 -33.50
C ILE A 151 20.07 21.36 -34.48
N GLY A 152 21.18 20.88 -33.96
CA GLY A 152 22.30 20.43 -34.76
C GLY A 152 22.50 18.93 -34.64
N GLY A 153 22.83 18.30 -35.77
CA GLY A 153 23.08 16.87 -35.79
C GLY A 153 21.85 16.01 -35.87
N LEU A 154 20.67 16.58 -35.71
CA LEU A 154 19.41 15.86 -35.81
C LEU A 154 18.63 16.43 -37.00
N ASP A 155 18.93 15.91 -38.18
CA ASP A 155 18.20 16.32 -39.38
C ASP A 155 17.25 15.23 -39.86
N LYS A 156 17.73 13.98 -39.85
CA LYS A 156 16.86 12.85 -40.16
C LYS A 156 15.72 12.76 -39.15
N GLN A 157 16.03 12.97 -37.87
CA GLN A 157 15.00 12.92 -36.85
C GLN A 157 13.94 13.99 -37.08
N ILE A 158 14.37 15.22 -37.41
CA ILE A 158 13.42 16.28 -37.70
C ILE A 158 12.55 15.93 -38.90
N LYS A 159 13.18 15.42 -39.96
CA LYS A 159 12.41 15.08 -41.16
C LYS A 159 11.43 13.95 -40.91
N GLU A 160 11.80 12.95 -40.11
CA GLU A 160 10.86 11.88 -39.77
C GLU A 160 9.72 12.39 -38.90
N ILE A 161 10.02 13.26 -37.91
CA ILE A 161 8.96 13.81 -37.08
C ILE A 161 8.02 14.71 -37.87
N LYS A 162 8.50 15.35 -38.93
CA LYS A 162 7.66 16.19 -39.76
C LYS A 162 6.80 15.41 -40.74
N GLU A 163 7.09 14.12 -40.93
CA GLU A 163 6.23 13.25 -41.72
C GLU A 163 5.03 12.76 -40.92
N VAL A 164 5.03 12.96 -39.61
CA VAL A 164 3.89 12.63 -38.77
C VAL A 164 3.23 13.85 -38.16
N ILE A 165 3.98 14.93 -37.90
CA ILE A 165 3.45 16.09 -37.22
C ILE A 165 2.97 17.13 -38.24
N GLU A 166 3.69 17.26 -39.34
CA GLU A 166 3.42 18.31 -40.33
C GLU A 166 2.70 17.78 -41.57
N LEU A 167 3.26 16.75 -42.21
CA LEU A 167 2.68 16.27 -43.47
C LEU A 167 1.24 15.79 -43.34
N PRO A 168 0.87 14.97 -42.35
CA PRO A 168 -0.53 14.50 -42.30
C PRO A 168 -1.55 15.62 -42.14
N VAL A 169 -1.18 16.72 -41.49
CA VAL A 169 -2.16 17.77 -41.23
C VAL A 169 -2.09 18.86 -42.30
N LYS A 170 -0.90 19.16 -42.82
CA LYS A 170 -0.80 20.20 -43.84
C LYS A 170 -1.31 19.72 -45.18
N HIS A 171 -1.01 18.48 -45.55
CA HIS A 171 -1.42 17.90 -46.83
C HIS A 171 -2.03 16.52 -46.61
N PRO A 172 -3.22 16.47 -45.99
CA PRO A 172 -3.87 15.17 -45.77
C PRO A 172 -4.31 14.48 -47.05
N GLU A 173 -4.41 15.20 -48.17
CA GLU A 173 -4.88 14.60 -49.41
C GLU A 173 -3.92 13.54 -49.92
N LEU A 174 -2.62 13.71 -49.67
CA LEU A 174 -1.63 12.73 -50.09
C LEU A 174 -1.85 11.37 -49.45
N PHE A 175 -2.26 11.32 -48.19
CA PHE A 175 -2.49 10.05 -47.52
C PHE A 175 -3.74 9.34 -48.01
N GLU A 176 -4.81 10.10 -48.29
CA GLU A 176 -5.99 9.49 -48.91
C GLU A 176 -5.67 8.97 -50.31
N ALA A 177 -4.91 9.74 -51.10
CA ALA A 177 -4.57 9.30 -52.44
C ALA A 177 -3.67 8.09 -52.43
N LEU A 178 -2.73 8.04 -51.47
CA LEU A 178 -1.87 6.87 -51.33
C LEU A 178 -2.65 5.65 -50.86
N GLY A 179 -3.77 5.85 -50.18
CA GLY A 179 -4.52 4.77 -49.60
C GLY A 179 -4.04 4.34 -48.23
N ILE A 180 -3.05 5.01 -47.67
CA ILE A 180 -2.55 4.68 -46.35
C ILE A 180 -3.29 5.50 -45.30
N ALA A 181 -3.18 5.07 -44.06
CA ALA A 181 -3.71 5.80 -42.92
C ALA A 181 -2.65 6.74 -42.37
N GLN A 182 -3.11 7.89 -41.87
CA GLN A 182 -2.18 8.88 -41.36
C GLN A 182 -1.54 8.40 -40.06
N PRO A 183 -0.23 8.52 -39.92
CA PRO A 183 0.40 8.24 -38.63
C PRO A 183 -0.07 9.22 -37.58
N LYS A 184 -0.12 8.74 -36.33
CA LYS A 184 -0.71 9.50 -35.24
C LYS A 184 0.28 9.89 -34.15
N GLY A 185 1.20 9.01 -33.80
CA GLY A 185 2.09 9.26 -32.70
C GLY A 185 3.54 8.95 -33.04
N VAL A 186 4.44 9.71 -32.43
CA VAL A 186 5.88 9.49 -32.54
C VAL A 186 6.45 9.47 -31.13
N LEU A 187 7.44 8.60 -30.92
CA LEU A 187 8.14 8.52 -29.65
C LEU A 187 9.59 8.95 -29.86
N LEU A 188 10.06 9.87 -29.04
CA LEU A 188 11.44 10.33 -29.05
C LEU A 188 12.15 9.72 -27.85
N TYR A 189 13.09 8.82 -28.11
CA TYR A 189 13.79 8.14 -27.03
C TYR A 189 15.29 8.17 -27.29
N GLY A 190 16.06 8.21 -26.21
CA GLY A 190 17.50 8.23 -26.29
C GLY A 190 18.12 8.62 -24.97
N PRO A 191 19.45 8.78 -24.96
CA PRO A 191 20.11 9.21 -23.74
C PRO A 191 19.66 10.60 -23.35
N PRO A 192 19.75 10.96 -22.07
CA PRO A 192 19.32 12.29 -21.64
C PRO A 192 20.14 13.38 -22.31
N GLY A 193 19.49 14.49 -22.60
CA GLY A 193 20.13 15.64 -23.22
C GLY A 193 20.58 15.42 -24.64
N THR A 194 19.79 14.71 -25.44
CA THR A 194 20.11 14.51 -26.85
C THR A 194 19.28 15.38 -27.78
N GLY A 195 18.19 15.98 -27.30
CA GLY A 195 17.44 16.92 -28.09
C GLY A 195 15.98 16.58 -28.27
N LYS A 196 15.47 15.66 -27.45
CA LYS A 196 14.07 15.28 -27.55
C LYS A 196 13.15 16.43 -27.18
N THR A 197 13.36 17.03 -26.01
CA THR A 197 12.55 18.17 -25.61
C THR A 197 12.87 19.39 -26.45
N LEU A 198 14.12 19.54 -26.87
CA LEU A 198 14.46 20.62 -27.79
C LEU A 198 13.71 20.48 -29.11
N LEU A 199 13.63 19.26 -29.64
CA LEU A 199 12.85 19.04 -30.86
C LEU A 199 11.37 19.27 -30.64
N ALA A 200 10.83 18.87 -29.49
CA ALA A 200 9.44 19.16 -29.19
C ALA A 200 9.15 20.65 -29.06
N ARG A 201 10.08 21.41 -28.49
CA ARG A 201 9.96 22.86 -28.43
C ARG A 201 10.07 23.53 -29.80
N ALA A 202 10.96 23.03 -30.66
CA ALA A 202 11.05 23.53 -32.03
C ALA A 202 9.82 23.20 -32.85
N VAL A 203 9.23 22.03 -32.66
CA VAL A 203 7.97 21.69 -33.33
C VAL A 203 6.84 22.61 -32.89
N ALA A 204 6.75 22.91 -31.60
CA ALA A 204 5.73 23.81 -31.08
C ALA A 204 5.93 25.25 -31.53
N HIS A 205 7.10 25.59 -32.07
CA HIS A 205 7.36 26.95 -32.52
C HIS A 205 7.02 27.13 -33.99
N HIS A 206 7.30 26.11 -34.81
CA HIS A 206 7.07 26.18 -36.25
C HIS A 206 5.72 25.64 -36.66
N THR A 207 4.93 25.11 -35.74
CA THR A 207 3.67 24.49 -36.10
C THR A 207 2.56 25.52 -36.21
N ASP A 208 1.56 25.19 -37.01
CA ASP A 208 0.34 25.97 -37.11
C ASP A 208 -0.81 25.36 -36.33
N CYS A 209 -0.59 24.20 -35.71
CA CYS A 209 -1.61 23.50 -34.95
C CYS A 209 -1.56 23.90 -33.48
N THR A 210 -2.63 23.61 -32.77
CA THR A 210 -2.68 23.87 -31.33
C THR A 210 -1.77 22.88 -30.61
N PHE A 211 -0.70 23.39 -30.00
CA PHE A 211 0.24 22.56 -29.27
C PHE A 211 -0.20 22.49 -27.82
N ILE A 212 -0.37 21.26 -27.32
CA ILE A 212 -0.76 21.02 -25.94
C ILE A 212 0.35 20.24 -25.26
N ARG A 213 0.84 20.76 -24.15
CA ARG A 213 1.92 20.12 -23.39
C ARG A 213 1.29 19.49 -22.16
N VAL A 214 1.59 18.21 -21.94
CA VAL A 214 1.20 17.49 -20.73
C VAL A 214 2.34 16.53 -20.39
N SER A 215 3.10 16.87 -19.36
CA SER A 215 4.38 16.22 -19.13
C SER A 215 4.50 15.83 -17.67
N GLY A 216 5.38 14.87 -17.41
CA GLY A 216 5.63 14.44 -16.04
C GLY A 216 4.40 13.81 -15.41
N SER A 217 3.99 14.36 -14.27
CA SER A 217 2.93 13.78 -13.47
C SER A 217 1.69 14.66 -13.45
N GLU A 218 1.49 15.50 -14.46
CA GLU A 218 0.32 16.36 -14.51
C GLU A 218 -0.94 15.51 -14.60
N LEU A 219 -0.79 14.27 -15.05
CA LEU A 219 -1.91 13.33 -15.15
C LEU A 219 -1.97 12.38 -13.96
N VAL A 220 -1.09 12.55 -12.97
CA VAL A 220 -1.07 11.69 -11.79
C VAL A 220 -1.70 12.51 -10.66
N GLN A 221 -2.96 12.21 -10.35
CA GLN A 221 -3.70 12.93 -9.32
C GLN A 221 -4.01 12.01 -8.15
N LYS A 222 -4.26 12.63 -6.99
CA LYS A 222 -4.49 11.88 -5.77
C LYS A 222 -5.78 11.07 -5.82
N PHE A 223 -6.87 11.69 -6.27
CA PHE A 223 -8.16 11.02 -6.26
C PHE A 223 -8.25 9.99 -7.37
N ILE A 224 -9.13 9.01 -7.17
CA ILE A 224 -9.32 7.94 -8.14
C ILE A 224 -10.13 8.45 -9.32
N GLY A 225 -9.70 8.08 -10.53
CA GLY A 225 -10.39 8.48 -11.73
C GLY A 225 -10.10 9.89 -12.19
N GLU A 226 -9.35 10.67 -11.41
CA GLU A 226 -9.01 12.02 -11.83
C GLU A 226 -8.01 12.00 -12.98
N GLY A 227 -7.05 11.08 -12.96
CA GLY A 227 -6.11 10.98 -14.05
C GLY A 227 -6.77 10.62 -15.36
N ALA A 228 -7.67 9.63 -15.31
CA ALA A 228 -8.39 9.22 -16.51
C ALA A 228 -9.28 10.35 -17.01
N ARG A 229 -9.95 11.05 -16.10
CA ARG A 229 -10.79 12.18 -16.50
C ARG A 229 -9.96 13.30 -17.11
N MET A 230 -8.78 13.56 -16.55
CA MET A 230 -7.89 14.57 -17.11
C MET A 230 -7.45 14.19 -18.52
N VAL A 231 -7.13 12.91 -18.75
CA VAL A 231 -6.77 12.47 -20.10
C VAL A 231 -7.96 12.64 -21.04
N ARG A 232 -9.15 12.24 -20.60
CA ARG A 232 -10.33 12.34 -21.43
C ARG A 232 -10.63 13.77 -21.82
N GLU A 233 -10.60 14.69 -20.87
CA GLU A 233 -10.83 16.09 -21.15
C GLU A 233 -9.68 16.73 -21.93
N LEU A 234 -8.45 16.26 -21.74
CA LEU A 234 -7.34 16.72 -22.55
C LEU A 234 -7.55 16.38 -24.02
N PHE A 235 -7.97 15.16 -24.31
CA PHE A 235 -8.24 14.79 -25.68
C PHE A 235 -9.50 15.45 -26.23
N VAL A 236 -10.50 15.72 -25.40
CA VAL A 236 -11.64 16.53 -25.83
C VAL A 236 -11.20 17.93 -26.23
N MET A 237 -10.34 18.56 -25.41
CA MET A 237 -9.81 19.87 -25.74
C MET A 237 -8.99 19.84 -27.01
N ALA A 238 -8.18 18.81 -27.20
CA ALA A 238 -7.41 18.64 -28.43
C ALA A 238 -8.30 18.47 -29.65
N ARG A 239 -9.37 17.70 -29.54
CA ARG A 239 -10.32 17.55 -30.64
C ARG A 239 -11.08 18.82 -30.93
N GLU A 240 -11.40 19.62 -29.91
CA GLU A 240 -12.05 20.90 -30.13
C GLU A 240 -11.16 21.90 -30.86
N HIS A 241 -9.87 21.92 -30.56
CA HIS A 241 -8.92 22.81 -31.20
C HIS A 241 -8.14 22.13 -32.32
N ALA A 242 -8.72 21.13 -32.96
CA ALA A 242 -8.04 20.40 -34.01
C ALA A 242 -7.78 21.29 -35.22
N PRO A 243 -6.66 21.08 -35.93
CA PRO A 243 -5.60 20.09 -35.69
C PRO A 243 -4.77 20.45 -34.47
N SER A 244 -4.33 19.45 -33.70
CA SER A 244 -3.60 19.71 -32.46
C SER A 244 -2.51 18.68 -32.29
N ILE A 245 -1.50 19.06 -31.50
CA ILE A 245 -0.36 18.20 -31.19
C ILE A 245 -0.23 18.14 -29.68
N ILE A 246 -0.31 16.94 -29.12
CA ILE A 246 -0.10 16.73 -27.70
C ILE A 246 1.32 16.25 -27.50
N PHE A 247 2.07 16.91 -26.62
CA PHE A 247 3.41 16.49 -26.27
C PHE A 247 3.40 15.89 -24.86
N MET A 248 3.80 14.63 -24.75
CA MET A 248 3.85 13.90 -23.50
C MET A 248 5.31 13.66 -23.16
N ASP A 249 5.93 14.62 -22.49
CA ASP A 249 7.31 14.46 -22.09
C ASP A 249 7.40 13.60 -20.82
N GLU A 250 8.52 12.90 -20.70
CA GLU A 250 8.77 12.00 -19.57
C GLU A 250 7.61 11.02 -19.40
N ILE A 251 7.25 10.37 -20.51
CA ILE A 251 6.13 9.44 -20.52
C ILE A 251 6.36 8.23 -19.64
N ASP A 252 7.56 8.08 -19.07
CA ASP A 252 7.81 6.99 -18.13
C ASP A 252 6.92 7.09 -16.90
N SER A 253 6.50 8.31 -16.56
CA SER A 253 5.73 8.52 -15.35
C SER A 253 4.43 7.73 -15.37
N ILE A 254 3.71 7.78 -16.49
CA ILE A 254 2.42 7.10 -16.62
C ILE A 254 2.46 5.96 -17.62
N GLY A 255 3.48 5.91 -18.48
CA GLY A 255 3.51 4.91 -19.53
C GLY A 255 4.37 3.70 -19.23
N SER A 256 4.75 3.52 -17.97
CA SER A 256 5.56 2.38 -17.59
C SER A 256 4.74 1.09 -17.75
N SER A 257 5.46 -0.02 -17.85
CA SER A 257 4.82 -1.32 -18.05
C SER A 257 3.86 -1.61 -16.90
N ARG A 258 2.69 -2.17 -17.25
CA ARG A 258 1.64 -2.40 -16.27
C ARG A 258 2.11 -3.41 -15.24
N LEU A 259 2.09 -3.01 -13.97
CA LEU A 259 2.51 -3.92 -12.88
C LEU A 259 1.27 -4.70 -12.45
N GLU A 260 1.42 -5.96 -12.06
CA GLU A 260 0.27 -6.75 -11.57
C GLU A 260 -0.33 -6.06 -10.34
N GLY A 261 -1.60 -6.34 -10.06
CA GLY A 261 -2.28 -5.66 -8.94
C GLY A 261 -1.75 -6.10 -7.60
N GLY A 262 -2.13 -5.39 -6.56
CA GLY A 262 -1.67 -5.71 -5.21
C GLY A 262 -1.20 -4.46 -4.55
N SER A 263 -0.72 -4.55 -3.32
CA SER A 263 -0.17 -3.39 -2.63
C SER A 263 0.98 -2.78 -3.42
N GLY A 264 1.85 -3.61 -3.97
CA GLY A 264 2.92 -3.13 -4.82
C GLY A 264 2.46 -2.88 -6.24
N GLY A 265 1.40 -2.08 -6.38
CA GLY A 265 0.84 -1.79 -7.68
C GLY A 265 0.55 -0.33 -7.91
N ASP A 266 0.76 0.14 -9.14
CA ASP A 266 0.49 1.52 -9.54
C ASP A 266 -0.84 1.63 -10.28
N SER A 267 -1.84 0.87 -9.84
CA SER A 267 -3.05 0.65 -10.63
C SER A 267 -3.75 1.94 -11.05
N GLU A 268 -3.75 2.95 -10.19
CA GLU A 268 -4.40 4.22 -10.54
C GLU A 268 -3.68 4.89 -11.71
N VAL A 269 -2.36 4.98 -11.63
CA VAL A 269 -1.57 5.45 -12.75
C VAL A 269 -1.74 4.56 -13.97
N GLN A 270 -1.86 3.26 -13.76
CA GLN A 270 -2.20 2.34 -14.85
C GLN A 270 -3.58 2.61 -15.43
N ARG A 271 -4.56 2.98 -14.60
CA ARG A 271 -5.86 3.37 -15.14
C ARG A 271 -5.76 4.61 -16.00
N THR A 272 -4.98 5.59 -15.56
CA THR A 272 -4.75 6.77 -16.39
C THR A 272 -4.09 6.40 -17.70
N MET A 273 -3.10 5.50 -17.64
CA MET A 273 -2.43 5.05 -18.86
C MET A 273 -3.40 4.34 -19.80
N LEU A 274 -4.29 3.50 -19.25
CA LEU A 274 -5.25 2.80 -20.10
C LEU A 274 -6.24 3.76 -20.74
N GLU A 275 -6.65 4.79 -20.01
CA GLU A 275 -7.48 5.83 -20.61
C GLU A 275 -6.73 6.51 -21.75
N LEU A 276 -5.44 6.81 -21.55
CA LEU A 276 -4.64 7.38 -22.63
C LEU A 276 -4.54 6.43 -23.82
N LEU A 277 -4.38 5.13 -23.56
CA LEU A 277 -4.29 4.14 -24.61
C LEU A 277 -5.57 4.11 -25.44
N ASN A 278 -6.72 4.14 -24.78
CA ASN A 278 -7.99 4.18 -25.48
C ASN A 278 -8.21 5.48 -26.24
N GLN A 279 -7.74 6.61 -25.70
CA GLN A 279 -7.81 7.86 -26.44
C GLN A 279 -6.87 7.90 -27.64
N LEU A 280 -5.80 7.10 -27.61
CA LEU A 280 -4.91 7.01 -28.75
C LEU A 280 -5.37 6.02 -29.80
N ASP A 281 -5.79 4.83 -29.40
CA ASP A 281 -6.35 3.86 -30.33
C ASP A 281 -7.44 3.05 -29.65
N GLY A 282 -8.69 3.49 -29.77
CA GLY A 282 -9.79 2.84 -29.11
C GLY A 282 -11.01 2.74 -30.01
N PHE A 283 -12.20 2.68 -29.41
CA PHE A 283 -13.41 2.57 -30.20
C PHE A 283 -13.61 3.80 -31.07
N GLU A 284 -13.41 4.98 -30.51
CA GLU A 284 -13.61 6.22 -31.25
C GLU A 284 -12.27 6.72 -31.79
N ALA A 285 -12.20 6.82 -33.11
CA ALA A 285 -10.97 7.26 -33.76
C ALA A 285 -10.75 8.75 -33.55
N THR A 286 -9.48 9.14 -33.41
CA THR A 286 -9.10 10.53 -33.26
C THR A 286 -8.67 11.08 -34.61
N LYS A 287 -9.23 12.23 -34.98
CA LYS A 287 -8.96 12.87 -36.26
C LYS A 287 -8.17 14.14 -36.04
N ASN A 288 -7.09 14.31 -36.80
CA ASN A 288 -6.25 15.51 -36.76
C ASN A 288 -5.72 15.76 -35.36
N ILE A 289 -5.38 14.69 -34.65
CA ILE A 289 -4.77 14.76 -33.33
C ILE A 289 -3.49 13.93 -33.37
N LYS A 290 -2.35 14.59 -33.20
CA LYS A 290 -1.06 13.92 -33.19
C LYS A 290 -0.44 14.05 -31.81
N VAL A 291 0.29 13.02 -31.39
CA VAL A 291 0.92 12.99 -30.08
C VAL A 291 2.42 12.77 -30.25
N ILE A 292 3.21 13.51 -29.48
CA ILE A 292 4.66 13.33 -29.42
C ILE A 292 4.98 12.93 -27.99
N MET A 293 5.71 11.83 -27.84
CA MET A 293 6.12 11.34 -26.53
C MET A 293 7.63 11.26 -26.47
N ALA A 294 8.17 11.66 -25.32
CA ALA A 294 9.61 11.65 -25.10
C ALA A 294 9.92 10.85 -23.85
N THR A 295 10.99 10.05 -23.92
CA THR A 295 11.40 9.23 -22.79
C THR A 295 12.88 8.92 -22.92
N ASN A 296 13.50 8.60 -21.79
CA ASN A 296 14.87 8.11 -21.78
C ASN A 296 14.94 6.59 -21.69
N ARG A 297 13.84 5.92 -21.35
CA ARG A 297 13.79 4.47 -21.20
C ARG A 297 12.66 3.94 -22.05
N ILE A 298 12.98 3.49 -23.26
CA ILE A 298 11.95 2.93 -24.15
C ILE A 298 11.57 1.51 -23.77
N ASP A 299 12.42 0.79 -23.06
CA ASP A 299 12.11 -0.57 -22.63
C ASP A 299 11.24 -0.63 -21.38
N ILE A 300 11.20 0.44 -20.59
CA ILE A 300 10.26 0.53 -19.49
C ILE A 300 8.81 0.62 -19.97
N LEU A 301 8.58 1.34 -21.07
CA LEU A 301 7.22 1.57 -21.54
C LEU A 301 6.51 0.27 -21.88
N ASP A 302 5.21 0.25 -21.64
CA ASP A 302 4.42 -0.94 -21.88
C ASP A 302 4.34 -1.27 -23.36
N SER A 303 4.20 -2.56 -23.66
CA SER A 303 4.07 -2.99 -25.04
C SER A 303 2.78 -2.49 -25.69
N ALA A 304 1.73 -2.28 -24.91
CA ALA A 304 0.47 -1.77 -25.43
C ALA A 304 0.51 -0.29 -25.75
N LEU A 305 1.38 0.48 -25.10
CA LEU A 305 1.59 1.88 -25.43
C LEU A 305 2.50 2.07 -26.63
N LEU A 306 3.49 1.19 -26.81
CA LEU A 306 4.45 1.30 -27.89
C LEU A 306 3.98 0.63 -29.17
N ARG A 307 2.82 -0.04 -29.14
CA ARG A 307 2.39 -0.78 -30.31
C ARG A 307 2.05 0.19 -31.45
N PRO A 308 2.28 -0.21 -32.69
CA PRO A 308 1.87 0.63 -33.82
C PRO A 308 0.38 0.89 -33.80
N GLY A 309 -0.01 2.08 -34.24
CA GLY A 309 -1.39 2.51 -34.13
C GLY A 309 -1.55 3.51 -33.01
N ARG A 310 -0.71 3.37 -31.99
CA ARG A 310 -0.59 4.34 -30.90
C ARG A 310 0.69 5.13 -30.98
N ILE A 311 1.82 4.45 -31.09
CA ILE A 311 3.10 5.08 -31.39
C ILE A 311 3.55 4.50 -32.73
N ASP A 312 3.24 5.22 -33.81
CA ASP A 312 3.49 4.69 -35.14
C ASP A 312 4.98 4.68 -35.48
N ARG A 313 5.70 5.71 -35.05
CA ARG A 313 7.11 5.86 -35.39
C ARG A 313 7.91 6.06 -34.11
N LYS A 314 8.95 5.25 -33.93
CA LYS A 314 9.88 5.39 -32.81
C LYS A 314 11.16 6.03 -33.34
N ILE A 315 11.35 7.31 -33.02
CA ILE A 315 12.51 8.07 -33.47
C ILE A 315 13.53 8.07 -32.34
N GLU A 316 14.72 7.53 -32.61
CA GLU A 316 15.77 7.43 -31.62
C GLU A 316 16.71 8.63 -31.74
N PHE A 317 17.17 9.13 -30.61
CA PHE A 317 18.09 10.26 -30.60
C PHE A 317 19.44 9.80 -30.06
N PRO A 318 20.29 9.24 -30.91
CA PRO A 318 21.58 8.77 -30.43
C PRO A 318 22.45 9.94 -30.03
N PRO A 319 23.45 9.73 -29.17
CA PRO A 319 24.39 10.80 -28.85
C PRO A 319 25.06 11.33 -30.10
N PRO A 320 25.25 12.63 -30.20
CA PRO A 320 25.79 13.22 -31.43
C PRO A 320 27.17 12.67 -31.76
N ASN A 321 27.40 12.44 -33.05
CA ASN A 321 28.72 12.02 -33.53
C ASN A 321 29.62 13.23 -33.63
N GLU A 322 30.82 13.06 -34.20
CA GLU A 322 31.77 14.17 -34.25
C GLU A 322 31.25 15.33 -35.07
N GLU A 323 30.69 15.05 -36.25
CA GLU A 323 30.10 16.12 -37.06
C GLU A 323 28.87 16.73 -36.39
N ALA A 324 28.02 15.90 -35.79
CA ALA A 324 26.88 16.42 -35.06
C ALA A 324 27.32 17.27 -33.88
N ARG A 325 28.35 16.84 -33.16
CA ARG A 325 28.88 17.63 -32.06
C ARG A 325 29.45 18.95 -32.55
N LEU A 326 30.13 18.95 -33.70
CA LEU A 326 30.60 20.21 -34.27
C LEU A 326 29.44 21.13 -34.62
N ASP A 327 28.37 20.56 -35.18
CA ASP A 327 27.19 21.38 -35.50
C ASP A 327 26.58 21.99 -34.24
N ILE A 328 26.47 21.20 -33.18
CA ILE A 328 25.93 21.74 -31.92
C ILE A 328 26.86 22.80 -31.34
N LEU A 329 28.18 22.59 -31.43
CA LEU A 329 29.14 23.58 -30.96
C LEU A 329 28.99 24.89 -31.72
N LYS A 330 28.88 24.83 -33.04
CA LYS A 330 28.69 26.03 -33.83
C LYS A 330 27.34 26.68 -33.57
N ILE A 331 26.32 25.90 -33.23
CA ILE A 331 25.02 26.47 -32.87
C ILE A 331 25.04 27.19 -31.53
N HIS A 332 25.69 26.62 -30.51
CA HIS A 332 25.68 27.22 -29.18
C HIS A 332 26.81 28.20 -28.94
N SER A 333 27.72 28.37 -29.90
CA SER A 333 28.76 29.38 -29.82
C SER A 333 28.56 30.50 -30.84
N ARG A 334 27.36 30.61 -31.41
CA ARG A 334 27.12 31.62 -32.44
C ARG A 334 27.16 33.02 -31.88
N LYS A 335 26.67 33.23 -30.66
CA LYS A 335 26.68 34.53 -30.02
C LYS A 335 27.94 34.78 -29.20
N MET A 336 28.88 33.84 -29.19
CA MET A 336 30.10 33.97 -28.42
C MET A 336 31.21 34.57 -29.27
N ASN A 337 32.06 35.36 -28.63
CA ASN A 337 33.14 36.07 -29.32
C ASN A 337 34.37 35.18 -29.39
N LEU A 338 34.32 34.24 -30.33
CA LEU A 338 35.40 33.27 -30.49
C LEU A 338 36.66 33.95 -31.01
N THR A 339 37.80 33.58 -30.44
CA THR A 339 39.08 34.14 -30.87
C THR A 339 39.44 33.58 -32.25
N ARG A 340 40.49 34.16 -32.85
CA ARG A 340 40.89 33.74 -34.18
C ARG A 340 41.42 32.30 -34.18
N GLY A 341 42.11 31.91 -33.12
CA GLY A 341 42.65 30.57 -33.03
C GLY A 341 41.68 29.57 -32.41
N ILE A 342 40.41 29.65 -32.78
CA ILE A 342 39.38 28.74 -32.32
C ILE A 342 39.18 27.69 -33.40
N ASN A 343 39.39 26.43 -33.04
CA ASN A 343 39.16 25.30 -33.94
C ASN A 343 38.12 24.42 -33.26
N LEU A 344 36.85 24.69 -33.55
CA LEU A 344 35.76 23.99 -32.88
C LEU A 344 35.71 22.51 -33.22
N ARG A 345 36.34 22.08 -34.32
CA ARG A 345 36.37 20.66 -34.63
C ARG A 345 37.20 19.90 -33.60
N LYS A 346 38.33 20.46 -33.17
CA LYS A 346 39.13 19.80 -32.15
C LYS A 346 38.37 19.66 -30.85
N ILE A 347 37.53 20.65 -30.51
CA ILE A 347 36.70 20.52 -29.33
C ILE A 347 35.69 19.39 -29.50
N ALA A 348 35.17 19.21 -30.72
CA ALA A 348 34.26 18.10 -30.98
C ALA A 348 34.98 16.77 -30.82
N GLU A 349 36.22 16.68 -31.29
CA GLU A 349 36.99 15.44 -31.13
C GLU A 349 37.32 15.17 -29.67
N LEU A 350 37.48 16.22 -28.88
CA LEU A 350 37.81 16.08 -27.46
C LEU A 350 36.60 15.73 -26.61
N MET A 351 35.46 15.43 -27.24
CA MET A 351 34.22 15.11 -26.53
C MET A 351 33.61 13.84 -27.08
N PRO A 352 34.29 12.70 -26.95
CA PRO A 352 33.74 11.47 -27.51
C PRO A 352 32.58 10.96 -26.69
N GLY A 353 31.52 10.55 -27.38
CA GLY A 353 30.34 10.04 -26.70
C GLY A 353 29.66 11.03 -25.79
N ALA A 354 29.66 12.30 -26.16
CA ALA A 354 28.99 13.34 -25.39
C ALA A 354 27.57 13.52 -25.89
N SER A 355 26.78 14.26 -25.12
CA SER A 355 25.40 14.54 -25.47
C SER A 355 25.26 16.01 -25.85
N GLY A 356 24.13 16.34 -26.48
CA GLY A 356 23.91 17.71 -26.90
C GLY A 356 23.93 18.69 -25.74
N ALA A 357 23.41 18.28 -24.58
CA ALA A 357 23.44 19.14 -23.41
C ALA A 357 24.87 19.37 -22.93
N GLU A 358 25.72 18.35 -23.00
CA GLU A 358 27.11 18.51 -22.59
C GLU A 358 27.87 19.42 -23.56
N VAL A 359 27.54 19.35 -24.85
CA VAL A 359 28.17 20.22 -25.83
C VAL A 359 27.84 21.68 -25.53
N LYS A 360 26.58 21.97 -25.18
CA LYS A 360 26.17 23.30 -24.77
C LYS A 360 26.78 23.72 -23.44
N GLY A 361 26.89 22.79 -22.50
CA GLY A 361 27.52 23.08 -21.23
C GLY A 361 28.98 23.45 -21.39
N VAL A 362 29.64 22.83 -22.38
CA VAL A 362 31.04 23.17 -22.66
C VAL A 362 31.15 24.62 -23.11
N CYS A 363 30.25 25.06 -24.00
CA CYS A 363 30.25 26.45 -24.42
C CYS A 363 29.95 27.37 -23.24
N THR A 364 28.99 26.99 -22.41
CA THR A 364 28.64 27.81 -21.25
C THR A 364 29.83 27.97 -20.30
N GLU A 365 30.54 26.87 -20.03
CA GLU A 365 31.68 26.94 -19.12
C GLU A 365 32.86 27.67 -19.75
N ALA A 366 33.05 27.53 -21.06
CA ALA A 366 34.09 28.30 -21.73
C ALA A 366 33.82 29.79 -21.62
N GLY A 367 32.54 30.19 -21.75
CA GLY A 367 32.19 31.56 -21.50
C GLY A 367 32.35 31.98 -20.06
N MET A 368 32.06 31.08 -19.11
CA MET A 368 32.19 31.43 -17.70
C MET A 368 33.65 31.59 -17.31
N TYR A 369 34.57 30.90 -17.98
CA TYR A 369 35.99 31.18 -17.74
C TYR A 369 36.34 32.60 -18.15
N ALA A 370 35.85 33.07 -19.29
CA ALA A 370 36.06 34.45 -19.70
C ALA A 370 35.42 35.41 -18.71
N LEU A 371 34.24 35.06 -18.20
CA LEU A 371 33.61 35.87 -17.16
C LEU A 371 34.49 35.96 -15.92
N ARG A 372 35.09 34.84 -15.51
CA ARG A 372 35.99 34.84 -14.38
C ARG A 372 37.18 35.76 -14.64
N GLU A 373 37.73 35.71 -15.85
CA GLU A 373 38.84 36.58 -16.20
C GLU A 373 38.40 37.97 -16.64
N ARG A 374 37.09 38.24 -16.64
CA ARG A 374 36.55 39.56 -17.00
C ARG A 374 36.91 39.95 -18.43
N ARG A 375 36.71 39.02 -19.37
CA ARG A 375 36.84 39.27 -20.79
C ARG A 375 35.60 38.76 -21.51
N VAL A 376 35.35 39.32 -22.70
CA VAL A 376 34.17 38.98 -23.47
C VAL A 376 34.49 38.02 -24.61
N HIS A 377 35.75 37.61 -24.75
CA HIS A 377 36.15 36.65 -25.76
C HIS A 377 36.66 35.38 -25.10
N VAL A 378 36.50 34.26 -25.81
CA VAL A 378 36.93 32.96 -25.32
C VAL A 378 38.03 32.45 -26.26
N THR A 379 39.00 31.75 -25.69
CA THR A 379 40.09 31.16 -26.44
C THR A 379 39.92 29.65 -26.51
N GLN A 380 40.80 29.01 -27.28
CA GLN A 380 40.76 27.55 -27.37
C GLN A 380 41.05 26.91 -26.03
N GLU A 381 41.89 27.54 -25.22
CA GLU A 381 42.20 27.01 -23.89
C GLU A 381 40.96 26.98 -23.02
N ASP A 382 40.12 28.01 -23.09
CA ASP A 382 38.89 28.01 -22.32
C ASP A 382 37.99 26.84 -22.71
N PHE A 383 37.86 26.57 -24.02
CA PHE A 383 37.07 25.45 -24.47
C PHE A 383 37.66 24.13 -24.00
N GLU A 384 38.99 23.99 -24.06
CA GLU A 384 39.62 22.75 -23.63
C GLU A 384 39.45 22.51 -22.14
N MET A 385 39.56 23.56 -21.32
CA MET A 385 39.33 23.38 -19.89
C MET A 385 37.86 23.13 -19.58
N ALA A 386 36.94 23.74 -20.34
CA ALA A 386 35.53 23.44 -20.17
C ALA A 386 35.18 22.02 -20.57
N VAL A 387 35.87 21.47 -21.57
CA VAL A 387 35.67 20.09 -21.99
C VAL A 387 35.99 19.17 -20.84
N ALA A 388 37.08 19.44 -20.14
CA ALA A 388 37.49 18.67 -18.98
C ALA A 388 36.58 18.86 -17.78
N LYS A 389 36.11 20.09 -17.54
CA LYS A 389 35.25 20.33 -16.39
C LYS A 389 33.85 19.75 -16.56
N VAL A 390 33.30 19.78 -17.77
CA VAL A 390 31.95 19.33 -18.00
C VAL A 390 31.92 17.81 -18.14
N MET A 391 32.87 17.25 -18.87
CA MET A 391 32.90 15.82 -19.16
C MET A 391 33.59 15.02 -18.08
N GLN A 392 33.67 15.55 -16.86
CA GLN A 392 34.30 14.84 -15.75
C GLN A 392 33.34 13.77 -15.24
N LYS A 393 33.73 12.50 -15.37
CA LYS A 393 32.92 11.38 -14.94
C LYS A 393 33.35 10.92 -13.56
N ASP A 394 32.55 10.02 -12.98
CA ASP A 394 32.87 9.39 -11.71
C ASP A 394 33.04 7.90 -11.93
N SER A 395 34.21 7.38 -11.55
CA SER A 395 34.53 5.98 -11.72
C SER A 395 34.25 5.21 -10.44
N GLU A 396 34.67 3.95 -10.40
CA GLU A 396 34.38 3.09 -9.25
C GLU A 396 35.07 3.60 -7.99
N LYS A 397 36.30 4.10 -8.11
CA LYS A 397 37.16 4.63 -7.05
C LYS A 397 37.66 3.54 -6.12
N ASN A 398 37.27 2.28 -6.29
CA ASN A 398 37.74 1.17 -5.47
C ASN A 398 38.15 0.04 -6.41
N MET A 399 39.46 -0.20 -6.51
CA MET A 399 39.93 -1.26 -7.39
C MET A 399 39.47 -2.63 -6.94
N SER A 400 39.04 -2.75 -5.68
CA SER A 400 38.48 -4.01 -5.21
C SER A 400 37.27 -4.40 -6.05
N ILE A 401 36.28 -3.50 -6.14
CA ILE A 401 35.07 -3.77 -6.91
C ILE A 401 35.39 -3.92 -8.39
N LYS A 402 36.30 -3.10 -8.91
CA LYS A 402 36.65 -3.18 -10.32
C LYS A 402 37.25 -4.53 -10.68
N LYS A 403 37.91 -5.18 -9.72
CA LYS A 403 38.61 -6.43 -10.00
C LYS A 403 37.77 -7.68 -9.71
N LEU A 404 36.52 -7.54 -9.28
CA LEU A 404 35.63 -8.69 -9.24
C LEU A 404 35.52 -9.35 -10.59
N TRP A 405 35.30 -8.55 -11.63
CA TRP A 405 35.24 -9.06 -12.98
C TRP A 405 36.62 -8.95 -13.63
N LYS A 406 37.14 -10.09 -14.06
CA LYS A 406 38.45 -10.13 -14.68
C LYS A 406 38.43 -9.36 -15.99
N SER B 6 17.96 -2.24 5.01
CA SER B 6 18.77 -1.92 6.18
C SER B 6 18.36 -2.76 7.38
N ALA B 7 17.06 -2.75 7.69
CA ALA B 7 16.54 -3.50 8.84
C ALA B 7 16.21 -4.94 8.50
N GLY B 8 16.28 -5.33 7.23
CA GLY B 8 15.99 -6.70 6.84
C GLY B 8 17.17 -7.65 6.88
N PHE B 9 18.37 -7.15 7.17
CA PHE B 9 19.59 -7.94 7.13
C PHE B 9 19.99 -8.47 8.52
N ASP B 10 19.14 -8.29 9.52
CA ASP B 10 19.48 -8.59 10.91
C ASP B 10 18.89 -9.92 11.38
N ARG B 11 18.57 -10.81 10.47
CA ARG B 11 17.95 -12.09 10.83
C ARG B 11 18.89 -13.28 10.67
N HIS B 12 19.98 -13.15 9.92
CA HIS B 12 20.96 -14.21 9.78
C HIS B 12 22.34 -13.65 10.04
N ILE B 13 23.15 -14.42 10.77
CA ILE B 13 24.47 -13.94 11.18
C ILE B 13 25.45 -13.89 10.02
N THR B 14 25.20 -14.63 8.95
CA THR B 14 26.14 -14.71 7.83
C THR B 14 25.82 -13.71 6.73
N ILE B 15 24.85 -12.82 6.94
CA ILE B 15 24.43 -11.87 5.93
C ILE B 15 24.97 -10.49 6.30
N PHE B 16 25.60 -9.83 5.33
CA PHE B 16 26.20 -8.53 5.55
C PHE B 16 25.19 -7.42 5.34
N SER B 17 25.24 -6.41 6.20
CA SER B 17 24.41 -5.23 6.05
C SER B 17 24.90 -4.41 4.84
N PRO B 18 24.01 -3.61 4.24
CA PRO B 18 24.45 -2.77 3.11
C PRO B 18 25.60 -1.84 3.46
N GLU B 19 25.65 -1.34 4.69
CA GLU B 19 26.79 -0.57 5.17
C GLU B 19 27.98 -1.43 5.52
N GLY B 20 27.82 -2.76 5.53
CA GLY B 20 28.91 -3.65 5.84
C GLY B 20 29.00 -3.99 7.31
N ARG B 21 27.89 -4.42 7.90
CA ARG B 21 27.83 -4.76 9.32
C ARG B 21 27.15 -6.11 9.49
N LEU B 22 27.49 -6.78 10.60
CA LEU B 22 26.82 -8.02 11.00
C LEU B 22 25.96 -7.71 12.21
N TYR B 23 24.65 -7.56 11.97
CA TYR B 23 23.76 -7.12 13.04
C TYR B 23 23.57 -8.20 14.11
N GLN B 24 23.65 -9.47 13.74
CA GLN B 24 23.48 -10.53 14.73
C GLN B 24 24.60 -10.49 15.77
N VAL B 25 25.82 -10.16 15.36
CA VAL B 25 26.92 -10.04 16.31
C VAL B 25 26.67 -8.89 17.27
N GLU B 26 26.18 -7.76 16.76
CA GLU B 26 25.86 -6.63 17.62
C GLU B 26 24.75 -6.98 18.60
N TYR B 27 23.75 -7.74 18.14
CA TYR B 27 22.68 -8.16 19.03
C TYR B 27 23.21 -9.11 20.11
N ALA B 28 24.14 -9.99 19.75
CA ALA B 28 24.78 -10.84 20.75
C ALA B 28 25.55 -10.00 21.76
N PHE B 29 26.21 -8.93 21.30
CA PHE B 29 26.87 -8.02 22.21
C PHE B 29 25.87 -7.38 23.17
N LYS B 30 24.71 -6.99 22.63
CA LYS B 30 23.66 -6.43 23.48
C LYS B 30 23.10 -7.47 24.44
N ALA B 31 23.24 -8.75 24.10
CA ALA B 31 22.75 -9.81 24.98
C ALA B 31 23.61 -9.95 26.23
N ILE B 32 24.82 -9.38 26.21
CA ILE B 32 25.70 -9.46 27.37
C ILE B 32 25.11 -8.70 28.54
N ASN B 33 24.44 -7.58 28.26
CA ASN B 33 23.86 -6.75 29.31
C ASN B 33 22.61 -7.36 29.93
N GLN B 34 22.10 -8.47 29.39
CA GLN B 34 20.87 -9.06 29.91
C GLN B 34 21.04 -9.56 31.34
N GLY B 35 22.24 -10.00 31.70
CA GLY B 35 22.47 -10.48 33.05
C GLY B 35 22.30 -9.43 34.12
N GLY B 36 22.39 -8.15 33.75
CA GLY B 36 22.26 -7.08 34.72
C GLY B 36 23.42 -6.96 35.67
N LEU B 37 24.56 -7.57 35.34
CA LEU B 37 25.75 -7.56 36.19
C LEU B 37 26.86 -6.77 35.51
N THR B 38 27.85 -6.39 36.30
CA THR B 38 29.01 -5.67 35.81
C THR B 38 30.27 -6.23 36.45
N SER B 39 31.28 -6.49 35.64
CA SER B 39 32.56 -7.00 36.09
C SER B 39 33.67 -6.09 35.59
N VAL B 40 34.63 -5.81 36.47
CA VAL B 40 35.74 -4.92 36.15
C VAL B 40 37.05 -5.61 36.53
N ALA B 41 38.05 -5.50 35.66
CA ALA B 41 39.35 -6.10 35.87
C ALA B 41 40.43 -5.03 35.78
N VAL B 42 41.36 -5.04 36.74
CA VAL B 42 42.45 -4.08 36.80
C VAL B 42 43.77 -4.84 36.90
N ARG B 43 44.77 -4.39 36.16
CA ARG B 43 46.10 -5.01 36.15
C ARG B 43 47.07 -4.12 36.90
N GLY B 44 47.67 -4.66 37.96
CA GLY B 44 48.70 -3.95 38.70
C GLY B 44 50.09 -4.22 38.17
N LYS B 45 51.09 -3.69 38.89
CA LYS B 45 52.47 -3.95 38.53
C LYS B 45 52.80 -5.43 38.68
N ASP B 46 52.29 -6.06 39.75
CA ASP B 46 52.60 -7.45 40.04
C ASP B 46 51.36 -8.29 40.37
N CYS B 47 50.17 -7.79 40.04
CA CYS B 47 48.95 -8.54 40.32
C CYS B 47 47.87 -8.13 39.31
N ALA B 48 46.87 -9.00 39.18
CA ALA B 48 45.69 -8.74 38.36
C ALA B 48 44.46 -9.07 39.19
N VAL B 49 43.57 -8.10 39.34
CA VAL B 49 42.40 -8.23 40.21
C VAL B 49 41.14 -8.07 39.39
N ILE B 50 40.20 -8.99 39.59
CA ILE B 50 38.87 -8.91 38.98
C ILE B 50 37.84 -8.95 40.09
N VAL B 51 36.84 -8.07 40.00
CA VAL B 51 35.69 -8.07 40.89
C VAL B 51 34.45 -8.03 40.03
N THR B 52 33.35 -8.57 40.55
CA THR B 52 32.08 -8.58 39.84
C THR B 52 30.93 -8.64 40.82
N GLN B 53 29.76 -8.23 40.35
CA GLN B 53 28.57 -8.26 41.17
C GLN B 53 28.15 -9.70 41.43
N LYS B 54 27.66 -9.96 42.65
CA LYS B 54 27.11 -11.26 43.03
C LYS B 54 25.68 -11.00 43.49
N LYS B 55 24.74 -11.00 42.55
CA LYS B 55 23.35 -10.71 42.84
C LYS B 55 22.63 -11.98 43.23
N VAL B 56 22.07 -11.99 44.44
CA VAL B 56 21.29 -13.12 44.93
C VAL B 56 19.93 -12.59 45.37
N PRO B 57 19.00 -12.35 44.43
CA PRO B 57 17.69 -11.79 44.77
C PRO B 57 16.70 -12.85 45.27
N ASP B 58 17.18 -13.72 46.16
CA ASP B 58 16.36 -14.78 46.73
C ASP B 58 17.09 -15.37 47.93
N LYS B 59 16.37 -15.59 49.03
CA LYS B 59 17.00 -16.14 50.22
C LYS B 59 17.29 -17.63 50.10
N LEU B 60 16.61 -18.33 49.19
CA LEU B 60 16.77 -19.77 49.06
C LEU B 60 17.87 -20.18 48.09
N LEU B 61 18.46 -19.24 47.35
CA LEU B 61 19.60 -19.57 46.52
C LEU B 61 20.80 -19.93 47.40
N ASP B 62 21.55 -20.93 46.94
CA ASP B 62 22.80 -21.30 47.59
C ASP B 62 23.88 -20.38 47.05
N SER B 63 24.26 -19.39 47.85
CA SER B 63 25.20 -18.35 47.39
C SER B 63 26.54 -18.94 46.98
N SER B 64 26.89 -20.13 47.45
CA SER B 64 28.14 -20.76 47.03
C SER B 64 28.11 -21.14 45.56
N THR B 65 26.94 -21.46 45.02
CA THR B 65 26.80 -21.90 43.64
C THR B 65 26.44 -20.78 42.67
N VAL B 66 26.26 -19.56 43.17
CA VAL B 66 25.93 -18.42 42.31
C VAL B 66 27.19 -17.70 41.83
N THR B 67 28.36 -18.12 42.26
CA THR B 67 29.60 -17.43 41.91
C THR B 67 29.81 -17.38 40.40
N HIS B 68 30.20 -16.20 39.91
CA HIS B 68 30.54 -16.02 38.51
C HIS B 68 32.02 -16.19 38.24
N LEU B 69 32.83 -16.36 39.27
CA LEU B 69 34.27 -16.58 39.10
C LEU B 69 34.51 -18.07 38.85
N PHE B 70 34.95 -18.39 37.64
CA PHE B 70 35.26 -19.77 37.25
C PHE B 70 36.75 -19.90 37.03
N LYS B 71 37.33 -20.94 37.61
CA LYS B 71 38.77 -21.16 37.56
C LYS B 71 39.06 -22.05 36.36
N ILE B 72 39.65 -21.46 35.31
CA ILE B 72 40.02 -22.24 34.14
C ILE B 72 41.14 -23.20 34.48
N THR B 73 42.17 -22.71 35.17
CA THR B 73 43.25 -23.54 35.67
C THR B 73 43.78 -22.88 36.93
N GLU B 74 44.80 -23.49 37.53
CA GLU B 74 45.37 -22.94 38.76
C GLU B 74 45.93 -21.54 38.57
N ASN B 75 46.61 -21.28 37.46
CA ASN B 75 47.21 -19.98 37.21
C ASN B 75 46.44 -19.12 36.21
N ILE B 76 45.28 -19.57 35.74
CA ILE B 76 44.43 -18.79 34.86
C ILE B 76 43.02 -18.73 35.46
N GLY B 77 42.50 -17.51 35.63
CA GLY B 77 41.17 -17.33 36.15
C GLY B 77 40.33 -16.49 35.20
N CYS B 78 39.02 -16.54 35.42
CA CYS B 78 38.11 -15.81 34.55
C CYS B 78 36.91 -15.30 35.34
N VAL B 79 36.28 -14.25 34.82
CA VAL B 79 34.99 -13.78 35.28
C VAL B 79 34.09 -13.68 34.05
N MET B 80 32.90 -14.28 34.12
CA MET B 80 32.02 -14.34 32.97
C MET B 80 30.78 -13.49 33.20
N THR B 81 30.60 -12.50 32.33
CA THR B 81 29.43 -11.64 32.36
C THR B 81 28.62 -11.88 31.10
N GLY B 82 27.29 -11.83 31.23
CA GLY B 82 26.39 -12.11 30.14
C GLY B 82 25.36 -13.16 30.53
N MET B 83 24.89 -13.90 29.53
CA MET B 83 23.93 -14.95 29.78
C MET B 83 24.61 -16.14 30.45
N THR B 84 23.96 -16.69 31.46
CA THR B 84 24.63 -17.63 32.36
C THR B 84 25.01 -18.94 31.66
N ALA B 85 24.05 -19.54 30.95
CA ALA B 85 24.30 -20.86 30.35
C ALA B 85 25.39 -20.79 29.28
N ASP B 86 25.33 -19.75 28.42
CA ASP B 86 26.35 -19.60 27.41
C ASP B 86 27.72 -19.33 28.02
N SER B 87 27.77 -18.54 29.10
CA SER B 87 29.04 -18.32 29.77
C SER B 87 29.59 -19.63 30.34
N ARG B 88 28.72 -20.45 30.93
CA ARG B 88 29.19 -21.72 31.47
C ARG B 88 29.71 -22.64 30.37
N SER B 89 29.02 -22.66 29.23
CA SER B 89 29.52 -23.43 28.09
C SER B 89 30.88 -22.92 27.64
N GLN B 90 31.05 -21.60 27.59
CA GLN B 90 32.32 -21.03 27.14
C GLN B 90 33.44 -21.35 28.12
N VAL B 91 33.16 -21.35 29.43
CA VAL B 91 34.22 -21.70 30.38
C VAL B 91 34.56 -23.18 30.28
N GLN B 92 33.57 -24.04 30.03
CA GLN B 92 33.90 -25.45 29.84
C GLN B 92 34.79 -25.62 28.62
N ARG B 93 34.47 -24.90 27.54
CA ARG B 93 35.32 -24.93 26.34
C ARG B 93 36.71 -24.42 26.64
N ALA B 94 36.81 -23.35 27.44
CA ALA B 94 38.12 -22.79 27.78
C ALA B 94 38.95 -23.76 28.60
N ARG B 95 38.32 -24.43 29.58
CA ARG B 95 39.04 -25.43 30.35
C ARG B 95 39.52 -26.57 29.46
N TYR B 96 38.66 -27.02 28.53
CA TYR B 96 39.08 -28.06 27.61
C TYR B 96 40.25 -27.59 26.74
N GLU B 97 40.21 -26.35 26.26
CA GLU B 97 41.29 -25.83 25.43
C GLU B 97 42.60 -25.76 26.22
N ALA B 98 42.53 -25.29 27.47
CA ALA B 98 43.74 -25.22 28.28
C ALA B 98 44.31 -26.60 28.54
N ALA B 99 43.45 -27.56 28.89
CA ALA B 99 43.93 -28.92 29.14
C ALA B 99 44.53 -29.53 27.89
N ASN B 100 43.90 -29.32 26.73
CA ASN B 100 44.43 -29.84 25.49
C ASN B 100 45.78 -29.20 25.15
N TRP B 101 45.92 -27.90 25.36
CA TRP B 101 47.19 -27.24 25.09
C TRP B 101 48.28 -27.81 25.99
N LYS B 102 47.96 -27.99 27.27
CA LYS B 102 48.94 -28.54 28.21
C LYS B 102 49.34 -29.97 27.80
N TYR B 103 48.37 -30.77 27.37
CA TYR B 103 48.66 -32.14 26.96
C TYR B 103 49.48 -32.17 25.67
N LYS B 104 49.27 -31.21 24.77
CA LYS B 104 49.89 -31.26 23.45
C LYS B 104 51.22 -30.54 23.37
N TYR B 105 51.49 -29.58 24.26
CA TYR B 105 52.71 -28.79 24.19
C TYR B 105 53.50 -28.76 25.49
N GLY B 106 52.98 -29.35 26.56
CA GLY B 106 53.72 -29.40 27.81
C GLY B 106 53.48 -28.23 28.73
N TYR B 107 54.04 -27.07 28.38
CA TYR B 107 53.91 -25.89 29.22
C TYR B 107 52.49 -25.36 29.19
N GLU B 108 52.11 -24.68 30.28
CA GLU B 108 50.75 -24.17 30.41
C GLU B 108 50.46 -23.11 29.36
N ILE B 109 49.19 -23.03 28.97
CA ILE B 109 48.80 -22.11 27.91
C ILE B 109 48.82 -20.68 28.46
N PRO B 110 49.44 -19.74 27.76
CA PRO B 110 49.35 -18.34 28.19
C PRO B 110 47.91 -17.84 28.06
N VAL B 111 47.58 -16.84 28.87
CA VAL B 111 46.21 -16.32 28.93
C VAL B 111 45.78 -15.80 27.57
N ASP B 112 46.67 -15.02 26.92
CA ASP B 112 46.37 -14.46 25.62
C ASP B 112 46.05 -15.55 24.61
N MET B 113 46.91 -16.57 24.54
CA MET B 113 46.66 -17.69 23.64
C MET B 113 45.36 -18.41 24.02
N LEU B 114 45.07 -18.49 25.31
CA LEU B 114 43.89 -19.23 25.75
C LEU B 114 42.62 -18.59 25.20
N CYS B 115 42.36 -17.33 25.54
CA CYS B 115 41.07 -16.94 24.99
C CYS B 115 41.23 -16.32 23.60
N LYS B 116 42.44 -16.31 23.03
CA LYS B 116 42.55 -16.14 21.59
C LYS B 116 42.01 -17.37 20.86
N ARG B 117 42.29 -18.56 21.40
CA ARG B 117 41.61 -19.75 20.90
C ARG B 117 40.11 -19.67 21.14
N ILE B 118 39.71 -19.17 22.31
CA ILE B 118 38.28 -19.00 22.59
C ILE B 118 37.64 -18.06 21.58
N ALA B 119 38.32 -16.95 21.28
CA ALA B 119 37.80 -15.98 20.32
C ALA B 119 37.82 -16.54 18.91
N ASP B 120 38.78 -17.41 18.58
CA ASP B 120 38.76 -18.08 17.29
C ASP B 120 37.54 -18.99 17.17
N ILE B 121 37.19 -19.68 18.25
CA ILE B 121 35.96 -20.48 18.26
C ILE B 121 34.74 -19.58 18.06
N SER B 122 34.72 -18.45 18.77
CA SER B 122 33.61 -17.52 18.62
C SER B 122 33.51 -16.99 17.19
N GLN B 123 34.65 -16.72 16.57
CA GLN B 123 34.67 -16.19 15.20
C GLN B 123 34.20 -17.24 14.21
N VAL B 124 34.65 -18.49 14.34
CA VAL B 124 34.17 -19.51 13.42
C VAL B 124 32.68 -19.76 13.65
N TYR B 125 32.21 -19.55 14.88
CA TYR B 125 30.77 -19.59 15.13
C TYR B 125 30.06 -18.47 14.37
N THR B 126 30.64 -17.27 14.37
CA THR B 126 29.98 -16.12 13.77
C THR B 126 30.10 -16.12 12.26
N GLN B 127 31.02 -16.91 11.70
CA GLN B 127 31.18 -16.94 10.25
C GLN B 127 30.21 -17.93 9.60
N ASN B 128 30.31 -19.20 10.00
CA ASN B 128 29.40 -20.22 9.50
C ASN B 128 28.11 -20.19 10.33
N ALA B 129 26.98 -19.96 9.67
CA ALA B 129 25.69 -19.83 10.34
C ALA B 129 25.20 -21.21 10.74
N GLU B 130 25.70 -21.71 11.86
CA GLU B 130 25.25 -22.98 12.39
C GLU B 130 24.73 -22.87 13.82
N MET B 131 25.38 -22.07 14.66
CA MET B 131 24.96 -21.88 16.05
C MET B 131 25.01 -20.40 16.36
N ARG B 132 24.15 -19.96 17.27
CA ARG B 132 24.17 -18.56 17.66
C ARG B 132 25.45 -18.29 18.45
N PRO B 133 26.04 -17.11 18.32
CA PRO B 133 27.23 -16.79 19.12
C PRO B 133 26.89 -16.78 20.60
N LEU B 134 27.85 -17.22 21.41
CA LEU B 134 27.65 -17.28 22.85
C LEU B 134 27.54 -15.87 23.41
N GLY B 135 26.34 -15.51 23.88
CA GLY B 135 26.12 -14.18 24.40
C GLY B 135 26.73 -13.97 25.78
N CYS B 136 28.06 -13.98 25.84
CA CYS B 136 28.75 -13.87 27.12
C CYS B 136 30.14 -13.31 26.87
N CYS B 137 30.52 -12.29 27.63
CA CYS B 137 31.86 -11.75 27.54
C CYS B 137 32.79 -12.49 28.49
N MET B 138 33.98 -12.81 28.02
CA MET B 138 34.96 -13.58 28.79
C MET B 138 36.12 -12.66 29.14
N ILE B 139 36.38 -12.51 30.43
CA ILE B 139 37.51 -11.72 30.92
C ILE B 139 38.47 -12.67 31.61
N LEU B 140 39.70 -12.71 31.13
CA LEU B 140 40.71 -13.66 31.59
C LEU B 140 41.78 -12.95 32.38
N ILE B 141 42.40 -13.66 33.33
CA ILE B 141 43.55 -13.16 34.06
C ILE B 141 44.54 -14.30 34.22
N GLY B 142 45.77 -13.94 34.62
CA GLY B 142 46.81 -14.91 34.86
C GLY B 142 48.20 -14.32 34.79
N ILE B 143 49.07 -14.74 35.70
CA ILE B 143 50.45 -14.27 35.69
C ILE B 143 51.23 -15.06 34.65
N ASP B 144 51.88 -14.34 33.74
CA ASP B 144 52.65 -14.95 32.66
C ASP B 144 54.11 -14.49 32.78
N GLU B 145 55.03 -15.44 32.64
CA GLU B 145 56.45 -15.14 32.80
C GLU B 145 56.92 -14.20 31.70
N GLU B 146 57.90 -13.36 32.04
CA GLU B 146 58.53 -12.36 31.18
C GLU B 146 57.56 -11.26 30.74
N GLN B 147 56.30 -11.29 31.20
CA GLN B 147 55.35 -10.25 30.84
C GLN B 147 54.52 -9.77 32.03
N GLY B 148 54.72 -10.33 33.21
CA GLY B 148 53.99 -9.92 34.38
C GLY B 148 52.53 -10.27 34.33
N PRO B 149 51.71 -9.54 35.09
CA PRO B 149 50.26 -9.80 35.08
C PRO B 149 49.66 -9.52 33.71
N GLN B 150 48.60 -10.26 33.38
CA GLN B 150 47.89 -10.07 32.13
C GLN B 150 46.41 -10.28 32.35
N VAL B 151 45.61 -9.35 31.84
CA VAL B 151 44.15 -9.49 31.82
C VAL B 151 43.67 -9.16 30.42
N TYR B 152 43.02 -10.12 29.77
CA TYR B 152 42.49 -9.94 28.42
C TYR B 152 40.99 -10.13 28.43
N LYS B 153 40.26 -9.16 27.89
CA LYS B 153 38.84 -9.28 27.62
C LYS B 153 38.65 -9.63 26.16
N CYS B 154 37.76 -10.58 25.89
CA CYS B 154 37.62 -11.15 24.56
C CYS B 154 36.22 -11.72 24.39
N ASP B 155 35.56 -11.34 23.29
CA ASP B 155 34.11 -11.20 23.20
C ASP B 155 33.45 -12.16 22.22
N PRO B 156 32.11 -12.19 22.13
CA PRO B 156 31.44 -13.09 21.16
C PRO B 156 31.86 -12.88 19.72
N ALA B 157 32.18 -11.65 19.31
CA ALA B 157 32.62 -11.42 17.94
C ALA B 157 33.90 -12.17 17.62
N GLY B 158 34.73 -12.43 18.62
CA GLY B 158 36.01 -13.08 18.40
C GLY B 158 37.14 -12.07 18.40
N TYR B 159 36.93 -10.94 19.05
CA TYR B 159 37.94 -9.89 19.16
C TYR B 159 38.56 -9.97 20.54
N TYR B 160 39.86 -10.22 20.59
CA TYR B 160 40.59 -10.32 21.85
C TYR B 160 41.67 -9.24 21.90
N CYS B 161 41.90 -8.71 23.10
CA CYS B 161 42.89 -7.66 23.29
C CYS B 161 43.42 -7.73 24.70
N GLY B 162 44.60 -7.13 24.91
CA GLY B 162 45.16 -6.97 26.23
C GLY B 162 44.74 -5.65 26.81
N PHE B 163 44.51 -5.63 28.12
CA PHE B 163 44.02 -4.43 28.79
C PHE B 163 44.86 -4.16 30.03
N LYS B 164 45.23 -2.89 30.23
CA LYS B 164 45.72 -2.47 31.54
C LYS B 164 44.60 -2.50 32.56
N ALA B 165 43.39 -2.13 32.14
CA ALA B 165 42.17 -2.31 32.90
C ALA B 165 41.04 -2.45 31.91
N THR B 166 39.96 -3.09 32.36
CA THR B 166 38.84 -3.35 31.46
C THR B 166 37.61 -3.68 32.31
N ALA B 167 36.46 -3.72 31.65
CA ALA B 167 35.21 -4.08 32.31
C ALA B 167 34.19 -4.44 31.24
N ALA B 168 33.22 -5.27 31.63
CA ALA B 168 32.16 -5.69 30.73
C ALA B 168 30.90 -5.92 31.53
N GLY B 169 29.76 -5.57 30.94
CA GLY B 169 28.48 -5.72 31.59
C GLY B 169 27.55 -4.60 31.18
N VAL B 170 26.46 -4.45 31.92
CA VAL B 170 25.50 -3.39 31.64
C VAL B 170 26.15 -2.03 31.83
N LYS B 171 26.89 -1.86 32.93
CA LYS B 171 27.57 -0.60 33.21
C LYS B 171 29.03 -0.71 32.79
N GLN B 172 29.22 -0.77 31.47
CA GLN B 172 30.55 -0.91 30.91
C GLN B 172 31.20 0.43 30.57
N THR B 173 30.48 1.28 29.83
CA THR B 173 31.06 2.54 29.37
C THR B 173 31.44 3.44 30.53
N GLU B 174 30.56 3.55 31.54
CA GLU B 174 30.85 4.41 32.69
C GLU B 174 32.05 3.91 33.47
N SER B 175 32.14 2.59 33.66
CA SER B 175 33.28 2.02 34.36
C SER B 175 34.57 2.22 33.60
N THR B 176 34.53 2.06 32.27
CA THR B 176 35.72 2.31 31.47
C THR B 176 36.12 3.78 31.52
N SER B 177 35.15 4.69 31.54
CA SER B 177 35.46 6.10 31.70
C SER B 177 36.11 6.38 33.06
N PHE B 178 35.61 5.73 34.11
CA PHE B 178 36.20 5.91 35.43
C PHE B 178 37.65 5.41 35.42
N LEU B 179 37.88 4.26 34.79
CA LEU B 179 39.24 3.71 34.74
C LEU B 179 40.16 4.59 33.89
N GLU B 180 39.61 5.19 32.83
CA GLU B 180 40.36 6.17 32.06
C GLU B 180 40.78 7.34 32.93
N LYS B 181 39.85 7.84 33.76
CA LYS B 181 40.20 8.90 34.70
C LYS B 181 41.20 8.42 35.73
N LYS B 182 41.17 7.12 36.06
CA LYS B 182 42.07 6.59 37.08
C LYS B 182 43.40 6.15 36.48
N VAL B 183 43.38 5.35 35.42
CA VAL B 183 44.66 4.92 34.86
C VAL B 183 45.09 6.00 33.87
N LYS B 184 45.51 7.14 34.41
CA LYS B 184 46.22 8.17 33.68
C LYS B 184 47.28 8.76 34.61
N LYS B 185 47.04 8.58 35.92
CA LYS B 185 47.94 9.08 36.97
C LYS B 185 48.84 7.94 37.39
N LYS B 186 50.08 7.97 36.91
CA LYS B 186 51.04 6.91 37.21
C LYS B 186 51.30 6.83 38.70
N PHE B 187 51.05 5.66 39.27
CA PHE B 187 51.24 5.42 40.70
C PHE B 187 51.54 3.94 40.91
N ASP B 188 52.02 3.62 42.10
CA ASP B 188 52.35 2.25 42.43
C ASP B 188 51.09 1.39 42.45
N TRP B 189 50.92 0.54 41.42
CA TRP B 189 49.74 -0.30 41.30
C TRP B 189 49.94 -1.54 42.15
N THR B 190 49.76 -1.36 43.46
CA THR B 190 49.96 -2.41 44.43
C THR B 190 48.70 -3.26 44.57
N PHE B 191 48.89 -4.49 45.08
CA PHE B 191 47.77 -5.39 45.38
C PHE B 191 46.65 -4.65 46.08
N GLU B 192 46.96 -4.04 47.22
CA GLU B 192 45.95 -3.27 47.96
C GLU B 192 45.34 -2.19 47.08
N GLN B 193 46.19 -1.42 46.38
CA GLN B 193 45.68 -0.34 45.55
C GLN B 193 44.88 -0.86 44.37
N THR B 194 45.28 -1.99 43.79
CA THR B 194 44.55 -2.55 42.66
C THR B 194 43.16 -3.01 43.07
N VAL B 195 43.08 -3.77 44.17
CA VAL B 195 41.78 -4.20 44.66
C VAL B 195 40.92 -3.01 45.03
N GLU B 196 41.53 -2.02 45.70
CA GLU B 196 40.78 -0.82 46.09
C GLU B 196 40.23 -0.09 44.88
N THR B 197 41.03 0.07 43.83
CA THR B 197 40.57 0.82 42.67
C THR B 197 39.50 0.04 41.92
N ALA B 198 39.60 -1.29 41.87
CA ALA B 198 38.53 -2.07 41.26
C ALA B 198 37.22 -1.91 42.03
N ILE B 199 37.29 -1.97 43.35
CA ILE B 199 36.09 -1.85 44.16
C ILE B 199 35.50 -0.45 44.03
N THR B 200 36.34 0.59 44.02
CA THR B 200 35.85 1.94 43.80
C THR B 200 35.21 2.07 42.43
N CYS B 201 35.81 1.49 41.40
CA CYS B 201 35.23 1.56 40.07
C CYS B 201 33.82 0.99 40.09
N LEU B 202 33.67 -0.24 40.58
CA LEU B 202 32.36 -0.89 40.54
C LEU B 202 31.36 -0.17 41.44
N SER B 203 31.80 0.32 42.60
CA SER B 203 30.88 1.00 43.51
C SER B 203 30.40 2.33 42.93
N THR B 204 31.33 3.13 42.42
CA THR B 204 30.95 4.43 41.86
C THR B 204 30.07 4.27 40.63
N VAL B 205 30.38 3.31 39.75
CA VAL B 205 29.53 3.13 38.57
C VAL B 205 28.17 2.59 38.99
N LEU B 206 28.13 1.78 40.04
CA LEU B 206 26.87 1.22 40.52
C LEU B 206 26.19 2.11 41.55
N SER B 207 26.90 3.08 42.12
CA SER B 207 26.39 3.95 43.19
C SER B 207 25.78 3.12 44.31
N ILE B 208 26.57 2.18 44.82
CA ILE B 208 26.13 1.24 45.82
C ILE B 208 27.19 1.13 46.93
N ASP B 209 26.72 1.05 48.17
CA ASP B 209 27.59 0.96 49.34
C ASP B 209 28.43 -0.32 49.38
N PHE B 210 28.08 -1.31 48.56
CA PHE B 210 28.87 -2.53 48.37
C PHE B 210 29.00 -3.32 49.68
N LYS B 211 27.87 -3.84 50.13
CA LYS B 211 27.87 -4.82 51.20
C LYS B 211 28.74 -6.02 50.79
N PRO B 212 29.51 -6.59 51.72
CA PRO B 212 30.49 -7.62 51.32
C PRO B 212 29.87 -8.88 50.75
N SER B 213 28.58 -9.12 50.98
CA SER B 213 27.93 -10.32 50.51
C SER B 213 27.58 -10.29 49.03
N GLU B 214 27.66 -9.13 48.40
CA GLU B 214 27.24 -8.96 47.01
C GLU B 214 28.40 -8.80 46.03
N ILE B 215 29.63 -8.66 46.52
CA ILE B 215 30.82 -8.59 45.68
C ILE B 215 31.67 -9.82 45.91
N GLU B 216 32.18 -10.38 44.81
CA GLU B 216 33.08 -11.53 44.85
C GLU B 216 34.30 -11.22 44.00
N VAL B 217 35.49 -11.47 44.55
CA VAL B 217 36.74 -10.98 43.98
C VAL B 217 37.70 -12.15 43.79
N GLY B 218 38.41 -12.14 42.67
CA GLY B 218 39.48 -13.09 42.41
C GLY B 218 40.71 -12.41 41.88
N VAL B 219 41.88 -12.78 42.39
CA VAL B 219 43.13 -12.10 42.06
C VAL B 219 44.24 -13.12 41.88
N VAL B 220 45.11 -12.89 40.90
CA VAL B 220 46.34 -13.64 40.73
C VAL B 220 47.50 -12.66 40.87
N THR B 221 48.56 -13.10 41.55
CA THR B 221 49.70 -12.23 41.86
C THR B 221 50.98 -12.89 41.39
N VAL B 222 52.01 -12.06 41.18
CA VAL B 222 53.33 -12.59 40.82
C VAL B 222 53.89 -13.42 41.97
N GLU B 223 53.72 -12.94 43.20
CA GLU B 223 54.21 -13.67 44.36
C GLU B 223 53.50 -15.02 44.50
N ASN B 224 52.19 -15.05 44.26
CA ASN B 224 51.39 -16.28 44.34
C ASN B 224 50.68 -16.43 43.01
N PRO B 225 51.30 -17.07 42.00
CA PRO B 225 50.71 -17.20 40.67
C PRO B 225 49.59 -18.23 40.58
N LYS B 226 48.65 -18.16 41.52
CA LYS B 226 47.52 -19.08 41.56
C LYS B 226 46.23 -18.28 41.71
N PHE B 227 45.24 -18.61 40.90
CA PHE B 227 43.94 -17.95 40.98
C PHE B 227 43.29 -18.23 42.32
N ARG B 228 43.06 -17.16 43.10
CA ARG B 228 42.50 -17.29 44.43
C ARG B 228 41.29 -16.37 44.55
N ILE B 229 40.19 -16.92 45.04
CA ILE B 229 38.95 -16.17 45.20
C ILE B 229 38.89 -15.66 46.64
N LEU B 230 38.83 -14.34 46.80
CA LEU B 230 38.77 -13.75 48.12
C LEU B 230 37.46 -14.12 48.82
N THR B 231 37.56 -14.57 50.06
CA THR B 231 36.37 -14.90 50.83
C THR B 231 35.81 -13.64 51.48
N GLU B 232 34.87 -13.84 52.40
CA GLU B 232 34.17 -12.71 53.00
C GLU B 232 35.11 -11.84 53.82
N ALA B 233 36.01 -12.45 54.60
CA ALA B 233 36.86 -11.69 55.51
C ALA B 233 37.79 -10.76 54.77
N GLU B 234 38.48 -11.26 53.74
CA GLU B 234 39.41 -10.42 52.99
C GLU B 234 38.69 -9.35 52.21
N ILE B 235 37.50 -9.66 51.68
CA ILE B 235 36.72 -8.65 50.97
C ILE B 235 36.33 -7.53 51.93
N ASP B 236 35.85 -7.88 53.13
CA ASP B 236 35.48 -6.87 54.10
C ASP B 236 36.69 -6.05 54.53
N ALA B 237 37.84 -6.70 54.72
CA ALA B 237 39.06 -5.98 55.06
C ALA B 237 39.44 -4.99 53.96
N HIS B 238 39.32 -5.41 52.71
CA HIS B 238 39.61 -4.51 51.59
C HIS B 238 38.64 -3.33 51.57
N LEU B 239 37.36 -3.59 51.83
CA LEU B 239 36.39 -2.49 51.84
C LEU B 239 36.68 -1.49 52.95
N VAL B 240 37.02 -1.98 54.15
CA VAL B 240 37.25 -1.05 55.26
C VAL B 240 38.56 -0.30 55.04
N ALA B 241 39.58 -0.95 54.47
CA ALA B 241 40.80 -0.25 54.13
C ALA B 241 40.54 0.78 53.03
N LEU B 242 39.55 0.51 52.18
CA LEU B 242 39.20 1.45 51.11
C LEU B 242 38.49 2.68 51.68
N ALA B 243 37.54 2.46 52.59
CA ALA B 243 36.78 3.58 53.15
C ALA B 243 37.67 4.54 53.92
N GLU B 244 38.57 4.00 54.73
CA GLU B 244 39.57 4.83 55.40
C GLU B 244 40.92 4.69 54.70
N GLU C 3 16.46 -4.01 -6.94
CA GLU C 3 17.08 -5.33 -6.88
C GLU C 3 17.37 -5.71 -5.43
N ARG C 4 16.53 -5.21 -4.51
CA ARG C 4 16.70 -5.51 -3.10
C ARG C 4 16.46 -6.98 -2.77
N GLY C 5 15.77 -7.72 -3.65
CA GLY C 5 15.47 -9.10 -3.37
C GLY C 5 16.65 -10.04 -3.53
N TYR C 6 17.69 -9.62 -4.24
CA TYR C 6 18.85 -10.46 -4.51
C TYR C 6 20.05 -10.06 -3.66
N SER C 7 19.86 -9.17 -2.68
CA SER C 7 20.94 -8.68 -1.84
C SER C 7 21.12 -9.50 -0.57
N PHE C 8 20.62 -10.73 -0.54
CA PHE C 8 20.67 -11.54 0.66
C PHE C 8 21.51 -12.80 0.48
N SER C 9 21.24 -13.59 -0.55
CA SER C 9 21.90 -14.87 -0.75
C SER C 9 23.25 -14.66 -1.41
N LEU C 10 24.18 -15.56 -1.14
CA LEU C 10 25.50 -15.56 -1.73
C LEU C 10 25.61 -16.46 -2.96
N THR C 11 24.64 -17.36 -3.15
CA THR C 11 24.67 -18.32 -4.26
C THR C 11 23.65 -17.98 -5.33
N THR C 12 23.23 -16.72 -5.44
CA THR C 12 22.30 -16.30 -6.47
C THR C 12 22.86 -15.11 -7.22
N PHE C 13 22.50 -15.02 -8.50
CA PHE C 13 22.93 -13.92 -9.35
C PHE C 13 21.81 -12.89 -9.45
N SER C 14 22.18 -11.61 -9.36
CA SER C 14 21.22 -10.55 -9.60
C SER C 14 20.82 -10.53 -11.08
N PRO C 15 19.65 -9.96 -11.40
CA PRO C 15 19.30 -9.83 -12.83
C PRO C 15 20.35 -9.08 -13.62
N SER C 16 20.99 -8.08 -13.01
CA SER C 16 22.15 -7.44 -13.61
C SER C 16 23.38 -8.34 -13.59
N GLY C 17 23.42 -9.29 -12.67
CA GLY C 17 24.53 -10.22 -12.58
C GLY C 17 25.60 -9.81 -11.60
N LYS C 18 25.17 -9.38 -10.41
CA LYS C 18 26.09 -8.94 -9.37
C LYS C 18 25.93 -9.83 -8.14
N LEU C 19 27.06 -10.34 -7.64
CA LEU C 19 27.08 -11.11 -6.39
C LEU C 19 27.10 -10.12 -5.25
N VAL C 20 25.90 -9.72 -4.81
CA VAL C 20 25.74 -8.53 -3.97
C VAL C 20 26.52 -8.66 -2.66
N GLN C 21 26.53 -9.86 -2.07
CA GLN C 21 27.19 -10.02 -0.78
C GLN C 21 28.68 -9.76 -0.86
N ILE C 22 29.30 -9.98 -2.03
CA ILE C 22 30.72 -9.68 -2.17
C ILE C 22 30.97 -8.17 -2.10
N GLU C 23 30.16 -7.38 -2.80
CA GLU C 23 30.31 -5.93 -2.70
C GLU C 23 29.98 -5.45 -1.28
N TYR C 24 29.05 -6.12 -0.61
CA TYR C 24 28.73 -5.75 0.77
C TYR C 24 29.91 -6.03 1.70
N ALA C 25 30.57 -7.18 1.52
CA ALA C 25 31.77 -7.47 2.30
C ALA C 25 32.89 -6.50 1.98
N LEU C 26 33.00 -6.09 0.71
CA LEU C 26 34.00 -5.09 0.33
C LEU C 26 33.71 -3.75 1.01
N ALA C 27 32.43 -3.39 1.09
CA ALA C 27 32.05 -2.16 1.80
C ALA C 27 32.39 -2.26 3.28
N ALA C 28 32.20 -3.45 3.87
CA ALA C 28 32.64 -3.67 5.24
C ALA C 28 34.16 -3.51 5.36
N VAL C 29 34.89 -3.97 4.34
CA VAL C 29 36.35 -3.84 4.34
C VAL C 29 36.75 -2.38 4.31
N ALA C 30 36.13 -1.60 3.42
CA ALA C 30 36.47 -0.20 3.27
C ALA C 30 36.08 0.64 4.47
N GLY C 31 35.25 0.10 5.36
CA GLY C 31 34.90 0.80 6.58
C GLY C 31 35.83 0.46 7.73
N GLY C 32 36.92 -0.24 7.42
CA GLY C 32 37.88 -0.66 8.42
C GLY C 32 38.98 0.36 8.65
N ALA C 33 39.95 -0.03 9.45
CA ALA C 33 41.06 0.85 9.78
C ALA C 33 41.93 1.10 8.55
N PRO C 34 42.48 2.30 8.41
CA PRO C 34 43.36 2.58 7.28
C PRO C 34 44.61 1.71 7.29
N SER C 35 45.06 1.37 6.09
CA SER C 35 46.26 0.55 5.92
C SER C 35 46.86 0.85 4.56
N VAL C 36 48.17 1.11 4.52
CA VAL C 36 48.86 1.50 3.31
C VAL C 36 50.12 0.68 3.16
N GLY C 37 50.39 0.22 1.93
CA GLY C 37 51.61 -0.50 1.63
C GLY C 37 52.26 0.00 0.35
N ILE C 38 53.57 0.24 0.40
CA ILE C 38 54.32 0.73 -0.75
C ILE C 38 55.48 -0.23 -1.02
N LYS C 39 55.70 -0.52 -2.30
CA LYS C 39 56.82 -1.35 -2.74
C LYS C 39 57.91 -0.45 -3.28
N ALA C 40 59.07 -0.47 -2.63
CA ALA C 40 60.24 0.27 -3.08
C ALA C 40 61.15 -0.62 -3.90
N ALA C 41 62.18 -0.01 -4.50
CA ALA C 41 63.11 -0.77 -5.33
C ALA C 41 63.89 -1.79 -4.52
N ASN C 42 64.07 -1.57 -3.22
CA ASN C 42 64.86 -2.47 -2.39
C ASN C 42 64.04 -3.23 -1.36
N GLY C 43 62.80 -2.83 -1.12
CA GLY C 43 61.99 -3.52 -0.14
C GLY C 43 60.54 -3.08 -0.20
N VAL C 44 59.76 -3.62 0.74
CA VAL C 44 58.33 -3.32 0.82
C VAL C 44 58.02 -2.83 2.23
N VAL C 45 57.14 -1.85 2.32
CA VAL C 45 56.74 -1.26 3.59
C VAL C 45 55.24 -1.43 3.77
N LEU C 46 54.84 -1.94 4.94
CA LEU C 46 53.44 -2.08 5.29
C LEU C 46 53.17 -1.24 6.53
N ALA C 47 52.10 -0.45 6.49
CA ALA C 47 51.78 0.47 7.59
C ALA C 47 50.28 0.50 7.81
N THR C 48 49.87 0.25 9.05
CA THR C 48 48.48 0.40 9.47
C THR C 48 48.44 1.21 10.75
N GLU C 49 47.34 1.94 10.92
CA GLU C 49 47.09 2.66 12.17
C GLU C 49 46.44 1.71 13.16
N LYS C 50 46.85 1.79 14.42
CA LYS C 50 46.36 0.93 15.48
C LYS C 50 45.90 1.86 16.62
N LYS C 51 44.64 2.27 16.55
CA LYS C 51 44.06 3.16 17.55
C LYS C 51 43.08 2.38 18.42
N GLN C 52 43.28 2.45 19.73
CA GLN C 52 42.35 1.90 20.70
C GLN C 52 41.38 2.97 21.13
N LYS C 53 40.20 2.53 21.60
CA LYS C 53 39.21 3.47 22.10
C LYS C 53 39.64 4.11 23.41
N SER C 54 40.63 3.53 24.09
CA SER C 54 41.06 4.03 25.38
C SER C 54 42.54 3.69 25.58
N ILE C 55 43.15 4.34 26.56
CA ILE C 55 44.52 4.02 26.94
C ILE C 55 44.47 2.75 27.78
N LEU C 56 43.26 2.28 28.07
CA LEU C 56 43.03 1.07 28.84
C LEU C 56 43.42 -0.20 28.09
N TYR C 57 43.73 -0.11 26.81
CA TYR C 57 44.00 -1.27 25.98
C TYR C 57 45.51 -1.43 25.81
N ASP C 58 46.00 -2.65 26.01
CA ASP C 58 47.42 -2.93 25.79
C ASP C 58 47.68 -2.92 24.29
N GLU C 59 48.43 -1.92 23.83
CA GLU C 59 48.69 -1.77 22.40
C GLU C 59 49.52 -2.92 21.84
N ARG C 60 50.43 -3.48 22.63
CA ARG C 60 51.36 -4.48 22.13
C ARG C 60 50.79 -5.89 22.18
N SER C 61 49.59 -6.07 22.73
CA SER C 61 49.03 -7.42 22.86
C SER C 61 48.55 -7.96 21.51
N VAL C 62 47.88 -7.12 20.72
CA VAL C 62 47.41 -7.50 19.38
C VAL C 62 48.16 -6.67 18.35
N HIS C 63 48.71 -7.35 17.35
CA HIS C 63 49.47 -6.70 16.29
C HIS C 63 48.74 -6.86 14.97
N LYS C 64 48.42 -5.73 14.33
CA LYS C 64 47.77 -5.79 13.02
C LYS C 64 48.71 -6.34 11.96
N VAL C 65 50.00 -6.07 12.08
CA VAL C 65 51.00 -6.57 11.15
C VAL C 65 51.58 -7.85 11.72
N GLU C 66 51.43 -8.95 10.98
CA GLU C 66 51.89 -10.25 11.46
C GLU C 66 52.72 -10.93 10.38
N PRO C 67 53.68 -11.78 10.77
CA PRO C 67 54.48 -12.50 9.79
C PRO C 67 53.89 -13.85 9.43
N ILE C 68 54.00 -14.20 8.16
CA ILE C 68 53.61 -15.52 7.68
C ILE C 68 54.80 -16.46 7.62
N THR C 69 55.90 -16.01 7.02
CA THR C 69 57.16 -16.74 6.97
C THR C 69 58.26 -15.78 7.36
N LYS C 70 59.51 -16.19 7.13
CA LYS C 70 60.64 -15.30 7.39
C LYS C 70 60.67 -14.13 6.42
N HIS C 71 59.90 -14.18 5.34
CA HIS C 71 60.00 -13.17 4.28
C HIS C 71 58.62 -12.77 3.78
N ILE C 72 57.58 -13.02 4.57
CA ILE C 72 56.21 -12.68 4.18
C ILE C 72 55.51 -12.00 5.35
N GLY C 73 54.84 -10.88 5.06
CA GLY C 73 54.10 -10.15 6.05
C GLY C 73 52.62 -10.10 5.73
N LEU C 74 51.86 -9.47 6.63
CA LEU C 74 50.41 -9.38 6.48
C LEU C 74 49.94 -8.08 7.11
N VAL C 75 49.18 -7.30 6.36
CA VAL C 75 48.46 -6.14 6.89
C VAL C 75 47.05 -6.18 6.33
N TYR C 76 46.10 -5.68 7.12
CA TYR C 76 44.69 -5.84 6.82
C TYR C 76 43.94 -4.55 7.09
N SER C 77 42.72 -4.49 6.56
CA SER C 77 41.82 -3.37 6.78
C SER C 77 40.40 -3.93 6.76
N GLY C 78 39.78 -3.99 7.93
CA GLY C 78 38.48 -4.60 8.04
C GLY C 78 38.22 -5.21 9.39
N MET C 79 37.85 -6.48 9.41
CA MET C 79 37.48 -7.17 10.65
C MET C 79 38.65 -7.98 11.14
N GLY C 80 39.09 -7.71 12.37
CA GLY C 80 40.20 -8.39 12.98
C GLY C 80 40.00 -9.88 13.22
N PRO C 81 38.83 -10.27 13.75
CA PRO C 81 38.58 -11.71 13.93
C PRO C 81 38.71 -12.52 12.66
N ASP C 82 38.25 -11.99 11.53
CA ASP C 82 38.46 -12.67 10.25
C ASP C 82 39.93 -12.62 9.86
N TYR C 83 40.62 -11.54 10.20
CA TYR C 83 42.05 -11.48 9.90
C TYR C 83 42.83 -12.54 10.64
N ARG C 84 42.36 -12.95 11.83
CA ARG C 84 43.09 -13.96 12.59
C ARG C 84 42.98 -15.33 11.92
N VAL C 85 41.79 -15.73 11.49
CA VAL C 85 41.67 -16.99 10.77
C VAL C 85 42.41 -16.91 9.44
N LEU C 86 42.40 -15.73 8.81
CA LEU C 86 43.12 -15.59 7.55
C LEU C 86 44.62 -15.75 7.73
N VAL C 87 45.19 -15.14 8.78
CA VAL C 87 46.63 -15.27 9.01
C VAL C 87 46.98 -16.70 9.42
N HIS C 88 46.11 -17.35 10.18
CA HIS C 88 46.34 -18.75 10.54
C HIS C 88 46.36 -19.63 9.31
N ARG C 89 45.40 -19.43 8.40
CA ARG C 89 45.36 -20.19 7.16
C ARG C 89 46.56 -19.90 6.28
N ALA C 90 46.99 -18.63 6.23
CA ALA C 90 48.16 -18.28 5.44
C ALA C 90 49.41 -18.96 5.99
N ARG C 91 49.57 -18.98 7.31
CA ARG C 91 50.70 -19.66 7.91
C ARG C 91 50.68 -21.15 7.61
N LYS C 92 49.51 -21.78 7.72
CA LYS C 92 49.41 -23.20 7.41
C LYS C 92 49.73 -23.49 5.94
N LEU C 93 49.23 -22.64 5.04
CA LEU C 93 49.52 -22.85 3.61
C LEU C 93 51.00 -22.69 3.33
N ALA C 94 51.63 -21.67 3.93
CA ALA C 94 53.06 -21.47 3.76
C ALA C 94 53.86 -22.65 4.28
N GLN C 95 53.50 -23.15 5.46
CA GLN C 95 54.22 -24.29 6.02
C GLN C 95 54.00 -25.55 5.19
N GLN C 96 52.79 -25.74 4.65
CA GLN C 96 52.55 -26.89 3.78
C GLN C 96 53.41 -26.81 2.52
N TYR C 97 53.48 -25.62 1.92
CA TYR C 97 54.33 -25.46 0.73
C TYR C 97 55.79 -25.74 1.09
N TYR C 98 56.24 -25.24 2.24
CA TYR C 98 57.63 -25.46 2.65
C TYR C 98 57.90 -26.95 2.87
N LEU C 99 56.96 -27.66 3.47
CA LEU C 99 57.13 -29.09 3.68
C LEU C 99 57.19 -29.84 2.36
N VAL C 100 56.34 -29.46 1.40
CA VAL C 100 56.30 -30.17 0.13
C VAL C 100 57.56 -29.89 -0.70
N TYR C 101 58.00 -28.63 -0.77
CA TYR C 101 59.05 -28.25 -1.70
C TYR C 101 60.38 -27.87 -1.05
N GLN C 102 60.45 -27.81 0.28
CA GLN C 102 61.69 -27.50 0.99
C GLN C 102 62.30 -26.19 0.52
N GLU C 103 61.44 -25.18 0.34
CA GLU C 103 61.84 -23.86 -0.09
C GLU C 103 60.80 -22.88 0.43
N PRO C 104 61.21 -21.70 0.88
CA PRO C 104 60.23 -20.72 1.35
C PRO C 104 59.24 -20.37 0.25
N ILE C 105 57.97 -20.33 0.62
CA ILE C 105 56.90 -20.31 -0.38
C ILE C 105 56.92 -18.98 -1.12
N PRO C 106 56.81 -18.97 -2.46
CA PRO C 106 56.81 -17.70 -3.18
C PRO C 106 55.62 -16.84 -2.79
N THR C 107 55.85 -15.53 -2.82
CA THR C 107 54.80 -14.59 -2.43
C THR C 107 53.61 -14.67 -3.36
N ALA C 108 53.84 -14.79 -4.66
CA ALA C 108 52.74 -14.93 -5.60
C ALA C 108 51.94 -16.20 -5.31
N GLN C 109 52.64 -17.31 -5.06
CA GLN C 109 51.96 -18.56 -4.73
C GLN C 109 51.20 -18.47 -3.41
N LEU C 110 51.81 -17.83 -2.41
CA LEU C 110 51.13 -17.65 -1.13
C LEU C 110 49.87 -16.81 -1.31
N VAL C 111 49.94 -15.75 -2.10
CA VAL C 111 48.79 -14.89 -2.33
C VAL C 111 47.71 -15.66 -3.07
N GLN C 112 48.08 -16.45 -4.07
CA GLN C 112 47.11 -17.23 -4.81
C GLN C 112 46.40 -18.24 -3.91
N ARG C 113 47.16 -18.94 -3.07
CA ARG C 113 46.55 -19.91 -2.15
C ARG C 113 45.66 -19.23 -1.11
N VAL C 114 46.11 -18.10 -0.57
CA VAL C 114 45.29 -17.38 0.39
C VAL C 114 43.99 -16.90 -0.25
N ALA C 115 44.08 -16.38 -1.48
CA ALA C 115 42.87 -15.95 -2.18
C ALA C 115 41.94 -17.12 -2.46
N SER C 116 42.50 -18.27 -2.81
CA SER C 116 41.67 -19.47 -2.99
C SER C 116 40.97 -19.84 -1.68
N VAL C 117 41.65 -19.65 -0.55
CA VAL C 117 41.00 -19.85 0.74
C VAL C 117 39.86 -18.84 0.93
N MET C 118 40.11 -17.58 0.56
CA MET C 118 39.08 -16.55 0.68
C MET C 118 37.89 -16.86 -0.22
N GLN C 119 38.16 -17.34 -1.44
CA GLN C 119 37.09 -17.71 -2.35
C GLN C 119 36.27 -18.88 -1.81
N GLU C 120 36.90 -19.75 -1.03
CA GLU C 120 36.23 -20.95 -0.54
C GLU C 120 34.99 -20.61 0.29
N TYR C 121 34.99 -19.44 0.92
CA TYR C 121 33.85 -19.00 1.74
C TYR C 121 32.83 -18.19 0.95
N THR C 122 33.01 -18.03 -0.37
CA THR C 122 32.13 -17.23 -1.19
C THR C 122 31.39 -18.07 -2.23
N GLN C 123 31.12 -19.33 -1.91
CA GLN C 123 30.47 -20.22 -2.88
C GLN C 123 29.30 -21.00 -2.32
N SER C 124 28.96 -20.85 -1.04
CA SER C 124 27.87 -21.60 -0.44
C SER C 124 27.06 -20.71 0.47
N GLY C 125 25.77 -21.01 0.60
CA GLY C 125 24.95 -20.30 1.57
C GLY C 125 25.28 -20.75 2.98
N GLY C 126 25.15 -19.82 3.92
CA GLY C 126 25.43 -20.11 5.30
C GLY C 126 26.86 -19.87 5.74
N VAL C 127 27.75 -19.52 4.82
CA VAL C 127 29.13 -19.14 5.16
C VAL C 127 29.34 -17.72 4.69
N ARG C 128 29.90 -16.89 5.57
CA ARG C 128 30.03 -15.47 5.28
C ARG C 128 31.38 -15.18 4.63
N PRO C 129 31.44 -14.33 3.61
CA PRO C 129 32.74 -13.95 3.05
C PRO C 129 33.59 -13.21 4.07
N PHE C 130 34.90 -13.35 3.92
CA PHE C 130 35.83 -12.74 4.86
C PHE C 130 35.74 -11.22 4.79
N GLY C 131 35.24 -10.61 5.85
CA GLY C 131 35.10 -9.16 5.88
C GLY C 131 36.42 -8.44 6.10
N VAL C 132 37.46 -8.86 5.39
CA VAL C 132 38.79 -8.27 5.55
C VAL C 132 39.56 -8.50 4.26
N SER C 133 40.28 -7.48 3.82
CA SER C 133 41.14 -7.56 2.64
C SER C 133 42.59 -7.50 3.12
N LEU C 134 43.40 -8.44 2.63
CA LEU C 134 44.80 -8.51 3.05
C LEU C 134 45.70 -7.75 2.08
N LEU C 135 46.81 -7.26 2.62
CA LEU C 135 47.88 -6.65 1.84
C LEU C 135 49.16 -7.41 2.17
N ILE C 136 49.73 -8.08 1.17
CA ILE C 136 50.76 -9.08 1.40
C ILE C 136 52.09 -8.58 0.85
N CYS C 137 53.12 -8.59 1.69
CA CYS C 137 54.46 -8.20 1.28
C CYS C 137 55.22 -9.44 0.81
N GLY C 138 56.48 -9.25 0.43
CA GLY C 138 57.32 -10.37 0.04
C GLY C 138 58.59 -9.95 -0.68
N TRP C 139 59.62 -10.78 -0.58
CA TRP C 139 60.89 -10.55 -1.29
C TRP C 139 61.30 -11.89 -1.90
N ASN C 140 61.13 -12.01 -3.21
CA ASN C 140 61.31 -13.26 -3.93
C ASN C 140 62.27 -13.04 -5.10
N GLU C 141 63.24 -13.95 -5.24
CA GLU C 141 64.17 -13.95 -6.36
C GLU C 141 64.86 -12.60 -6.54
N GLY C 142 65.12 -11.92 -5.44
CA GLY C 142 65.74 -10.60 -5.49
C GLY C 142 64.87 -9.52 -6.09
N ARG C 143 63.57 -9.54 -5.80
CA ARG C 143 62.68 -8.48 -6.25
C ARG C 143 61.50 -8.36 -5.30
N PRO C 144 61.11 -7.14 -4.94
CA PRO C 144 60.05 -6.97 -3.94
C PRO C 144 58.67 -7.30 -4.51
N TYR C 145 57.78 -7.76 -3.64
CA TYR C 145 56.43 -8.16 -4.01
C TYR C 145 55.43 -7.48 -3.10
N LEU C 146 54.26 -7.14 -3.66
CA LEU C 146 53.16 -6.57 -2.89
C LEU C 146 51.86 -6.92 -3.59
N PHE C 147 50.99 -7.65 -2.89
CA PHE C 147 49.71 -8.09 -3.42
C PHE C 147 48.60 -7.75 -2.44
N GLN C 148 47.39 -7.63 -2.97
CA GLN C 148 46.18 -7.45 -2.16
C GLN C 148 45.21 -8.57 -2.48
N SER C 149 44.75 -9.26 -1.45
CA SER C 149 43.75 -10.31 -1.58
C SER C 149 42.42 -9.82 -1.02
N ASP C 150 41.36 -9.98 -1.79
CA ASP C 150 40.04 -9.49 -1.44
C ASP C 150 39.12 -10.64 -1.04
N PRO C 151 38.03 -10.34 -0.33
CA PRO C 151 37.02 -11.39 -0.07
C PRO C 151 36.45 -11.96 -1.36
N SER C 152 36.47 -11.21 -2.45
CA SER C 152 36.05 -11.74 -3.74
C SER C 152 36.93 -12.87 -4.23
N GLY C 153 38.12 -13.04 -3.67
CA GLY C 153 39.07 -14.00 -4.16
C GLY C 153 40.02 -13.47 -5.20
N ALA C 154 39.81 -12.24 -5.67
CA ALA C 154 40.72 -11.63 -6.63
C ALA C 154 41.97 -11.13 -5.93
N TYR C 155 43.10 -11.25 -6.63
CA TYR C 155 44.38 -10.75 -6.12
C TYR C 155 45.11 -10.00 -7.22
N PHE C 156 45.75 -8.90 -6.86
CA PHE C 156 46.50 -8.08 -7.82
C PHE C 156 47.88 -7.77 -7.26
N ALA C 157 48.61 -6.89 -7.93
CA ALA C 157 50.02 -6.66 -7.59
C ALA C 157 50.31 -5.19 -7.35
N TRP C 158 49.55 -4.56 -6.46
CA TRP C 158 49.71 -3.15 -6.12
C TRP C 158 51.17 -2.76 -5.92
N LYS C 159 51.63 -1.78 -6.71
CA LYS C 159 52.91 -1.13 -6.42
C LYS C 159 52.83 -0.36 -5.11
N ALA C 160 51.73 0.34 -4.90
CA ALA C 160 51.49 1.11 -3.68
C ALA C 160 50.01 1.44 -3.58
N THR C 161 49.39 1.14 -2.44
CA THR C 161 47.96 1.36 -2.29
C THR C 161 47.63 1.63 -0.83
N ALA C 162 46.44 2.19 -0.62
CA ALA C 162 45.92 2.44 0.72
C ALA C 162 44.53 1.83 0.81
N MET C 163 44.29 1.07 1.88
CA MET C 163 43.02 0.42 2.11
C MET C 163 42.40 0.88 3.42
N GLY C 164 41.13 0.57 3.59
CA GLY C 164 40.42 0.94 4.80
C GLY C 164 39.71 2.28 4.67
N LYS C 165 39.51 2.90 5.83
CA LYS C 165 38.83 4.19 5.85
C LYS C 165 39.66 5.25 5.14
N ASN C 166 38.97 6.12 4.40
CA ASN C 166 39.59 7.22 3.67
C ASN C 166 40.67 6.69 2.71
N TYR C 167 40.39 5.55 2.09
CA TYR C 167 41.34 4.98 1.15
C TYR C 167 41.46 5.82 -0.11
N VAL C 168 40.41 6.57 -0.46
CA VAL C 168 40.48 7.45 -1.63
C VAL C 168 41.53 8.54 -1.42
N ASN C 169 41.55 9.12 -0.21
CA ASN C 169 42.56 10.14 0.09
C ASN C 169 43.96 9.55 0.04
N GLY C 170 44.14 8.35 0.58
CA GLY C 170 45.45 7.71 0.53
C GLY C 170 45.89 7.41 -0.89
N LYS C 171 44.95 6.99 -1.73
CA LYS C 171 45.29 6.74 -3.14
C LYS C 171 45.62 8.03 -3.87
N THR C 172 44.94 9.13 -3.53
CA THR C 172 45.23 10.41 -4.18
C THR C 172 46.60 10.92 -3.73
N PHE C 173 46.96 10.72 -2.47
CA PHE C 173 48.32 11.02 -2.03
C PHE C 173 49.33 10.19 -2.81
N LEU C 174 49.03 8.90 -3.01
CA LEU C 174 49.85 8.10 -3.88
C LEU C 174 49.67 8.58 -5.32
N GLU C 175 50.62 8.21 -6.17
CA GLU C 175 50.80 8.75 -7.52
C GLU C 175 51.24 10.21 -7.48
N LYS C 176 51.35 10.82 -6.30
CA LYS C 176 51.89 12.15 -6.14
C LYS C 176 53.27 12.13 -5.48
N ARG C 177 53.38 11.51 -4.31
CA ARG C 177 54.64 11.40 -3.59
C ARG C 177 55.32 10.05 -3.76
N TYR C 178 54.79 9.19 -4.63
CA TYR C 178 55.35 7.87 -4.88
C TYR C 178 56.20 7.91 -6.15
N ASN C 179 57.44 7.46 -6.05
CA ASN C 179 58.34 7.33 -7.18
C ASN C 179 58.78 5.89 -7.30
N GLU C 180 58.88 5.40 -8.54
CA GLU C 180 59.24 4.01 -8.79
C GLU C 180 60.67 3.67 -8.38
N ASP C 181 61.52 4.67 -8.18
CA ASP C 181 62.93 4.45 -7.89
C ASP C 181 63.29 4.91 -6.48
N LEU C 182 62.37 4.73 -5.54
CA LEU C 182 62.64 5.06 -4.15
C LEU C 182 63.34 3.87 -3.48
N GLU C 183 63.68 4.01 -2.20
CA GLU C 183 64.27 2.93 -1.42
C GLU C 183 63.50 2.79 -0.10
N LEU C 184 64.03 1.96 0.78
CA LEU C 184 63.27 1.53 1.95
C LEU C 184 62.91 2.69 2.88
N GLU C 185 63.88 3.58 3.14
CA GLU C 185 63.60 4.68 4.08
C GLU C 185 62.59 5.67 3.50
N ASP C 186 62.73 6.00 2.22
CA ASP C 186 61.74 6.86 1.57
C ASP C 186 60.37 6.19 1.54
N ALA C 187 60.34 4.87 1.36
CA ALA C 187 59.07 4.15 1.39
C ALA C 187 58.43 4.22 2.78
N ILE C 188 59.24 4.06 3.83
CA ILE C 188 58.73 4.18 5.19
C ILE C 188 58.17 5.57 5.42
N HIS C 189 58.90 6.60 4.98
CA HIS C 189 58.42 7.96 5.14
C HIS C 189 57.11 8.18 4.38
N THR C 190 57.03 7.68 3.15
CA THR C 190 55.82 7.83 2.36
C THR C 190 54.64 7.16 3.05
N ALA C 191 54.86 5.98 3.63
CA ALA C 191 53.81 5.32 4.40
C ALA C 191 53.41 6.17 5.60
N ILE C 192 54.39 6.79 6.26
CA ILE C 192 54.10 7.61 7.43
C ILE C 192 53.17 8.77 7.05
N LEU C 193 53.50 9.49 5.98
CA LEU C 193 52.63 10.59 5.57
C LEU C 193 51.30 10.10 5.01
N THR C 194 51.31 8.95 4.32
CA THR C 194 50.05 8.42 3.78
C THR C 194 49.08 8.09 4.90
N LEU C 195 49.59 7.50 5.98
CA LEU C 195 48.74 7.26 7.14
C LEU C 195 48.36 8.57 7.81
N LYS C 196 49.25 9.56 7.78
CA LYS C 196 49.04 10.81 8.52
C LYS C 196 47.75 11.50 8.10
N GLU C 197 47.53 11.66 6.79
CA GLU C 197 46.32 12.33 6.33
C GLU C 197 45.09 11.44 6.42
N SER C 198 45.26 10.15 6.71
CA SER C 198 44.13 9.27 7.02
C SER C 198 44.06 8.95 8.50
N PHE C 199 44.79 9.69 9.34
CA PHE C 199 44.86 9.45 10.77
C PHE C 199 44.23 10.61 11.52
N GLU C 200 43.34 10.28 12.46
CA GLU C 200 42.75 11.27 13.34
C GLU C 200 43.53 11.28 14.65
N GLY C 201 44.05 12.45 15.02
CA GLY C 201 44.80 12.59 16.25
C GLY C 201 46.29 12.41 16.05
N GLN C 202 47.01 12.55 17.16
CA GLN C 202 48.46 12.38 17.14
C GLN C 202 48.83 10.94 16.86
N MET C 203 49.83 10.74 16.00
CA MET C 203 50.34 9.40 15.71
C MET C 203 51.44 9.09 16.72
N THR C 204 51.07 8.30 17.73
CA THR C 204 52.03 7.89 18.74
C THR C 204 52.75 6.62 18.30
N GLU C 205 53.83 6.30 19.01
CA GLU C 205 54.56 5.06 18.76
C GLU C 205 53.67 3.84 18.98
N ASP C 206 52.62 3.95 19.78
CA ASP C 206 51.65 2.88 19.97
C ASP C 206 50.48 2.94 19.00
N ASN C 207 50.24 4.08 18.35
CA ASN C 207 49.05 4.24 17.51
C ASN C 207 49.26 3.81 16.07
N ILE C 208 50.49 3.62 15.63
CA ILE C 208 50.79 3.23 14.26
C ILE C 208 51.77 2.07 14.31
N GLU C 209 51.47 1.00 13.59
CA GLU C 209 52.31 -0.19 13.52
C GLU C 209 52.78 -0.39 12.09
N VAL C 210 54.10 -0.50 11.91
CA VAL C 210 54.69 -0.64 10.58
C VAL C 210 55.66 -1.81 10.58
N GLY C 211 55.97 -2.31 9.39
CA GLY C 211 56.94 -3.35 9.23
C GLY C 211 57.52 -3.43 7.82
N ILE C 212 58.84 -3.43 7.69
CA ILE C 212 59.49 -3.50 6.39
C ILE C 212 59.64 -4.96 5.98
N CYS C 213 59.83 -5.18 4.69
CA CYS C 213 59.79 -6.54 4.13
C CYS C 213 60.89 -6.69 3.09
N ASN C 214 62.09 -6.23 3.41
CA ASN C 214 63.19 -6.19 2.46
C ASN C 214 63.84 -7.57 2.33
N GLU C 215 65.02 -7.61 1.69
CA GLU C 215 65.70 -8.88 1.45
C GLU C 215 66.08 -9.58 2.74
N ALA C 216 66.29 -8.83 3.82
CA ALA C 216 66.61 -9.45 5.11
C ALA C 216 65.43 -10.20 5.69
N GLY C 217 64.25 -10.04 5.11
CA GLY C 217 63.04 -10.66 5.58
C GLY C 217 62.08 -9.66 6.18
N PHE C 218 60.90 -10.14 6.53
CA PHE C 218 59.88 -9.31 7.15
C PHE C 218 60.12 -9.24 8.65
N ARG C 219 60.03 -8.04 9.19
CA ARG C 219 60.09 -7.85 10.64
C ARG C 219 59.22 -6.66 11.01
N ARG C 220 58.51 -6.78 12.12
CA ARG C 220 57.68 -5.70 12.63
C ARG C 220 58.57 -4.71 13.37
N LEU C 221 58.56 -3.45 12.93
CA LEU C 221 59.41 -2.45 13.55
C LEU C 221 59.01 -2.24 15.00
N THR C 222 60.01 -2.22 15.88
CA THR C 222 59.77 -1.99 17.29
C THR C 222 59.32 -0.54 17.48
N PRO C 223 58.61 -0.25 18.58
CA PRO C 223 58.16 1.12 18.80
C PRO C 223 59.27 2.16 18.81
N THR C 224 60.50 1.77 19.16
CA THR C 224 61.61 2.72 19.11
C THR C 224 61.89 3.18 17.68
N GLU C 225 61.92 2.24 16.73
CA GLU C 225 62.17 2.60 15.34
C GLU C 225 61.04 3.47 14.79
N VAL C 226 59.80 3.13 15.11
CA VAL C 226 58.67 3.96 14.70
C VAL C 226 58.80 5.36 15.30
N LYS C 227 59.25 5.44 16.56
CA LYS C 227 59.44 6.73 17.20
C LYS C 227 60.45 7.59 16.46
N ASP C 228 61.62 7.02 16.14
CA ASP C 228 62.65 7.83 15.50
C ASP C 228 62.24 8.19 14.07
N TYR C 229 61.58 7.26 13.37
CA TYR C 229 61.10 7.58 12.02
C TYR C 229 60.08 8.71 12.05
N LEU C 230 59.15 8.66 13.01
CA LEU C 230 58.15 9.72 13.13
C LEU C 230 58.81 11.05 13.50
N ALA C 231 59.79 11.02 14.40
CA ALA C 231 60.50 12.24 14.77
C ALA C 231 61.22 12.84 13.56
N ALA C 232 61.81 11.98 12.72
CA ALA C 232 62.40 12.46 11.48
C ALA C 232 61.35 13.08 10.57
N ILE C 233 60.18 12.44 10.47
CA ILE C 233 59.10 12.98 9.65
C ILE C 233 58.54 14.26 10.27
N ALA C 234 58.28 14.23 11.57
CA ALA C 234 57.70 15.40 12.26
C ALA C 234 58.72 16.54 12.34
N ARG D 4 8.67 -14.50 -8.65
CA ARG D 4 9.72 -14.69 -9.65
C ARG D 4 10.27 -16.11 -9.58
N TYR D 5 10.96 -16.53 -10.63
CA TYR D 5 11.46 -17.89 -10.79
C TYR D 5 12.98 -17.90 -10.89
N ASP D 6 13.65 -16.98 -10.19
CA ASP D 6 15.11 -16.91 -10.20
C ASP D 6 15.68 -17.07 -8.80
N SER D 7 14.91 -17.65 -7.87
CA SER D 7 15.39 -17.80 -6.50
C SER D 7 16.60 -18.73 -6.44
N ARG D 8 16.60 -19.78 -7.23
CA ARG D 8 17.74 -20.69 -7.29
C ARG D 8 17.84 -21.27 -8.70
N THR D 9 19.01 -21.83 -8.99
CA THR D 9 19.30 -22.30 -10.36
C THR D 9 18.42 -23.48 -10.73
N THR D 10 18.01 -24.28 -9.75
CA THR D 10 17.23 -25.47 -10.04
C THR D 10 15.78 -25.13 -10.43
N ILE D 11 15.35 -23.91 -10.22
CA ILE D 11 13.98 -23.51 -10.56
C ILE D 11 13.84 -23.41 -12.07
N PHE D 12 12.80 -24.03 -12.60
CA PHE D 12 12.43 -23.91 -14.01
C PHE D 12 11.32 -22.88 -14.14
N SER D 13 11.48 -21.95 -15.08
CA SER D 13 10.42 -21.01 -15.39
C SER D 13 9.26 -21.76 -16.05
N PRO D 14 8.04 -21.21 -15.97
CA PRO D 14 6.92 -21.87 -16.66
C PRO D 14 7.15 -22.01 -18.15
N GLU D 15 7.94 -21.11 -18.75
CA GLU D 15 8.36 -21.28 -20.13
C GLU D 15 9.50 -22.26 -20.28
N GLY D 16 10.13 -22.67 -19.18
CA GLY D 16 11.21 -23.64 -19.25
C GLY D 16 12.57 -23.02 -19.45
N ARG D 17 12.85 -21.93 -18.72
CA ARG D 17 14.10 -21.20 -18.85
C ARG D 17 14.77 -21.11 -17.50
N LEU D 18 16.06 -21.48 -17.44
CA LEU D 18 16.84 -21.36 -16.22
C LEU D 18 17.25 -19.92 -16.01
N TYR D 19 16.47 -19.16 -15.24
CA TYR D 19 16.69 -17.72 -15.15
C TYR D 19 18.04 -17.38 -14.55
N GLN D 20 18.51 -18.17 -13.58
CA GLN D 20 19.83 -17.94 -13.01
C GLN D 20 20.93 -18.11 -14.05
N VAL D 21 20.78 -19.10 -14.93
CA VAL D 21 21.77 -19.34 -15.97
C VAL D 21 21.81 -18.16 -16.94
N GLU D 22 20.63 -17.69 -17.36
CA GLU D 22 20.57 -16.54 -18.26
C GLU D 22 21.14 -15.29 -17.58
N TYR D 23 20.89 -15.15 -16.29
CA TYR D 23 21.49 -14.04 -15.54
C TYR D 23 23.01 -14.13 -15.54
N ALA D 24 23.54 -15.34 -15.36
CA ALA D 24 24.98 -15.52 -15.38
C ALA D 24 25.57 -15.16 -16.73
N MET D 25 24.91 -15.58 -17.82
CA MET D 25 25.41 -15.22 -19.14
C MET D 25 25.32 -13.72 -19.42
N GLU D 26 24.20 -13.09 -19.08
CA GLU D 26 24.09 -11.66 -19.31
C GLU D 26 25.13 -10.89 -18.50
N ALA D 27 25.52 -11.43 -17.35
CA ALA D 27 26.55 -10.81 -16.53
C ALA D 27 27.93 -10.88 -17.16
N ILE D 28 28.14 -11.75 -18.16
CA ILE D 28 29.45 -11.90 -18.76
C ILE D 28 29.88 -10.63 -19.47
N GLY D 29 28.94 -9.86 -20.01
CA GLY D 29 29.28 -8.62 -20.69
C GLY D 29 30.00 -7.61 -19.81
N HIS D 30 29.89 -7.75 -18.49
CA HIS D 30 30.65 -6.89 -17.59
C HIS D 30 32.14 -7.13 -17.68
N ALA D 31 32.57 -8.34 -18.07
CA ALA D 31 33.98 -8.64 -18.13
C ALA D 31 34.64 -7.88 -19.29
N GLY D 32 35.97 -7.79 -19.23
CA GLY D 32 36.71 -7.11 -20.26
C GLY D 32 36.66 -7.86 -21.58
N THR D 33 36.91 -7.13 -22.66
CA THR D 33 36.80 -7.69 -23.99
C THR D 33 37.88 -8.73 -24.23
N CYS D 34 37.48 -9.91 -24.69
CA CYS D 34 38.40 -10.97 -25.07
C CYS D 34 37.97 -11.53 -26.42
N LEU D 35 38.94 -11.79 -27.29
CA LEU D 35 38.65 -12.30 -28.62
C LEU D 35 39.77 -13.19 -29.09
N GLY D 36 39.46 -14.04 -30.06
CA GLY D 36 40.44 -14.93 -30.65
C GLY D 36 40.15 -15.15 -32.12
N ILE D 37 41.20 -15.20 -32.94
CA ILE D 37 41.08 -15.38 -34.38
C ILE D 37 41.80 -16.65 -34.78
N LEU D 38 41.12 -17.49 -35.56
CA LEU D 38 41.72 -18.71 -36.08
C LEU D 38 42.26 -18.45 -37.49
N ALA D 39 43.55 -18.70 -37.66
CA ALA D 39 44.21 -18.55 -38.96
C ALA D 39 44.69 -19.90 -39.45
N ASN D 40 45.15 -19.93 -40.71
CA ASN D 40 45.60 -21.19 -41.29
C ASN D 40 46.86 -21.71 -40.61
N ASP D 41 47.79 -20.83 -40.26
CA ASP D 41 49.05 -21.23 -39.66
C ASP D 41 49.06 -21.17 -38.14
N GLY D 42 47.96 -20.75 -37.53
CA GLY D 42 47.93 -20.65 -36.08
C GLY D 42 46.64 -20.00 -35.61
N VAL D 43 46.58 -19.83 -34.29
CA VAL D 43 45.44 -19.22 -33.62
C VAL D 43 45.96 -18.32 -32.51
N LEU D 44 45.19 -17.28 -32.21
CA LEU D 44 45.63 -16.27 -31.25
C LEU D 44 44.48 -15.88 -30.34
N LEU D 45 44.81 -15.14 -29.29
CA LEU D 45 43.84 -14.53 -28.39
C LEU D 45 44.22 -13.08 -28.15
N ALA D 46 43.21 -12.24 -27.96
CA ALA D 46 43.41 -10.83 -27.67
C ALA D 46 42.52 -10.43 -26.50
N ALA D 47 43.09 -9.68 -25.56
CA ALA D 47 42.38 -9.29 -24.35
C ALA D 47 42.61 -7.81 -24.08
N GLU D 48 41.69 -7.22 -23.32
CA GLU D 48 41.76 -5.82 -22.93
C GLU D 48 41.91 -5.73 -21.42
N ARG D 49 42.85 -4.91 -20.95
CA ARG D 49 43.06 -4.70 -19.52
C ARG D 49 42.16 -3.57 -19.06
N ARG D 50 41.09 -3.92 -18.33
CA ARG D 50 40.22 -2.89 -17.76
C ARG D 50 40.95 -2.07 -16.71
N ASN D 51 41.73 -2.72 -15.86
CA ASN D 51 42.49 -2.04 -14.81
C ASN D 51 43.86 -1.67 -15.37
N ILE D 52 44.07 -0.38 -15.63
CA ILE D 52 45.32 0.10 -16.19
C ILE D 52 45.89 1.19 -15.30
N HIS D 53 45.61 1.11 -14.00
CA HIS D 53 46.11 2.10 -13.05
C HIS D 53 47.63 2.07 -13.00
N LYS D 54 48.23 3.26 -12.94
CA LYS D 54 49.69 3.34 -12.91
C LYS D 54 50.26 2.80 -11.61
N LEU D 55 49.43 2.73 -10.55
CA LEU D 55 49.87 2.17 -9.28
C LEU D 55 49.79 0.65 -9.27
N LEU D 56 49.26 0.03 -10.31
CA LEU D 56 49.13 -1.41 -10.40
C LEU D 56 50.33 -1.98 -11.14
N ASP D 57 51.12 -2.82 -10.47
CA ASP D 57 52.28 -3.45 -11.08
C ASP D 57 51.83 -4.68 -11.85
N GLU D 58 52.43 -4.87 -13.03
CA GLU D 58 52.16 -6.05 -13.85
C GLU D 58 53.31 -7.03 -13.64
N VAL D 59 53.04 -8.11 -12.89
CA VAL D 59 54.05 -9.09 -12.57
C VAL D 59 53.86 -10.39 -13.34
N PHE D 60 52.62 -10.88 -13.49
CA PHE D 60 52.36 -12.12 -14.19
C PHE D 60 52.36 -11.99 -15.71
N PHE D 61 51.93 -10.84 -16.23
CA PHE D 61 51.76 -10.59 -17.66
C PHE D 61 50.76 -11.54 -18.31
N SER D 62 50.01 -12.32 -17.54
CA SER D 62 49.06 -13.28 -18.05
C SER D 62 47.78 -13.28 -17.21
N GLU D 63 47.30 -12.08 -16.85
CA GLU D 63 46.13 -12.00 -15.98
C GLU D 63 44.88 -12.52 -16.68
N LYS D 64 44.82 -12.39 -18.00
CA LYS D 64 43.65 -12.80 -18.77
C LYS D 64 43.86 -14.05 -19.60
N ILE D 65 45.09 -14.33 -20.03
CA ILE D 65 45.39 -15.48 -20.87
C ILE D 65 46.23 -16.45 -20.06
N TYR D 66 45.74 -17.67 -19.90
CA TYR D 66 46.37 -18.66 -19.06
C TYR D 66 46.81 -19.86 -19.89
N LYS D 67 48.00 -20.36 -19.57
CA LYS D 67 48.53 -21.56 -20.20
C LYS D 67 48.08 -22.78 -19.41
N LEU D 68 47.42 -23.72 -20.08
CA LEU D 68 46.87 -24.91 -19.45
C LEU D 68 47.75 -26.13 -19.67
N ASN D 69 48.13 -26.38 -20.91
CA ASN D 69 48.91 -27.55 -21.29
C ASN D 69 50.01 -27.06 -22.23
N GLU D 70 50.95 -27.95 -22.56
CA GLU D 70 52.01 -27.59 -23.48
C GLU D 70 51.49 -27.22 -24.86
N ASP D 71 50.25 -27.58 -25.18
CA ASP D 71 49.67 -27.26 -26.48
C ASP D 71 48.28 -26.62 -26.38
N MET D 72 47.91 -26.11 -25.20
CA MET D 72 46.65 -25.41 -25.02
C MET D 72 46.86 -24.11 -24.27
N ALA D 73 45.96 -23.16 -24.52
CA ALA D 73 45.89 -21.92 -23.76
C ALA D 73 44.46 -21.44 -23.78
N CYS D 74 44.11 -20.58 -22.82
CA CYS D 74 42.73 -20.12 -22.69
C CYS D 74 42.71 -18.66 -22.26
N SER D 75 41.78 -17.89 -22.86
CA SER D 75 41.49 -16.56 -22.38
C SER D 75 40.34 -16.63 -21.36
N VAL D 76 40.22 -15.57 -20.57
CA VAL D 76 39.30 -15.58 -19.43
C VAL D 76 38.45 -14.31 -19.43
N ALA D 77 37.16 -14.51 -19.18
CA ALA D 77 36.23 -13.38 -19.02
C ALA D 77 35.15 -13.79 -18.04
N GLY D 78 35.07 -13.08 -16.92
CA GLY D 78 34.07 -13.36 -15.92
C GLY D 78 34.58 -13.02 -14.53
N ILE D 79 33.96 -13.64 -13.53
CA ILE D 79 34.35 -13.40 -12.14
C ILE D 79 35.78 -13.91 -11.92
N THR D 80 36.58 -13.10 -11.24
CA THR D 80 38.00 -13.42 -11.08
C THR D 80 38.20 -14.69 -10.27
N SER D 81 37.44 -14.85 -9.18
CA SER D 81 37.58 -16.05 -8.36
C SER D 81 37.16 -17.29 -9.13
N ASP D 82 35.99 -17.22 -9.79
CA ASP D 82 35.57 -18.32 -10.64
C ASP D 82 36.55 -18.56 -11.75
N ALA D 83 37.13 -17.50 -12.31
CA ALA D 83 38.15 -17.67 -13.35
C ALA D 83 39.33 -18.48 -12.83
N ASN D 84 39.84 -18.12 -11.66
CA ASN D 84 40.97 -18.86 -11.09
C ASN D 84 40.60 -20.31 -10.83
N VAL D 85 39.39 -20.55 -10.30
CA VAL D 85 38.97 -21.92 -10.02
C VAL D 85 38.90 -22.74 -11.31
N LEU D 86 38.30 -22.17 -12.36
CA LEU D 86 38.18 -22.91 -13.63
C LEU D 86 39.54 -23.16 -14.27
N THR D 87 40.46 -22.19 -14.22
CA THR D 87 41.77 -22.44 -14.82
C THR D 87 42.57 -23.47 -14.02
N ASN D 88 42.47 -23.43 -12.69
CA ASN D 88 43.12 -24.47 -11.89
C ASN D 88 42.55 -25.85 -12.20
N GLU D 89 41.22 -25.93 -12.32
CA GLU D 89 40.60 -27.21 -12.68
C GLU D 89 41.00 -27.64 -14.08
N LEU D 90 41.16 -26.68 -15.00
CA LEU D 90 41.59 -26.98 -16.35
C LEU D 90 42.99 -27.61 -16.35
N ARG D 91 43.91 -27.00 -15.59
CA ARG D 91 45.25 -27.56 -15.47
C ARG D 91 45.19 -28.96 -14.86
N LEU D 92 44.36 -29.14 -13.83
CA LEU D 92 44.25 -30.45 -13.19
C LEU D 92 43.74 -31.51 -14.16
N ILE D 93 42.69 -31.20 -14.91
CA ILE D 93 42.15 -32.15 -15.88
C ILE D 93 43.17 -32.44 -16.97
N ALA D 94 43.88 -31.41 -17.42
CA ALA D 94 44.88 -31.60 -18.46
C ALA D 94 45.98 -32.55 -17.99
N GLN D 95 46.50 -32.32 -16.79
CA GLN D 95 47.57 -33.18 -16.29
C GLN D 95 47.06 -34.58 -15.97
N ARG D 96 45.80 -34.70 -15.53
CA ARG D 96 45.25 -36.03 -15.29
C ARG D 96 45.12 -36.83 -16.58
N TYR D 97 44.63 -36.19 -17.64
CA TYR D 97 44.56 -36.87 -18.93
C TYR D 97 45.95 -37.21 -19.45
N LEU D 98 46.91 -36.31 -19.26
CA LEU D 98 48.27 -36.61 -19.68
C LEU D 98 48.85 -37.80 -18.93
N LEU D 99 48.58 -37.87 -17.62
CA LEU D 99 49.05 -38.99 -16.83
C LEU D 99 48.39 -40.30 -17.27
N GLN D 100 47.09 -40.27 -17.54
CA GLN D 100 46.38 -41.51 -17.86
C GLN D 100 46.69 -42.00 -19.26
N TYR D 101 46.75 -41.11 -20.25
CA TYR D 101 46.90 -41.52 -21.64
C TYR D 101 48.27 -41.25 -22.23
N GLN D 102 49.09 -40.43 -21.58
CA GLN D 102 50.44 -40.11 -22.04
C GLN D 102 50.44 -39.44 -23.41
N GLU D 103 49.35 -38.78 -23.77
CA GLU D 103 49.29 -37.95 -24.97
C GLU D 103 48.58 -36.66 -24.62
N PRO D 104 48.86 -35.58 -25.36
CA PRO D 104 48.17 -34.31 -25.10
C PRO D 104 46.67 -34.43 -25.39
N ILE D 105 45.90 -33.63 -24.65
CA ILE D 105 44.43 -33.67 -24.75
C ILE D 105 44.01 -33.16 -26.13
N PRO D 106 43.04 -33.80 -26.78
CA PRO D 106 42.56 -33.32 -28.08
C PRO D 106 41.64 -32.10 -27.98
N CYS D 107 42.01 -31.15 -27.12
CA CYS D 107 41.35 -29.85 -27.02
C CYS D 107 39.89 -29.98 -26.65
N GLU D 108 39.10 -30.60 -27.54
CA GLU D 108 37.66 -30.70 -27.32
C GLU D 108 37.32 -31.50 -26.06
N GLN D 109 38.15 -32.49 -25.71
CA GLN D 109 37.90 -33.26 -24.50
C GLN D 109 38.01 -32.40 -23.26
N LEU D 110 39.02 -31.54 -23.21
CA LEU D 110 39.21 -30.68 -22.04
C LEU D 110 38.08 -29.65 -21.93
N VAL D 111 37.68 -29.08 -23.06
CA VAL D 111 36.56 -28.15 -23.09
C VAL D 111 35.30 -28.85 -22.63
N THR D 112 35.08 -30.08 -23.08
CA THR D 112 33.93 -30.86 -22.65
C THR D 112 33.97 -31.13 -21.16
N ALA D 113 35.16 -31.38 -20.61
CA ALA D 113 35.28 -31.59 -19.17
C ALA D 113 34.87 -30.35 -18.39
N LEU D 114 35.37 -29.17 -18.80
CA LEU D 114 34.93 -27.94 -18.13
C LEU D 114 33.44 -27.73 -18.29
N CYS D 115 32.90 -27.97 -19.48
CA CYS D 115 31.48 -27.74 -19.69
C CYS D 115 30.64 -28.68 -18.86
N ASP D 116 31.11 -29.92 -18.67
CA ASP D 116 30.42 -30.86 -17.80
C ASP D 116 30.44 -30.38 -16.36
N ILE D 117 31.59 -29.88 -15.89
CA ILE D 117 31.66 -29.35 -14.53
C ILE D 117 30.70 -28.18 -14.36
N LYS D 118 30.68 -27.27 -15.33
CA LYS D 118 29.82 -26.10 -15.24
C LYS D 118 28.35 -26.50 -15.28
N GLN D 119 27.99 -27.46 -16.14
CA GLN D 119 26.62 -27.93 -16.18
C GLN D 119 26.21 -28.56 -14.86
N ALA D 120 27.12 -29.33 -14.24
CA ALA D 120 26.84 -29.90 -12.94
C ALA D 120 26.61 -28.80 -11.91
N TYR D 121 27.38 -27.71 -11.99
CA TYR D 121 27.17 -26.60 -11.07
C TYR D 121 25.82 -25.95 -11.29
N THR D 122 25.38 -25.80 -12.54
CA THR D 122 24.07 -25.21 -12.77
C THR D 122 22.92 -26.17 -12.56
N GLN D 123 23.19 -27.46 -12.37
CA GLN D 123 22.12 -28.45 -12.17
C GLN D 123 21.86 -28.73 -10.69
N PHE D 124 22.90 -28.99 -9.93
CA PHE D 124 22.72 -29.30 -8.52
C PHE D 124 22.39 -28.06 -7.72
N GLY D 125 21.52 -28.22 -6.72
CA GLY D 125 21.14 -27.10 -5.89
C GLY D 125 22.23 -26.70 -4.91
N GLY D 126 22.10 -25.48 -4.41
CA GLY D 126 23.08 -24.95 -3.47
C GLY D 126 24.34 -24.42 -4.09
N LYS D 127 24.45 -24.43 -5.42
CA LYS D 127 25.63 -23.93 -6.12
C LYS D 127 25.18 -22.95 -7.20
N ARG D 128 25.81 -21.79 -7.24
CA ARG D 128 25.52 -20.83 -8.28
C ARG D 128 26.28 -21.19 -9.55
N PRO D 129 25.77 -20.84 -10.73
CA PRO D 129 26.50 -21.14 -11.96
C PRO D 129 27.80 -20.35 -12.03
N PHE D 130 28.79 -20.94 -12.70
CA PHE D 130 30.09 -20.28 -12.81
C PHE D 130 29.98 -19.12 -13.78
N GLY D 131 30.02 -17.89 -13.25
CA GLY D 131 29.89 -16.72 -14.09
C GLY D 131 31.14 -16.39 -14.87
N VAL D 132 31.72 -17.38 -15.55
CA VAL D 132 32.93 -17.19 -16.35
C VAL D 132 32.70 -17.83 -17.70
N SER D 133 32.91 -17.05 -18.76
CA SER D 133 32.93 -17.54 -20.13
C SER D 133 34.35 -17.38 -20.65
N LEU D 134 34.96 -18.47 -21.09
CA LEU D 134 36.37 -18.48 -21.42
C LEU D 134 36.58 -19.06 -22.82
N LEU D 135 37.48 -18.45 -23.58
CA LEU D 135 37.85 -18.95 -24.89
C LEU D 135 39.03 -19.90 -24.78
N TYR D 136 39.08 -20.88 -25.68
CA TYR D 136 40.15 -21.87 -25.70
C TYR D 136 40.86 -21.85 -27.03
N ILE D 137 42.18 -22.03 -27.00
CA ILE D 137 42.98 -22.23 -28.20
C ILE D 137 43.87 -23.44 -27.97
N GLY D 138 44.21 -24.11 -29.05
CA GLY D 138 45.04 -25.29 -28.96
C GLY D 138 45.19 -25.98 -30.29
N TRP D 139 46.18 -26.87 -30.35
CA TRP D 139 46.44 -27.70 -31.51
C TRP D 139 46.48 -29.15 -31.07
N ASP D 140 45.93 -30.03 -31.90
CA ASP D 140 45.89 -31.45 -31.59
C ASP D 140 45.99 -32.24 -32.89
N LYS D 141 46.34 -33.52 -32.74
CA LYS D 141 46.66 -34.36 -33.89
C LYS D 141 45.43 -34.72 -34.72
N HIS D 142 44.22 -34.50 -34.19
CA HIS D 142 43.02 -34.94 -34.88
C HIS D 142 42.43 -33.88 -35.80
N TYR D 143 42.37 -32.63 -35.34
CA TYR D 143 41.84 -31.55 -36.17
C TYR D 143 42.73 -30.31 -36.24
N GLY D 144 43.83 -30.26 -35.50
CA GLY D 144 44.75 -29.14 -35.58
C GLY D 144 44.35 -27.94 -34.75
N PHE D 145 44.56 -26.74 -35.30
CA PHE D 145 44.20 -25.52 -34.59
C PHE D 145 42.69 -25.44 -34.43
N GLN D 146 42.24 -25.14 -33.22
CA GLN D 146 40.83 -24.98 -32.96
C GLN D 146 40.63 -23.81 -32.01
N LEU D 147 39.54 -23.08 -32.21
CA LEU D 147 39.11 -22.03 -31.31
C LEU D 147 37.77 -22.46 -30.70
N TYR D 148 37.73 -22.57 -29.37
CA TYR D 148 36.60 -23.11 -28.63
C TYR D 148 36.07 -22.05 -27.66
N GLN D 149 34.75 -21.91 -27.62
CA GLN D 149 34.01 -20.98 -26.78
C GLN D 149 33.24 -21.70 -25.69
N SER D 150 33.25 -21.16 -24.46
CA SER D 150 32.56 -21.74 -23.31
C SER D 150 31.66 -20.67 -22.69
N ASP D 151 30.45 -21.08 -22.33
CA ASP D 151 29.46 -20.23 -21.70
C ASP D 151 29.26 -20.67 -20.26
N PRO D 152 28.72 -19.79 -19.42
CA PRO D 152 28.49 -20.18 -18.01
C PRO D 152 27.58 -21.39 -17.83
N SER D 153 26.73 -21.69 -18.80
CA SER D 153 25.84 -22.84 -18.75
C SER D 153 26.52 -24.14 -19.13
N GLY D 154 27.76 -24.08 -19.61
CA GLY D 154 28.42 -25.28 -20.08
C GLY D 154 28.10 -25.67 -21.51
N ASN D 155 27.61 -24.74 -22.32
CA ASN D 155 27.40 -24.98 -23.75
C ASN D 155 28.60 -24.42 -24.49
N TYR D 156 29.35 -25.29 -25.16
CA TYR D 156 30.51 -24.88 -25.91
C TYR D 156 30.19 -24.89 -27.41
N GLY D 157 31.16 -24.53 -28.22
CA GLY D 157 30.98 -24.56 -29.66
C GLY D 157 32.24 -24.18 -30.42
N GLY D 158 32.50 -24.90 -31.52
CA GLY D 158 33.63 -24.53 -32.36
C GLY D 158 33.38 -23.20 -33.05
N TRP D 159 34.43 -22.39 -33.15
CA TRP D 159 34.31 -21.08 -33.74
C TRP D 159 35.60 -20.75 -34.47
N LYS D 160 35.49 -19.87 -35.47
CA LYS D 160 36.67 -19.35 -36.15
C LYS D 160 37.14 -18.03 -35.56
N ALA D 161 36.21 -17.22 -35.07
CA ALA D 161 36.57 -15.92 -34.49
C ALA D 161 35.38 -15.41 -33.69
N THR D 162 35.60 -15.11 -32.41
CA THR D 162 34.56 -14.60 -31.53
C THR D 162 35.11 -13.49 -30.67
N CYS D 163 34.23 -12.96 -29.81
CA CYS D 163 34.58 -11.95 -28.83
C CYS D 163 33.68 -12.11 -27.61
N ILE D 164 34.26 -11.99 -26.42
CA ILE D 164 33.51 -12.05 -25.17
C ILE D 164 33.88 -10.85 -24.32
N GLY D 165 32.88 -10.31 -23.63
CA GLY D 165 33.11 -9.17 -22.76
C GLY D 165 32.35 -7.93 -23.18
N ASN D 166 32.96 -6.77 -23.00
CA ASN D 166 32.31 -5.51 -23.35
C ASN D 166 32.15 -5.41 -24.85
N ASN D 167 30.96 -4.98 -25.29
CA ASN D 167 30.66 -4.72 -26.69
C ASN D 167 30.99 -5.93 -27.56
N SER D 168 30.56 -7.12 -27.10
CA SER D 168 30.84 -8.35 -27.82
C SER D 168 30.13 -8.39 -29.17
N ALA D 169 28.87 -7.93 -29.21
CA ALA D 169 28.07 -8.09 -30.42
C ALA D 169 28.67 -7.33 -31.59
N ALA D 170 29.13 -6.09 -31.36
CA ALA D 170 29.71 -5.31 -32.44
C ALA D 170 31.00 -5.95 -32.95
N ALA D 171 31.84 -6.42 -32.04
CA ALA D 171 33.10 -7.05 -32.45
C ALA D 171 32.83 -8.32 -33.26
N VAL D 172 31.87 -9.13 -32.81
CA VAL D 172 31.55 -10.37 -33.53
C VAL D 172 30.96 -10.06 -34.89
N SER D 173 30.09 -9.05 -34.97
CA SER D 173 29.49 -8.67 -36.24
C SER D 173 30.55 -8.20 -37.24
N MET D 174 31.47 -7.36 -36.78
CA MET D 174 32.51 -6.92 -37.70
C MET D 174 33.50 -8.02 -38.04
N LEU D 175 33.73 -8.97 -37.12
CA LEU D 175 34.47 -10.19 -37.45
C LEU D 175 33.82 -10.94 -38.59
N LYS D 176 32.52 -11.20 -38.47
CA LYS D 176 31.82 -11.92 -39.54
C LYS D 176 31.83 -11.11 -40.83
N GLN D 177 31.83 -9.78 -40.71
CA GLN D 177 31.85 -8.93 -41.90
C GLN D 177 33.17 -9.03 -42.65
N ASP D 178 34.31 -9.00 -41.94
CA ASP D 178 35.59 -8.88 -42.63
C ASP D 178 36.57 -10.02 -42.34
N TYR D 179 36.08 -11.22 -42.07
CA TYR D 179 36.94 -12.40 -41.92
C TYR D 179 36.88 -13.22 -43.19
N LYS D 180 38.03 -13.49 -43.78
CA LYS D 180 38.12 -14.29 -45.01
C LYS D 180 38.46 -15.73 -44.62
N GLU D 181 37.50 -16.63 -44.79
CA GLU D 181 37.70 -18.01 -44.35
C GLU D 181 38.80 -18.68 -45.18
N GLY D 182 39.72 -19.35 -44.48
CA GLY D 182 40.76 -20.11 -45.15
C GLY D 182 41.79 -19.29 -45.88
N GLU D 183 41.83 -17.97 -45.63
CA GLU D 183 42.81 -17.11 -46.29
C GLU D 183 43.46 -16.16 -45.29
N MET D 184 43.49 -16.53 -44.01
CA MET D 184 44.08 -15.70 -42.97
C MET D 184 45.38 -16.31 -42.49
N THR D 185 46.44 -15.51 -42.47
CA THR D 185 47.70 -15.87 -41.85
C THR D 185 47.75 -15.27 -40.45
N LEU D 186 48.76 -15.69 -39.68
CA LEU D 186 48.88 -15.20 -38.32
C LEU D 186 49.12 -13.70 -38.29
N LYS D 187 49.85 -13.17 -39.28
CA LYS D 187 50.06 -11.73 -39.35
C LYS D 187 48.75 -11.01 -39.66
N SER D 188 48.00 -11.53 -40.64
CA SER D 188 46.69 -10.98 -40.95
C SER D 188 45.75 -11.11 -39.78
N ALA D 189 45.81 -12.25 -39.07
CA ALA D 189 44.97 -12.42 -37.89
C ALA D 189 45.31 -11.40 -36.81
N LEU D 190 46.60 -11.14 -36.60
CA LEU D 190 47.01 -10.11 -35.63
C LEU D 190 46.51 -8.74 -36.05
N ALA D 191 46.64 -8.41 -37.33
CA ALA D 191 46.17 -7.11 -37.81
C ALA D 191 44.66 -6.97 -37.62
N LEU D 192 43.91 -8.04 -37.92
CA LEU D 192 42.47 -8.01 -37.74
C LEU D 192 42.09 -7.86 -36.27
N ALA D 193 42.80 -8.57 -35.38
CA ALA D 193 42.53 -8.47 -33.96
C ALA D 193 42.78 -7.05 -33.46
N ILE D 194 43.87 -6.43 -33.91
CA ILE D 194 44.15 -5.06 -33.50
C ILE D 194 43.09 -4.10 -34.05
N LYS D 195 42.70 -4.27 -35.31
CA LYS D 195 41.66 -3.43 -35.89
C LYS D 195 40.36 -3.55 -35.10
N VAL D 196 40.02 -4.77 -34.70
CA VAL D 196 38.77 -5.00 -33.99
C VAL D 196 38.84 -4.39 -32.59
N LEU D 197 39.96 -4.61 -31.90
CA LEU D 197 40.10 -4.09 -30.54
C LEU D 197 40.21 -2.57 -30.52
N ASN D 198 40.54 -1.96 -31.66
CA ASN D 198 40.64 -0.49 -31.69
C ASN D 198 39.31 0.16 -31.36
N LYS D 199 38.24 -0.21 -32.05
CA LYS D 199 36.95 0.40 -31.81
C LYS D 199 35.99 -0.50 -31.04
N THR D 200 36.41 -1.71 -30.67
CA THR D 200 35.63 -2.49 -29.73
C THR D 200 35.58 -1.82 -28.36
N MET D 201 36.71 -1.25 -27.92
CA MET D 201 36.79 -0.49 -26.70
C MET D 201 36.70 1.00 -27.01
N ASP D 202 36.10 1.76 -26.08
CA ASP D 202 35.92 3.20 -26.30
C ASP D 202 37.24 3.94 -26.26
N VAL D 203 38.27 3.37 -25.64
CA VAL D 203 39.55 4.06 -25.51
C VAL D 203 40.19 4.18 -26.88
N SER D 204 40.64 5.38 -27.22
CA SER D 204 41.25 5.63 -28.52
C SER D 204 42.76 5.40 -28.45
N LYS D 205 43.38 5.31 -29.64
CA LYS D 205 44.79 5.12 -29.92
C LYS D 205 45.25 3.70 -29.59
N LEU D 206 44.43 2.87 -28.95
CA LEU D 206 44.72 1.46 -28.69
C LEU D 206 46.08 1.30 -28.02
N SER D 207 46.18 1.80 -26.79
CA SER D 207 47.43 1.73 -26.04
C SER D 207 47.88 0.28 -25.87
N ALA D 208 49.16 0.04 -26.08
CA ALA D 208 49.70 -1.31 -25.99
C ALA D 208 49.59 -1.85 -24.57
N GLU D 209 49.77 -0.99 -23.58
CA GLU D 209 49.70 -1.42 -22.18
C GLU D 209 48.32 -1.92 -21.79
N LYS D 210 47.28 -1.54 -22.55
CA LYS D 210 45.91 -1.92 -22.23
C LYS D 210 45.45 -3.15 -23.00
N VAL D 211 46.32 -3.77 -23.79
CA VAL D 211 45.94 -4.91 -24.61
C VAL D 211 47.02 -5.98 -24.53
N GLU D 212 46.60 -7.23 -24.31
CA GLU D 212 47.47 -8.40 -24.39
C GLU D 212 47.05 -9.27 -25.55
N ILE D 213 48.03 -9.82 -26.26
CA ILE D 213 47.79 -10.76 -27.34
C ILE D 213 48.73 -11.94 -27.17
N ALA D 214 48.19 -13.15 -27.22
CA ALA D 214 48.97 -14.38 -27.20
C ALA D 214 48.65 -15.19 -28.44
N THR D 215 49.68 -15.76 -29.06
CA THR D 215 49.55 -16.47 -30.32
C THR D 215 50.00 -17.92 -30.15
N LEU D 216 49.34 -18.82 -30.88
CA LEU D 216 49.69 -20.23 -30.90
C LEU D 216 50.24 -20.59 -32.26
N THR D 217 51.40 -21.26 -32.28
CA THR D 217 52.07 -21.63 -33.51
C THR D 217 52.51 -23.09 -33.45
N ARG D 218 52.66 -23.70 -34.61
CA ARG D 218 53.15 -25.06 -34.76
C ARG D 218 54.53 -24.99 -35.42
N GLU D 219 55.57 -24.98 -34.60
CA GLU D 219 56.94 -24.96 -35.11
C GLU D 219 57.60 -26.28 -34.74
N ASN D 220 58.09 -26.99 -35.76
CA ASN D 220 58.84 -28.23 -35.62
C ASN D 220 58.23 -29.19 -34.60
N GLY D 221 56.90 -29.24 -34.53
CA GLY D 221 56.22 -30.11 -33.59
C GLY D 221 56.50 -29.78 -32.14
N LYS D 222 56.42 -28.50 -31.78
CA LYS D 222 56.70 -28.08 -30.41
C LYS D 222 55.50 -27.35 -29.80
N THR D 223 54.72 -26.67 -30.63
CA THR D 223 53.53 -25.93 -30.23
C THR D 223 53.88 -24.90 -29.15
N VAL D 224 54.67 -23.92 -29.57
CA VAL D 224 55.13 -22.88 -28.66
C VAL D 224 54.01 -21.86 -28.45
N ILE D 225 53.72 -21.57 -27.19
CA ILE D 225 52.74 -20.55 -26.82
C ILE D 225 53.52 -19.27 -26.52
N ARG D 226 53.24 -18.22 -27.28
CA ARG D 226 53.97 -16.96 -27.17
C ARG D 226 53.00 -15.84 -26.78
N VAL D 227 53.35 -15.09 -25.75
CA VAL D 227 52.65 -13.88 -25.37
C VAL D 227 53.44 -12.70 -25.90
N LEU D 228 52.78 -11.86 -26.70
CA LEU D 228 53.47 -10.77 -27.37
C LEU D 228 53.91 -9.72 -26.36
N LYS D 229 55.19 -9.35 -26.42
CA LYS D 229 55.71 -8.31 -25.54
C LYS D 229 55.25 -6.93 -26.03
N GLN D 230 55.53 -5.91 -25.21
CA GLN D 230 55.06 -4.56 -25.53
C GLN D 230 55.63 -4.04 -26.84
N LYS D 231 56.84 -4.49 -27.22
CA LYS D 231 57.47 -3.98 -28.44
C LYS D 231 56.67 -4.37 -29.68
N GLU D 232 56.36 -5.65 -29.83
CA GLU D 232 55.61 -6.10 -31.01
C GLU D 232 54.17 -5.61 -30.97
N VAL D 233 53.58 -5.49 -29.78
CA VAL D 233 52.24 -4.93 -29.69
C VAL D 233 52.22 -3.48 -30.15
N GLU D 234 53.23 -2.70 -29.73
CA GLU D 234 53.32 -1.31 -30.18
C GLU D 234 53.58 -1.24 -31.68
N GLN D 235 54.36 -2.19 -32.21
CA GLN D 235 54.59 -2.23 -33.65
C GLN D 235 53.27 -2.50 -34.39
N LEU D 236 52.46 -3.40 -33.87
CA LEU D 236 51.14 -3.65 -34.48
C LEU D 236 50.25 -2.41 -34.37
N ILE D 237 50.33 -1.71 -33.24
CA ILE D 237 49.53 -0.49 -33.08
C ILE D 237 49.92 0.55 -34.11
N LYS D 238 51.22 0.76 -34.32
CA LYS D 238 51.67 1.74 -35.30
C LYS D 238 51.33 1.28 -36.71
N LYS D 239 51.39 -0.03 -36.96
CA LYS D 239 50.98 -0.54 -38.27
C LYS D 239 49.52 -0.24 -38.54
N HIS D 240 48.65 -0.48 -37.56
CA HIS D 240 47.24 -0.18 -37.73
C HIS D 240 47.00 1.31 -37.88
N GLU D 241 47.75 2.13 -37.14
CA GLU D 241 47.61 3.57 -37.28
C GLU D 241 47.99 4.04 -38.68
N GLU D 242 49.09 3.51 -39.23
CA GLU D 242 49.48 3.89 -40.57
C GLU D 242 48.49 3.36 -41.61
N GLU D 243 47.91 2.18 -41.37
CA GLU D 243 46.88 1.68 -42.27
C GLU D 243 45.67 2.59 -42.26
N GLU D 244 45.26 3.04 -41.07
CA GLU D 244 44.14 3.96 -40.97
C GLU D 244 44.45 5.28 -41.67
N ALA D 245 45.68 5.77 -41.53
CA ALA D 245 46.08 6.98 -42.23
C ALA D 245 46.01 6.78 -43.75
N LYS D 246 46.44 5.62 -44.23
CA LYS D 246 46.36 5.33 -45.66
C LYS D 246 44.90 5.26 -46.11
N ALA D 247 44.02 4.71 -45.28
CA ALA D 247 42.61 4.58 -45.66
C ALA D 247 41.97 5.95 -45.82
N GLU D 248 42.26 6.89 -44.93
CA GLU D 248 41.67 8.22 -45.02
C GLU D 248 42.34 9.07 -46.10
N ARG D 249 43.44 8.60 -46.69
CA ARG D 249 44.04 9.31 -47.81
C ARG D 249 43.07 9.38 -48.99
N GLU D 250 42.23 8.36 -49.14
CA GLU D 250 41.22 8.38 -50.21
C GLU D 250 40.20 9.49 -49.99
N LYS D 251 40.00 9.90 -48.74
CA LYS D 251 39.06 10.99 -48.43
C LYS D 251 39.69 12.33 -48.75
N SER E 2 1.56 -21.09 -6.47
CA SER E 2 2.46 -21.18 -5.33
C SER E 2 2.97 -22.61 -5.16
N TYR E 3 2.48 -23.51 -6.01
CA TYR E 3 2.82 -24.93 -5.95
C TYR E 3 3.81 -25.33 -7.03
N ASP E 4 4.43 -24.37 -7.69
CA ASP E 4 5.32 -24.65 -8.82
C ASP E 4 6.76 -24.26 -8.54
N ARG E 5 7.13 -24.07 -7.28
CA ARG E 5 8.48 -23.66 -6.92
C ARG E 5 9.28 -24.77 -6.26
N ALA E 6 8.75 -25.99 -6.21
CA ALA E 6 9.46 -27.12 -5.63
C ALA E 6 9.10 -28.37 -6.40
N ILE E 7 10.11 -29.20 -6.67
CA ILE E 7 9.90 -30.40 -7.47
C ILE E 7 9.08 -31.43 -6.70
N THR E 8 9.31 -31.53 -5.39
CA THR E 8 8.68 -32.56 -4.57
C THR E 8 7.40 -32.10 -3.91
N VAL E 9 6.73 -31.10 -4.46
CA VAL E 9 5.49 -30.56 -3.91
C VAL E 9 4.36 -30.83 -4.89
N PHE E 10 3.32 -31.51 -4.42
CA PHE E 10 2.15 -31.80 -5.24
C PHE E 10 1.19 -30.63 -5.21
N SER E 11 0.67 -30.26 -6.37
CA SER E 11 -0.39 -29.28 -6.45
C SER E 11 -1.70 -29.87 -5.94
N PRO E 12 -2.68 -29.03 -5.58
CA PRO E 12 -3.95 -29.56 -5.08
C PRO E 12 -4.62 -30.55 -6.01
N ASP E 13 -4.45 -30.37 -7.32
CA ASP E 13 -4.96 -31.32 -8.30
C ASP E 13 -3.92 -32.38 -8.67
N GLY E 14 -2.93 -32.60 -7.81
CA GLY E 14 -1.96 -33.66 -8.02
C GLY E 14 -1.05 -33.46 -9.21
N HIS E 15 -0.52 -32.26 -9.38
CA HIS E 15 0.37 -31.93 -10.49
C HIS E 15 1.74 -31.57 -9.95
N LEU E 16 2.78 -32.17 -10.54
CA LEU E 16 4.16 -31.79 -10.25
C LEU E 16 4.57 -30.75 -11.29
N PHE E 17 4.36 -29.47 -10.95
CA PHE E 17 4.44 -28.43 -11.96
C PHE E 17 5.87 -28.18 -12.43
N GLN E 18 6.87 -28.45 -11.57
CA GLN E 18 8.25 -28.29 -11.99
C GLN E 18 8.60 -29.25 -13.11
N VAL E 19 8.05 -30.47 -13.06
CA VAL E 19 8.28 -31.42 -14.13
C VAL E 19 7.68 -30.92 -15.45
N GLU E 20 6.49 -30.34 -15.40
CA GLU E 20 5.89 -29.80 -16.60
C GLU E 20 6.69 -28.60 -17.12
N TYR E 21 7.25 -27.80 -16.21
CA TYR E 21 8.10 -26.70 -16.65
C TYR E 21 9.37 -27.23 -17.32
N ALA E 22 9.88 -28.36 -16.84
CA ALA E 22 10.99 -29.02 -17.52
C ALA E 22 10.58 -29.51 -18.90
N GLN E 23 9.35 -30.04 -19.02
CA GLN E 23 8.80 -30.39 -20.33
C GLN E 23 8.80 -29.19 -21.26
N GLU E 24 8.46 -28.01 -20.73
CA GLU E 24 8.38 -26.82 -21.56
C GLU E 24 9.72 -26.46 -22.20
N ALA E 25 10.83 -26.84 -21.56
CA ALA E 25 12.14 -26.56 -22.13
C ALA E 25 12.39 -27.41 -23.38
N VAL E 26 11.79 -28.60 -23.43
CA VAL E 26 11.97 -29.47 -24.59
C VAL E 26 11.34 -28.85 -25.83
N LYS E 27 10.18 -28.21 -25.68
CA LYS E 27 9.49 -27.61 -26.82
C LYS E 27 10.24 -26.43 -27.41
N LYS E 28 11.28 -25.94 -26.74
CA LYS E 28 12.07 -24.80 -27.20
C LYS E 28 13.28 -25.25 -28.01
N GLY E 29 13.41 -26.55 -28.27
CA GLY E 29 14.53 -27.08 -29.03
C GLY E 29 14.12 -27.40 -30.47
N SER E 30 15.15 -27.56 -31.31
CA SER E 30 14.94 -27.90 -32.70
C SER E 30 14.29 -29.27 -32.81
N THR E 31 13.40 -29.43 -33.80
CA THR E 31 12.63 -30.66 -33.92
C THR E 31 13.53 -31.83 -34.29
N ALA E 32 13.21 -32.99 -33.74
CA ALA E 32 13.86 -34.24 -34.10
C ALA E 32 12.78 -35.24 -34.47
N VAL E 33 12.87 -35.82 -35.66
CA VAL E 33 11.88 -36.74 -36.18
C VAL E 33 12.51 -38.11 -36.32
N GLY E 34 11.87 -39.13 -35.75
CA GLY E 34 12.32 -40.49 -35.88
C GLY E 34 11.22 -41.42 -36.30
N VAL E 35 11.47 -42.24 -37.32
CA VAL E 35 10.53 -43.25 -37.77
C VAL E 35 11.31 -44.51 -38.10
N ARG E 36 10.80 -45.66 -37.66
CA ARG E 36 11.45 -46.94 -37.86
C ARG E 36 10.79 -47.69 -39.01
N GLY E 37 11.58 -48.37 -39.81
CA GLY E 37 11.09 -49.21 -40.89
C GLY E 37 11.38 -50.68 -40.63
N ARG E 38 11.05 -51.50 -41.64
CA ARG E 38 11.28 -52.93 -41.51
C ARG E 38 12.78 -53.25 -41.38
N ASP E 39 13.62 -52.56 -42.14
CA ASP E 39 15.06 -52.79 -42.12
C ASP E 39 15.83 -51.49 -41.93
N ILE E 40 15.18 -50.47 -41.37
CA ILE E 40 15.78 -49.15 -41.30
C ILE E 40 15.23 -48.41 -40.09
N VAL E 41 16.07 -47.57 -39.49
CA VAL E 41 15.67 -46.59 -38.49
C VAL E 41 16.35 -45.27 -38.84
N VAL E 42 15.57 -44.20 -38.90
CA VAL E 42 16.05 -42.91 -39.36
C VAL E 42 15.78 -41.85 -38.29
N LEU E 43 16.71 -40.91 -38.16
CA LEU E 43 16.62 -39.84 -37.17
C LEU E 43 16.75 -38.50 -37.89
N GLY E 44 15.61 -37.90 -38.21
CA GLY E 44 15.62 -36.58 -38.80
C GLY E 44 15.82 -35.49 -37.77
N VAL E 45 16.61 -34.49 -38.15
CA VAL E 45 16.93 -33.36 -37.28
C VAL E 45 17.06 -32.11 -38.12
N GLU E 46 16.47 -31.02 -37.66
CA GLU E 46 16.63 -29.72 -38.30
C GLU E 46 17.89 -29.06 -37.75
N LYS E 47 18.56 -28.31 -38.61
CA LYS E 47 19.70 -27.50 -38.17
C LYS E 47 19.25 -26.06 -37.97
N LYS E 48 19.93 -25.37 -37.06
CA LYS E 48 19.58 -24.00 -36.70
C LYS E 48 20.29 -22.98 -37.58
N SER E 49 20.89 -23.42 -38.69
CA SER E 49 21.60 -22.53 -39.61
C SER E 49 22.69 -21.76 -38.88
N VAL E 50 23.71 -22.52 -38.46
CA VAL E 50 24.76 -22.06 -37.57
C VAL E 50 25.42 -20.79 -38.12
N ALA E 51 26.03 -20.01 -37.22
CA ALA E 51 26.61 -18.74 -37.61
C ALA E 51 27.70 -18.93 -38.66
N LYS E 52 27.90 -17.90 -39.48
CA LYS E 52 28.82 -18.01 -40.59
C LYS E 52 30.25 -18.23 -40.13
N LEU E 53 30.58 -17.81 -38.90
CA LEU E 53 31.95 -17.87 -38.40
C LEU E 53 32.12 -18.93 -37.32
N GLN E 54 31.31 -19.99 -37.33
CA GLN E 54 31.42 -21.05 -36.34
C GLN E 54 31.41 -22.40 -37.02
N ASP E 55 32.03 -23.38 -36.34
CA ASP E 55 32.16 -24.73 -36.87
C ASP E 55 31.02 -25.60 -36.35
N GLU E 56 30.36 -26.30 -37.28
CA GLU E 56 29.22 -27.15 -36.96
C GLU E 56 29.65 -28.44 -36.27
N ARG E 57 30.93 -28.82 -36.39
CA ARG E 57 31.37 -30.12 -35.87
C ARG E 57 31.06 -30.29 -34.39
N THR E 58 31.03 -29.20 -33.62
CA THR E 58 30.79 -29.27 -32.18
C THR E 58 29.34 -29.02 -31.79
N VAL E 59 28.44 -28.86 -32.77
CA VAL E 59 27.03 -28.62 -32.46
C VAL E 59 26.26 -29.91 -32.77
N ARG E 60 26.95 -31.04 -32.70
CA ARG E 60 26.34 -32.33 -32.99
C ARG E 60 25.15 -32.57 -32.06
N LYS E 61 24.00 -32.88 -32.66
CA LYS E 61 22.79 -33.17 -31.91
C LYS E 61 22.43 -34.64 -31.92
N ILE E 62 22.70 -35.35 -33.01
CA ILE E 62 22.50 -36.78 -33.10
C ILE E 62 23.81 -37.46 -32.72
N CYS E 63 23.77 -38.29 -31.67
CA CYS E 63 24.93 -39.03 -31.22
C CYS E 63 24.54 -40.46 -30.94
N ALA E 64 25.52 -41.36 -31.05
CA ALA E 64 25.30 -42.79 -30.85
C ALA E 64 25.79 -43.19 -29.46
N LEU E 65 24.92 -43.80 -28.67
CA LEU E 65 25.33 -44.29 -27.36
C LEU E 65 26.26 -45.49 -27.49
N ASP E 66 25.90 -46.45 -28.32
CA ASP E 66 26.70 -47.63 -28.60
C ASP E 66 26.95 -47.72 -30.09
N ASP E 67 27.55 -48.84 -30.52
CA ASP E 67 27.83 -49.03 -31.94
C ASP E 67 26.57 -49.19 -32.78
N ASN E 68 25.42 -49.51 -32.17
CA ASN E 68 24.20 -49.74 -32.93
C ASN E 68 22.97 -49.12 -32.29
N VAL E 69 23.12 -48.18 -31.36
CA VAL E 69 22.02 -47.42 -30.81
C VAL E 69 22.38 -45.94 -30.84
N CYS E 70 21.45 -45.11 -31.31
CA CYS E 70 21.66 -43.68 -31.45
C CYS E 70 20.45 -42.92 -30.95
N MET E 71 20.67 -41.68 -30.53
CA MET E 71 19.62 -40.85 -29.99
C MET E 71 19.75 -39.42 -30.50
N ALA E 72 18.60 -38.77 -30.69
CA ALA E 72 18.52 -37.34 -30.99
C ALA E 72 17.70 -36.68 -29.89
N PHE E 73 18.14 -35.52 -29.43
CA PHE E 73 17.55 -34.86 -28.29
C PHE E 73 16.91 -33.54 -28.68
N ALA E 74 16.22 -32.95 -27.70
CA ALA E 74 15.74 -31.58 -27.79
C ALA E 74 16.10 -30.87 -26.49
N GLY E 75 15.71 -29.61 -26.35
CA GLY E 75 16.02 -28.88 -25.14
C GLY E 75 17.48 -28.45 -25.08
N LEU E 76 17.92 -28.16 -23.87
CA LEU E 76 19.25 -27.61 -23.65
C LEU E 76 20.33 -28.63 -24.03
N THR E 77 21.39 -28.15 -24.67
CA THR E 77 22.48 -29.05 -25.04
C THR E 77 23.31 -29.44 -23.84
N ALA E 78 23.35 -28.59 -22.80
CA ALA E 78 24.18 -28.87 -21.65
C ALA E 78 23.71 -30.12 -20.91
N ASP E 79 22.39 -30.26 -20.72
CA ASP E 79 21.86 -31.46 -20.10
C ASP E 79 21.91 -32.65 -21.04
N ALA E 80 21.72 -32.43 -22.33
CA ALA E 80 21.73 -33.51 -23.30
C ALA E 80 23.11 -34.16 -23.38
N ARG E 81 24.17 -33.35 -23.35
CA ARG E 81 25.52 -33.90 -23.38
C ARG E 81 25.78 -34.79 -22.16
N ILE E 82 25.34 -34.35 -20.99
CA ILE E 82 25.50 -35.17 -19.78
C ILE E 82 24.72 -36.46 -19.92
N VAL E 83 23.47 -36.38 -20.40
CA VAL E 83 22.65 -37.58 -20.53
C VAL E 83 23.30 -38.56 -21.50
N ILE E 84 23.82 -38.06 -22.61
CA ILE E 84 24.44 -38.93 -23.61
C ILE E 84 25.71 -39.57 -23.04
N ASN E 85 26.50 -38.80 -22.29
CA ASN E 85 27.71 -39.37 -21.70
C ASN E 85 27.38 -40.47 -20.70
N ARG E 86 26.38 -40.24 -19.85
CA ARG E 86 25.98 -41.27 -18.90
C ARG E 86 25.40 -42.48 -19.60
N ALA E 87 24.67 -42.26 -20.71
CA ALA E 87 24.13 -43.38 -21.48
C ALA E 87 25.25 -44.22 -22.10
N ARG E 88 26.28 -43.56 -22.62
CA ARG E 88 27.42 -44.29 -23.17
C ARG E 88 28.12 -45.11 -22.09
N VAL E 89 28.35 -44.48 -20.93
CA VAL E 89 28.97 -45.21 -19.82
C VAL E 89 28.10 -46.39 -19.41
N GLU E 90 26.78 -46.19 -19.41
CA GLU E 90 25.87 -47.27 -19.02
C GLU E 90 25.89 -48.42 -20.00
N CYS E 91 25.87 -48.14 -21.30
CA CYS E 91 25.85 -49.24 -22.26
C CYS E 91 27.17 -50.00 -22.22
N GLN E 92 28.30 -49.29 -22.05
CA GLN E 92 29.57 -49.99 -21.88
C GLN E 92 29.58 -50.84 -20.61
N SER E 93 29.06 -50.31 -19.50
CA SER E 93 29.03 -51.08 -18.26
C SER E 93 28.12 -52.30 -18.40
N HIS E 94 26.97 -52.15 -19.06
CA HIS E 94 26.07 -53.27 -19.27
C HIS E 94 26.73 -54.33 -20.12
N ARG E 95 27.46 -53.92 -21.15
CA ARG E 95 28.24 -54.88 -21.93
C ARG E 95 29.27 -55.59 -21.06
N LEU E 96 29.86 -54.86 -20.11
CA LEU E 96 30.85 -55.46 -19.22
C LEU E 96 30.22 -56.53 -18.33
N THR E 97 29.12 -56.20 -17.65
CA THR E 97 28.48 -57.16 -16.75
C THR E 97 27.78 -58.27 -17.51
N VAL E 98 27.04 -57.92 -18.57
CA VAL E 98 26.37 -58.90 -19.42
C VAL E 98 26.98 -58.78 -20.81
N GLU E 99 27.58 -59.86 -21.30
CA GLU E 99 28.33 -59.79 -22.55
C GLU E 99 27.42 -59.49 -23.74
N ASP E 100 26.11 -59.68 -23.58
CA ASP E 100 25.18 -59.32 -24.65
C ASP E 100 25.23 -57.81 -24.88
N PRO E 101 25.13 -57.36 -26.12
CA PRO E 101 25.10 -55.91 -26.37
C PRO E 101 23.88 -55.27 -25.74
N VAL E 102 24.02 -54.00 -25.37
CA VAL E 102 22.94 -53.28 -24.71
C VAL E 102 21.71 -53.27 -25.61
N THR E 103 20.53 -53.35 -24.99
CA THR E 103 19.29 -53.25 -25.73
C THR E 103 18.82 -51.80 -25.74
N VAL E 104 18.18 -51.41 -26.85
CA VAL E 104 17.63 -50.06 -26.95
C VAL E 104 16.59 -49.83 -25.86
N GLU E 105 15.80 -50.88 -25.56
CA GLU E 105 14.87 -50.80 -24.42
C GLU E 105 15.61 -50.57 -23.12
N TYR E 106 16.72 -51.28 -22.90
CA TYR E 106 17.44 -51.12 -21.64
C TYR E 106 18.06 -49.74 -21.53
N ILE E 107 18.66 -49.23 -22.60
CA ILE E 107 19.28 -47.91 -22.54
C ILE E 107 18.21 -46.83 -22.37
N THR E 108 17.06 -47.01 -23.00
CA THR E 108 15.95 -46.09 -22.79
C THR E 108 15.48 -46.12 -21.36
N ARG E 109 15.37 -47.32 -20.78
CA ARG E 109 14.93 -47.45 -19.40
C ARG E 109 15.92 -46.78 -18.44
N TYR E 110 17.21 -46.94 -18.70
CA TYR E 110 18.20 -46.31 -17.81
C TYR E 110 18.20 -44.81 -17.96
N ILE E 111 18.04 -44.28 -19.19
CA ILE E 111 17.96 -42.84 -19.36
C ILE E 111 16.74 -42.29 -18.63
N ALA E 112 15.60 -42.98 -18.75
CA ALA E 112 14.40 -42.56 -18.03
C ALA E 112 14.61 -42.63 -16.52
N SER E 113 15.31 -43.67 -16.06
CA SER E 113 15.56 -43.80 -14.63
C SER E 113 16.46 -42.68 -14.12
N LEU E 114 17.49 -42.31 -14.88
CA LEU E 114 18.35 -41.20 -14.49
C LEU E 114 17.57 -39.90 -14.44
N LYS E 115 16.73 -39.65 -15.46
CA LYS E 115 15.88 -38.46 -15.45
C LYS E 115 14.97 -38.46 -14.23
N GLN E 116 14.33 -39.60 -13.95
CA GLN E 116 13.44 -39.71 -12.80
C GLN E 116 14.18 -39.43 -11.50
N ARG E 117 15.39 -39.97 -11.36
CA ARG E 117 16.20 -39.70 -10.18
C ARG E 117 16.52 -38.22 -10.07
N TYR E 118 16.64 -37.52 -11.21
CA TYR E 118 16.92 -36.09 -11.14
C TYR E 118 15.68 -35.24 -10.92
N THR E 119 14.48 -35.82 -11.08
CA THR E 119 13.23 -35.13 -10.75
C THR E 119 12.57 -35.74 -9.53
N GLN E 120 13.37 -36.21 -8.58
CA GLN E 120 12.86 -36.88 -7.39
C GLN E 120 13.12 -36.13 -6.09
N SER E 121 13.94 -35.10 -6.11
CA SER E 121 14.26 -34.37 -4.89
C SER E 121 14.65 -32.94 -5.23
N ASN E 122 14.57 -32.07 -4.23
CA ASN E 122 15.06 -30.72 -4.38
C ASN E 122 16.58 -30.72 -4.47
N GLY E 123 17.13 -29.61 -4.93
CA GLY E 123 18.57 -29.54 -5.12
C GLY E 123 19.06 -30.32 -6.31
N ARG E 124 18.16 -30.76 -7.18
CA ARG E 124 18.55 -31.46 -8.41
C ARG E 124 17.57 -31.05 -9.50
N ARG E 125 18.02 -30.22 -10.42
CA ARG E 125 17.18 -29.74 -11.49
C ARG E 125 16.88 -30.85 -12.49
N PRO E 126 15.63 -30.96 -12.94
CA PRO E 126 15.30 -31.99 -13.92
C PRO E 126 16.06 -31.82 -15.22
N PHE E 127 16.39 -32.94 -15.86
CA PHE E 127 17.02 -32.91 -17.17
C PHE E 127 16.01 -32.40 -18.20
N GLY E 128 16.22 -31.17 -18.67
CA GLY E 128 15.28 -30.57 -19.59
C GLY E 128 15.48 -30.96 -21.04
N ILE E 129 15.71 -32.26 -21.30
CA ILE E 129 15.92 -32.76 -22.65
C ILE E 129 15.04 -33.98 -22.84
N SER E 130 14.52 -34.15 -24.06
CA SER E 130 13.78 -35.34 -24.44
C SER E 130 14.55 -36.04 -25.54
N ALA E 131 14.73 -37.35 -25.40
CA ALA E 131 15.61 -38.13 -26.27
C ALA E 131 14.80 -39.07 -27.14
N LEU E 132 15.18 -39.16 -28.41
CA LEU E 132 14.59 -40.12 -29.35
C LEU E 132 15.61 -41.23 -29.59
N ILE E 133 15.49 -42.31 -28.84
CA ILE E 133 16.46 -43.41 -28.89
C ILE E 133 15.91 -44.49 -29.81
N VAL E 134 16.70 -44.85 -30.83
CA VAL E 134 16.37 -45.93 -31.75
C VAL E 134 17.59 -46.82 -31.89
N GLY E 135 17.36 -48.05 -32.36
CA GLY E 135 18.45 -48.96 -32.62
C GLY E 135 17.98 -50.34 -33.02
N PHE E 136 18.87 -51.11 -33.65
CA PHE E 136 18.58 -52.50 -33.98
C PHE E 136 19.09 -53.46 -32.91
N ASP E 137 19.18 -53.00 -31.67
CA ASP E 137 19.75 -53.78 -30.59
C ASP E 137 18.90 -54.99 -30.21
N PHE E 138 17.66 -55.06 -30.68
CA PHE E 138 16.82 -56.22 -30.39
C PHE E 138 17.24 -57.47 -31.17
N ASP E 139 18.35 -57.42 -31.90
CA ASP E 139 18.89 -58.55 -32.64
C ASP E 139 17.85 -59.07 -33.65
N GLY E 140 17.52 -58.21 -34.61
CA GLY E 140 16.56 -58.54 -35.65
C GLY E 140 15.25 -57.79 -35.57
N THR E 141 15.11 -56.82 -34.67
CA THR E 141 13.88 -56.05 -34.56
C THR E 141 14.24 -54.58 -34.37
N PRO E 142 13.75 -53.69 -35.24
CA PRO E 142 13.97 -52.26 -35.04
C PRO E 142 13.05 -51.71 -33.96
N ARG E 143 13.60 -50.80 -33.15
CA ARG E 143 12.84 -50.21 -32.06
C ARG E 143 13.07 -48.71 -32.02
N LEU E 144 12.06 -47.97 -31.60
CA LEU E 144 12.15 -46.53 -31.40
C LEU E 144 11.56 -46.19 -30.04
N TYR E 145 12.14 -45.19 -29.40
CA TYR E 145 11.77 -44.83 -28.04
C TYR E 145 11.93 -43.33 -27.83
N GLN E 146 11.06 -42.76 -27.00
CA GLN E 146 11.12 -41.36 -26.63
C GLN E 146 11.09 -41.26 -25.11
N THR E 147 12.06 -40.56 -24.53
CA THR E 147 12.12 -40.32 -23.10
C THR E 147 11.69 -38.88 -22.84
N ASP E 148 10.58 -38.70 -22.15
CA ASP E 148 10.21 -37.38 -21.68
C ASP E 148 11.14 -36.96 -20.55
N PRO E 149 11.36 -35.65 -20.39
CA PRO E 149 12.17 -35.20 -19.24
C PRO E 149 11.59 -35.57 -17.90
N SER E 150 10.31 -35.94 -17.84
CA SER E 150 9.71 -36.41 -16.61
C SER E 150 10.38 -37.69 -16.11
N GLY E 151 10.65 -38.62 -17.02
CA GLY E 151 11.21 -39.90 -16.63
C GLY E 151 10.43 -41.06 -17.19
N THR E 152 9.50 -40.77 -18.10
CA THR E 152 8.68 -41.79 -18.74
C THR E 152 9.13 -42.00 -20.17
N TYR E 153 9.23 -43.25 -20.58
CA TYR E 153 9.62 -43.61 -21.94
C TYR E 153 8.50 -44.39 -22.62
N HIS E 154 8.43 -44.23 -23.93
CA HIS E 154 7.38 -44.86 -24.71
C HIS E 154 7.96 -45.35 -26.03
N ALA E 155 7.36 -46.41 -26.58
CA ALA E 155 7.72 -46.93 -27.88
C ALA E 155 6.80 -46.35 -28.93
N TRP E 156 7.37 -45.75 -29.97
CA TRP E 156 6.60 -45.14 -31.03
C TRP E 156 7.01 -45.76 -32.36
N LYS E 157 6.03 -46.01 -33.23
CA LYS E 157 6.35 -46.33 -34.61
C LYS E 157 7.02 -45.15 -35.29
N ALA E 158 6.54 -43.93 -35.00
CA ALA E 158 7.16 -42.70 -35.47
C ALA E 158 6.76 -41.59 -34.51
N ASN E 159 7.68 -40.69 -34.21
CA ASN E 159 7.43 -39.64 -33.24
C ASN E 159 8.30 -38.43 -33.54
N ALA E 160 7.90 -37.28 -33.01
CA ALA E 160 8.64 -36.04 -33.14
C ALA E 160 8.73 -35.35 -31.78
N ILE E 161 9.82 -34.63 -31.56
CA ILE E 161 10.05 -33.87 -30.34
C ILE E 161 10.55 -32.49 -30.72
N GLY E 162 10.48 -31.57 -29.76
CA GLY E 162 10.97 -30.23 -29.98
C GLY E 162 9.93 -29.30 -30.59
N ARG E 163 10.44 -28.18 -31.11
CA ARG E 163 9.56 -27.18 -31.69
C ARG E 163 8.86 -27.74 -32.92
N GLY E 164 7.55 -27.48 -33.01
CA GLY E 164 6.76 -27.98 -34.11
C GLY E 164 6.53 -29.48 -34.09
N ALA E 165 6.66 -30.12 -32.92
CA ALA E 165 6.47 -31.57 -32.86
C ALA E 165 5.03 -31.96 -33.15
N LYS E 166 4.07 -31.10 -32.80
CA LYS E 166 2.67 -31.43 -33.02
C LYS E 166 2.36 -31.57 -34.50
N SER E 167 2.88 -30.64 -35.32
CA SER E 167 2.60 -30.69 -36.75
C SER E 167 3.21 -31.94 -37.39
N VAL E 168 4.46 -32.26 -37.03
CA VAL E 168 5.11 -33.44 -37.59
C VAL E 168 4.40 -34.70 -37.12
N ARG E 169 3.97 -34.73 -35.86
CA ARG E 169 3.24 -35.88 -35.34
C ARG E 169 1.94 -36.08 -36.10
N GLU E 170 1.20 -34.98 -36.36
CA GLU E 170 -0.02 -35.10 -37.14
C GLU E 170 0.25 -35.58 -38.54
N PHE E 171 1.31 -35.05 -39.17
CA PHE E 171 1.69 -35.48 -40.52
C PHE E 171 1.96 -36.98 -40.55
N LEU E 172 2.77 -37.45 -39.61
CA LEU E 172 3.15 -38.86 -39.55
C LEU E 172 1.94 -39.74 -39.26
N GLU E 173 1.08 -39.31 -38.33
CA GLU E 173 -0.16 -40.06 -38.08
C GLU E 173 -1.00 -40.16 -39.34
N LYS E 174 -1.03 -39.10 -40.14
CA LYS E 174 -1.77 -39.09 -41.39
C LYS E 174 -1.20 -40.03 -42.43
N ASN E 175 0.12 -40.18 -42.51
CA ASN E 175 0.71 -40.96 -43.60
C ASN E 175 1.80 -41.96 -43.22
N TYR E 176 2.00 -42.29 -41.95
CA TYR E 176 2.83 -43.45 -41.61
C TYR E 176 1.99 -44.70 -41.84
N THR E 177 2.24 -45.39 -42.95
CA THR E 177 1.56 -46.62 -43.29
C THR E 177 2.58 -47.71 -43.56
N ASP E 178 2.10 -48.95 -43.61
CA ASP E 178 2.97 -50.07 -43.93
C ASP E 178 3.55 -49.93 -45.33
N GLU E 179 2.75 -49.42 -46.27
CA GLU E 179 3.23 -49.19 -47.63
C GLU E 179 4.25 -48.07 -47.70
N ALA E 180 4.21 -47.12 -46.77
CA ALA E 180 5.11 -45.97 -46.82
C ALA E 180 6.52 -46.35 -46.39
N ILE E 181 6.66 -47.34 -45.52
CA ILE E 181 7.96 -47.74 -44.99
C ILE E 181 8.37 -49.12 -45.49
N GLU E 182 7.84 -49.56 -46.63
CA GLU E 182 8.17 -50.89 -47.14
C GLU E 182 9.62 -50.99 -47.60
N THR E 183 10.27 -49.87 -47.87
CA THR E 183 11.67 -49.87 -48.30
C THR E 183 12.41 -48.73 -47.61
N ASP E 184 13.74 -48.88 -47.55
CA ASP E 184 14.56 -47.89 -46.87
C ASP E 184 14.46 -46.52 -47.53
N ASP E 185 14.48 -46.48 -48.86
CA ASP E 185 14.42 -45.20 -49.55
C ASP E 185 13.11 -44.47 -49.26
N LEU E 186 12.00 -45.22 -49.26
CA LEU E 186 10.71 -44.60 -48.94
C LEU E 186 10.68 -44.10 -47.50
N THR E 187 11.27 -44.82 -46.55
CA THR E 187 11.32 -44.35 -45.17
C THR E 187 12.12 -43.06 -45.06
N ILE E 188 13.29 -43.00 -45.71
CA ILE E 188 14.11 -41.79 -45.67
C ILE E 188 13.35 -40.63 -46.31
N LYS E 189 12.66 -40.89 -47.41
CA LYS E 189 11.82 -39.87 -48.02
C LYS E 189 10.76 -39.39 -47.06
N LEU E 190 10.15 -40.31 -46.30
CA LEU E 190 9.14 -39.94 -45.33
C LEU E 190 9.72 -39.03 -44.25
N VAL E 191 10.93 -39.33 -43.78
CA VAL E 191 11.59 -38.44 -42.83
C VAL E 191 11.78 -37.06 -43.46
N ILE E 192 12.15 -37.03 -44.74
CA ILE E 192 12.37 -35.75 -45.41
C ILE E 192 11.09 -34.93 -45.44
N LYS E 193 9.97 -35.56 -45.85
CA LYS E 193 8.71 -34.82 -45.88
C LYS E 193 8.27 -34.41 -44.48
N ALA E 194 8.59 -35.21 -43.47
CA ALA E 194 8.27 -34.83 -42.11
C ALA E 194 9.01 -33.58 -41.69
N LEU E 195 10.29 -33.48 -42.04
CA LEU E 195 11.08 -32.34 -41.61
C LEU E 195 10.88 -31.10 -42.46
N LEU E 196 10.38 -31.26 -43.70
CA LEU E 196 10.27 -30.10 -44.58
C LEU E 196 9.25 -29.08 -44.07
N GLU E 197 8.12 -29.55 -43.55
CA GLU E 197 7.04 -28.63 -43.22
C GLU E 197 7.39 -27.65 -42.11
N VAL E 198 8.04 -28.12 -41.05
CA VAL E 198 8.36 -27.23 -39.93
C VAL E 198 9.68 -26.52 -40.16
N VAL E 199 10.57 -27.10 -40.94
CA VAL E 199 11.85 -26.48 -41.28
C VAL E 199 11.79 -26.10 -42.75
N GLN E 200 11.36 -24.88 -43.03
CA GLN E 200 11.33 -24.37 -44.40
C GLN E 200 12.65 -23.66 -44.65
N SER E 201 13.45 -24.21 -45.55
CA SER E 201 14.79 -23.72 -45.87
C SER E 201 15.34 -24.62 -46.97
N GLY E 202 16.57 -24.31 -47.39
CA GLY E 202 17.28 -25.13 -48.35
C GLY E 202 18.00 -26.30 -47.69
N GLY E 203 19.19 -26.58 -48.20
CA GLY E 203 19.97 -27.68 -47.67
C GLY E 203 20.72 -27.31 -46.40
N LYS E 204 21.35 -28.33 -45.82
CA LYS E 204 22.20 -28.21 -44.64
C LYS E 204 21.38 -27.85 -43.40
N ASN E 205 20.08 -27.62 -43.58
CA ASN E 205 19.15 -27.40 -42.49
C ASN E 205 18.45 -28.68 -42.06
N ILE E 206 18.73 -29.80 -42.73
CA ILE E 206 18.14 -31.09 -42.43
C ILE E 206 19.26 -32.09 -42.27
N GLU E 207 19.40 -32.65 -41.07
CA GLU E 207 20.40 -33.66 -40.77
C GLU E 207 19.69 -34.99 -40.52
N LEU E 208 20.10 -36.02 -41.24
CA LEU E 208 19.48 -37.33 -41.15
C LEU E 208 20.50 -38.37 -40.72
N ALA E 209 20.15 -39.15 -39.70
CA ALA E 209 20.96 -40.26 -39.24
C ALA E 209 20.27 -41.54 -39.65
N VAL E 210 20.97 -42.36 -40.44
CA VAL E 210 20.41 -43.58 -41.03
C VAL E 210 21.23 -44.76 -40.53
N MET E 211 20.55 -45.74 -39.94
CA MET E 211 21.20 -46.93 -39.41
C MET E 211 20.50 -48.16 -39.95
N ARG E 212 21.24 -49.04 -40.60
CA ARG E 212 20.72 -50.28 -41.16
C ARG E 212 20.97 -51.43 -40.20
N ARG E 213 20.27 -52.54 -40.44
CA ARG E 213 20.40 -53.72 -39.59
C ARG E 213 21.83 -54.24 -39.63
N ASP E 214 22.38 -54.49 -38.44
CA ASP E 214 23.75 -55.00 -38.29
C ASP E 214 24.75 -54.09 -39.01
N GLN E 215 24.55 -52.79 -38.86
CA GLN E 215 25.40 -51.80 -39.51
C GLN E 215 25.73 -50.72 -38.48
N SER E 216 26.42 -49.68 -38.91
CA SER E 216 26.80 -48.57 -38.05
C SER E 216 26.04 -47.31 -38.46
N LEU E 217 26.09 -46.31 -37.58
CA LEU E 217 25.42 -45.05 -37.86
C LEU E 217 26.01 -44.38 -39.09
N LYS E 218 25.14 -43.89 -39.97
CA LYS E 218 25.54 -43.27 -41.23
C LYS E 218 24.85 -41.92 -41.33
N ILE E 219 25.55 -40.86 -40.90
CA ILE E 219 25.03 -39.51 -41.03
C ILE E 219 25.10 -39.12 -42.51
N LEU E 220 23.93 -38.91 -43.13
CA LEU E 220 23.88 -38.59 -44.55
C LEU E 220 24.56 -37.26 -44.82
N ASN E 221 25.39 -37.24 -45.86
CA ASN E 221 26.04 -36.01 -46.27
C ASN E 221 25.04 -35.08 -46.95
N PRO E 222 25.38 -33.79 -47.12
CA PRO E 222 24.47 -32.88 -47.81
C PRO E 222 24.06 -33.35 -49.20
N GLU E 223 24.94 -34.03 -49.93
CA GLU E 223 24.59 -34.48 -51.27
C GLU E 223 23.44 -35.47 -51.24
N GLU E 224 23.43 -36.38 -50.26
CA GLU E 224 22.36 -37.36 -50.19
C GLU E 224 21.02 -36.71 -49.86
N ILE E 225 20.99 -35.79 -48.89
CA ILE E 225 19.72 -35.15 -48.58
C ILE E 225 19.27 -34.29 -49.76
N GLU E 226 20.21 -33.73 -50.51
CA GLU E 226 19.83 -33.02 -51.74
C GLU E 226 19.18 -33.96 -52.74
N LYS E 227 19.74 -35.15 -52.93
CA LYS E 227 19.14 -36.06 -53.91
C LYS E 227 17.76 -36.53 -53.44
N TYR E 228 17.60 -36.76 -52.14
CA TYR E 228 16.29 -37.17 -51.63
C TYR E 228 15.26 -36.04 -51.76
N VAL E 229 15.66 -34.80 -51.46
CA VAL E 229 14.69 -33.71 -51.58
C VAL E 229 14.36 -33.45 -53.04
N VAL E 230 15.32 -33.68 -53.95
CA VAL E 230 15.02 -33.61 -55.38
C VAL E 230 14.02 -34.69 -55.76
N GLU E 231 14.18 -35.89 -55.20
CA GLU E 231 13.21 -36.95 -55.45
C GLU E 231 11.83 -36.55 -54.95
N ILE E 232 11.75 -35.95 -53.76
CA ILE E 232 10.46 -35.52 -53.23
C ILE E 232 9.85 -34.44 -54.12
N GLU E 233 10.66 -33.52 -54.62
CA GLU E 233 10.15 -32.51 -55.54
C GLU E 233 9.61 -33.16 -56.82
N LYS E 234 10.30 -34.19 -57.30
CA LYS E 234 9.80 -34.94 -58.45
C LYS E 234 8.45 -35.58 -58.14
N GLU E 235 8.31 -36.17 -56.96
CA GLU E 235 7.04 -36.79 -56.59
C GLU E 235 5.92 -35.76 -56.52
N LYS E 236 6.19 -34.59 -55.95
CA LYS E 236 5.12 -33.60 -55.80
C LYS E 236 4.78 -32.95 -57.14
N GLU E 237 5.76 -32.82 -58.03
CA GLU E 237 5.45 -32.30 -59.36
C GLU E 237 4.68 -33.34 -60.18
N GLU E 238 4.95 -34.62 -59.93
CA GLU E 238 4.13 -35.67 -60.54
C GLU E 238 2.71 -35.63 -60.00
N ASN E 239 2.55 -35.35 -58.69
CA ASN E 239 1.22 -35.27 -58.11
C ASN E 239 0.40 -34.14 -58.74
N GLU E 240 1.04 -33.00 -58.97
CA GLU E 240 0.35 -31.86 -59.58
C GLU E 240 0.16 -32.08 -61.07
N ASN F 4 -0.89 -19.01 14.39
CA ASN F 4 -0.43 -17.84 13.65
C ASN F 4 0.71 -18.22 12.72
N GLN F 5 1.86 -17.55 12.88
CA GLN F 5 3.06 -17.91 12.13
C GLN F 5 3.99 -18.82 12.92
N TYR F 6 3.59 -19.25 14.11
CA TYR F 6 4.32 -20.24 14.89
C TYR F 6 3.73 -21.64 14.72
N ASP F 7 3.19 -21.93 13.54
CA ASP F 7 2.35 -23.11 13.33
C ASP F 7 2.88 -23.95 12.18
N ASN F 8 4.14 -23.80 11.84
CA ASN F 8 4.66 -24.51 10.67
C ASN F 8 5.66 -25.58 11.04
N ASP F 9 6.33 -25.47 12.18
CA ASP F 9 7.40 -26.38 12.53
C ASP F 9 7.26 -26.81 13.99
N VAL F 10 7.76 -28.01 14.28
CA VAL F 10 7.79 -28.51 15.66
C VAL F 10 8.86 -27.84 16.50
N THR F 11 9.84 -27.19 15.87
CA THR F 11 10.95 -26.59 16.58
C THR F 11 10.69 -25.13 16.94
N VAL F 12 9.49 -24.63 16.70
CA VAL F 12 9.13 -23.26 17.04
C VAL F 12 8.20 -23.31 18.26
N TRP F 13 8.30 -22.29 19.10
CA TRP F 13 7.50 -22.18 20.31
C TRP F 13 6.50 -21.04 20.14
N SER F 14 5.24 -21.30 20.45
CA SER F 14 4.25 -20.24 20.44
C SER F 14 4.50 -19.30 21.63
N PRO F 15 4.14 -18.02 21.49
CA PRO F 15 4.30 -17.10 22.61
C PRO F 15 3.55 -17.55 23.86
N GLN F 16 2.43 -18.25 23.70
CA GLN F 16 1.72 -18.81 24.84
C GLN F 16 2.45 -19.98 25.48
N GLY F 17 3.52 -20.46 24.86
CA GLY F 17 4.26 -21.59 25.37
C GLY F 17 3.77 -22.94 24.91
N ARG F 18 3.23 -23.04 23.70
CA ARG F 18 2.71 -24.29 23.18
C ARG F 18 3.38 -24.60 21.85
N ILE F 19 3.38 -25.87 21.47
CA ILE F 19 3.89 -26.30 20.17
C ILE F 19 2.67 -26.74 19.37
N HIS F 20 2.27 -25.92 18.40
CA HIS F 20 1.01 -26.15 17.72
C HIS F 20 1.06 -27.37 16.83
N GLN F 21 2.23 -27.71 16.30
CA GLN F 21 2.35 -28.92 15.48
C GLN F 21 2.07 -30.16 16.31
N ILE F 22 2.53 -30.19 17.56
CA ILE F 22 2.25 -31.33 18.42
C ILE F 22 0.77 -31.42 18.73
N GLU F 23 0.11 -30.27 18.96
CA GLU F 23 -1.32 -30.28 19.19
C GLU F 23 -2.07 -30.77 17.97
N TYR F 24 -1.61 -30.40 16.78
CA TYR F 24 -2.27 -30.84 15.56
C TYR F 24 -2.07 -32.33 15.34
N ALA F 25 -0.89 -32.84 15.66
CA ALA F 25 -0.67 -34.29 15.60
C ALA F 25 -1.57 -35.01 16.60
N MET F 26 -1.76 -34.43 17.78
CA MET F 26 -2.67 -35.01 18.75
C MET F 26 -4.09 -35.06 18.23
N GLU F 27 -4.44 -34.13 17.34
CA GLU F 27 -5.77 -34.14 16.75
C GLU F 27 -5.90 -35.28 15.75
N ALA F 28 -4.79 -35.64 15.09
CA ALA F 28 -4.83 -36.67 14.05
C ALA F 28 -5.33 -38.01 14.59
N VAL F 29 -5.25 -38.22 15.90
CA VAL F 29 -5.83 -39.42 16.48
C VAL F 29 -7.34 -39.42 16.29
N LYS F 30 -7.98 -38.25 16.44
CA LYS F 30 -9.41 -38.14 16.28
C LYS F 30 -9.88 -38.41 14.86
N GLN F 31 -8.97 -38.44 13.89
CA GLN F 31 -9.34 -38.79 12.52
C GLN F 31 -9.56 -40.28 12.34
N GLY F 32 -9.12 -41.10 13.30
CA GLY F 32 -9.32 -42.54 13.24
C GLY F 32 -10.58 -42.97 13.98
N SER F 33 -10.91 -44.24 13.81
CA SER F 33 -12.10 -44.80 14.43
C SER F 33 -11.90 -44.99 15.93
N ALA F 34 -13.02 -45.08 16.65
CA ALA F 34 -12.96 -45.25 18.09
C ALA F 34 -12.44 -46.63 18.44
N THR F 35 -11.54 -46.69 19.42
CA THR F 35 -11.00 -47.94 19.93
C THR F 35 -11.05 -47.90 21.45
N VAL F 36 -11.49 -49.01 22.05
CA VAL F 36 -11.63 -49.12 23.49
C VAL F 36 -10.69 -50.22 23.99
N GLY F 37 -9.91 -49.90 25.02
CA GLY F 37 -9.06 -50.88 25.66
C GLY F 37 -9.23 -50.85 27.17
N LEU F 38 -9.43 -52.01 27.79
CA LEU F 38 -9.67 -52.08 29.22
C LEU F 38 -9.08 -53.37 29.76
N LYS F 39 -8.77 -53.37 31.05
CA LYS F 39 -8.12 -54.51 31.67
C LYS F 39 -8.85 -54.91 32.95
N SER F 40 -8.98 -56.21 33.17
CA SER F 40 -9.45 -56.77 34.42
C SER F 40 -8.25 -57.10 35.30
N LYS F 41 -8.48 -57.89 36.35
CA LYS F 41 -7.36 -58.34 37.17
C LYS F 41 -6.43 -59.27 36.37
N THR F 42 -7.00 -60.10 35.50
CA THR F 42 -6.22 -61.12 34.81
C THR F 42 -6.19 -60.96 33.29
N HIS F 43 -7.03 -60.11 32.70
CA HIS F 43 -7.09 -59.97 31.26
C HIS F 43 -7.03 -58.50 30.86
N ALA F 44 -6.48 -58.25 29.67
CA ALA F 44 -6.41 -56.91 29.10
C ALA F 44 -6.97 -56.98 27.69
N VAL F 45 -8.24 -56.62 27.53
CA VAL F 45 -8.94 -56.70 26.26
C VAL F 45 -8.99 -55.31 25.63
N LEU F 46 -8.87 -55.26 24.31
CA LEU F 46 -9.07 -54.04 23.55
C LEU F 46 -9.97 -54.32 22.37
N VAL F 47 -10.97 -53.46 22.16
CA VAL F 47 -11.96 -53.61 21.11
C VAL F 47 -11.87 -52.39 20.19
N ALA F 48 -11.92 -52.64 18.89
CA ALA F 48 -11.77 -51.58 17.90
C ALA F 48 -12.92 -51.64 16.91
N LEU F 49 -13.28 -50.47 16.40
CA LEU F 49 -14.29 -50.34 15.36
C LEU F 49 -13.58 -50.14 14.03
N LYS F 50 -13.97 -50.92 13.02
CA LYS F 50 -13.30 -50.93 11.74
C LYS F 50 -14.16 -50.21 10.69
N ARG F 51 -13.54 -49.30 9.95
CA ARG F 51 -14.19 -48.59 8.86
C ARG F 51 -13.81 -49.22 7.54
N ALA F 52 -14.79 -49.38 6.65
CA ALA F 52 -14.56 -49.88 5.30
C ALA F 52 -14.70 -48.72 4.33
N GLN F 53 -13.69 -48.55 3.47
CA GLN F 53 -13.71 -47.44 2.52
C GLN F 53 -14.85 -47.59 1.52
N SER F 54 -15.07 -48.81 1.03
CA SER F 54 -16.20 -49.12 0.19
C SER F 54 -17.00 -50.24 0.83
N GLU F 55 -18.22 -50.45 0.33
CA GLU F 55 -19.07 -51.50 0.90
C GLU F 55 -18.43 -52.87 0.71
N LEU F 56 -17.94 -53.15 -0.50
CA LEU F 56 -17.34 -54.44 -0.82
C LEU F 56 -15.82 -54.41 -0.70
N ALA F 57 -15.30 -53.59 0.20
CA ALA F 57 -13.90 -53.59 0.57
C ALA F 57 -13.78 -54.11 2.00
N ALA F 58 -12.74 -54.90 2.26
CA ALA F 58 -12.56 -55.46 3.58
C ALA F 58 -12.38 -54.35 4.60
N HIS F 59 -12.89 -54.58 5.81
CA HIS F 59 -12.71 -53.60 6.86
C HIS F 59 -11.25 -53.52 7.26
N GLN F 60 -10.77 -52.30 7.46
CA GLN F 60 -9.35 -52.06 7.69
C GLN F 60 -8.90 -52.73 8.99
N LYS F 61 -7.64 -53.17 9.01
CA LYS F 61 -7.08 -53.74 10.22
C LYS F 61 -6.81 -52.63 11.23
N LYS F 62 -7.33 -52.80 12.44
CA LYS F 62 -7.20 -51.81 13.48
C LYS F 62 -6.45 -52.29 14.70
N ILE F 63 -6.47 -53.59 14.98
CA ILE F 63 -5.74 -54.16 16.10
C ILE F 63 -4.60 -54.99 15.52
N LEU F 64 -3.36 -54.61 15.86
CA LEU F 64 -2.18 -55.24 15.32
C LEU F 64 -1.53 -56.13 16.37
N HIS F 65 -0.76 -57.11 15.88
CA HIS F 65 -0.06 -58.05 16.73
C HIS F 65 1.40 -57.65 16.82
N VAL F 66 1.91 -57.55 18.04
CA VAL F 66 3.28 -57.12 18.30
C VAL F 66 4.10 -58.25 18.89
N ASP F 67 3.57 -58.96 19.87
CA ASP F 67 4.23 -60.11 20.47
C ASP F 67 3.17 -60.99 21.10
N ASN F 68 3.61 -62.08 21.72
CA ASN F 68 2.69 -62.96 22.43
C ASN F 68 2.09 -62.28 23.65
N HIS F 69 2.70 -61.20 24.14
CA HIS F 69 2.22 -60.50 25.31
C HIS F 69 2.07 -59.00 25.08
N ILE F 70 2.09 -58.54 23.83
CA ILE F 70 1.91 -57.12 23.52
C ILE F 70 0.93 -57.02 22.36
N GLY F 71 -0.12 -56.24 22.53
CA GLY F 71 -1.06 -55.94 21.47
C GLY F 71 -1.47 -54.50 21.51
N ILE F 72 -1.69 -53.92 20.32
CA ILE F 72 -2.04 -52.52 20.21
C ILE F 72 -3.26 -52.34 19.31
N SER F 73 -3.95 -51.22 19.53
CA SER F 73 -5.01 -50.77 18.65
C SER F 73 -4.63 -49.39 18.16
N ILE F 74 -4.66 -49.19 16.84
CA ILE F 74 -4.16 -47.98 16.21
C ILE F 74 -5.32 -47.06 15.92
N ALA F 75 -5.13 -45.77 16.16
CA ALA F 75 -6.12 -44.73 15.86
C ALA F 75 -5.37 -43.50 15.36
N GLY F 76 -5.21 -43.40 14.05
CA GLY F 76 -4.47 -42.29 13.47
C GLY F 76 -3.93 -42.66 12.11
N LEU F 77 -2.80 -42.04 11.77
CA LEU F 77 -2.18 -42.27 10.48
C LEU F 77 -1.74 -43.71 10.33
N THR F 78 -2.08 -44.33 9.19
CA THR F 78 -1.71 -45.71 8.95
C THR F 78 -0.19 -45.86 8.82
N ALA F 79 0.46 -44.93 8.13
CA ALA F 79 1.90 -45.01 7.96
C ALA F 79 2.62 -44.96 9.30
N ASP F 80 2.29 -43.98 10.13
CA ASP F 80 2.91 -43.87 11.45
C ASP F 80 2.54 -45.05 12.34
N ALA F 81 1.29 -45.52 12.26
CA ALA F 81 0.88 -46.67 13.05
C ALA F 81 1.71 -47.90 12.69
N ARG F 82 1.90 -48.14 11.40
CA ARG F 82 2.66 -49.31 10.97
C ARG F 82 4.14 -49.16 11.29
N LEU F 83 4.67 -47.94 11.19
CA LEU F 83 6.06 -47.72 11.58
C LEU F 83 6.26 -48.01 13.07
N LEU F 84 5.35 -47.51 13.91
CA LEU F 84 5.47 -47.75 15.34
C LEU F 84 5.28 -49.23 15.68
N CYS F 85 4.34 -49.89 14.99
CA CYS F 85 4.15 -51.32 15.22
C CYS F 85 5.39 -52.11 14.82
N ASN F 86 6.01 -51.76 13.70
CA ASN F 86 7.25 -52.42 13.29
C ASN F 86 8.35 -52.19 14.31
N PHE F 87 8.46 -50.96 14.83
CA PHE F 87 9.48 -50.68 15.83
C PHE F 87 9.26 -51.49 17.09
N MET F 88 8.01 -51.60 17.55
CA MET F 88 7.74 -52.36 18.76
C MET F 88 7.94 -53.85 18.54
N ARG F 89 7.57 -54.36 17.36
CA ARG F 89 7.83 -55.75 17.05
C ARG F 89 9.33 -56.03 17.06
N GLN F 90 10.13 -55.13 16.48
CA GLN F 90 11.58 -55.30 16.50
C GLN F 90 12.13 -55.25 17.91
N GLU F 91 11.62 -54.33 18.74
CA GLU F 91 12.12 -54.22 20.11
C GLU F 91 11.77 -55.45 20.93
N CYS F 92 10.54 -55.96 20.77
CA CYS F 92 10.15 -57.19 21.46
C CYS F 92 10.99 -58.37 21.00
N LEU F 93 11.26 -58.46 19.69
CA LEU F 93 12.11 -59.52 19.19
C LEU F 93 13.52 -59.41 19.76
N ASP F 94 14.05 -58.20 19.85
CA ASP F 94 15.38 -58.00 20.43
C ASP F 94 15.41 -58.41 21.89
N SER F 95 14.38 -58.04 22.65
CA SER F 95 14.33 -58.44 24.06
C SER F 95 14.24 -59.95 24.21
N ARG F 96 13.42 -60.59 23.36
CA ARG F 96 13.34 -62.05 23.41
C ARG F 96 14.67 -62.69 23.04
N PHE F 97 15.39 -62.12 22.07
CA PHE F 97 16.65 -62.71 21.63
C PHE F 97 17.73 -62.54 22.68
N VAL F 98 17.80 -61.38 23.32
CA VAL F 98 18.91 -61.10 24.24
C VAL F 98 18.63 -61.60 25.65
N PHE F 99 17.45 -61.32 26.20
CA PHE F 99 17.13 -61.67 27.58
C PHE F 99 16.34 -62.97 27.71
N ASP F 100 15.81 -63.51 26.61
CA ASP F 100 14.98 -64.70 26.60
C ASP F 100 13.75 -64.56 27.49
N ARG F 101 13.31 -63.33 27.74
CA ARG F 101 12.13 -63.05 28.51
C ARG F 101 11.25 -62.06 27.76
N PRO F 102 9.93 -62.12 27.95
CA PRO F 102 9.05 -61.14 27.29
C PRO F 102 9.36 -59.74 27.77
N LEU F 103 9.36 -58.79 26.84
CA LEU F 103 9.64 -57.42 27.19
C LEU F 103 8.48 -56.86 28.01
N PRO F 104 8.74 -56.33 29.21
CA PRO F 104 7.65 -55.75 30.00
C PRO F 104 6.99 -54.60 29.26
N VAL F 105 5.67 -54.48 29.44
CA VAL F 105 4.89 -53.49 28.71
C VAL F 105 5.37 -52.09 29.02
N SER F 106 5.71 -51.82 30.30
CA SER F 106 6.12 -50.49 30.70
C SER F 106 7.40 -50.07 29.97
N ARG F 107 8.37 -50.98 29.86
CA ARG F 107 9.62 -50.64 29.20
C ARG F 107 9.41 -50.38 27.70
N LEU F 108 8.57 -51.19 27.06
CA LEU F 108 8.27 -50.95 25.64
C LEU F 108 7.57 -49.62 25.43
N VAL F 109 6.63 -49.29 26.32
CA VAL F 109 5.91 -48.03 26.20
C VAL F 109 6.85 -46.85 26.43
N SER F 110 7.78 -47.00 27.37
CA SER F 110 8.79 -45.97 27.58
C SER F 110 9.68 -45.79 26.35
N LEU F 111 10.04 -46.91 25.71
CA LEU F 111 10.83 -46.84 24.48
C LEU F 111 10.05 -46.11 23.39
N ILE F 112 8.76 -46.38 23.28
CA ILE F 112 7.93 -45.66 22.30
C ILE F 112 7.89 -44.18 22.61
N GLY F 113 7.72 -43.82 23.89
CA GLY F 113 7.75 -42.41 24.25
C GLY F 113 9.05 -41.74 23.86
N SER F 114 10.17 -42.41 24.15
CA SER F 114 11.48 -41.85 23.82
C SER F 114 11.65 -41.70 22.31
N LYS F 115 11.24 -42.71 21.54
CA LYS F 115 11.36 -42.62 20.09
C LYS F 115 10.47 -41.52 19.52
N THR F 116 9.24 -41.42 20.01
CA THR F 116 8.30 -40.44 19.47
C THR F 116 8.69 -39.03 19.87
N GLN F 117 9.42 -38.86 20.99
CA GLN F 117 9.78 -37.52 21.44
C GLN F 117 10.69 -36.83 20.43
N ILE F 118 11.58 -37.57 19.77
CA ILE F 118 12.57 -36.94 18.87
C ILE F 118 11.91 -36.18 17.73
N PRO F 119 10.92 -36.72 17.01
CA PRO F 119 10.25 -35.90 15.99
C PRO F 119 9.54 -34.67 16.54
N THR F 120 9.23 -34.65 17.83
CA THR F 120 8.59 -33.50 18.47
C THR F 120 9.58 -32.46 18.96
N GLN F 121 10.88 -32.66 18.72
CA GLN F 121 11.90 -31.73 19.19
C GLN F 121 12.83 -31.24 18.11
N ARG F 122 13.12 -32.03 17.08
CA ARG F 122 14.06 -31.63 16.04
C ARG F 122 13.37 -31.65 14.69
N TYR F 123 13.77 -30.72 13.81
CA TYR F 123 13.19 -30.65 12.48
C TYR F 123 13.73 -31.78 11.61
N GLY F 124 12.90 -32.25 10.69
CA GLY F 124 13.29 -33.29 9.77
C GLY F 124 12.19 -34.31 9.54
N ARG F 125 11.30 -34.46 10.50
CA ARG F 125 10.17 -35.37 10.38
C ARG F 125 9.05 -34.90 11.28
N ARG F 126 7.82 -35.14 10.84
CA ARG F 126 6.65 -34.77 11.61
C ARG F 126 6.48 -35.70 12.81
N PRO F 127 5.74 -35.28 13.82
CA PRO F 127 5.46 -36.17 14.95
C PRO F 127 4.67 -37.39 14.51
N TYR F 128 4.80 -38.47 15.26
CA TYR F 128 4.15 -39.74 14.94
C TYR F 128 2.66 -39.60 15.21
N GLY F 129 1.91 -39.19 14.19
CA GLY F 129 0.50 -38.88 14.37
C GLY F 129 -0.41 -40.08 14.49
N VAL F 130 -0.17 -40.94 15.48
CA VAL F 130 -1.00 -42.11 15.72
C VAL F 130 -1.11 -42.32 17.23
N GLY F 131 -2.31 -42.61 17.72
CA GLY F 131 -2.51 -42.97 19.10
C GLY F 131 -2.60 -44.47 19.25
N LEU F 132 -1.80 -45.02 20.16
CA LEU F 132 -1.72 -46.45 20.36
C LEU F 132 -2.37 -46.83 21.69
N LEU F 133 -3.17 -47.88 21.67
CA LEU F 133 -3.74 -48.47 22.88
C LEU F 133 -3.03 -49.81 23.10
N ILE F 134 -1.91 -49.75 23.82
CA ILE F 134 -1.09 -50.93 24.04
C ILE F 134 -1.67 -51.75 25.19
N ALA F 135 -1.89 -53.04 24.95
CA ALA F 135 -2.38 -53.96 25.96
C ALA F 135 -1.45 -55.17 26.03
N GLY F 136 -1.21 -55.67 27.24
CA GLY F 136 -0.36 -56.83 27.39
C GLY F 136 -0.29 -57.33 28.80
N TYR F 137 0.40 -58.45 28.96
CA TYR F 137 0.60 -59.10 30.25
C TYR F 137 2.08 -59.18 30.56
N ASP F 138 2.43 -59.00 31.84
CA ASP F 138 3.80 -59.20 32.31
C ASP F 138 3.72 -59.63 33.77
N ASP F 139 4.86 -59.55 34.46
CA ASP F 139 4.91 -59.97 35.85
C ASP F 139 4.09 -59.07 36.76
N MET F 140 3.80 -57.84 36.34
CA MET F 140 3.05 -56.90 37.16
C MET F 140 1.57 -56.86 36.80
N GLY F 141 1.09 -57.81 36.01
CA GLY F 141 -0.31 -57.88 35.69
C GLY F 141 -0.62 -57.28 34.33
N PRO F 142 -1.90 -57.22 33.98
CA PRO F 142 -2.29 -56.64 32.69
C PRO F 142 -2.04 -55.15 32.67
N HIS F 143 -1.81 -54.63 31.47
CA HIS F 143 -1.51 -53.20 31.30
C HIS F 143 -2.27 -52.68 30.09
N ILE F 144 -2.80 -51.46 30.21
CA ILE F 144 -3.46 -50.76 29.12
C ILE F 144 -2.80 -49.39 29.04
N PHE F 145 -1.96 -49.20 28.03
CA PHE F 145 -1.25 -47.94 27.83
C PHE F 145 -1.81 -47.21 26.60
N GLN F 146 -1.91 -45.90 26.73
CA GLN F 146 -2.31 -45.04 25.63
C GLN F 146 -1.15 -44.10 25.31
N THR F 147 -0.67 -44.16 24.08
CA THR F 147 0.48 -43.37 23.64
C THR F 147 0.00 -42.32 22.63
N CYS F 148 -0.22 -41.11 23.13
CA CYS F 148 -0.60 -40.02 22.25
C CYS F 148 0.61 -39.52 21.45
N PRO F 149 0.37 -38.91 20.30
CA PRO F 149 1.49 -38.45 19.46
C PRO F 149 2.35 -37.38 20.10
N SER F 150 1.91 -36.77 21.19
CA SER F 150 2.76 -35.81 21.91
C SER F 150 3.89 -36.48 22.66
N ALA F 151 4.12 -37.77 22.43
CA ALA F 151 5.16 -38.60 23.05
C ALA F 151 4.91 -38.78 24.54
N ASN F 152 3.76 -38.36 25.05
CA ASN F 152 3.40 -38.56 26.45
C ASN F 152 2.40 -39.70 26.53
N TYR F 153 2.76 -40.76 27.25
CA TYR F 153 1.92 -41.94 27.35
C TYR F 153 1.29 -42.01 28.73
N PHE F 154 0.11 -42.63 28.81
CA PHE F 154 -0.65 -42.72 30.05
C PHE F 154 -0.96 -44.18 30.32
N ASP F 155 -0.76 -44.60 31.57
CA ASP F 155 -1.18 -45.92 32.01
C ASP F 155 -2.63 -45.81 32.49
N CYS F 156 -3.54 -46.46 31.77
CA CYS F 156 -4.97 -46.29 31.99
C CYS F 156 -5.61 -47.61 32.35
N ARG F 157 -6.63 -47.56 33.21
CA ARG F 157 -7.44 -48.75 33.47
C ARG F 157 -8.28 -49.10 32.26
N ALA F 158 -8.91 -48.10 31.64
CA ALA F 158 -9.79 -48.31 30.49
C ALA F 158 -9.81 -47.02 29.68
N MET F 159 -9.02 -46.98 28.61
CA MET F 159 -8.93 -45.80 27.77
C MET F 159 -9.64 -46.03 26.44
N SER F 160 -10.07 -44.92 25.83
CA SER F 160 -10.69 -44.96 24.52
C SER F 160 -10.23 -43.75 23.72
N ILE F 161 -9.70 -43.99 22.52
CA ILE F 161 -9.22 -42.90 21.66
C ILE F 161 -9.91 -43.01 20.31
N GLY F 162 -9.67 -42.01 19.45
CA GLY F 162 -10.27 -41.98 18.14
C GLY F 162 -11.49 -41.08 18.06
N ALA F 163 -12.13 -41.09 16.89
CA ALA F 163 -13.31 -40.27 16.69
C ALA F 163 -14.47 -40.77 17.54
N ARG F 164 -15.24 -39.83 18.09
CA ARG F 164 -16.41 -40.13 18.91
C ARG F 164 -16.07 -41.03 20.10
N SER F 165 -14.87 -40.86 20.65
CA SER F 165 -14.43 -41.71 21.76
C SER F 165 -14.84 -41.18 23.12
N GLN F 166 -15.39 -39.97 23.20
CA GLN F 166 -15.78 -39.42 24.49
C GLN F 166 -16.90 -40.22 25.12
N SER F 167 -17.84 -40.72 24.31
CA SER F 167 -18.91 -41.55 24.87
C SER F 167 -18.35 -42.82 25.47
N ALA F 168 -17.40 -43.45 24.78
CA ALA F 168 -16.77 -44.65 25.33
C ALA F 168 -16.00 -44.33 26.60
N ARG F 169 -15.30 -43.20 26.63
CA ARG F 169 -14.57 -42.82 27.83
C ARG F 169 -15.54 -42.59 28.99
N THR F 170 -16.67 -41.95 28.73
CA THR F 170 -17.68 -41.75 29.77
C THR F 170 -18.21 -43.07 30.28
N TYR F 171 -18.49 -44.02 29.38
CA TYR F 171 -18.99 -45.32 29.81
C TYR F 171 -17.95 -46.04 30.66
N LEU F 172 -16.69 -46.01 30.24
CA LEU F 172 -15.64 -46.68 31.03
C LEU F 172 -15.47 -46.00 32.38
N GLU F 173 -15.60 -44.68 32.42
CA GLU F 173 -15.55 -43.95 33.69
C GLU F 173 -16.67 -44.40 34.61
N ARG F 174 -17.88 -44.57 34.07
CA ARG F 174 -19.01 -44.98 34.89
C ARG F 174 -18.82 -46.38 35.46
N HIS F 175 -18.32 -47.31 34.64
CA HIS F 175 -18.18 -48.71 35.04
C HIS F 175 -16.75 -49.08 35.37
N MET F 176 -15.99 -48.13 35.94
CA MET F 176 -14.60 -48.39 36.31
C MET F 176 -14.49 -49.48 37.37
N SER F 177 -15.35 -49.44 38.38
CA SER F 177 -15.19 -50.32 39.54
C SER F 177 -15.34 -51.78 39.15
N GLU F 178 -16.29 -52.09 38.27
CA GLU F 178 -16.58 -53.48 37.96
C GLU F 178 -15.50 -54.13 37.12
N PHE F 179 -14.63 -53.35 36.49
CA PHE F 179 -13.67 -53.91 35.53
C PHE F 179 -12.68 -54.85 36.20
N MET F 180 -12.19 -54.47 37.38
CA MET F 180 -11.14 -55.25 38.04
C MET F 180 -11.63 -56.66 38.38
N GLU F 181 -12.81 -56.77 38.97
CA GLU F 181 -13.36 -58.06 39.37
C GLU F 181 -14.36 -58.56 38.32
N CYS F 182 -13.83 -58.81 37.13
CA CYS F 182 -14.63 -59.32 36.02
C CYS F 182 -13.84 -60.39 35.29
N ASN F 183 -14.57 -61.37 34.76
CA ASN F 183 -13.94 -62.43 33.97
C ASN F 183 -13.70 -61.93 32.55
N LEU F 184 -13.31 -62.85 31.67
CA LEU F 184 -13.03 -62.47 30.29
C LEU F 184 -14.30 -62.02 29.57
N ASN F 185 -15.37 -62.80 29.69
CA ASN F 185 -16.59 -62.50 28.95
C ASN F 185 -17.18 -61.15 29.36
N GLU F 186 -17.24 -60.89 30.67
CA GLU F 186 -17.78 -59.61 31.13
C GLU F 186 -16.90 -58.45 30.72
N LEU F 187 -15.58 -58.63 30.76
CA LEU F 187 -14.67 -57.57 30.32
C LEU F 187 -14.89 -57.25 28.85
N VAL F 188 -15.00 -58.29 28.01
CA VAL F 188 -15.21 -58.07 26.59
C VAL F 188 -16.56 -57.42 26.34
N LYS F 189 -17.58 -57.83 27.10
CA LYS F 189 -18.89 -57.22 26.94
C LYS F 189 -18.87 -55.74 27.33
N HIS F 190 -18.16 -55.40 28.40
CA HIS F 190 -18.03 -54.00 28.79
C HIS F 190 -17.31 -53.20 27.71
N GLY F 191 -16.25 -53.76 27.14
CA GLY F 191 -15.56 -53.07 26.06
C GLY F 191 -16.43 -52.88 24.84
N LEU F 192 -17.22 -53.91 24.49
CA LEU F 192 -18.13 -53.80 23.37
C LEU F 192 -19.20 -52.74 23.63
N ARG F 193 -19.70 -52.67 24.87
CA ARG F 193 -20.69 -51.65 25.20
C ARG F 193 -20.09 -50.25 25.10
N ALA F 194 -18.85 -50.09 25.57
CA ALA F 194 -18.17 -48.80 25.45
C ALA F 194 -17.99 -48.42 23.98
N LEU F 195 -17.59 -49.36 23.14
CA LEU F 195 -17.47 -49.10 21.71
C LEU F 195 -18.81 -48.74 21.10
N ARG F 196 -19.86 -49.47 21.48
CA ARG F 196 -21.19 -49.22 20.93
C ARG F 196 -21.72 -47.87 21.33
N GLU F 197 -21.27 -47.33 22.47
CA GLU F 197 -21.65 -45.97 22.85
C GLU F 197 -21.11 -44.94 21.86
N THR F 198 -20.05 -45.29 21.14
CA THR F 198 -19.48 -44.35 20.17
C THR F 198 -20.30 -44.26 18.90
N LEU F 199 -20.99 -45.33 18.53
CA LEU F 199 -21.68 -45.38 17.26
C LEU F 199 -22.87 -44.42 17.25
N PRO F 200 -23.26 -43.92 16.07
CA PRO F 200 -24.53 -43.19 15.98
C PRO F 200 -25.72 -44.10 16.23
N ALA F 201 -26.92 -43.53 16.30
CA ALA F 201 -28.10 -44.33 16.59
C ALA F 201 -28.35 -45.38 15.50
N GLU F 202 -28.16 -44.99 14.23
CA GLU F 202 -28.47 -45.90 13.13
C GLU F 202 -27.52 -47.10 13.12
N GLN F 203 -26.24 -46.87 13.34
CA GLN F 203 -25.26 -47.95 13.25
C GLN F 203 -25.35 -48.87 14.45
N ASP F 204 -24.89 -50.11 14.26
CA ASP F 204 -24.92 -51.12 15.31
C ASP F 204 -23.62 -51.91 15.28
N LEU F 205 -23.35 -52.59 16.39
CA LEU F 205 -22.15 -53.41 16.52
C LEU F 205 -22.32 -54.72 15.78
N THR F 206 -21.87 -54.77 14.53
CA THR F 206 -21.97 -56.00 13.74
C THR F 206 -20.63 -56.73 13.74
N THR F 207 -20.69 -57.99 13.32
CA THR F 207 -19.50 -58.84 13.31
C THR F 207 -18.48 -58.43 12.25
N LYS F 208 -18.85 -57.57 11.32
CA LYS F 208 -17.97 -57.20 10.22
C LYS F 208 -17.15 -55.95 10.50
N ASN F 209 -17.44 -55.21 11.56
CA ASN F 209 -16.73 -53.96 11.82
C ASN F 209 -16.17 -53.91 13.23
N VAL F 210 -16.04 -55.06 13.89
CA VAL F 210 -15.55 -55.12 15.26
C VAL F 210 -14.40 -56.12 15.32
N SER F 211 -13.30 -55.71 15.92
CA SER F 211 -12.15 -56.58 16.15
C SER F 211 -11.83 -56.56 17.64
N ILE F 212 -11.51 -57.73 18.19
CA ILE F 212 -11.26 -57.89 19.61
C ILE F 212 -9.88 -58.51 19.80
N GLY F 213 -9.08 -57.91 20.67
CA GLY F 213 -7.77 -58.45 21.01
C GLY F 213 -7.64 -58.66 22.51
N ILE F 214 -7.24 -59.86 22.92
CA ILE F 214 -7.21 -60.23 24.33
C ILE F 214 -5.83 -60.79 24.67
N VAL F 215 -5.28 -60.34 25.80
CA VAL F 215 -4.09 -60.93 26.40
C VAL F 215 -4.45 -61.30 27.83
N GLY F 216 -4.26 -62.58 28.18
CA GLY F 216 -4.69 -63.06 29.48
C GLY F 216 -3.59 -63.64 30.34
N LYS F 217 -3.98 -64.26 31.46
CA LYS F 217 -3.00 -64.87 32.36
C LYS F 217 -2.28 -66.02 31.66
N ASP F 218 -3.03 -66.95 31.07
CA ASP F 218 -2.45 -68.04 30.31
C ASP F 218 -2.82 -67.97 28.84
N LEU F 219 -3.38 -66.85 28.40
CA LEU F 219 -3.83 -66.67 27.02
C LEU F 219 -2.94 -65.64 26.35
N GLU F 220 -2.30 -66.02 25.25
CA GLU F 220 -1.49 -65.10 24.47
C GLU F 220 -2.40 -64.14 23.70
N PHE F 221 -1.77 -63.16 23.05
CA PHE F 221 -2.53 -62.21 22.25
C PHE F 221 -3.26 -62.94 21.12
N THR F 222 -4.57 -62.70 21.02
CA THR F 222 -5.38 -63.27 19.96
C THR F 222 -6.30 -62.19 19.43
N ILE F 223 -6.30 -62.00 18.11
CA ILE F 223 -7.13 -61.00 17.46
C ILE F 223 -8.33 -61.71 16.86
N TYR F 224 -9.52 -61.34 17.32
CA TYR F 224 -10.75 -61.97 16.85
C TYR F 224 -11.41 -61.05 15.83
N ASP F 225 -11.52 -61.52 14.60
CA ASP F 225 -12.18 -60.78 13.53
C ASP F 225 -13.28 -61.64 12.92
N ASP F 226 -14.31 -60.96 12.42
CA ASP F 226 -15.41 -61.61 11.70
C ASP F 226 -16.16 -62.60 12.58
N ASP F 227 -16.17 -63.87 12.19
CA ASP F 227 -16.97 -64.86 12.91
C ASP F 227 -16.45 -65.12 14.31
N ASP F 228 -15.15 -64.91 14.54
CA ASP F 228 -14.60 -65.11 15.89
C ASP F 228 -15.18 -64.10 16.87
N VAL F 229 -15.67 -62.96 16.39
CA VAL F 229 -16.28 -61.96 17.25
C VAL F 229 -17.65 -62.41 17.73
N SER F 230 -18.33 -63.28 16.97
CA SER F 230 -19.70 -63.66 17.29
C SER F 230 -19.89 -64.19 18.70
N PRO F 231 -19.04 -65.09 19.23
CA PRO F 231 -19.26 -65.53 20.62
C PRO F 231 -19.30 -64.38 21.61
N PHE F 232 -18.48 -63.34 21.42
CA PHE F 232 -18.55 -62.19 22.30
C PHE F 232 -19.73 -61.29 21.96
N LEU F 233 -20.06 -61.17 20.66
CA LEU F 233 -21.09 -60.23 20.24
C LEU F 233 -22.47 -60.68 20.69
N GLU F 234 -22.78 -61.97 20.55
CA GLU F 234 -24.05 -62.47 21.05
C GLU F 234 -24.12 -62.37 22.57
N GLY F 235 -25.32 -62.10 23.09
CA GLY F 235 -25.52 -61.87 24.49
C GLY F 235 -25.49 -60.41 24.90
N LEU F 236 -25.06 -59.51 24.02
CA LEU F 236 -25.05 -58.09 24.34
C LEU F 236 -26.48 -57.55 24.43
N GLU F 237 -26.74 -56.76 25.46
CA GLU F 237 -28.05 -56.13 25.60
C GLU F 237 -28.25 -55.10 24.50
N GLU F 238 -29.45 -55.07 23.92
CA GLU F 238 -29.75 -54.12 22.87
C GLU F 238 -29.72 -52.69 23.42
N ARG F 239 -29.22 -51.76 22.62
CA ARG F 239 -29.12 -50.38 23.05
C ARG F 239 -30.51 -49.80 23.24
N PRO F 240 -30.75 -49.04 24.32
CA PRO F 240 -32.06 -48.43 24.60
C PRO F 240 -32.44 -47.37 23.57
N THR G 6 8.27 -10.50 17.39
CA THR G 6 7.86 -10.84 16.04
C THR G 6 9.02 -10.68 15.07
N GLY G 7 9.27 -11.71 14.28
CA GLY G 7 10.37 -11.72 13.33
C GLY G 7 11.65 -12.33 13.83
N TYR G 8 11.99 -12.04 15.09
CA TYR G 8 13.21 -12.57 15.70
C TYR G 8 12.96 -13.73 16.64
N ASP G 9 11.70 -14.15 16.79
CA ASP G 9 11.33 -15.20 17.74
C ASP G 9 10.97 -16.52 17.05
N LEU G 10 11.18 -16.62 15.75
CA LEU G 10 10.81 -17.83 15.02
C LEU G 10 11.84 -18.95 15.15
N SER G 11 13.08 -18.62 15.51
CA SER G 11 14.13 -19.62 15.62
C SER G 11 14.91 -19.40 16.91
N ALA G 12 15.52 -20.48 17.40
CA ALA G 12 16.27 -20.42 18.64
C ALA G 12 17.69 -19.88 18.44
N SER G 13 18.13 -19.69 17.20
CA SER G 13 19.48 -19.22 16.93
C SER G 13 19.55 -17.74 16.58
N THR G 14 18.41 -17.04 16.56
CA THR G 14 18.37 -15.64 16.16
C THR G 14 18.28 -14.78 17.41
N PHE G 15 19.22 -13.84 17.54
CA PHE G 15 19.19 -12.89 18.65
C PHE G 15 18.21 -11.77 18.35
N SER G 16 17.48 -11.34 19.38
CA SER G 16 16.61 -10.19 19.25
C SER G 16 17.45 -8.92 19.14
N PRO G 17 16.88 -7.85 18.55
CA PRO G 17 17.64 -6.59 18.49
C PRO G 17 18.08 -6.07 19.83
N ASP G 18 17.28 -6.28 20.88
CA ASP G 18 17.70 -5.97 22.24
C ASP G 18 18.57 -7.05 22.84
N GLY G 19 18.77 -8.16 22.14
CA GLY G 19 19.71 -9.19 22.57
C GLY G 19 19.14 -10.22 23.53
N ARG G 20 18.09 -10.91 23.13
CA ARG G 20 17.57 -12.00 23.95
C ARG G 20 17.00 -13.08 23.05
N VAL G 21 17.39 -14.33 23.30
CA VAL G 21 16.89 -15.48 22.56
C VAL G 21 15.45 -15.69 23.00
N PHE G 22 14.50 -15.36 22.12
CA PHE G 22 13.09 -15.38 22.51
C PHE G 22 12.58 -16.79 22.70
N GLN G 23 13.09 -17.74 21.91
CA GLN G 23 12.62 -19.12 22.02
C GLN G 23 12.85 -19.70 23.41
N VAL G 24 13.96 -19.34 24.05
CA VAL G 24 14.22 -19.81 25.40
C VAL G 24 13.18 -19.24 26.37
N GLU G 25 12.82 -17.96 26.20
CA GLU G 25 11.79 -17.37 27.06
C GLU G 25 10.44 -18.03 26.83
N TYR G 26 10.13 -18.36 25.56
CA TYR G 26 8.89 -19.04 25.24
C TYR G 26 8.85 -20.42 25.90
N ALA G 27 9.97 -21.15 25.85
CA ALA G 27 10.05 -22.44 26.53
C ALA G 27 9.90 -22.28 28.04
N MET G 28 10.45 -21.19 28.59
CA MET G 28 10.22 -20.89 30.00
C MET G 28 8.74 -20.72 30.27
N LYS G 29 8.05 -19.98 29.42
CA LYS G 29 6.62 -19.77 29.59
C LYS G 29 5.86 -21.09 29.49
N ALA G 30 6.39 -22.04 28.72
CA ALA G 30 5.81 -23.38 28.70
C ALA G 30 5.94 -24.04 30.06
N VAL G 31 7.10 -23.89 30.72
CA VAL G 31 7.29 -24.46 32.04
C VAL G 31 6.36 -23.80 33.05
N GLU G 32 6.22 -22.48 33.00
CA GLU G 32 5.35 -21.77 33.92
C GLU G 32 3.90 -22.23 33.80
N ASN G 33 3.51 -22.79 32.66
CA ASN G 33 2.15 -23.26 32.45
C ASN G 33 1.87 -24.59 33.12
N SER G 34 2.89 -25.25 33.67
CA SER G 34 2.75 -26.57 34.27
C SER G 34 2.52 -26.44 35.77
N SER G 35 2.34 -27.59 36.42
CA SER G 35 2.01 -27.61 37.83
C SER G 35 3.25 -27.43 38.70
N THR G 36 3.01 -27.10 39.96
CA THR G 36 4.09 -26.78 40.89
C THR G 36 4.81 -28.05 41.34
N ALA G 37 6.14 -27.99 41.29
CA ALA G 37 6.99 -29.04 41.82
C ALA G 37 8.04 -28.37 42.71
N ILE G 38 8.16 -28.82 43.95
CA ILE G 38 9.05 -28.20 44.92
C ILE G 38 10.07 -29.23 45.41
N GLY G 39 11.24 -28.74 45.77
CA GLY G 39 12.24 -29.55 46.43
C GLY G 39 12.89 -28.77 47.55
N ILE G 40 12.94 -29.35 48.75
CA ILE G 40 13.49 -28.68 49.92
C ILE G 40 14.67 -29.49 50.43
N ARG G 41 15.79 -28.82 50.67
CA ARG G 41 16.99 -29.46 51.19
C ARG G 41 16.94 -29.46 52.71
N CYS G 42 17.03 -30.64 53.31
CA CYS G 42 17.04 -30.75 54.76
C CYS G 42 18.37 -30.24 55.31
N LYS G 43 18.54 -30.37 56.63
CA LYS G 43 19.88 -30.31 57.19
C LYS G 43 20.68 -31.54 56.81
N ASP G 44 19.99 -32.62 56.44
CA ASP G 44 20.63 -33.91 56.20
C ASP G 44 19.99 -34.62 55.02
N GLY G 45 19.62 -33.88 53.98
CA GLY G 45 19.07 -34.51 52.80
C GLY G 45 18.24 -33.54 51.98
N VAL G 46 17.59 -34.11 50.96
CA VAL G 46 16.76 -33.36 50.03
C VAL G 46 15.46 -34.12 49.83
N VAL G 47 14.34 -33.40 49.90
CA VAL G 47 13.00 -33.99 49.79
C VAL G 47 12.30 -33.39 48.58
N PHE G 48 11.75 -34.24 47.73
CA PHE G 48 11.03 -33.82 46.53
C PHE G 48 9.54 -34.06 46.68
N GLY G 49 8.74 -33.08 46.27
CA GLY G 49 7.31 -33.23 46.23
C GLY G 49 6.72 -32.46 45.06
N VAL G 50 5.95 -33.14 44.21
CA VAL G 50 5.36 -32.53 43.03
C VAL G 50 3.85 -32.70 43.11
N GLU G 51 3.12 -31.74 42.54
CA GLU G 51 1.67 -31.82 42.46
C GLU G 51 1.29 -32.41 41.11
N LYS G 52 0.97 -33.71 41.08
CA LYS G 52 0.67 -34.42 39.85
C LYS G 52 -0.85 -34.45 39.69
N LEU G 53 -1.35 -33.60 38.79
CA LEU G 53 -2.78 -33.60 38.49
C LEU G 53 -3.16 -34.87 37.73
N VAL G 54 -4.31 -35.43 38.07
CA VAL G 54 -4.89 -36.55 37.32
C VAL G 54 -5.85 -35.94 36.30
N LEU G 55 -5.43 -35.92 35.04
CA LEU G 55 -6.22 -35.28 34.00
C LEU G 55 -7.55 -35.98 33.80
N SER G 56 -7.56 -37.31 33.78
CA SER G 56 -8.81 -38.06 33.66
C SER G 56 -8.78 -39.18 34.69
N LYS G 57 -9.95 -39.50 35.21
CA LYS G 57 -10.06 -40.50 36.26
C LYS G 57 -9.63 -41.88 35.80
N LEU G 58 -9.55 -42.12 34.50
CA LEU G 58 -9.19 -43.44 33.97
C LEU G 58 -7.73 -43.80 34.18
N TYR G 59 -6.92 -42.87 34.66
CA TYR G 59 -5.50 -43.14 34.85
C TYR G 59 -5.29 -44.08 36.04
N GLU G 60 -4.04 -44.48 36.24
CA GLU G 60 -3.70 -45.60 37.11
C GLU G 60 -2.90 -45.20 38.34
N GLU G 61 -3.28 -44.09 39.00
CA GLU G 61 -2.72 -43.65 40.29
C GLU G 61 -1.20 -43.83 40.34
N GLY G 62 -0.54 -43.15 39.41
CA GLY G 62 0.89 -43.28 39.29
C GLY G 62 1.39 -43.20 37.87
N SER G 63 0.46 -43.14 36.92
CA SER G 63 0.83 -42.95 35.53
C SER G 63 1.53 -41.61 35.33
N ASN G 64 2.40 -41.56 34.34
CA ASN G 64 3.20 -40.40 33.96
C ASN G 64 3.68 -39.60 35.17
N LYS G 65 4.29 -40.27 36.13
CA LYS G 65 4.80 -39.60 37.32
C LYS G 65 5.95 -38.68 36.95
N ARG G 66 6.03 -37.54 37.65
CA ARG G 66 7.07 -36.56 37.39
C ARG G 66 8.32 -36.78 38.23
N LEU G 67 8.33 -37.76 39.13
CA LEU G 67 9.49 -38.05 39.95
C LEU G 67 10.30 -39.16 39.29
N PHE G 68 11.52 -38.82 38.88
CA PHE G 68 12.38 -39.75 38.14
C PHE G 68 13.65 -40.00 38.93
N ASN G 69 14.12 -41.25 38.92
CA ASN G 69 15.36 -41.64 39.57
C ASN G 69 16.48 -41.59 38.55
N VAL G 70 17.28 -40.53 38.58
CA VAL G 70 18.43 -40.41 37.68
C VAL G 70 19.43 -41.51 37.98
N ASP G 71 19.72 -41.74 39.26
CA ASP G 71 20.67 -42.74 39.67
C ASP G 71 20.21 -43.31 41.01
N ARG G 72 21.09 -44.06 41.67
CA ARG G 72 20.75 -44.60 42.98
C ARG G 72 20.56 -43.49 43.99
N HIS G 73 21.31 -42.41 43.87
CA HIS G 73 21.29 -41.31 44.83
C HIS G 73 20.67 -40.03 44.27
N VAL G 74 20.49 -39.93 42.96
CA VAL G 74 20.00 -38.71 42.33
C VAL G 74 18.54 -38.90 41.97
N GLY G 75 17.73 -37.89 42.28
CA GLY G 75 16.31 -37.89 41.92
C GLY G 75 15.98 -36.61 41.17
N MET G 76 15.01 -36.69 40.27
CA MET G 76 14.59 -35.57 39.45
C MET G 76 13.10 -35.34 39.60
N ALA G 77 12.69 -34.08 39.66
CA ALA G 77 11.34 -33.66 40.02
C ALA G 77 10.77 -32.74 38.95
N VAL G 78 10.80 -33.20 37.70
CA VAL G 78 10.46 -32.43 36.51
C VAL G 78 9.14 -31.69 36.64
N ALA G 79 9.05 -30.54 35.97
CA ALA G 79 7.80 -29.79 35.82
C ALA G 79 7.81 -29.13 34.45
N GLY G 80 6.81 -29.43 33.63
CA GLY G 80 6.74 -28.88 32.30
C GLY G 80 6.25 -29.87 31.26
N LEU G 81 6.79 -29.79 30.05
CA LEU G 81 6.43 -30.73 28.99
C LEU G 81 6.94 -32.11 29.36
N LEU G 82 6.02 -33.06 29.53
CA LEU G 82 6.39 -34.35 30.12
C LEU G 82 7.24 -35.18 29.18
N ALA G 83 7.03 -35.09 27.88
CA ALA G 83 7.87 -35.83 26.94
C ALA G 83 9.31 -35.33 26.99
N ASP G 84 9.50 -34.01 26.99
CA ASP G 84 10.83 -33.45 27.14
C ASP G 84 11.43 -33.81 28.48
N ALA G 85 10.62 -33.84 29.53
CA ALA G 85 11.10 -34.22 30.85
C ALA G 85 11.59 -35.67 30.86
N ARG G 86 10.85 -36.56 30.23
CA ARG G 86 11.26 -37.96 30.17
C ARG G 86 12.53 -38.14 29.35
N SER G 87 12.63 -37.42 28.23
CA SER G 87 13.85 -37.47 27.44
C SER G 87 15.04 -36.95 28.24
N LEU G 88 14.85 -35.87 29.00
CA LEU G 88 15.93 -35.31 29.80
C LEU G 88 16.32 -36.26 30.93
N ALA G 89 15.34 -36.97 31.49
CA ALA G 89 15.65 -38.00 32.48
C ALA G 89 16.49 -39.11 31.87
N ASP G 90 16.15 -39.51 30.64
CA ASP G 90 16.97 -40.52 29.96
C ASP G 90 18.39 -40.01 29.74
N ILE G 91 18.54 -38.74 29.33
CA ILE G 91 19.86 -38.18 29.10
C ILE G 91 20.65 -38.12 30.41
N ALA G 92 19.99 -37.74 31.50
CA ALA G 92 20.65 -37.68 32.79
C ALA G 92 21.10 -39.06 33.25
N ARG G 93 20.25 -40.07 33.04
CA ARG G 93 20.63 -41.44 33.38
C ARG G 93 21.82 -41.88 32.55
N GLU G 94 21.84 -41.55 31.25
CA GLU G 94 22.98 -41.89 30.40
C GLU G 94 24.25 -41.21 30.90
N GLU G 95 24.15 -39.94 31.28
CA GLU G 95 25.31 -39.22 31.77
C GLU G 95 25.84 -39.83 33.07
N ALA G 96 24.93 -40.17 33.99
CA ALA G 96 25.36 -40.79 35.25
C ALA G 96 26.01 -42.14 35.00
N SER G 97 25.44 -42.96 34.12
CA SER G 97 26.02 -44.25 33.81
C SER G 97 27.39 -44.10 33.17
N ASN G 98 27.54 -43.16 32.25
CA ASN G 98 28.83 -42.93 31.62
C ASN G 98 29.87 -42.46 32.62
N PHE G 99 29.47 -41.56 33.54
CA PHE G 99 30.41 -41.10 34.55
C PHE G 99 30.85 -42.25 35.45
N ARG G 100 29.89 -43.10 35.86
CA ARG G 100 30.24 -44.23 36.71
C ARG G 100 31.16 -45.20 35.98
N SER G 101 30.90 -45.45 34.69
CA SER G 101 31.71 -46.39 33.95
C SER G 101 33.12 -45.86 33.72
N ASN G 102 33.25 -44.56 33.43
CA ASN G 102 34.57 -44.01 33.10
C ASN G 102 35.37 -43.56 34.31
N PHE G 103 34.74 -43.39 35.47
CA PHE G 103 35.44 -42.90 36.65
C PHE G 103 35.33 -43.80 37.87
N GLY G 104 34.34 -44.70 37.93
CA GLY G 104 34.27 -45.70 38.98
C GLY G 104 33.50 -45.32 40.22
N TYR G 105 33.06 -44.06 40.35
CA TYR G 105 32.34 -43.63 41.52
C TYR G 105 31.10 -42.84 41.11
N ASN G 106 30.18 -42.69 42.06
CA ASN G 106 28.94 -41.98 41.81
C ASN G 106 29.21 -40.55 41.36
N ILE G 107 28.49 -40.10 40.35
CA ILE G 107 28.68 -38.77 39.78
C ILE G 107 28.25 -37.73 40.81
N PRO G 108 29.09 -36.75 41.13
CA PRO G 108 28.67 -35.68 42.04
C PRO G 108 27.50 -34.91 41.46
N LEU G 109 26.60 -34.47 42.34
CA LEU G 109 25.39 -33.80 41.88
C LEU G 109 25.72 -32.51 41.13
N LYS G 110 26.74 -31.78 41.58
CA LYS G 110 27.14 -30.56 40.87
C LYS G 110 27.57 -30.89 39.45
N HIS G 111 28.42 -31.91 39.29
CA HIS G 111 28.91 -32.26 37.96
C HIS G 111 27.78 -32.79 37.08
N LEU G 112 26.90 -33.63 37.63
CA LEU G 112 25.78 -34.15 36.85
C LEU G 112 24.85 -33.03 36.41
N ALA G 113 24.54 -32.12 37.33
CA ALA G 113 23.69 -30.99 36.99
C ALA G 113 24.34 -30.13 35.92
N ASP G 114 25.65 -29.88 36.03
CA ASP G 114 26.34 -29.09 35.02
C ASP G 114 26.28 -29.76 33.66
N ARG G 115 26.52 -31.07 33.60
CA ARG G 115 26.52 -31.76 32.32
C ARG G 115 25.14 -31.81 31.70
N VAL G 116 24.11 -32.10 32.50
CA VAL G 116 22.75 -32.14 31.96
C VAL G 116 22.31 -30.74 31.54
N ALA G 117 22.73 -29.71 32.27
CA ALA G 117 22.45 -28.34 31.86
C ALA G 117 23.12 -28.01 30.54
N MET G 118 24.38 -28.42 30.36
CA MET G 118 25.07 -28.16 29.11
C MET G 118 24.40 -28.89 27.96
N TYR G 119 23.88 -30.09 28.22
CA TYR G 119 23.06 -30.76 27.22
C TYR G 119 21.80 -29.96 26.91
N VAL G 120 21.16 -29.41 27.95
CA VAL G 120 19.97 -28.59 27.75
C VAL G 120 20.33 -27.31 27.00
N HIS G 121 21.42 -26.66 27.42
CA HIS G 121 21.83 -25.41 26.79
C HIS G 121 22.21 -25.62 25.33
N ALA G 122 22.72 -26.80 24.99
CA ALA G 122 23.08 -27.10 23.61
C ALA G 122 21.86 -27.13 22.69
N TYR G 123 20.66 -27.28 23.25
CA TYR G 123 19.45 -27.29 22.44
C TYR G 123 18.84 -25.91 22.28
N THR G 124 19.45 -24.88 22.87
CA THR G 124 19.06 -23.49 22.64
C THR G 124 20.07 -22.77 21.75
N LEU G 125 20.94 -23.53 21.08
CA LEU G 125 21.98 -22.97 20.24
C LEU G 125 21.71 -23.15 18.75
N TYR G 126 20.87 -24.09 18.37
CA TYR G 126 20.66 -24.48 16.98
C TYR G 126 19.24 -24.13 16.53
N SER G 127 19.12 -23.77 15.26
CA SER G 127 17.82 -23.51 14.68
C SER G 127 17.05 -24.79 14.40
N ALA G 128 17.76 -25.89 14.12
CA ALA G 128 17.11 -27.15 13.79
C ALA G 128 16.50 -27.85 15.00
N VAL G 129 16.79 -27.38 16.22
CA VAL G 129 16.25 -27.98 17.43
C VAL G 129 15.62 -26.87 18.26
N ARG G 130 14.67 -27.26 19.11
CA ARG G 130 14.02 -26.31 19.98
C ARG G 130 14.45 -26.50 21.42
N PRO G 131 14.42 -25.45 22.25
CA PRO G 131 14.76 -25.61 23.66
C PRO G 131 13.77 -26.53 24.36
N PHE G 132 14.27 -27.20 25.39
CA PHE G 132 13.44 -28.12 26.15
C PHE G 132 12.30 -27.37 26.83
N GLY G 133 11.12 -27.98 26.86
CA GLY G 133 9.96 -27.35 27.43
C GLY G 133 9.70 -27.73 28.87
N CYS G 134 10.72 -28.26 29.54
CA CYS G 134 10.57 -28.74 30.91
C CYS G 134 11.67 -28.16 31.79
N SER G 135 11.32 -27.86 33.03
CA SER G 135 12.29 -27.49 34.05
C SER G 135 12.30 -28.55 35.14
N PHE G 136 13.50 -28.94 35.56
CA PHE G 136 13.67 -30.04 36.49
C PHE G 136 14.71 -29.68 37.54
N MET G 137 14.57 -30.29 38.72
CA MET G 137 15.47 -30.08 39.83
C MET G 137 16.09 -31.40 40.25
N LEU G 138 17.39 -31.38 40.54
CA LEU G 138 18.15 -32.57 40.87
C LEU G 138 18.53 -32.55 42.34
N GLY G 139 18.32 -33.67 43.02
CA GLY G 139 18.63 -33.77 44.44
C GLY G 139 19.34 -35.06 44.76
N SER G 140 20.29 -34.98 45.69
CA SER G 140 21.07 -36.14 46.10
C SER G 140 21.66 -35.89 47.48
N TYR G 141 22.09 -36.97 48.12
CA TYR G 141 22.76 -36.89 49.41
C TYR G 141 23.90 -37.90 49.46
N SER G 142 25.02 -37.46 50.02
CA SER G 142 26.17 -38.33 50.30
C SER G 142 26.99 -37.68 51.39
N VAL G 143 27.49 -38.49 52.31
CA VAL G 143 28.18 -37.97 53.50
C VAL G 143 29.43 -37.21 53.10
N ASN G 144 30.04 -37.57 51.96
CA ASN G 144 31.27 -36.91 51.53
C ASN G 144 31.01 -35.45 51.19
N ASP G 145 29.87 -35.14 50.55
CA ASP G 145 29.58 -33.80 50.09
C ASP G 145 28.20 -33.31 50.53
N GLY G 146 27.57 -33.98 51.48
CA GLY G 146 26.32 -33.49 52.02
C GLY G 146 25.15 -33.58 51.03
N ALA G 147 24.12 -32.81 51.35
CA ALA G 147 22.92 -32.72 50.53
C ALA G 147 23.05 -31.57 49.54
N GLN G 148 22.68 -31.83 48.29
CA GLN G 148 22.71 -30.82 47.24
C GLN G 148 21.37 -30.83 46.51
N LEU G 149 20.97 -29.66 46.02
CA LEU G 149 19.73 -29.51 45.27
C LEU G 149 19.95 -28.47 44.18
N TYR G 150 19.95 -28.90 42.93
CA TYR G 150 20.18 -28.03 41.79
C TYR G 150 18.94 -28.01 40.90
N MET G 151 18.53 -26.81 40.49
CA MET G 151 17.40 -26.62 39.59
C MET G 151 17.94 -26.15 38.24
N ILE G 152 17.52 -26.80 37.17
CA ILE G 152 17.92 -26.45 35.81
C ILE G 152 16.66 -26.14 35.01
N ASP G 153 16.64 -24.96 34.39
CA ASP G 153 15.53 -24.48 33.59
C ASP G 153 15.86 -24.62 32.09
N PRO G 154 14.94 -24.33 31.18
CA PRO G 154 15.25 -24.51 29.75
C PRO G 154 16.44 -23.71 29.26
N SER G 155 16.83 -22.63 29.94
CA SER G 155 18.00 -21.87 29.52
C SER G 155 19.28 -22.69 29.58
N GLY G 156 19.37 -23.62 30.53
CA GLY G 156 20.60 -24.30 30.82
C GLY G 156 21.34 -23.78 32.04
N VAL G 157 20.80 -22.74 32.69
CA VAL G 157 21.41 -22.22 33.90
C VAL G 157 21.06 -23.11 35.08
N SER G 158 22.04 -23.37 35.95
CA SER G 158 21.82 -24.27 37.07
C SER G 158 22.76 -23.88 38.20
N TYR G 159 22.20 -23.36 39.29
CA TYR G 159 22.90 -23.23 40.54
C TYR G 159 22.15 -23.98 41.62
N GLY G 160 22.85 -24.28 42.71
CA GLY G 160 22.24 -24.98 43.82
C GLY G 160 21.18 -24.13 44.52
N TYR G 161 20.20 -24.82 45.11
CA TYR G 161 19.11 -24.17 45.80
C TYR G 161 18.95 -24.76 47.19
N TRP G 162 18.70 -23.90 48.17
CA TRP G 162 18.30 -24.38 49.48
C TRP G 162 16.87 -24.90 49.46
N GLY G 163 16.03 -24.32 48.60
CA GLY G 163 14.68 -24.78 48.38
C GLY G 163 14.09 -24.10 47.15
N CYS G 164 13.52 -24.87 46.23
CA CYS G 164 13.09 -24.33 44.96
C CYS G 164 11.72 -24.88 44.58
N ALA G 165 11.01 -24.13 43.74
CA ALA G 165 9.72 -24.53 43.20
C ALA G 165 9.73 -24.24 41.72
N ILE G 166 9.00 -25.06 40.95
CA ILE G 166 8.86 -24.89 39.51
C ILE G 166 7.43 -25.25 39.13
N GLY G 167 6.79 -24.38 38.36
CA GLY G 167 5.46 -24.66 37.86
C GLY G 167 4.59 -23.42 37.94
N LYS G 168 3.27 -23.65 37.94
CA LYS G 168 2.31 -22.56 37.96
C LYS G 168 2.46 -21.72 39.22
N ALA G 169 2.21 -22.32 40.38
CA ALA G 169 2.27 -21.61 41.65
C ALA G 169 3.69 -21.66 42.21
N ARG G 170 4.64 -21.25 41.36
CA ARG G 170 6.02 -21.10 41.83
C ARG G 170 6.11 -20.03 42.90
N GLN G 171 5.51 -18.87 42.65
CA GLN G 171 5.69 -17.73 43.54
C GLN G 171 5.13 -18.02 44.93
N ALA G 172 3.91 -18.56 45.01
CA ALA G 172 3.33 -18.84 46.31
C ALA G 172 4.13 -19.89 47.07
N ALA G 173 4.58 -20.92 46.37
CA ALA G 173 5.42 -21.94 46.99
C ALA G 173 6.71 -21.33 47.53
N LYS G 174 7.27 -20.36 46.80
CA LYS G 174 8.45 -19.68 47.31
C LYS G 174 8.15 -18.83 48.54
N THR G 175 7.06 -18.07 48.52
CA THR G 175 6.72 -17.27 49.70
C THR G 175 6.52 -18.14 50.92
N GLU G 176 5.91 -19.32 50.74
CA GLU G 176 5.70 -20.18 51.88
C GLU G 176 6.98 -20.91 52.30
N ILE G 177 7.85 -21.26 51.36
CA ILE G 177 9.04 -22.02 51.69
C ILE G 177 10.10 -21.17 52.40
N GLU G 178 10.07 -19.84 52.22
CA GLU G 178 11.01 -18.99 52.95
C GLU G 178 10.75 -18.99 54.44
N LYS G 179 9.51 -19.16 54.88
CA LYS G 179 9.19 -19.19 56.30
C LYS G 179 9.47 -20.55 56.92
N LEU G 180 10.25 -21.40 56.25
CA LEU G 180 10.68 -22.69 56.75
C LEU G 180 12.19 -22.65 56.95
N GLN G 181 12.65 -23.14 58.10
CA GLN G 181 14.07 -23.09 58.45
C GLN G 181 14.72 -24.40 58.00
N MET G 182 14.89 -24.54 56.69
CA MET G 182 15.41 -25.78 56.12
C MET G 182 16.85 -26.08 56.53
N LYS G 183 17.56 -25.10 57.10
CA LYS G 183 18.96 -25.29 57.45
C LYS G 183 19.14 -26.34 58.54
N GLU G 184 18.18 -26.46 59.45
CA GLU G 184 18.33 -27.32 60.62
C GLU G 184 17.34 -28.47 60.69
N MET G 185 16.17 -28.36 60.06
CA MET G 185 15.19 -29.43 60.12
C MET G 185 15.69 -30.68 59.39
N THR G 186 15.24 -31.83 59.87
CA THR G 186 15.58 -33.11 59.29
C THR G 186 14.55 -33.52 58.24
N CYS G 187 14.85 -34.60 57.53
CA CYS G 187 14.01 -35.05 56.43
C CYS G 187 12.76 -35.82 56.88
N ARG G 188 12.45 -35.84 58.18
CA ARG G 188 11.25 -36.50 58.66
C ARG G 188 10.04 -35.58 58.70
N ASP G 189 10.13 -34.49 59.46
CA ASP G 189 9.03 -33.53 59.52
C ASP G 189 8.97 -32.64 58.28
N ILE G 190 10.09 -32.45 57.59
CA ILE G 190 10.09 -31.59 56.41
C ILE G 190 9.27 -32.22 55.30
N VAL G 191 9.08 -33.54 55.33
CA VAL G 191 8.19 -34.18 54.37
C VAL G 191 6.74 -33.75 54.61
N LYS G 192 6.33 -33.75 55.88
CA LYS G 192 5.02 -33.22 56.23
C LYS G 192 4.90 -31.76 55.80
N GLU G 193 5.97 -30.98 56.00
CA GLU G 193 5.97 -29.60 55.54
C GLU G 193 5.80 -29.52 54.02
N VAL G 194 6.50 -30.36 53.27
CA VAL G 194 6.41 -30.35 51.81
C VAL G 194 4.99 -30.64 51.37
N ALA G 195 4.36 -31.64 51.99
CA ALA G 195 2.96 -31.94 51.68
C ALA G 195 2.07 -30.74 51.98
N LYS G 196 2.31 -30.08 53.12
CA LYS G 196 1.48 -28.94 53.47
C LYS G 196 1.63 -27.80 52.46
N ILE G 197 2.87 -27.53 52.01
CA ILE G 197 3.06 -26.45 51.03
C ILE G 197 2.40 -26.82 49.70
N ILE G 198 2.55 -28.07 49.27
CA ILE G 198 1.92 -28.50 48.03
C ILE G 198 0.42 -28.30 48.11
N TYR G 199 -0.16 -28.60 49.28
CA TYR G 199 -1.60 -28.42 49.43
C TYR G 199 -1.99 -26.94 49.49
N ILE G 200 -1.11 -26.09 50.02
CA ILE G 200 -1.37 -24.66 49.97
C ILE G 200 -1.34 -24.16 48.53
N VAL G 201 -0.35 -24.60 47.76
CA VAL G 201 -0.23 -24.16 46.35
C VAL G 201 -1.04 -25.15 45.51
N HIS G 202 -2.34 -24.91 45.47
CA HIS G 202 -3.24 -25.71 44.65
C HIS G 202 -4.55 -24.96 44.51
N ASP G 203 -4.97 -24.73 43.27
CA ASP G 203 -6.14 -23.87 43.03
C ASP G 203 -7.42 -24.55 43.49
N GLU G 204 -7.60 -25.81 43.13
CA GLU G 204 -8.71 -26.68 43.53
C GLU G 204 -10.06 -26.26 42.96
N VAL G 205 -10.14 -25.15 42.23
CA VAL G 205 -11.38 -24.78 41.56
C VAL G 205 -11.10 -24.66 40.06
N LYS G 206 -9.83 -24.49 39.71
CA LYS G 206 -9.41 -24.57 38.31
C LYS G 206 -8.82 -25.94 37.98
N ASP G 207 -8.12 -26.55 38.93
CA ASP G 207 -7.61 -27.91 38.78
C ASP G 207 -8.53 -28.86 39.54
N LYS G 208 -9.10 -29.82 38.81
CA LYS G 208 -10.14 -30.68 39.39
C LYS G 208 -9.60 -31.50 40.56
N ALA G 209 -8.50 -32.21 40.33
CA ALA G 209 -7.95 -33.08 41.36
C ALA G 209 -6.48 -33.34 41.04
N PHE G 210 -5.76 -33.84 42.05
CA PHE G 210 -4.35 -34.14 41.90
C PHE G 210 -3.99 -35.31 42.82
N GLU G 211 -2.91 -36.00 42.47
CA GLU G 211 -2.40 -37.10 43.27
C GLU G 211 -1.01 -36.70 43.77
N LEU G 212 -0.90 -36.48 45.07
CA LEU G 212 0.36 -36.06 45.66
C LEU G 212 1.34 -37.23 45.71
N GLU G 213 2.55 -37.00 45.21
CA GLU G 213 3.62 -37.99 45.24
C GLU G 213 4.88 -37.35 45.81
N LEU G 214 5.52 -38.04 46.74
CA LEU G 214 6.69 -37.52 47.44
C LEU G 214 7.94 -38.29 47.05
N SER G 215 9.09 -37.71 47.34
CA SER G 215 10.37 -38.35 47.08
C SER G 215 11.43 -37.68 47.94
N TRP G 216 12.47 -38.44 48.27
CA TRP G 216 13.53 -37.89 49.12
C TRP G 216 14.80 -38.70 48.95
N VAL G 217 15.90 -38.10 49.41
CA VAL G 217 17.20 -38.75 49.48
C VAL G 217 17.98 -38.11 50.63
N GLY G 218 18.46 -38.92 51.55
CA GLY G 218 19.13 -38.38 52.72
C GLY G 218 19.78 -39.46 53.55
N GLU G 219 20.10 -39.10 54.80
CA GLU G 219 20.79 -40.04 55.69
C GLU G 219 19.89 -41.22 56.02
N LEU G 220 18.59 -40.96 56.20
CA LEU G 220 17.64 -42.00 56.60
C LEU G 220 17.36 -42.97 55.46
N THR G 221 17.64 -42.57 54.22
CA THR G 221 17.56 -43.46 53.07
C THR G 221 18.96 -43.88 52.63
N ASN G 222 19.87 -44.07 53.60
CA ASN G 222 21.26 -44.49 53.43
C ASN G 222 21.90 -43.91 52.17
N GLY G 223 21.66 -42.63 51.89
CA GLY G 223 22.27 -41.96 50.76
C GLY G 223 21.63 -42.24 49.42
N ARG G 224 20.59 -43.07 49.38
CA ARG G 224 19.93 -43.41 48.12
C ARG G 224 18.65 -42.61 47.95
N HIS G 225 18.20 -42.50 46.71
CA HIS G 225 16.95 -41.83 46.38
C HIS G 225 15.90 -42.87 46.06
N GLU G 226 14.73 -42.75 46.69
CA GLU G 226 13.64 -43.68 46.45
C GLU G 226 12.31 -42.98 46.71
N ILE G 227 11.25 -43.62 46.21
CA ILE G 227 9.89 -43.14 46.50
C ILE G 227 9.68 -43.11 48.00
N VAL G 228 9.07 -42.02 48.47
CA VAL G 228 8.78 -41.91 49.90
C VAL G 228 7.83 -43.04 50.30
N PRO G 229 8.10 -43.77 51.38
CA PRO G 229 7.22 -44.88 51.76
C PRO G 229 5.79 -44.40 52.02
N LYS G 230 4.83 -45.22 51.59
CA LYS G 230 3.43 -44.89 51.78
C LYS G 230 3.09 -44.77 53.26
N ASP G 231 3.73 -45.59 54.10
CA ASP G 231 3.38 -45.63 55.52
C ASP G 231 3.77 -44.34 56.24
N ILE G 232 4.50 -43.45 55.56
CA ILE G 232 4.70 -42.10 56.07
C ILE G 232 4.22 -41.02 55.09
N ARG G 233 4.04 -41.38 53.81
CA ARG G 233 3.41 -40.47 52.87
C ARG G 233 1.97 -40.16 53.30
N GLU G 234 1.27 -41.17 53.83
CA GLU G 234 -0.09 -40.94 54.30
C GLU G 234 -0.13 -39.94 55.44
N GLU G 235 0.79 -40.05 56.40
CA GLU G 235 0.85 -39.09 57.50
C GLU G 235 1.26 -37.70 57.02
N ALA G 236 2.15 -37.61 56.03
CA ALA G 236 2.41 -36.32 55.42
C ALA G 236 1.13 -35.73 54.83
N GLU G 237 0.34 -36.56 54.15
CA GLU G 237 -0.94 -36.10 53.63
C GLU G 237 -1.88 -35.65 54.75
N LYS G 238 -1.91 -36.39 55.86
CA LYS G 238 -2.76 -36.01 56.98
C LYS G 238 -2.36 -34.66 57.55
N TYR G 239 -1.05 -34.43 57.69
CA TYR G 239 -0.60 -33.11 58.15
C TYR G 239 -1.00 -32.03 57.16
N ALA G 240 -0.95 -32.34 55.86
CA ALA G 240 -1.40 -31.38 54.86
C ALA G 240 -2.88 -31.06 55.03
N LYS G 241 -3.70 -32.07 55.30
CA LYS G 241 -5.13 -31.84 55.51
C LYS G 241 -5.37 -31.07 56.82
N GLU G 242 -4.49 -31.24 57.80
CA GLU G 242 -4.62 -30.50 59.05
C GLU G 242 -4.56 -29.01 58.80
N SER G 243 -3.63 -28.56 57.96
CA SER G 243 -3.68 -27.20 57.45
C SER G 243 -4.97 -27.01 56.67
N LEU G 244 -5.67 -25.92 56.95
CA LEU G 244 -7.01 -25.74 56.38
C LEU G 244 -6.97 -25.66 54.87
N LYS G 245 -5.98 -24.97 54.32
CA LYS G 245 -5.86 -24.84 52.87
C LYS G 245 -5.05 -25.99 52.29
N PRO H 23 -66.38 55.12 -15.36
CA PRO H 23 -65.22 55.98 -15.50
C PRO H 23 -63.93 55.18 -15.36
N ALA H 24 -62.79 55.87 -15.48
CA ALA H 24 -61.49 55.24 -15.36
C ALA H 24 -60.45 56.30 -15.05
N VAL H 25 -59.27 55.85 -14.63
CA VAL H 25 -58.13 56.74 -14.40
C VAL H 25 -57.25 56.71 -15.63
N ASP H 26 -56.45 57.76 -15.81
CA ASP H 26 -55.59 57.86 -16.98
C ASP H 26 -54.14 57.52 -16.63
N THR H 27 -53.35 57.20 -17.67
CA THR H 27 -51.94 56.96 -17.48
C THR H 27 -51.16 58.23 -17.19
N ALA H 28 -51.77 59.40 -17.40
CA ALA H 28 -51.12 60.68 -17.13
C ALA H 28 -51.20 61.08 -15.67
N GLU H 29 -51.83 60.26 -14.82
CA GLU H 29 -51.91 60.58 -13.41
C GLU H 29 -50.52 60.68 -12.80
N GLN H 30 -50.29 61.76 -12.07
CA GLN H 30 -48.97 62.05 -11.50
C GLN H 30 -49.10 62.17 -10.00
N VAL H 31 -48.41 61.30 -9.26
CA VAL H 31 -48.37 61.42 -7.81
C VAL H 31 -47.20 62.34 -7.46
N TYR H 32 -47.49 63.44 -6.77
CA TYR H 32 -46.45 64.40 -6.41
C TYR H 32 -45.92 64.10 -5.02
N ILE H 33 -44.65 63.76 -4.92
CA ILE H 33 -43.98 63.51 -3.65
C ILE H 33 -43.09 64.70 -3.36
N SER H 34 -43.37 65.41 -2.28
CA SER H 34 -42.54 66.53 -1.88
C SER H 34 -41.18 66.03 -1.40
N SER H 35 -40.19 66.93 -1.42
CA SER H 35 -38.84 66.54 -1.02
C SER H 35 -38.80 66.05 0.41
N LEU H 36 -39.56 66.71 1.30
CA LEU H 36 -39.61 66.26 2.69
C LEU H 36 -40.18 64.86 2.80
N ALA H 37 -41.25 64.57 2.05
CA ALA H 37 -41.85 63.24 2.10
C ALA H 37 -40.88 62.18 1.62
N LEU H 38 -40.17 62.44 0.52
CA LEU H 38 -39.21 61.47 0.01
C LEU H 38 -38.07 61.27 1.00
N LEU H 39 -37.58 62.36 1.60
CA LEU H 39 -36.49 62.23 2.57
C LEU H 39 -36.94 61.41 3.77
N LYS H 40 -38.15 61.66 4.27
CA LYS H 40 -38.65 60.90 5.42
C LYS H 40 -38.85 59.43 5.06
N MET H 41 -39.37 59.16 3.87
CA MET H 41 -39.58 57.77 3.46
C MET H 41 -38.26 57.04 3.33
N LEU H 42 -37.26 57.68 2.73
CA LEU H 42 -35.94 57.05 2.60
C LEU H 42 -35.30 56.84 3.97
N LYS H 43 -35.43 57.81 4.87
CA LYS H 43 -34.89 57.66 6.21
C LYS H 43 -35.53 56.48 6.94
N HIS H 44 -36.85 56.38 6.88
CA HIS H 44 -37.54 55.27 7.54
C HIS H 44 -37.17 53.95 6.91
N GLY H 45 -37.03 53.91 5.58
CA GLY H 45 -36.63 52.67 4.93
C GLY H 45 -35.24 52.22 5.32
N ARG H 46 -34.28 53.15 5.33
CA ARG H 46 -32.92 52.81 5.71
C ARG H 46 -32.79 52.50 7.20
N ALA H 47 -33.68 53.02 8.03
CA ALA H 47 -33.67 52.63 9.44
C ALA H 47 -34.31 51.26 9.63
N GLY H 48 -35.30 50.94 8.81
CA GLY H 48 -36.05 49.70 9.00
C GLY H 48 -35.25 48.45 8.72
N VAL H 49 -34.40 48.48 7.70
CA VAL H 49 -33.71 47.29 7.19
C VAL H 49 -33.03 46.54 8.33
N PRO H 50 -33.03 45.21 8.31
CA PRO H 50 -33.45 44.30 7.24
C PRO H 50 -34.96 44.10 7.15
N MET H 51 -35.71 44.51 8.16
CA MET H 51 -37.15 44.26 8.19
C MET H 51 -37.88 45.37 7.45
N GLU H 52 -39.18 45.19 7.27
CA GLU H 52 -40.01 46.08 6.47
C GLU H 52 -40.80 47.00 7.38
N VAL H 53 -40.73 48.30 7.11
CA VAL H 53 -41.48 49.29 7.86
C VAL H 53 -42.56 49.87 6.97
N MET H 54 -43.43 50.66 7.58
CA MET H 54 -44.59 51.19 6.89
C MET H 54 -44.99 52.52 7.53
N GLY H 55 -45.77 53.29 6.79
CA GLY H 55 -46.23 54.58 7.27
C GLY H 55 -47.33 55.12 6.40
N LEU H 56 -48.08 56.07 6.94
CA LEU H 56 -49.20 56.66 6.23
C LEU H 56 -48.80 57.96 5.55
N MET H 57 -49.24 58.11 4.31
CA MET H 57 -48.91 59.26 3.47
C MET H 57 -49.97 60.34 3.67
N LEU H 58 -49.53 61.56 3.94
CA LEU H 58 -50.41 62.69 4.13
C LEU H 58 -50.34 63.60 2.92
N GLY H 59 -51.49 63.95 2.37
CA GLY H 59 -51.50 64.78 1.18
C GLY H 59 -52.90 65.22 0.82
N GLU H 60 -53.15 65.29 -0.50
CA GLU H 60 -54.41 65.76 -1.04
C GLU H 60 -54.64 65.18 -2.42
N PHE H 61 -55.87 64.70 -2.65
CA PHE H 61 -56.32 64.34 -4.00
C PHE H 61 -56.86 65.60 -4.66
N VAL H 62 -55.93 66.41 -5.18
CA VAL H 62 -56.31 67.73 -5.70
C VAL H 62 -57.23 67.60 -6.90
N ASP H 63 -56.99 66.61 -7.77
CA ASP H 63 -57.85 66.38 -8.92
C ASP H 63 -57.70 64.93 -9.35
N ASP H 64 -58.39 64.57 -10.44
CA ASP H 64 -58.43 63.18 -10.87
C ASP H 64 -57.14 62.75 -11.55
N TYR H 65 -56.40 63.69 -12.14
CA TYR H 65 -55.20 63.38 -12.90
C TYR H 65 -53.93 63.53 -12.08
N THR H 66 -54.06 63.76 -10.78
CA THR H 66 -52.88 63.82 -9.91
C THR H 66 -53.30 63.77 -8.45
N VAL H 67 -52.51 63.07 -7.65
CA VAL H 67 -52.64 63.05 -6.20
C VAL H 67 -51.33 63.60 -5.62
N ARG H 68 -51.44 64.55 -4.71
CA ARG H 68 -50.28 65.22 -4.14
C ARG H 68 -50.09 64.79 -2.69
N VAL H 69 -48.89 64.34 -2.37
CA VAL H 69 -48.51 64.03 -0.99
C VAL H 69 -47.52 65.09 -0.54
N ILE H 70 -47.68 65.57 0.69
CA ILE H 70 -46.87 66.65 1.22
C ILE H 70 -46.02 66.20 2.40
N ASP H 71 -46.58 65.37 3.26
CA ASP H 71 -45.89 64.89 4.46
C ASP H 71 -46.16 63.41 4.62
N VAL H 72 -45.28 62.74 5.35
CA VAL H 72 -45.43 61.33 5.67
C VAL H 72 -44.91 61.10 7.08
N PHE H 73 -45.53 60.17 7.79
CA PHE H 73 -45.13 59.85 9.15
C PHE H 73 -44.98 58.33 9.30
N ALA H 74 -44.07 57.92 10.17
CA ALA H 74 -43.74 56.51 10.31
C ALA H 74 -44.68 55.84 11.29
N MET H 75 -45.12 54.64 10.94
CA MET H 75 -45.87 53.76 11.82
C MET H 75 -44.90 52.92 12.67
N PRO H 76 -45.13 52.85 13.97
CA PRO H 76 -44.25 52.03 14.82
C PRO H 76 -44.27 50.57 14.38
N GLN H 77 -43.11 49.93 14.45
CA GLN H 77 -42.98 48.57 13.96
C GLN H 77 -43.83 47.62 14.78
N SER H 78 -44.44 46.66 14.12
CA SER H 78 -45.29 45.67 14.77
C SER H 78 -44.92 44.28 14.26
N GLY H 79 -45.28 43.27 15.06
CA GLY H 79 -44.99 41.90 14.68
C GLY H 79 -45.75 41.43 13.47
N THR H 80 -46.90 42.05 13.17
CA THR H 80 -47.68 41.64 12.01
C THR H 80 -46.91 41.87 10.72
N GLY H 81 -46.06 42.89 10.67
CA GLY H 81 -45.33 43.21 9.46
C GLY H 81 -45.93 44.42 8.77
N VAL H 82 -46.05 44.36 7.46
CA VAL H 82 -46.69 45.42 6.68
C VAL H 82 -48.06 44.88 6.27
N SER H 83 -49.07 45.20 7.07
CA SER H 83 -50.41 44.69 6.83
C SER H 83 -51.43 45.71 7.33
N VAL H 84 -52.70 45.34 7.23
CA VAL H 84 -53.78 46.20 7.72
C VAL H 84 -53.69 46.37 9.22
N GLU H 85 -53.28 45.32 9.95
CA GLU H 85 -53.14 45.38 11.40
C GLU H 85 -51.96 46.23 11.84
N ALA H 86 -51.01 46.50 10.95
CA ALA H 86 -49.89 47.37 11.29
C ALA H 86 -50.29 48.83 11.41
N VAL H 87 -51.42 49.21 10.81
CA VAL H 87 -51.91 50.59 10.90
C VAL H 87 -52.61 50.69 12.26
N ASP H 88 -51.85 51.14 13.25
CA ASP H 88 -52.38 51.29 14.61
C ASP H 88 -53.46 52.37 14.60
N PRO H 89 -54.70 52.04 14.95
CA PRO H 89 -55.76 53.05 14.90
C PRO H 89 -55.54 54.19 15.88
N VAL H 90 -55.18 53.88 17.14
CA VAL H 90 -55.01 54.93 18.12
C VAL H 90 -53.80 55.79 17.79
N PHE H 91 -52.72 55.17 17.31
CA PHE H 91 -51.53 55.94 16.95
C PHE H 91 -51.83 56.86 15.77
N GLN H 92 -52.51 56.35 14.75
CA GLN H 92 -52.85 57.17 13.59
C GLN H 92 -53.76 58.32 13.99
N ALA H 93 -54.76 58.04 14.82
CA ALA H 93 -55.68 59.09 15.26
C ALA H 93 -54.94 60.17 16.04
N LYS H 94 -54.08 59.76 16.99
CA LYS H 94 -53.35 60.73 17.78
C LYS H 94 -52.40 61.54 16.92
N MET H 95 -51.69 60.90 16.00
CA MET H 95 -50.74 61.63 15.15
C MET H 95 -51.46 62.62 14.26
N LEU H 96 -52.59 62.22 13.67
CA LEU H 96 -53.37 63.16 12.85
C LEU H 96 -53.89 64.32 13.69
N ASP H 97 -54.39 64.04 14.90
CA ASP H 97 -54.92 65.10 15.74
C ASP H 97 -53.82 66.09 16.12
N MET H 98 -52.65 65.59 16.49
CA MET H 98 -51.57 66.48 16.89
C MET H 98 -50.96 67.23 15.70
N LEU H 99 -50.95 66.62 14.51
CA LEU H 99 -50.43 67.31 13.34
C LEU H 99 -51.40 68.37 12.83
N LYS H 100 -52.70 68.16 13.03
CA LYS H 100 -53.68 69.17 12.63
C LYS H 100 -53.48 70.46 13.41
N GLN H 101 -53.16 70.35 14.70
CA GLN H 101 -52.90 71.54 15.50
C GLN H 101 -51.68 72.30 14.98
N THR H 102 -50.64 71.57 14.58
CA THR H 102 -49.40 72.21 14.15
C THR H 102 -49.62 73.04 12.88
N GLY H 103 -50.47 72.57 11.97
CA GLY H 103 -50.67 73.27 10.72
C GLY H 103 -50.70 72.37 9.51
N ARG H 104 -50.77 71.06 9.72
CA ARG H 104 -50.87 70.11 8.63
C ARG H 104 -52.19 69.34 8.70
N PRO H 105 -53.31 69.96 8.31
CA PRO H 105 -54.61 69.27 8.33
C PRO H 105 -54.88 68.46 7.07
N GLU H 106 -53.90 67.67 6.66
CA GLU H 106 -54.02 66.85 5.46
C GLU H 106 -54.71 65.52 5.79
N MET H 107 -55.20 64.87 4.74
CA MET H 107 -55.81 63.57 4.89
C MET H 107 -54.87 62.48 4.39
N VAL H 108 -55.17 61.24 4.78
CA VAL H 108 -54.34 60.10 4.41
C VAL H 108 -54.61 59.77 2.94
N VAL H 109 -53.65 60.04 2.07
CA VAL H 109 -53.78 59.72 0.66
C VAL H 109 -53.29 58.32 0.33
N GLY H 110 -52.62 57.64 1.25
CA GLY H 110 -52.12 56.32 0.97
C GLY H 110 -51.13 55.88 2.01
N TRP H 111 -50.36 54.85 1.67
CA TRP H 111 -49.39 54.26 2.57
C TRP H 111 -48.14 53.87 1.78
N TYR H 112 -47.03 53.77 2.49
CA TYR H 112 -45.78 53.31 1.90
C TYR H 112 -45.15 52.26 2.80
N HIS H 113 -44.41 51.35 2.17
CA HIS H 113 -43.67 50.35 2.93
C HIS H 113 -42.38 50.04 2.20
N SER H 114 -41.32 49.82 2.97
CA SER H 114 -40.01 49.52 2.42
C SER H 114 -39.97 48.08 1.93
N HIS H 115 -39.25 47.85 0.84
CA HIS H 115 -39.05 46.50 0.32
C HIS H 115 -37.55 46.24 0.22
N PRO H 116 -36.90 45.82 1.31
CA PRO H 116 -35.46 45.59 1.27
C PRO H 116 -35.08 44.51 0.27
N GLY H 117 -33.99 44.75 -0.46
CA GLY H 117 -33.47 43.79 -1.40
C GLY H 117 -34.27 43.69 -2.67
N PHE H 118 -35.48 43.12 -2.59
CA PHE H 118 -36.33 42.98 -3.74
C PHE H 118 -36.93 44.33 -4.14
N GLY H 119 -37.12 44.51 -5.44
CA GLY H 119 -37.52 45.79 -5.99
C GLY H 119 -38.93 46.20 -5.59
N CYS H 120 -39.40 47.26 -6.22
CA CYS H 120 -40.69 47.87 -5.90
C CYS H 120 -41.80 47.10 -6.61
N TRP H 121 -42.52 46.28 -5.85
CA TRP H 121 -43.71 45.60 -6.34
C TRP H 121 -44.63 45.36 -5.16
N LEU H 122 -45.74 44.68 -5.41
CA LEU H 122 -46.75 44.42 -4.39
C LEU H 122 -46.93 42.92 -4.21
N SER H 123 -46.94 42.46 -2.96
CA SER H 123 -47.23 41.08 -2.64
C SER H 123 -48.73 40.89 -2.46
N GLY H 124 -49.14 39.67 -2.16
CA GLY H 124 -50.55 39.41 -1.90
C GLY H 124 -51.07 40.20 -0.70
N VAL H 125 -50.31 40.18 0.40
CA VAL H 125 -50.70 40.96 1.57
C VAL H 125 -50.69 42.45 1.26
N ASP H 126 -49.72 42.89 0.44
CA ASP H 126 -49.72 44.28 -0.01
C ASP H 126 -50.98 44.60 -0.80
N ILE H 127 -51.41 43.68 -1.66
CA ILE H 127 -52.65 43.88 -2.40
C ILE H 127 -53.84 43.97 -1.45
N ASN H 128 -53.87 43.12 -0.42
CA ASN H 128 -54.99 43.15 0.52
C ASN H 128 -55.03 44.47 1.29
N THR H 129 -53.88 44.95 1.76
CA THR H 129 -53.90 46.19 2.54
C THR H 129 -54.18 47.39 1.64
N GLN H 130 -53.75 47.32 0.37
CA GLN H 130 -54.10 48.38 -0.56
C GLN H 130 -55.59 48.37 -0.85
N GLN H 131 -56.21 47.19 -0.90
CA GLN H 131 -57.66 47.10 -1.02
C GLN H 131 -58.31 47.75 0.19
N SER H 132 -57.82 47.43 1.38
CA SER H 132 -58.33 48.04 2.60
C SER H 132 -58.23 49.56 2.55
N PHE H 133 -57.15 50.07 1.96
CA PHE H 133 -56.99 51.53 1.86
C PHE H 133 -57.93 52.12 0.82
N GLU H 134 -58.06 51.46 -0.33
CA GLU H 134 -58.99 51.93 -1.36
C GLU H 134 -60.44 51.91 -0.87
N ALA H 135 -60.71 51.11 0.16
CA ALA H 135 -62.05 51.10 0.73
C ALA H 135 -62.48 52.49 1.18
N LEU H 136 -61.56 53.22 1.83
CA LEU H 136 -61.88 54.59 2.26
C LEU H 136 -61.97 55.54 1.07
N SER H 137 -60.98 55.50 0.17
CA SER H 137 -60.95 56.38 -0.98
C SER H 137 -60.45 55.61 -2.20
N GLU H 138 -61.12 55.80 -3.33
CA GLU H 138 -60.82 55.04 -4.53
C GLU H 138 -59.46 55.39 -5.13
N ARG H 139 -58.81 56.46 -4.66
CA ARG H 139 -57.52 56.88 -5.19
C ARG H 139 -56.39 56.73 -4.18
N ALA H 140 -56.49 55.77 -3.26
CA ALA H 140 -55.45 55.54 -2.27
C ALA H 140 -54.23 54.91 -2.92
N VAL H 141 -53.16 55.68 -3.08
CA VAL H 141 -51.97 55.22 -3.76
C VAL H 141 -51.02 54.56 -2.76
N ALA H 142 -50.41 53.45 -3.17
CA ALA H 142 -49.34 52.80 -2.42
C ALA H 142 -48.01 53.14 -3.04
N VAL H 143 -47.01 53.38 -2.19
CA VAL H 143 -45.64 53.63 -2.62
C VAL H 143 -44.75 52.56 -2.03
N VAL H 144 -43.89 51.99 -2.87
CA VAL H 144 -42.92 50.98 -2.45
C VAL H 144 -41.53 51.58 -2.61
N VAL H 145 -40.72 51.47 -1.57
CA VAL H 145 -39.38 52.04 -1.56
C VAL H 145 -38.38 50.94 -1.27
N ASP H 146 -37.25 50.94 -1.99
CA ASP H 146 -36.18 49.99 -1.73
C ASP H 146 -34.96 50.75 -1.24
N PRO H 147 -34.68 50.75 0.06
CA PRO H 147 -33.58 51.59 0.58
C PRO H 147 -32.19 51.10 0.22
N ILE H 148 -32.00 49.81 -0.05
CA ILE H 148 -30.67 49.33 -0.43
C ILE H 148 -30.46 49.43 -1.94
N GLN H 149 -31.49 49.13 -2.73
CA GLN H 149 -31.38 49.34 -4.17
C GLN H 149 -31.21 50.82 -4.49
N SER H 150 -31.88 51.69 -3.74
CA SER H 150 -31.68 53.14 -3.87
C SER H 150 -30.52 53.56 -2.97
N VAL H 151 -29.32 53.11 -3.34
CA VAL H 151 -28.11 53.39 -2.60
C VAL H 151 -27.30 54.52 -3.20
N LYS H 152 -27.65 54.98 -4.40
CA LYS H 152 -26.86 55.95 -5.14
C LYS H 152 -27.81 56.99 -5.73
N GLY H 153 -27.33 57.76 -6.70
CA GLY H 153 -28.14 58.75 -7.37
C GLY H 153 -29.44 58.23 -7.93
N LYS H 154 -29.52 56.91 -8.11
CA LYS H 154 -30.77 56.26 -8.49
C LYS H 154 -31.60 56.01 -7.24
N VAL H 155 -32.82 56.54 -7.23
CA VAL H 155 -33.77 56.31 -6.15
C VAL H 155 -34.85 55.42 -6.75
N VAL H 156 -34.94 54.18 -6.27
CA VAL H 156 -35.90 53.23 -6.81
C VAL H 156 -37.18 53.33 -5.99
N ILE H 157 -38.16 54.05 -6.53
CA ILE H 157 -39.45 54.25 -5.88
C ILE H 157 -40.53 54.03 -6.92
N ASP H 158 -41.72 53.66 -6.49
CA ASP H 158 -42.83 53.41 -7.39
C ASP H 158 -44.15 53.59 -6.65
N ALA H 159 -45.15 54.07 -7.39
CA ALA H 159 -46.50 54.25 -6.87
C ALA H 159 -47.41 53.25 -7.58
N PHE H 160 -48.14 52.45 -6.80
CA PHE H 160 -48.95 51.38 -7.33
C PHE H 160 -50.39 51.52 -6.85
N ARG H 161 -51.33 51.14 -7.71
CA ARG H 161 -52.74 51.03 -7.36
C ARG H 161 -53.31 49.79 -8.02
N LEU H 162 -54.28 49.17 -7.35
CA LEU H 162 -54.78 47.87 -7.77
C LEU H 162 -55.56 47.96 -9.08
N ILE H 163 -55.45 46.90 -9.88
CA ILE H 163 -56.29 46.69 -11.04
C ILE H 163 -57.47 45.84 -10.59
N ASN H 164 -58.68 46.34 -10.80
CA ASN H 164 -59.87 45.55 -10.50
C ASN H 164 -59.93 44.34 -11.43
N ALA H 165 -59.77 43.14 -10.88
CA ALA H 165 -59.72 41.94 -11.71
C ALA H 165 -61.01 41.73 -12.50
N ASN H 166 -62.13 42.29 -12.04
CA ASN H 166 -63.37 42.20 -12.79
C ASN H 166 -63.29 43.04 -14.07
N MET H 167 -62.66 44.21 -13.97
CA MET H 167 -62.43 45.04 -15.16
C MET H 167 -61.53 44.36 -16.19
N MET H 168 -60.73 43.37 -15.78
CA MET H 168 -59.80 42.73 -16.71
C MET H 168 -60.54 42.07 -17.87
N VAL H 169 -61.78 41.61 -17.64
CA VAL H 169 -62.60 41.00 -18.67
C VAL H 169 -63.79 41.88 -19.04
N LEU H 170 -64.34 42.60 -18.06
CA LEU H 170 -65.47 43.49 -18.33
C LEU H 170 -65.08 44.57 -19.33
N GLY H 171 -63.91 45.18 -19.14
CA GLY H 171 -63.39 46.12 -20.09
C GLY H 171 -62.17 45.57 -20.80
N HIS H 172 -60.99 46.13 -20.50
CA HIS H 172 -59.73 45.68 -21.07
C HIS H 172 -58.59 46.09 -20.15
N GLU H 173 -57.95 47.21 -20.45
CA GLU H 173 -56.97 47.83 -19.57
C GLU H 173 -57.66 48.80 -18.62
N PRO H 174 -57.07 49.08 -17.46
CA PRO H 174 -57.75 49.94 -16.48
C PRO H 174 -57.54 51.42 -16.72
N ARG H 175 -56.52 51.77 -17.49
CA ARG H 175 -56.05 53.15 -17.61
C ARG H 175 -56.28 53.68 -19.01
N GLN H 176 -56.99 54.80 -19.11
CA GLN H 176 -57.12 55.48 -20.39
C GLN H 176 -55.80 56.13 -20.76
N THR H 177 -55.53 56.19 -22.06
CA THR H 177 -54.37 56.90 -22.60
C THR H 177 -54.88 58.08 -23.43
N THR H 178 -55.14 59.20 -22.75
CA THR H 178 -55.57 60.41 -23.43
C THR H 178 -54.41 61.33 -23.78
N SER H 179 -53.21 61.05 -23.26
CA SER H 179 -52.03 61.85 -23.56
C SER H 179 -50.83 60.92 -23.63
N ASN H 180 -49.66 61.49 -23.89
CA ASN H 180 -48.43 60.73 -23.97
C ASN H 180 -47.59 60.85 -22.69
N LEU H 181 -48.17 61.38 -21.62
CA LEU H 181 -47.45 61.61 -20.38
C LEU H 181 -47.28 60.34 -19.54
N GLY H 182 -47.92 59.25 -19.90
CA GLY H 182 -47.84 58.04 -19.10
C GLY H 182 -46.98 56.96 -19.71
N HIS H 183 -46.71 57.07 -21.01
CA HIS H 183 -45.95 56.04 -21.72
C HIS H 183 -44.48 56.42 -21.91
N LEU H 184 -43.98 57.38 -21.16
CA LEU H 184 -42.57 57.76 -21.19
C LEU H 184 -41.72 56.93 -20.24
N ASN H 185 -42.34 55.99 -19.52
CA ASN H 185 -41.64 55.12 -18.58
C ASN H 185 -41.77 53.68 -19.03
N LYS H 186 -40.96 52.81 -18.43
CA LYS H 186 -40.90 51.42 -18.84
C LYS H 186 -40.91 50.56 -17.57
N PRO H 187 -41.97 49.80 -17.35
CA PRO H 187 -42.07 49.00 -16.12
C PRO H 187 -40.95 47.97 -16.00
N SER H 188 -40.49 47.79 -14.77
CA SER H 188 -39.35 46.92 -14.47
C SER H 188 -39.79 45.47 -14.43
N ILE H 189 -38.90 44.58 -14.93
CA ILE H 189 -39.24 43.17 -15.08
C ILE H 189 -39.66 42.55 -13.76
N GLN H 190 -39.09 43.02 -12.66
CA GLN H 190 -39.46 42.50 -11.35
C GLN H 190 -40.94 42.70 -11.08
N ALA H 191 -41.46 43.88 -11.46
CA ALA H 191 -42.88 44.15 -11.24
C ALA H 191 -43.78 43.30 -12.12
N LEU H 192 -43.41 43.10 -13.40
CA LEU H 192 -44.20 42.22 -14.26
C LEU H 192 -44.20 40.79 -13.73
N ILE H 193 -43.06 40.30 -13.27
CA ILE H 193 -43.02 38.96 -12.68
C ILE H 193 -43.89 38.91 -11.44
N HIS H 194 -43.84 39.95 -10.62
CA HIS H 194 -44.65 40.01 -9.41
C HIS H 194 -46.05 40.57 -9.65
N GLY H 195 -46.37 40.96 -10.88
CA GLY H 195 -47.76 41.24 -11.21
C GLY H 195 -48.13 42.65 -11.60
N LEU H 196 -47.21 43.40 -12.21
CA LEU H 196 -47.55 44.71 -12.75
C LEU H 196 -48.41 44.53 -13.99
N ASN H 197 -49.40 45.40 -14.14
CA ASN H 197 -50.35 45.45 -15.25
C ASN H 197 -51.31 44.25 -15.25
N ARG H 198 -51.38 43.46 -14.17
CA ARG H 198 -52.33 42.36 -14.08
C ARG H 198 -53.20 42.49 -12.83
N HIS H 199 -52.63 42.89 -11.69
CA HIS H 199 -53.43 43.19 -10.51
C HIS H 199 -53.17 44.57 -9.94
N TYR H 200 -51.98 45.14 -10.13
CA TYR H 200 -51.69 46.51 -9.77
C TYR H 200 -51.02 47.19 -10.96
N TYR H 201 -51.20 48.50 -11.05
CA TYR H 201 -50.62 49.30 -12.12
C TYR H 201 -49.77 50.40 -11.52
N SER H 202 -48.65 50.70 -12.17
CA SER H 202 -47.75 51.73 -11.68
C SER H 202 -48.30 53.11 -12.01
N ILE H 203 -47.96 54.07 -11.14
CA ILE H 203 -48.28 55.48 -11.36
C ILE H 203 -46.96 56.23 -11.45
N THR H 204 -46.84 57.11 -12.44
CA THR H 204 -45.58 57.81 -12.67
C THR H 204 -45.22 58.65 -11.47
N ILE H 205 -43.93 58.70 -11.16
CA ILE H 205 -43.42 59.35 -9.96
C ILE H 205 -42.93 60.74 -10.34
N ASN H 206 -43.44 61.76 -9.66
CA ASN H 206 -43.05 63.14 -9.92
C ASN H 206 -42.62 63.80 -8.61
N TYR H 207 -41.42 64.38 -8.61
CA TYR H 207 -40.88 65.03 -7.42
C TYR H 207 -41.23 66.51 -7.44
N ARG H 208 -42.00 66.94 -6.44
CA ARG H 208 -42.38 68.35 -6.31
C ARG H 208 -41.31 69.06 -5.50
N LYS H 209 -40.29 69.56 -6.19
CA LYS H 209 -39.18 70.28 -5.56
C LYS H 209 -39.22 71.74 -5.97
N ASN H 210 -39.03 72.63 -4.99
CA ASN H 210 -39.09 74.06 -5.22
C ASN H 210 -37.91 74.73 -4.55
N GLU H 211 -37.73 76.02 -4.84
CA GLU H 211 -36.71 76.83 -4.19
C GLU H 211 -37.02 76.96 -2.71
N LEU H 212 -35.99 77.27 -1.91
CA LEU H 212 -36.05 77.31 -0.45
C LEU H 212 -36.15 75.90 0.10
N GLU H 213 -36.30 74.92 -0.79
CA GLU H 213 -36.12 73.52 -0.48
C GLU H 213 -35.04 72.88 -1.32
N GLN H 214 -34.59 73.57 -2.37
CA GLN H 214 -33.42 73.17 -3.13
C GLN H 214 -32.16 73.91 -2.73
N LYS H 215 -32.26 75.19 -2.38
CA LYS H 215 -31.12 75.96 -1.91
C LYS H 215 -30.68 75.54 -0.50
N MET H 216 -31.58 74.94 0.28
CA MET H 216 -31.20 74.38 1.58
C MET H 216 -30.44 73.07 1.46
N LEU H 217 -30.77 72.26 0.47
CA LEU H 217 -30.06 70.99 0.26
C LEU H 217 -28.74 71.16 -0.46
N LEU H 218 -28.45 72.35 -0.99
CA LEU H 218 -27.15 72.64 -1.58
C LEU H 218 -26.11 73.00 -0.52
N ASN H 219 -26.47 72.93 0.75
CA ASN H 219 -25.56 73.20 1.85
C ASN H 219 -24.89 71.96 2.42
N LEU H 220 -25.30 70.76 1.99
CA LEU H 220 -24.71 69.55 2.55
C LEU H 220 -23.25 69.41 2.12
N HIS H 221 -22.96 69.78 0.88
CA HIS H 221 -21.60 70.11 0.43
C HIS H 221 -21.68 71.52 -0.14
N LYS H 222 -21.33 72.52 0.68
CA LYS H 222 -21.39 73.91 0.24
C LYS H 222 -20.03 74.53 0.01
N LYS H 223 -18.95 73.95 0.54
CA LYS H 223 -17.61 74.45 0.30
C LYS H 223 -17.45 75.90 0.77
N SER H 224 -17.49 76.10 2.09
CA SER H 224 -17.35 77.43 2.68
C SER H 224 -16.12 78.16 2.14
N TRP H 225 -16.13 79.48 2.28
CA TRP H 225 -15.19 80.33 1.55
C TRP H 225 -13.73 79.99 1.87
N MET H 226 -13.48 79.35 3.01
CA MET H 226 -12.09 79.05 3.40
C MET H 226 -11.43 78.11 2.40
N GLU H 227 -12.14 77.08 1.94
CA GLU H 227 -11.51 76.11 1.05
C GLU H 227 -11.20 76.73 -0.32
N GLY H 228 -11.86 77.82 -0.66
CA GLY H 228 -11.59 78.52 -1.90
C GLY H 228 -10.32 79.33 -1.88
N LEU H 229 -9.69 79.47 -0.73
CA LEU H 229 -8.45 80.22 -0.60
C LEU H 229 -7.33 79.41 0.03
N THR H 230 -7.57 78.15 0.38
CA THR H 230 -6.53 77.31 0.97
C THR H 230 -5.52 76.92 -0.10
N LEU H 231 -4.24 77.04 0.23
CA LEU H 231 -3.15 76.79 -0.71
C LEU H 231 -2.72 75.33 -0.78
N GLN H 232 -3.55 74.41 -0.30
CA GLN H 232 -3.14 73.00 -0.15
C GLN H 232 -1.90 73.01 0.74
N ASP H 233 -0.97 72.08 0.53
CA ASP H 233 0.35 72.17 1.15
C ASP H 233 1.36 71.87 0.04
N TYR H 234 2.49 72.57 0.08
CA TYR H 234 3.41 72.50 -1.05
C TYR H 234 4.18 71.18 -1.10
N SER H 235 4.24 70.44 0.00
CA SER H 235 5.00 69.19 0.02
C SER H 235 4.35 68.14 -0.88
N GLU H 236 3.11 67.75 -0.56
CA GLU H 236 2.46 66.75 -1.40
C GLU H 236 2.04 67.33 -2.74
N HIS H 237 1.89 68.64 -2.85
CA HIS H 237 1.68 69.24 -4.17
C HIS H 237 2.89 69.02 -5.06
N CYS H 238 4.09 69.27 -4.52
CA CYS H 238 5.30 69.01 -5.28
C CYS H 238 5.46 67.53 -5.59
N LYS H 239 5.14 66.67 -4.63
CA LYS H 239 5.25 65.23 -4.88
C LYS H 239 4.28 64.79 -5.98
N HIS H 240 3.05 65.29 -5.95
CA HIS H 240 2.06 64.97 -6.98
C HIS H 240 2.52 65.49 -8.33
N ASN H 241 3.06 66.70 -8.37
CA ASN H 241 3.57 67.25 -9.63
C ASN H 241 4.69 66.38 -10.18
N GLU H 242 5.63 65.98 -9.32
CA GLU H 242 6.73 65.14 -9.76
C GLU H 242 6.24 63.79 -10.28
N SER H 243 5.30 63.18 -9.55
CA SER H 243 4.79 61.87 -9.96
C SER H 243 4.08 61.96 -11.31
N VAL H 244 3.26 62.99 -11.49
CA VAL H 244 2.55 63.14 -12.76
C VAL H 244 3.53 63.43 -13.88
N VAL H 245 4.57 64.21 -13.59
CA VAL H 245 5.57 64.51 -14.62
C VAL H 245 6.32 63.24 -15.03
N LYS H 246 6.66 62.38 -14.07
CA LYS H 246 7.38 61.14 -14.42
C LYS H 246 6.48 60.19 -15.22
N GLU H 247 5.25 59.98 -14.76
CA GLU H 247 4.36 59.11 -15.51
C GLU H 247 4.05 59.70 -16.88
N MET H 248 4.06 61.03 -16.99
CA MET H 248 3.88 61.67 -18.28
C MET H 248 5.10 61.52 -19.17
N LEU H 249 6.30 61.48 -18.59
CA LEU H 249 7.47 61.21 -19.41
C LEU H 249 7.41 59.80 -19.98
N GLU H 250 6.98 58.84 -19.16
CA GLU H 250 6.80 57.48 -19.66
C GLU H 250 5.72 57.42 -20.74
N LEU H 251 4.59 58.11 -20.50
CA LEU H 251 3.52 58.11 -21.48
C LEU H 251 3.90 58.87 -22.74
N ALA H 252 4.80 59.85 -22.63
CA ALA H 252 5.29 60.54 -23.81
C ALA H 252 6.24 59.66 -24.60
N LYS H 253 7.01 58.82 -23.92
CA LYS H 253 7.78 57.80 -24.61
C LYS H 253 6.85 56.86 -25.39
N ASN H 254 5.76 56.44 -24.75
CA ASN H 254 4.80 55.56 -25.42
C ASN H 254 4.15 56.27 -26.60
N TYR H 255 3.78 57.54 -26.44
CA TYR H 255 3.19 58.30 -27.53
C TYR H 255 4.18 58.49 -28.67
N ASN H 256 5.45 58.73 -28.36
CA ASN H 256 6.47 58.83 -29.38
C ASN H 256 6.56 57.54 -30.18
N LYS H 257 6.54 56.41 -29.48
CA LYS H 257 6.53 55.13 -30.17
C LYS H 257 5.31 55.00 -31.07
N ALA H 258 4.14 55.36 -30.54
CA ALA H 258 2.89 55.20 -31.28
C ALA H 258 2.87 56.08 -32.52
N VAL H 259 3.54 57.24 -32.49
CA VAL H 259 3.51 58.11 -33.66
C VAL H 259 4.56 57.67 -34.67
N GLU H 260 5.78 57.31 -34.23
CA GLU H 260 6.79 57.01 -35.23
C GLU H 260 6.51 55.65 -35.89
N GLU H 261 5.77 54.78 -35.20
CA GLU H 261 5.45 53.49 -35.82
C GLU H 261 4.65 53.68 -37.10
N GLU H 262 3.60 54.52 -37.05
CA GLU H 262 2.83 54.99 -38.20
C GLU H 262 2.65 53.89 -39.26
N ASP H 263 2.34 52.68 -38.82
CA ASP H 263 2.19 51.58 -39.77
C ASP H 263 0.98 51.81 -40.66
N LYS H 264 1.19 51.73 -41.96
CA LYS H 264 0.19 52.16 -42.93
C LYS H 264 -0.60 51.00 -43.53
N MET H 265 -0.53 49.81 -42.93
CA MET H 265 -1.36 48.69 -43.37
C MET H 265 -2.79 48.96 -42.86
N THR H 266 -3.55 49.68 -43.71
CA THR H 266 -4.90 50.11 -43.37
C THR H 266 -4.93 50.82 -42.02
N PRO H 267 -4.45 52.08 -41.95
CA PRO H 267 -4.32 52.75 -40.64
C PRO H 267 -5.63 52.88 -39.88
N GLU H 268 -6.76 52.99 -40.57
CA GLU H 268 -8.05 53.08 -39.90
C GLU H 268 -8.35 51.79 -39.11
N GLN H 269 -7.66 50.70 -39.45
CA GLN H 269 -7.88 49.44 -38.75
C GLN H 269 -6.98 49.34 -37.52
N LEU H 270 -5.70 49.70 -37.63
CA LEU H 270 -4.86 49.74 -36.43
C LEU H 270 -5.36 50.80 -35.45
N ALA H 271 -6.05 51.81 -35.95
CA ALA H 271 -6.67 52.79 -35.06
C ALA H 271 -7.78 52.18 -34.22
N ILE H 272 -8.34 51.03 -34.65
CA ILE H 272 -9.43 50.40 -33.93
C ILE H 272 -9.02 49.09 -33.25
N LYS H 273 -7.89 48.50 -33.65
CA LYS H 273 -7.42 47.26 -33.04
C LYS H 273 -6.58 47.50 -31.79
N ASN H 274 -6.22 48.75 -31.52
CA ASN H 274 -5.39 49.09 -30.37
C ASN H 274 -6.13 49.96 -29.37
N VAL H 275 -7.46 50.02 -29.45
CA VAL H 275 -8.24 50.79 -28.48
C VAL H 275 -8.39 49.96 -27.22
N GLY H 276 -7.79 50.44 -26.13
CA GLY H 276 -7.89 49.79 -24.84
C GLY H 276 -7.87 50.78 -23.70
N LYS H 277 -8.17 52.04 -24.00
CA LYS H 277 -7.97 53.16 -23.07
C LYS H 277 -6.50 53.23 -22.66
N GLN H 278 -5.67 53.50 -23.67
CA GLN H 278 -4.22 53.41 -23.53
C GLN H 278 -3.57 54.73 -23.97
N ASP H 279 -2.25 54.68 -24.13
CA ASP H 279 -1.30 55.76 -24.38
C ASP H 279 -1.82 56.94 -25.21
N PRO H 280 -2.30 56.74 -26.47
CA PRO H 280 -2.35 57.86 -27.42
C PRO H 280 -2.96 59.15 -26.90
N LYS H 281 -4.23 59.12 -26.49
CA LYS H 281 -4.90 60.35 -26.06
C LYS H 281 -5.52 60.29 -24.67
N ARG H 282 -5.99 59.14 -24.21
CA ARG H 282 -6.72 59.08 -22.95
C ARG H 282 -5.78 59.21 -21.76
N HIS H 283 -4.77 58.33 -21.68
CA HIS H 283 -3.72 58.49 -20.68
C HIS H 283 -2.82 59.69 -20.97
N LEU H 284 -2.96 60.28 -22.15
CA LEU H 284 -2.33 61.55 -22.54
C LEU H 284 -3.13 62.69 -21.96
N GLU H 285 -3.12 63.84 -22.65
CA GLU H 285 -3.37 65.19 -22.12
C GLU H 285 -4.42 65.29 -21.02
N GLU H 286 -5.27 64.28 -20.83
CA GLU H 286 -6.07 64.24 -19.61
C GLU H 286 -5.17 64.45 -18.39
N HIS H 287 -4.01 63.79 -18.38
CA HIS H 287 -3.03 64.08 -17.34
C HIS H 287 -2.48 65.50 -17.47
N VAL H 288 -2.27 66.00 -18.70
CA VAL H 288 -1.93 67.39 -18.89
C VAL H 288 -3.03 68.29 -18.32
N ASP H 289 -4.29 67.90 -18.53
CA ASP H 289 -5.39 68.68 -18.00
C ASP H 289 -5.32 68.74 -16.48
N VAL H 290 -5.09 67.60 -15.84
CA VAL H 290 -5.03 67.56 -14.37
C VAL H 290 -3.87 68.40 -13.87
N LEU H 291 -2.69 68.22 -14.45
CA LEU H 291 -1.52 68.98 -14.02
C LEU H 291 -1.73 70.48 -14.20
N MET H 292 -2.21 70.89 -15.37
CA MET H 292 -2.38 72.31 -15.64
C MET H 292 -3.45 72.91 -14.75
N THR H 293 -4.55 72.20 -14.53
CA THR H 293 -5.60 72.70 -13.65
C THR H 293 -5.09 72.87 -12.24
N SER H 294 -4.40 71.86 -11.71
CA SER H 294 -3.89 71.94 -10.35
C SER H 294 -2.89 73.08 -10.20
N ASN H 295 -1.96 73.19 -11.15
CA ASN H 295 -0.94 74.24 -11.06
C ASN H 295 -1.56 75.63 -11.18
N ILE H 296 -2.49 75.81 -12.11
CA ILE H 296 -3.12 77.12 -12.28
C ILE H 296 -3.92 77.50 -11.04
N VAL H 297 -4.68 76.55 -10.50
CA VAL H 297 -5.48 76.85 -9.31
C VAL H 297 -4.58 77.19 -8.13
N GLN H 298 -3.50 76.42 -7.94
CA GLN H 298 -2.60 76.70 -6.83
C GLN H 298 -1.92 78.05 -6.99
N CYS H 299 -1.45 78.38 -8.19
CA CYS H 299 -0.80 79.66 -8.40
C CYS H 299 -1.77 80.82 -8.23
N LEU H 300 -3.00 80.68 -8.75
CA LEU H 300 -3.98 81.74 -8.60
C LEU H 300 -4.34 81.96 -7.14
N ALA H 301 -4.52 80.87 -6.38
CA ALA H 301 -4.80 81.00 -4.96
C ALA H 301 -3.63 81.65 -4.23
N ALA H 302 -2.39 81.32 -4.62
CA ALA H 302 -1.24 81.92 -3.98
C ALA H 302 -1.18 83.43 -4.24
N MET H 303 -1.43 83.84 -5.48
CA MET H 303 -1.46 85.28 -5.75
C MET H 303 -2.61 85.94 -5.00
N LEU H 304 -3.77 85.27 -4.93
CA LEU H 304 -4.91 85.86 -4.22
C LEU H 304 -4.62 86.06 -2.75
N ASP H 305 -3.98 85.09 -2.09
CA ASP H 305 -3.75 85.25 -0.66
C ASP H 305 -2.57 86.17 -0.40
N THR H 306 -1.61 86.26 -1.32
CA THR H 306 -0.53 87.22 -1.14
C THR H 306 -1.00 88.64 -1.42
N VAL H 307 -2.11 88.81 -2.12
CA VAL H 307 -2.67 90.14 -2.35
C VAL H 307 -3.62 90.52 -1.22
N VAL H 308 -4.59 89.65 -0.92
CA VAL H 308 -5.64 89.99 0.04
C VAL H 308 -5.06 90.09 1.46
N PHE H 309 -4.26 89.11 1.86
CA PHE H 309 -3.71 89.09 3.21
C PHE H 309 -2.39 89.85 3.20
N LYS H 310 -2.46 91.13 3.56
CA LYS H 310 -1.30 92.02 3.60
C LYS H 310 -0.59 92.11 2.26
N UNK I 1 6.55 0.91 2.01
CA UNK I 1 5.56 1.98 1.90
C UNK I 1 4.53 1.66 0.83
N UNK I 2 3.50 2.49 0.72
CA UNK I 2 2.45 2.29 -0.27
C UNK I 2 1.70 3.59 -0.55
N UNK I 3 1.90 4.14 -1.75
CA UNK I 3 1.17 5.33 -2.17
C UNK I 3 -0.31 4.99 -2.31
N UNK I 4 -1.16 5.75 -1.62
CA UNK I 4 -2.57 5.42 -1.56
C UNK I 4 -3.46 6.48 -2.20
N UNK I 5 -4.27 6.06 -3.16
CA UNK I 5 -5.26 6.94 -3.76
C UNK I 5 -6.38 7.19 -2.75
N UNK I 6 -7.25 8.16 -3.04
CA UNK I 6 -8.30 8.51 -2.10
C UNK I 6 -9.61 8.87 -2.80
N UNK I 7 -10.71 8.56 -2.14
CA UNK I 7 -12.04 8.98 -2.61
C UNK I 7 -12.35 10.34 -2.04
N UNK I 8 -13.57 10.83 -2.25
CA UNK I 8 -13.97 12.14 -1.75
C UNK I 8 -15.37 12.10 -1.15
N UNK I 9 -15.47 12.43 0.12
CA UNK I 9 -16.77 12.46 0.80
C UNK I 9 -17.21 13.90 1.03
N UNK I 10 -18.21 14.34 0.27
CA UNK I 10 -18.73 15.70 0.38
C UNK I 10 -19.41 15.91 1.73
N UNK I 11 -19.53 17.17 2.13
CA UNK I 11 -20.15 17.51 3.40
C UNK I 11 -21.65 17.74 3.24
N UNK I 12 -22.11 18.91 3.65
CA UNK I 12 -23.53 19.25 3.57
C UNK I 12 -23.98 19.37 2.11
N PRO J 21 19.93 11.58 -46.26
CA PRO J 21 19.93 12.25 -47.57
C PRO J 21 18.54 12.41 -48.14
N ILE J 22 17.51 12.15 -47.33
CA ILE J 22 16.14 12.33 -47.78
C ILE J 22 15.84 13.82 -47.94
N ARG J 23 14.96 14.14 -48.87
CA ARG J 23 14.65 15.53 -49.21
C ARG J 23 13.19 15.84 -48.88
N ALA J 24 12.96 17.05 -48.39
CA ALA J 24 11.61 17.47 -48.05
C ALA J 24 10.78 17.71 -49.31
N LEU J 25 9.47 17.75 -49.13
CA LEU J 25 8.55 17.95 -50.24
C LEU J 25 8.27 19.45 -50.42
N ASP J 26 8.28 19.88 -51.67
CA ASP J 26 8.06 21.28 -52.01
C ASP J 26 6.65 21.48 -52.55
N GLU J 27 6.28 22.74 -52.74
CA GLU J 27 4.92 23.07 -53.16
C GLU J 27 4.62 22.52 -54.56
N GLY J 28 5.56 22.65 -55.49
CA GLY J 28 5.35 22.06 -56.80
C GLY J 28 5.22 20.55 -56.74
N ASP J 29 6.02 19.92 -55.88
CA ASP J 29 5.90 18.47 -55.68
C ASP J 29 4.52 18.11 -55.13
N ILE J 30 4.02 18.90 -54.18
CA ILE J 30 2.69 18.66 -53.63
C ILE J 30 1.63 18.79 -54.71
N ALA J 31 1.72 19.85 -55.52
CA ALA J 31 0.71 20.05 -56.57
C ALA J 31 0.73 18.91 -57.57
N LEU J 32 1.93 18.48 -57.99
CA LEU J 32 2.01 17.38 -58.93
C LEU J 32 1.49 16.08 -58.31
N LEU J 33 1.83 15.81 -57.06
CA LEU J 33 1.39 14.58 -56.42
C LEU J 33 -0.12 14.54 -56.27
N LYS J 34 -0.74 15.67 -55.92
CA LYS J 34 -2.19 15.71 -55.82
C LYS J 34 -2.89 15.85 -57.16
N THR J 35 -2.16 16.17 -58.23
CA THR J 35 -2.76 16.30 -59.56
C THR J 35 -2.35 15.19 -60.51
N TYR J 36 -1.04 14.94 -60.65
CA TYR J 36 -0.57 13.94 -61.60
C TYR J 36 -0.93 12.54 -61.10
N GLY J 37 -1.97 11.96 -61.69
CA GLY J 37 -2.46 10.66 -61.28
C GLY J 37 -3.91 10.50 -61.66
N GLN J 38 -4.73 10.03 -60.72
CA GLN J 38 -6.16 9.91 -60.93
C GLN J 38 -6.84 11.18 -60.46
N SER J 39 -7.40 11.94 -61.40
CA SER J 39 -8.07 13.20 -61.07
C SER J 39 -9.35 13.42 -61.85
N THR J 40 -9.77 12.47 -62.69
CA THR J 40 -11.01 12.67 -63.45
C THR J 40 -12.24 12.54 -62.55
N TYR J 41 -12.19 11.64 -61.57
CA TYR J 41 -13.33 11.35 -60.72
C TYR J 41 -13.03 11.51 -59.23
N SER J 42 -11.76 11.62 -58.84
CA SER J 42 -11.44 11.77 -57.42
C SER J 42 -12.01 13.06 -56.85
N ARG J 43 -11.89 14.15 -57.60
CA ARG J 43 -12.42 15.43 -57.14
C ARG J 43 -13.93 15.37 -56.98
N GLN J 44 -14.62 14.78 -57.96
CA GLN J 44 -16.08 14.67 -57.89
C GLN J 44 -16.51 13.79 -56.71
N ILE J 45 -15.85 12.65 -56.54
CA ILE J 45 -16.20 11.74 -55.46
C ILE J 45 -15.96 12.40 -54.10
N LYS J 46 -14.82 13.09 -53.96
CA LYS J 46 -14.51 13.75 -52.69
C LYS J 46 -15.53 14.84 -52.39
N GLN J 47 -15.87 15.65 -53.39
CA GLN J 47 -16.84 16.72 -53.18
C GLN J 47 -18.20 16.15 -52.81
N VAL J 48 -18.60 15.06 -53.47
CA VAL J 48 -19.88 14.43 -53.17
C VAL J 48 -19.87 13.87 -51.75
N GLU J 49 -18.76 13.27 -51.32
CA GLU J 49 -18.68 12.76 -49.95
C GLU J 49 -18.83 13.90 -48.95
N ASP J 50 -18.11 15.00 -49.18
CA ASP J 50 -18.17 16.12 -48.25
C ASP J 50 -19.58 16.71 -48.18
N ASP J 51 -20.23 16.87 -49.33
CA ASP J 51 -21.55 17.49 -49.30
C ASP J 51 -22.62 16.52 -48.80
N ILE J 52 -22.41 15.21 -48.95
CA ILE J 52 -23.29 14.24 -48.30
C ILE J 52 -23.17 14.36 -46.78
N GLN J 53 -21.95 14.50 -46.28
CA GLN J 53 -21.79 14.73 -44.84
C GLN J 53 -22.50 16.01 -44.41
N GLN J 54 -22.36 17.07 -45.21
CA GLN J 54 -23.01 18.33 -44.88
C GLN J 54 -24.54 18.20 -44.89
N LEU J 55 -25.10 17.48 -45.86
CA LEU J 55 -26.53 17.24 -45.87
C LEU J 55 -26.98 16.43 -44.66
N LEU J 56 -26.21 15.41 -44.27
CA LEU J 56 -26.58 14.64 -43.10
C LEU J 56 -26.62 15.53 -41.86
N LYS J 57 -25.60 16.37 -41.70
CA LYS J 57 -25.58 17.30 -40.58
C LYS J 57 -26.77 18.26 -40.65
N LYS J 58 -27.12 18.71 -41.85
CA LYS J 58 -28.23 19.64 -42.00
C LYS J 58 -29.57 18.98 -41.65
N ILE J 59 -29.77 17.74 -42.08
CA ILE J 59 -30.99 17.02 -41.71
C ILE J 59 -31.06 16.85 -40.20
N ASN J 60 -29.95 16.45 -39.58
CA ASN J 60 -29.95 16.25 -38.14
C ASN J 60 -30.24 17.56 -37.41
N GLU J 61 -29.67 18.66 -37.88
CA GLU J 61 -29.92 19.95 -37.24
C GLU J 61 -31.36 20.42 -37.47
N LEU J 62 -31.94 20.06 -38.62
CA LEU J 62 -33.30 20.51 -38.91
C LEU J 62 -34.30 19.76 -38.04
N THR J 63 -34.14 18.44 -37.91
CA THR J 63 -35.04 17.69 -37.05
C THR J 63 -34.67 17.88 -35.58
N GLY J 64 -33.50 17.36 -35.19
CA GLY J 64 -32.83 17.68 -33.94
C GLY J 64 -33.72 17.93 -32.73
N ILE J 65 -34.77 17.14 -32.56
CA ILE J 65 -35.71 17.41 -31.47
C ILE J 65 -35.74 16.24 -30.49
N LYS J 66 -36.02 15.04 -31.00
CA LYS J 66 -36.26 13.84 -30.18
C LYS J 66 -37.05 14.20 -28.92
N GLU J 67 -38.27 14.65 -29.15
CA GLU J 67 -39.15 15.20 -28.12
C GLU J 67 -39.15 14.35 -26.86
N SER J 68 -38.67 14.93 -25.76
CA SER J 68 -38.51 14.19 -24.52
C SER J 68 -39.87 14.00 -23.86
N ASP J 69 -40.18 12.75 -23.51
CA ASP J 69 -41.46 12.45 -22.89
C ASP J 69 -41.53 13.06 -21.50
N THR J 70 -42.69 13.64 -21.20
CA THR J 70 -42.99 14.18 -19.88
C THR J 70 -44.30 13.57 -19.40
N GLY J 71 -44.49 13.57 -18.08
CA GLY J 71 -45.66 12.94 -17.52
C GLY J 71 -46.93 13.73 -17.78
N LEU J 72 -47.35 13.78 -19.04
CA LEU J 72 -48.56 14.48 -19.45
C LEU J 72 -49.67 13.47 -19.65
N ALA J 73 -50.76 13.62 -18.89
CA ALA J 73 -51.89 12.72 -18.99
C ALA J 73 -52.62 12.94 -20.31
N PRO J 74 -53.41 11.97 -20.77
CA PRO J 74 -54.19 12.17 -21.98
C PRO J 74 -55.11 13.36 -21.82
N PRO J 75 -55.39 14.09 -22.89
CA PRO J 75 -56.17 15.33 -22.76
C PRO J 75 -57.51 15.14 -22.07
N ALA J 76 -58.18 14.02 -22.31
CA ALA J 76 -59.44 13.77 -21.62
C ALA J 76 -59.24 13.50 -20.14
N LEU J 77 -58.04 13.08 -19.74
CA LEU J 77 -57.81 12.71 -18.35
C LEU J 77 -57.85 13.93 -17.44
N TRP J 78 -57.17 15.01 -17.85
CA TRP J 78 -57.15 16.18 -16.98
C TRP J 78 -58.27 17.16 -17.34
N ASP J 79 -58.22 17.75 -18.53
CA ASP J 79 -59.22 18.69 -19.03
C ASP J 79 -59.72 19.63 -17.94
N LEU J 80 -58.83 20.11 -17.08
CA LEU J 80 -59.21 20.83 -15.88
C LEU J 80 -58.69 22.26 -15.93
N ALA J 81 -59.61 23.22 -15.86
CA ALA J 81 -59.26 24.61 -15.58
C ALA J 81 -59.21 24.89 -14.09
N ALA J 82 -59.65 23.94 -13.26
CA ALA J 82 -59.57 24.06 -11.82
C ALA J 82 -58.18 23.75 -11.29
N ASP J 83 -57.27 23.27 -12.14
CA ASP J 83 -55.87 23.13 -11.72
C ASP J 83 -55.27 24.48 -11.37
N LYS J 84 -55.65 25.53 -12.11
CA LYS J 84 -55.24 26.88 -11.73
C LYS J 84 -55.86 27.27 -10.40
N GLN J 85 -57.09 26.82 -10.13
CA GLN J 85 -57.75 27.16 -8.88
C GLN J 85 -56.99 26.57 -7.69
N THR J 86 -56.60 25.30 -7.78
CA THR J 86 -55.85 24.69 -6.67
C THR J 86 -54.41 25.20 -6.64
N LEU J 87 -53.86 25.59 -7.80
CA LEU J 87 -52.53 26.18 -7.81
C LEU J 87 -52.52 27.51 -7.07
N GLN J 88 -53.54 28.34 -7.28
CA GLN J 88 -53.61 29.63 -6.62
C GLN J 88 -54.05 29.52 -5.16
N SER J 89 -54.98 28.61 -4.86
CA SER J 89 -55.53 28.54 -3.51
C SER J 89 -54.63 27.74 -2.58
N GLU J 90 -54.37 26.48 -2.92
CA GLU J 90 -53.51 25.66 -2.09
C GLU J 90 -52.08 26.21 -2.08
N GLN J 91 -51.48 26.22 -0.89
CA GLN J 91 -50.14 26.72 -0.75
C GLN J 91 -49.18 25.57 -0.47
N PRO J 92 -47.97 25.63 -0.99
CA PRO J 92 -46.96 24.62 -0.65
C PRO J 92 -46.57 24.73 0.81
N LEU J 93 -46.21 23.59 1.40
CA LEU J 93 -45.84 23.51 2.81
C LEU J 93 -44.51 22.78 2.93
N GLN J 94 -43.54 23.42 3.58
CA GLN J 94 -42.29 22.75 3.91
C GLN J 94 -42.55 21.72 4.99
N VAL J 95 -41.94 20.54 4.85
CA VAL J 95 -42.09 19.48 5.83
C VAL J 95 -41.08 19.70 6.94
N ALA J 96 -41.51 19.44 8.18
CA ALA J 96 -40.66 19.62 9.34
C ALA J 96 -41.22 18.79 10.48
N ARG J 97 -40.32 18.34 11.35
CA ARG J 97 -40.70 17.50 12.48
C ARG J 97 -40.68 18.32 13.77
N CYS J 98 -41.78 18.24 14.52
CA CYS J 98 -41.90 18.98 15.77
C CYS J 98 -41.04 18.28 16.81
N THR J 99 -39.85 18.85 17.07
CA THR J 99 -38.92 18.19 17.98
C THR J 99 -39.37 18.32 19.43
N LYS J 100 -39.81 19.50 19.83
CA LYS J 100 -40.21 19.73 21.22
C LYS J 100 -41.48 20.56 21.25
N ILE J 101 -42.39 20.19 22.16
CA ILE J 101 -43.62 20.92 22.40
C ILE J 101 -43.41 21.81 23.61
N ILE J 102 -44.03 22.97 23.61
CA ILE J 102 -43.84 23.96 24.66
C ILE J 102 -45.20 24.28 25.28
N ASN J 103 -45.24 24.24 26.60
CA ASN J 103 -46.47 24.57 27.32
C ASN J 103 -46.20 25.52 28.48
N ASP J 108 -51.03 29.39 25.47
CA ASP J 108 -50.86 29.04 24.06
C ASP J 108 -49.60 28.23 23.86
N PRO J 109 -49.76 26.95 23.51
CA PRO J 109 -48.59 26.09 23.30
C PRO J 109 -47.75 26.58 22.13
N LYS J 110 -46.44 26.41 22.27
CA LYS J 110 -45.49 26.67 21.21
C LYS J 110 -44.86 25.36 20.77
N TYR J 111 -44.36 25.33 19.54
CA TYR J 111 -43.83 24.12 18.93
C TYR J 111 -42.49 24.43 18.26
N ILE J 112 -41.48 23.65 18.60
CA ILE J 112 -40.16 23.76 17.98
C ILE J 112 -40.12 22.78 16.81
N ILE J 113 -39.84 23.29 15.62
CA ILE J 113 -39.86 22.48 14.40
C ILE J 113 -38.47 22.50 13.77
N ASN J 114 -38.06 21.35 13.25
CA ASN J 114 -36.80 21.21 12.53
C ASN J 114 -37.11 21.10 11.04
N VAL J 115 -36.78 22.15 10.28
CA VAL J 115 -37.03 22.15 8.84
C VAL J 115 -35.78 21.55 8.21
N LYS J 116 -35.73 20.21 8.22
CA LYS J 116 -34.58 19.43 7.75
C LYS J 116 -33.24 20.09 8.01
N GLN J 117 -32.72 20.78 7.00
CA GLN J 117 -31.45 21.49 7.10
C GLN J 117 -31.60 23.01 7.11
N PHE J 118 -32.79 23.53 6.82
CA PHE J 118 -32.98 24.97 6.76
C PHE J 118 -32.71 25.61 8.13
N ALA J 119 -33.55 25.31 9.11
CA ALA J 119 -33.43 25.95 10.43
C ALA J 119 -34.36 25.34 11.45
N LYS J 120 -34.27 25.83 12.69
CA LYS J 120 -35.18 25.48 13.77
C LYS J 120 -35.99 26.71 14.14
N PHE J 121 -37.30 26.53 14.26
CA PHE J 121 -38.20 27.63 14.55
C PHE J 121 -39.14 27.25 15.69
N VAL J 122 -39.62 28.25 16.40
CA VAL J 122 -40.68 28.05 17.40
C VAL J 122 -41.97 28.59 16.80
N VAL J 123 -42.89 27.70 16.46
CA VAL J 123 -44.09 28.08 15.73
C VAL J 123 -45.32 27.63 16.50
N ASP J 124 -46.48 28.06 16.03
CA ASP J 124 -47.77 27.63 16.55
C ASP J 124 -48.59 27.03 15.42
N LEU J 125 -49.54 26.17 15.79
CA LEU J 125 -50.43 25.59 14.79
C LEU J 125 -51.37 26.64 14.24
N SER J 126 -51.78 26.45 12.99
CA SER J 126 -52.86 27.24 12.45
C SER J 126 -54.19 26.75 13.02
N ASP J 127 -55.24 27.53 12.79
CA ASP J 127 -56.56 27.18 13.32
C ASP J 127 -57.12 25.90 12.72
N GLN J 128 -56.56 25.44 11.59
CA GLN J 128 -57.12 24.27 10.91
C GLN J 128 -56.96 23.01 11.76
N VAL J 129 -55.81 22.84 12.41
CA VAL J 129 -55.53 21.64 13.19
C VAL J 129 -55.67 21.95 14.67
N ALA J 130 -55.92 20.91 15.46
CA ALA J 130 -56.07 20.98 16.90
C ALA J 130 -54.79 20.52 17.59
N PRO J 131 -54.52 21.02 18.80
CA PRO J 131 -53.29 20.63 19.50
C PRO J 131 -53.18 19.13 19.75
N THR J 132 -54.30 18.42 19.86
CA THR J 132 -54.25 16.99 20.11
C THR J 132 -53.65 16.23 18.93
N ASP J 133 -53.88 16.70 17.71
CA ASP J 133 -53.36 15.99 16.54
C ASP J 133 -51.84 16.00 16.52
N ILE J 134 -51.22 17.13 16.86
CA ILE J 134 -49.78 17.27 16.76
C ILE J 134 -49.12 16.70 18.01
N GLU J 135 -48.17 15.80 17.81
CA GLU J 135 -47.43 15.18 18.90
C GLU J 135 -45.94 15.41 18.69
N GLU J 136 -45.18 15.26 19.77
CA GLU J 136 -43.74 15.47 19.70
C GLU J 136 -43.09 14.42 18.79
N GLY J 137 -42.19 14.89 17.93
CA GLY J 137 -41.38 14.01 17.11
C GLY J 137 -41.95 13.67 15.75
N MET J 138 -43.19 14.04 15.47
CA MET J 138 -43.79 13.73 14.18
C MET J 138 -43.51 14.85 13.18
N ARG J 139 -43.47 14.49 11.90
CA ARG J 139 -43.20 15.45 10.84
C ARG J 139 -44.51 16.12 10.41
N VAL J 140 -44.48 17.45 10.25
CA VAL J 140 -45.65 18.23 9.91
C VAL J 140 -45.29 19.21 8.80
N GLY J 141 -46.33 19.71 8.13
CA GLY J 141 -46.13 20.69 7.08
C GLY J 141 -46.36 22.11 7.59
N VAL J 142 -45.47 23.02 7.17
CA VAL J 142 -45.52 24.41 7.60
C VAL J 142 -45.43 25.30 6.37
N ASP J 143 -46.15 26.43 6.43
CA ASP J 143 -46.12 27.37 5.32
C ASP J 143 -44.77 28.06 5.24
N ARG J 144 -44.45 28.57 4.04
CA ARG J 144 -43.13 29.12 3.80
C ARG J 144 -42.94 30.52 4.37
N ASN J 145 -44.01 31.19 4.83
CA ASN J 145 -43.89 32.57 5.30
C ASN J 145 -43.79 32.64 6.82
N LYS J 146 -44.77 32.11 7.54
CA LYS J 146 -44.80 32.18 8.99
C LYS J 146 -44.39 30.88 9.67
N TYR J 147 -44.21 29.80 8.90
CA TYR J 147 -43.78 28.50 9.40
C TYR J 147 -44.80 27.88 10.36
N GLN J 148 -46.04 28.37 10.34
CA GLN J 148 -47.08 27.78 11.17
C GLN J 148 -47.38 26.35 10.72
N ILE J 149 -47.60 25.48 11.69
CA ILE J 149 -47.95 24.10 11.40
C ILE J 149 -49.35 24.06 10.82
N HIS J 150 -49.49 23.43 9.65
CA HIS J 150 -50.77 23.41 8.94
C HIS J 150 -51.39 22.03 8.80
N ILE J 151 -50.59 20.97 8.80
CA ILE J 151 -51.13 19.63 8.60
C ILE J 151 -50.11 18.59 9.07
N PRO J 152 -50.52 17.61 9.87
CA PRO J 152 -49.61 16.52 10.22
C PRO J 152 -49.37 15.61 9.02
N LEU J 153 -48.21 14.95 9.04
CA LEU J 153 -47.82 14.12 7.93
C LEU J 153 -47.47 12.72 8.40
N PRO J 154 -47.65 11.71 7.56
CA PRO J 154 -47.29 10.36 7.93
C PRO J 154 -45.79 10.26 8.14
N PRO J 155 -45.33 9.34 9.00
CA PRO J 155 -43.89 9.22 9.23
C PRO J 155 -43.15 8.88 7.95
N LYS J 156 -41.93 9.43 7.84
CA LYS J 156 -41.16 9.30 6.62
C LYS J 156 -40.81 7.84 6.33
N ILE J 157 -41.05 7.42 5.10
CA ILE J 157 -40.59 6.13 4.59
C ILE J 157 -39.57 6.43 3.51
N ASP J 158 -38.41 5.80 3.59
CA ASP J 158 -37.35 6.08 2.64
C ASP J 158 -37.69 5.47 1.29
N PRO J 159 -37.51 6.22 0.19
CA PRO J 159 -37.81 5.63 -1.12
C PRO J 159 -36.80 4.59 -1.56
N THR J 160 -35.50 4.88 -1.39
CA THR J 160 -34.49 3.89 -1.76
C THR J 160 -34.60 2.65 -0.91
N VAL J 161 -34.86 2.81 0.39
CA VAL J 161 -34.96 1.66 1.28
C VAL J 161 -36.22 0.85 0.98
N THR J 162 -37.32 1.54 0.66
CA THR J 162 -38.55 0.82 0.36
C THR J 162 -38.48 0.14 -1.00
N MET J 163 -37.64 0.66 -1.91
CA MET J 163 -37.39 -0.06 -3.16
C MET J 163 -36.39 -1.19 -2.97
N MET J 164 -35.72 -1.26 -1.83
CA MET J 164 -34.84 -2.37 -1.53
C MET J 164 -35.60 -3.66 -1.30
N GLN J 165 -36.91 -3.59 -1.08
CA GLN J 165 -37.72 -4.79 -1.01
C GLN J 165 -37.82 -5.45 -2.38
N VAL J 166 -38.18 -6.74 -2.38
CA VAL J 166 -38.23 -7.49 -3.63
C VAL J 166 -39.61 -7.35 -4.25
N GLU J 167 -40.64 -7.84 -3.55
CA GLU J 167 -42.03 -7.76 -4.00
C GLU J 167 -42.25 -8.40 -5.37
N GLU J 168 -41.28 -9.21 -5.84
CA GLU J 168 -41.41 -9.88 -7.13
C GLU J 168 -40.56 -11.14 -7.05
N LYS J 169 -41.21 -12.27 -6.80
CA LYS J 169 -40.50 -13.50 -6.52
C LYS J 169 -39.74 -13.99 -7.73
N PRO J 170 -38.43 -14.22 -7.64
CA PRO J 170 -37.69 -14.78 -8.77
C PRO J 170 -38.18 -16.18 -9.11
N ASP J 171 -38.10 -16.52 -10.40
CA ASP J 171 -38.69 -17.75 -10.92
C ASP J 171 -37.77 -18.96 -10.80
N VAL J 172 -36.79 -18.92 -9.89
CA VAL J 172 -35.94 -20.08 -9.63
C VAL J 172 -36.39 -20.67 -8.30
N THR J 173 -36.30 -22.00 -8.19
CA THR J 173 -36.73 -22.70 -7.00
C THR J 173 -35.62 -23.61 -6.51
N TYR J 174 -35.88 -24.31 -5.40
CA TYR J 174 -34.87 -25.19 -4.83
C TYR J 174 -34.55 -26.36 -5.76
N SER J 175 -35.51 -26.76 -6.60
CA SER J 175 -35.26 -27.81 -7.57
C SER J 175 -34.25 -27.39 -8.63
N ASP J 176 -34.02 -26.09 -8.80
CA ASP J 176 -33.05 -25.58 -9.75
C ASP J 176 -31.64 -25.54 -9.20
N VAL J 177 -31.44 -25.94 -7.94
CA VAL J 177 -30.12 -25.99 -7.31
C VAL J 177 -29.75 -27.44 -7.10
N GLY J 178 -28.65 -27.87 -7.70
CA GLY J 178 -28.20 -29.23 -7.58
C GLY J 178 -26.83 -29.35 -6.95
N GLY J 179 -26.59 -30.43 -6.22
CA GLY J 179 -25.31 -30.64 -5.58
C GLY J 179 -25.09 -29.88 -4.30
N CYS J 180 -26.14 -29.30 -3.73
CA CYS J 180 -26.05 -28.52 -2.50
C CYS J 180 -27.11 -28.96 -1.51
N LYS J 181 -27.30 -30.28 -1.39
CA LYS J 181 -28.38 -30.79 -0.55
C LYS J 181 -28.20 -30.35 0.90
N GLU J 182 -27.00 -30.54 1.46
CA GLU J 182 -26.77 -30.16 2.85
C GLU J 182 -26.72 -28.64 3.00
N GLN J 183 -26.18 -27.94 2.01
CA GLN J 183 -26.16 -26.49 2.07
C GLN J 183 -27.57 -25.92 2.04
N ILE J 184 -28.42 -26.45 1.15
CA ILE J 184 -29.81 -26.04 1.10
C ILE J 184 -30.51 -26.38 2.40
N GLU J 185 -30.20 -27.54 2.98
CA GLU J 185 -30.83 -27.93 4.25
C GLU J 185 -30.49 -26.95 5.36
N LYS J 186 -29.21 -26.58 5.49
CA LYS J 186 -28.82 -25.63 6.54
C LYS J 186 -29.42 -24.26 6.27
N LEU J 187 -29.43 -23.82 5.00
CA LEU J 187 -30.01 -22.53 4.69
C LEU J 187 -31.49 -22.47 5.03
N ARG J 188 -32.24 -23.52 4.70
CA ARG J 188 -33.64 -23.59 5.10
C ARG J 188 -33.78 -23.64 6.61
N GLU J 189 -32.89 -24.38 7.28
CA GLU J 189 -32.95 -24.49 8.73
C GLU J 189 -32.76 -23.14 9.40
N VAL J 190 -32.06 -22.21 8.73
CA VAL J 190 -31.90 -20.90 9.34
C VAL J 190 -33.02 -19.95 8.92
N VAL J 191 -33.26 -19.79 7.61
CA VAL J 191 -34.11 -18.71 7.13
C VAL J 191 -35.55 -19.14 6.86
N GLU J 192 -35.84 -20.44 6.79
CA GLU J 192 -37.18 -20.89 6.44
C GLU J 192 -37.87 -21.64 7.56
N THR J 193 -37.25 -22.68 8.10
CA THR J 193 -37.90 -23.50 9.12
C THR J 193 -38.29 -22.71 10.36
N PRO J 194 -37.44 -21.84 10.94
CA PRO J 194 -37.88 -21.09 12.13
C PRO J 194 -39.08 -20.21 11.87
N LEU J 195 -39.20 -19.64 10.67
CA LEU J 195 -40.35 -18.81 10.36
C LEU J 195 -41.61 -19.66 10.17
N LEU J 196 -41.49 -20.77 9.43
CA LEU J 196 -42.66 -21.60 9.15
C LEU J 196 -43.08 -22.41 10.36
N HIS J 197 -42.12 -23.01 11.08
CA HIS J 197 -42.41 -23.91 12.18
C HIS J 197 -41.58 -23.52 13.39
N PRO J 198 -41.95 -22.43 14.08
CA PRO J 198 -41.22 -22.06 15.30
C PRO J 198 -41.43 -23.03 16.45
N GLU J 199 -42.41 -23.92 16.36
CA GLU J 199 -42.67 -24.83 17.47
C GLU J 199 -41.59 -25.89 17.61
N ARG J 200 -40.95 -26.27 16.50
CA ARG J 200 -39.93 -27.31 16.58
C ARG J 200 -38.70 -26.85 17.34
N PHE J 201 -38.55 -25.54 17.55
CA PHE J 201 -37.39 -25.01 18.26
C PHE J 201 -37.71 -24.57 19.67
N VAL J 202 -38.90 -23.99 19.90
CA VAL J 202 -39.23 -23.49 21.24
C VAL J 202 -39.45 -24.64 22.21
N ASN J 203 -39.96 -25.78 21.72
CA ASN J 203 -40.16 -26.92 22.59
C ASN J 203 -38.84 -27.45 23.14
N LEU J 204 -37.81 -27.50 22.31
CA LEU J 204 -36.50 -27.95 22.75
C LEU J 204 -35.64 -26.78 23.26
N GLY J 205 -36.18 -25.57 23.27
CA GLY J 205 -35.44 -24.42 23.75
C GLY J 205 -34.26 -24.05 22.90
N ILE J 206 -34.41 -24.16 21.57
CA ILE J 206 -33.32 -23.89 20.64
C ILE J 206 -33.56 -22.52 20.04
N GLU J 207 -32.55 -21.64 20.13
CA GLU J 207 -32.62 -20.34 19.48
C GLU J 207 -31.97 -20.45 18.11
N PRO J 208 -32.73 -20.36 17.03
CA PRO J 208 -32.15 -20.56 15.70
C PRO J 208 -31.17 -19.47 15.34
N PRO J 209 -30.17 -19.78 14.51
CA PRO J 209 -29.29 -18.72 14.00
C PRO J 209 -30.07 -17.68 13.22
N LYS J 210 -29.65 -16.43 13.37
CA LYS J 210 -30.30 -15.32 12.69
C LYS J 210 -29.51 -14.82 11.49
N GLY J 211 -28.45 -15.51 11.09
CA GLY J 211 -27.63 -15.05 9.98
C GLY J 211 -26.92 -16.20 9.30
N VAL J 212 -26.71 -16.05 8.00
CA VAL J 212 -25.97 -17.02 7.19
C VAL J 212 -24.94 -16.27 6.38
N LEU J 213 -23.75 -16.83 6.26
CA LEU J 213 -22.74 -16.36 5.32
C LEU J 213 -22.55 -17.45 4.27
N LEU J 214 -23.07 -17.22 3.07
CA LEU J 214 -22.88 -18.14 1.96
C LEU J 214 -21.57 -17.77 1.27
N PHE J 215 -20.53 -18.55 1.53
CA PHE J 215 -19.22 -18.30 0.96
C PHE J 215 -18.75 -19.50 0.17
N GLY J 216 -17.99 -19.24 -0.90
CA GLY J 216 -17.47 -20.28 -1.74
C GLY J 216 -16.88 -19.70 -3.00
N PRO J 217 -16.37 -20.55 -3.89
CA PRO J 217 -15.85 -20.06 -5.16
C PRO J 217 -16.94 -19.42 -5.97
N PRO J 218 -16.61 -18.46 -6.82
CA PRO J 218 -17.63 -17.82 -7.66
C PRO J 218 -18.30 -18.83 -8.58
N GLY J 219 -19.61 -18.67 -8.75
CA GLY J 219 -20.37 -19.54 -9.62
C GLY J 219 -20.83 -20.84 -8.99
N THR J 220 -20.62 -21.01 -7.68
CA THR J 220 -21.04 -22.23 -7.00
C THR J 220 -22.51 -22.24 -6.63
N GLY J 221 -23.19 -21.10 -6.68
CA GLY J 221 -24.63 -21.09 -6.55
C GLY J 221 -25.18 -20.48 -5.27
N LYS J 222 -24.44 -19.56 -4.66
CA LYS J 222 -24.93 -18.92 -3.45
C LYS J 222 -26.01 -17.90 -3.76
N THR J 223 -25.82 -17.11 -4.81
CA THR J 223 -26.86 -16.18 -5.25
C THR J 223 -28.08 -16.93 -5.75
N LEU J 224 -27.88 -18.07 -6.43
CA LEU J 224 -29.01 -18.89 -6.84
C LEU J 224 -29.79 -19.39 -5.63
N CYS J 225 -29.09 -19.81 -4.58
CA CYS J 225 -29.78 -20.26 -3.37
C CYS J 225 -30.52 -19.11 -2.70
N ALA J 226 -29.93 -17.91 -2.72
CA ALA J 226 -30.63 -16.74 -2.17
C ALA J 226 -31.90 -16.44 -2.95
N ARG J 227 -31.83 -16.54 -4.27
CA ARG J 227 -33.02 -16.33 -5.09
C ARG J 227 -34.08 -17.38 -4.83
N ALA J 228 -33.65 -18.63 -4.64
CA ALA J 228 -34.59 -19.70 -4.29
C ALA J 228 -35.24 -19.43 -2.94
N VAL J 229 -34.47 -18.92 -1.98
CA VAL J 229 -35.02 -18.53 -0.69
C VAL J 229 -36.06 -17.44 -0.87
N ALA J 230 -35.74 -16.42 -1.67
CA ALA J 230 -36.69 -15.35 -1.91
C ALA J 230 -37.92 -15.83 -2.65
N ASN J 231 -37.81 -16.97 -3.35
CA ASN J 231 -38.94 -17.45 -4.16
C ASN J 231 -40.02 -18.07 -3.29
N ARG J 232 -39.67 -18.58 -2.11
CA ARG J 232 -40.62 -19.28 -1.24
C ARG J 232 -40.56 -18.76 0.19
N THR J 233 -40.00 -17.58 0.40
CA THR J 233 -39.83 -17.06 1.74
C THR J 233 -41.15 -16.79 2.45
N ASP J 234 -42.21 -16.47 1.69
CA ASP J 234 -43.55 -16.13 2.21
C ASP J 234 -43.49 -15.06 3.31
N ALA J 235 -42.39 -14.31 3.34
CA ALA J 235 -42.20 -13.23 4.29
C ALA J 235 -41.58 -12.07 3.54
N CYS J 236 -41.16 -11.04 4.27
CA CYS J 236 -40.54 -9.89 3.64
C CYS J 236 -39.09 -10.21 3.32
N PHE J 237 -38.75 -10.24 2.04
CA PHE J 237 -37.39 -10.44 1.58
C PHE J 237 -36.83 -9.10 1.13
N ILE J 238 -35.72 -8.69 1.72
CA ILE J 238 -35.07 -7.43 1.40
C ILE J 238 -33.72 -7.73 0.78
N ARG J 239 -33.56 -7.39 -0.49
CA ARG J 239 -32.26 -7.45 -1.15
C ARG J 239 -31.61 -6.09 -0.99
N VAL J 240 -30.41 -6.07 -0.41
CA VAL J 240 -29.72 -4.82 -0.16
C VAL J 240 -28.80 -4.53 -1.35
N ILE J 241 -29.00 -3.39 -1.99
CA ILE J 241 -28.13 -2.93 -3.05
C ILE J 241 -26.90 -2.29 -2.43
N GLY J 242 -25.74 -2.89 -2.66
CA GLY J 242 -24.52 -2.40 -2.04
C GLY J 242 -24.14 -1.00 -2.44
N SER J 243 -24.48 -0.58 -3.66
CA SER J 243 -24.16 0.76 -4.11
C SER J 243 -24.90 1.80 -3.27
N GLU J 244 -26.16 1.54 -2.95
CA GLU J 244 -26.95 2.50 -2.19
C GLU J 244 -26.38 2.68 -0.78
N LEU J 245 -25.89 1.60 -0.16
CA LEU J 245 -25.32 1.71 1.17
C LEU J 245 -24.05 2.53 1.17
N VAL J 246 -23.41 2.69 0.01
CA VAL J 246 -22.20 3.49 -0.11
C VAL J 246 -22.60 4.81 -0.77
N GLN J 247 -22.78 5.84 0.05
CA GLN J 247 -23.28 7.12 -0.41
C GLN J 247 -22.14 8.14 -0.41
N LYS J 248 -22.27 9.11 -1.32
CA LYS J 248 -21.25 10.15 -1.44
C LYS J 248 -21.10 10.94 -0.16
N TYR J 249 -22.21 11.30 0.47
CA TYR J 249 -22.19 12.16 1.64
C TYR J 249 -21.82 11.36 2.89
N VAL J 250 -21.21 12.05 3.85
CA VAL J 250 -20.75 11.39 5.07
C VAL J 250 -21.94 11.03 5.94
N GLY J 251 -21.87 9.88 6.58
CA GLY J 251 -22.90 9.44 7.50
C GLY J 251 -24.19 8.97 6.86
N GLU J 252 -24.30 9.02 5.53
CA GLU J 252 -25.54 8.65 4.87
C GLU J 252 -25.71 7.14 4.74
N GLY J 253 -24.60 6.41 4.57
CA GLY J 253 -24.70 4.97 4.46
C GLY J 253 -25.14 4.33 5.76
N ALA J 254 -24.59 4.79 6.89
CA ALA J 254 -25.03 4.31 8.19
C ALA J 254 -26.49 4.65 8.42
N ARG J 255 -26.91 5.84 8.02
CA ARG J 255 -28.32 6.21 8.14
C ARG J 255 -29.20 5.27 7.32
N MET J 256 -28.78 4.97 6.09
CA MET J 256 -29.55 4.07 5.25
C MET J 256 -29.65 2.69 5.86
N VAL J 257 -28.55 2.19 6.44
CA VAL J 257 -28.59 0.90 7.13
C VAL J 257 -29.58 0.95 8.29
N ARG J 258 -29.57 2.07 9.03
CA ARG J 258 -30.46 2.20 10.18
C ARG J 258 -31.93 2.18 9.75
N GLU J 259 -32.28 2.95 8.71
CA GLU J 259 -33.68 2.92 8.24
C GLU J 259 -34.03 1.56 7.66
N LEU J 260 -33.08 0.89 7.01
CA LEU J 260 -33.34 -0.44 6.48
C LEU J 260 -33.70 -1.41 7.59
N PHE J 261 -32.92 -1.39 8.67
CA PHE J 261 -33.21 -2.28 9.80
C PHE J 261 -34.48 -1.88 10.52
N GLU J 262 -34.77 -0.58 10.62
CA GLU J 262 -36.05 -0.16 11.20
C GLU J 262 -37.22 -0.68 10.39
N MET J 263 -37.16 -0.52 9.07
CA MET J 263 -38.22 -1.03 8.19
C MET J 263 -38.36 -2.54 8.32
N ALA J 264 -37.25 -3.26 8.42
CA ALA J 264 -37.32 -4.69 8.66
C ALA J 264 -38.01 -4.99 9.98
N ARG J 265 -37.76 -4.18 11.01
CA ARG J 265 -38.34 -4.42 12.32
C ARG J 265 -39.85 -4.15 12.32
N THR J 266 -40.32 -3.19 11.51
CA THR J 266 -41.77 -2.97 11.43
C THR J 266 -42.50 -4.20 10.92
N LYS J 267 -41.91 -4.91 9.96
CA LYS J 267 -42.52 -6.10 9.40
C LYS J 267 -42.32 -7.30 10.34
N LYS J 268 -43.08 -8.35 10.07
CA LYS J 268 -43.01 -9.58 10.86
C LYS J 268 -42.13 -10.58 10.12
N ALA J 269 -41.06 -11.02 10.77
CA ALA J 269 -40.15 -12.04 10.24
C ALA J 269 -39.58 -11.61 8.89
N CYS J 270 -38.79 -10.55 8.91
CA CYS J 270 -38.20 -10.05 7.69
C CYS J 270 -36.96 -10.87 7.32
N LEU J 271 -36.64 -10.84 6.03
CA LEU J 271 -35.47 -11.53 5.48
C LEU J 271 -34.63 -10.51 4.73
N ILE J 272 -33.36 -10.37 5.11
CA ILE J 272 -32.47 -9.38 4.52
C ILE J 272 -31.30 -10.09 3.87
N PHE J 273 -31.03 -9.75 2.61
CA PHE J 273 -29.98 -10.36 1.82
C PHE J 273 -28.93 -9.31 1.48
N PHE J 274 -27.69 -9.56 1.89
CA PHE J 274 -26.55 -8.74 1.48
C PHE J 274 -25.70 -9.58 0.54
N ASP J 275 -25.82 -9.33 -0.76
CA ASP J 275 -24.97 -9.99 -1.73
C ASP J 275 -23.67 -9.23 -1.86
N GLU J 276 -22.57 -9.98 -1.98
CA GLU J 276 -21.23 -9.41 -2.04
C GLU J 276 -20.98 -8.46 -0.88
N ILE J 277 -21.05 -9.01 0.34
CA ILE J 277 -20.91 -8.24 1.57
C ILE J 277 -19.51 -7.67 1.67
N ASP J 278 -18.56 -8.25 0.94
CA ASP J 278 -17.20 -7.74 0.95
C ASP J 278 -17.07 -6.35 0.33
N ALA J 279 -18.10 -5.87 -0.36
CA ALA J 279 -18.08 -4.52 -0.87
C ALA J 279 -18.01 -3.49 0.26
N ILE J 280 -18.79 -3.70 1.31
CA ILE J 280 -18.78 -2.80 2.46
C ILE J 280 -18.25 -3.47 3.72
N GLY J 281 -18.15 -4.79 3.77
CA GLY J 281 -17.71 -5.46 4.98
C GLY J 281 -16.23 -5.71 5.06
N GLY J 282 -15.43 -4.82 4.46
CA GLY J 282 -14.00 -4.97 4.52
C GLY J 282 -13.45 -4.76 5.92
N ALA J 283 -12.28 -5.36 6.16
CA ALA J 283 -11.66 -5.29 7.48
C ALA J 283 -11.25 -3.85 7.79
N ARG J 284 -11.41 -3.46 9.04
CA ARG J 284 -11.04 -2.11 9.45
C ARG J 284 -9.54 -1.93 9.44
N PHE J 285 -9.10 -0.70 9.19
CA PHE J 285 -7.69 -0.36 9.15
C PHE J 285 -7.54 1.12 9.45
N ASP J 286 -6.31 1.51 9.80
CA ASP J 286 -6.02 2.90 10.11
C ASP J 286 -4.71 3.34 9.48
N GLY J 290 -7.49 8.47 4.59
CA GLY J 290 -8.15 7.83 5.71
C GLY J 290 -8.74 6.48 5.39
N GLY J 291 -8.59 6.06 4.13
CA GLY J 291 -9.23 4.84 3.71
C GLY J 291 -10.72 5.03 3.53
N ASP J 292 -11.47 3.92 3.68
CA ASP J 292 -12.91 3.99 3.50
C ASP J 292 -13.57 4.90 4.54
N ASN J 293 -13.27 4.68 5.82
CA ASN J 293 -13.84 5.46 6.90
C ASN J 293 -15.36 5.44 6.86
N GLU J 294 -15.95 6.17 5.90
CA GLU J 294 -17.41 6.19 5.79
C GLU J 294 -17.97 4.80 5.51
N VAL J 295 -17.32 4.04 4.64
CA VAL J 295 -17.74 2.67 4.41
C VAL J 295 -17.53 1.83 5.66
N GLN J 296 -16.43 2.06 6.37
CA GLN J 296 -16.21 1.38 7.64
C GLN J 296 -17.26 1.78 8.66
N ARG J 297 -17.67 3.05 8.67
CA ARG J 297 -18.72 3.48 9.58
C ARG J 297 -20.05 2.82 9.26
N THR J 298 -20.36 2.69 7.97
CA THR J 298 -21.57 1.97 7.56
C THR J 298 -21.51 0.51 7.99
N MET J 299 -20.34 -0.11 7.84
CA MET J 299 -20.17 -1.50 8.25
C MET J 299 -20.33 -1.63 9.76
N LEU J 300 -19.82 -0.66 10.53
CA LEU J 300 -20.02 -0.69 11.98
C LEU J 300 -21.47 -0.49 12.35
N GLU J 301 -22.18 0.37 11.63
CA GLU J 301 -23.62 0.53 11.86
C GLU J 301 -24.35 -0.78 11.64
N LEU J 302 -24.05 -1.46 10.54
CA LEU J 302 -24.65 -2.76 10.26
C LEU J 302 -24.28 -3.77 11.35
N ILE J 303 -23.02 -3.71 11.82
CA ILE J 303 -22.56 -4.64 12.85
C ILE J 303 -23.35 -4.46 14.13
N ASN J 304 -23.52 -3.22 14.58
CA ASN J 304 -24.23 -3.03 15.84
C ASN J 304 -25.73 -3.24 15.68
N GLN J 305 -26.25 -3.06 14.46
CA GLN J 305 -27.64 -3.39 14.21
C GLN J 305 -27.88 -4.89 14.29
N LEU J 306 -26.94 -5.68 13.75
CA LEU J 306 -27.09 -7.13 13.81
C LEU J 306 -27.00 -7.65 15.23
N ASP J 307 -26.05 -7.16 16.01
CA ASP J 307 -25.84 -7.63 17.37
C ASP J 307 -25.35 -6.48 18.25
N GLY J 308 -25.77 -6.48 19.50
CA GLY J 308 -25.43 -5.47 20.45
C GLY J 308 -26.63 -5.12 21.30
N PHE J 309 -26.65 -3.89 21.80
CA PHE J 309 -27.84 -3.39 22.46
C PHE J 309 -29.00 -3.35 21.48
N ASP J 310 -30.23 -3.26 22.03
CA ASP J 310 -31.42 -3.19 21.20
C ASP J 310 -31.54 -4.40 20.30
N PRO J 311 -31.93 -5.57 20.84
CA PRO J 311 -31.98 -6.80 20.04
C PRO J 311 -32.57 -6.61 18.65
N ARG J 312 -32.00 -7.30 17.67
CA ARG J 312 -32.38 -7.09 16.28
C ARG J 312 -33.86 -7.41 16.05
N GLY J 313 -34.33 -8.51 16.63
CA GLY J 313 -35.71 -8.91 16.45
C GLY J 313 -35.84 -10.08 15.49
N ASN J 314 -37.02 -10.24 14.91
CA ASN J 314 -37.27 -11.34 13.98
C ASN J 314 -36.77 -10.97 12.59
N ILE J 315 -35.45 -10.79 12.50
CA ILE J 315 -34.79 -10.45 11.25
C ILE J 315 -33.65 -11.43 11.00
N LYS J 316 -33.83 -12.34 10.06
CA LYS J 316 -32.79 -13.27 9.67
C LYS J 316 -32.00 -12.67 8.52
N VAL J 317 -30.72 -12.44 8.74
CA VAL J 317 -29.87 -11.78 7.74
C VAL J 317 -29.26 -12.85 6.83
N LEU J 318 -29.05 -12.49 5.57
CA LEU J 318 -28.47 -13.38 4.58
C LEU J 318 -27.30 -12.66 3.93
N MET J 319 -26.13 -13.27 3.94
CA MET J 319 -24.93 -12.66 3.38
C MET J 319 -24.21 -13.64 2.48
N ALA J 320 -23.75 -13.16 1.33
CA ALA J 320 -23.02 -13.98 0.38
C ALA J 320 -21.79 -13.24 -0.10
N THR J 321 -20.70 -13.99 -0.27
CA THR J 321 -19.45 -13.42 -0.74
C THR J 321 -18.54 -14.55 -1.18
N ASN J 322 -17.76 -14.33 -2.23
CA ASN J 322 -16.78 -15.30 -2.69
C ASN J 322 -15.39 -15.04 -2.12
N ARG J 323 -15.23 -14.00 -1.31
CA ARG J 323 -13.96 -13.70 -0.66
C ARG J 323 -14.22 -13.43 0.81
N PRO J 324 -14.50 -14.49 1.59
CA PRO J 324 -14.82 -14.28 3.01
C PRO J 324 -13.60 -13.88 3.84
N ASP J 325 -12.39 -14.04 3.33
CA ASP J 325 -11.20 -13.73 4.11
C ASP J 325 -11.00 -12.22 4.27
N THR J 326 -11.60 -11.41 3.43
CA THR J 326 -11.47 -9.96 3.52
C THR J 326 -12.52 -9.33 4.44
N LEU J 327 -13.42 -10.13 4.99
CA LEU J 327 -14.46 -9.60 5.85
C LEU J 327 -13.91 -9.25 7.22
N ASP J 328 -14.52 -8.25 7.86
CA ASP J 328 -14.12 -7.87 9.20
C ASP J 328 -14.43 -9.01 10.16
N PRO J 329 -13.51 -9.36 11.07
CA PRO J 329 -13.78 -10.44 12.01
C PRO J 329 -14.98 -10.16 12.91
N ALA J 330 -15.24 -8.89 13.18
CA ALA J 330 -16.44 -8.53 13.95
C ALA J 330 -17.71 -8.86 13.19
N LEU J 331 -17.73 -8.62 11.88
CA LEU J 331 -18.89 -8.97 11.07
C LEU J 331 -19.05 -10.48 10.91
N MET J 332 -17.94 -11.22 10.81
CA MET J 332 -17.99 -12.67 10.68
C MET J 332 -18.24 -13.38 11.99
N ARG J 333 -18.33 -12.63 13.09
CA ARG J 333 -18.49 -13.22 14.41
C ARG J 333 -19.81 -14.00 14.48
N PRO J 334 -19.83 -15.18 15.08
CA PRO J 334 -21.06 -15.97 15.13
C PRO J 334 -22.09 -15.43 16.11
N GLY J 335 -22.34 -14.13 16.04
CA GLY J 335 -23.48 -13.52 16.72
C GLY J 335 -24.18 -12.62 15.74
N ARG J 336 -23.49 -12.36 14.63
CA ARG J 336 -23.99 -11.59 13.51
C ARG J 336 -24.16 -12.45 12.26
N LEU J 337 -23.18 -13.30 11.97
CA LEU J 337 -23.26 -14.32 10.95
C LEU J 337 -23.05 -15.66 11.66
N ASP J 338 -24.13 -16.20 12.22
CA ASP J 338 -24.03 -17.37 13.08
C ASP J 338 -23.64 -18.61 12.31
N ARG J 339 -24.43 -18.97 11.30
CA ARG J 339 -24.14 -20.15 10.49
C ARG J 339 -23.36 -19.74 9.25
N LYS J 340 -22.25 -20.42 9.00
CA LYS J 340 -21.41 -20.14 7.84
C LYS J 340 -21.45 -21.37 6.93
N ILE J 341 -22.20 -21.25 5.84
CA ILE J 341 -22.38 -22.35 4.90
C ILE J 341 -21.38 -22.21 3.77
N GLU J 342 -20.59 -23.26 3.54
CA GLU J 342 -19.58 -23.27 2.50
C GLU J 342 -20.16 -23.90 1.24
N PHE J 343 -20.05 -23.19 0.12
CA PHE J 343 -20.50 -23.70 -1.16
C PHE J 343 -19.29 -24.22 -1.92
N SER J 344 -18.85 -25.42 -1.52
CA SER J 344 -17.70 -26.04 -2.15
C SER J 344 -18.05 -26.50 -3.56
N LEU J 345 -17.02 -26.84 -4.32
CA LEU J 345 -17.22 -27.35 -5.66
C LEU J 345 -18.01 -28.65 -5.62
N PRO J 346 -18.97 -28.85 -6.52
CA PRO J 346 -19.82 -30.04 -6.44
C PRO J 346 -19.02 -31.31 -6.67
N ASP J 347 -19.47 -32.40 -6.03
CA ASP J 347 -18.89 -33.71 -6.27
C ASP J 347 -19.48 -34.30 -7.54
N LEU J 348 -19.15 -35.57 -7.81
CA LEU J 348 -19.59 -36.19 -9.05
C LEU J 348 -21.10 -36.32 -9.10
N GLU J 349 -21.73 -36.73 -8.00
CA GLU J 349 -23.19 -36.79 -7.95
C GLU J 349 -23.79 -35.40 -8.12
N GLY J 350 -23.21 -34.41 -7.44
CA GLY J 350 -23.71 -33.06 -7.57
C GLY J 350 -23.53 -32.50 -8.97
N ARG J 351 -22.38 -32.79 -9.59
CA ARG J 351 -22.14 -32.32 -10.95
C ARG J 351 -23.11 -32.99 -11.93
N THR J 352 -23.38 -34.28 -11.73
CA THR J 352 -24.36 -34.96 -12.57
C THR J 352 -25.75 -34.35 -12.39
N HIS J 353 -26.12 -34.04 -11.15
CA HIS J 353 -27.40 -33.40 -10.89
C HIS J 353 -27.49 -32.04 -11.58
N ILE J 354 -26.41 -31.26 -11.52
CA ILE J 354 -26.40 -29.96 -12.17
C ILE J 354 -26.53 -30.12 -13.68
N PHE J 355 -25.83 -31.10 -14.24
CA PHE J 355 -25.93 -31.36 -15.68
C PHE J 355 -27.37 -31.71 -16.06
N LYS J 356 -28.03 -32.55 -15.26
CA LYS J 356 -29.42 -32.89 -15.53
C LYS J 356 -30.32 -31.67 -15.41
N ILE J 357 -30.04 -30.80 -14.44
CA ILE J 357 -30.86 -29.61 -14.23
C ILE J 357 -30.75 -28.68 -15.43
N HIS J 358 -29.53 -28.45 -15.91
CA HIS J 358 -29.33 -27.47 -16.98
C HIS J 358 -29.57 -28.03 -18.37
N ALA J 359 -29.82 -29.33 -18.50
CA ALA J 359 -30.14 -29.94 -19.77
C ALA J 359 -31.58 -30.43 -19.85
N ARG J 360 -32.41 -30.11 -18.86
CA ARG J 360 -33.79 -30.56 -18.89
C ARG J 360 -34.57 -29.91 -20.02
N SER J 361 -34.30 -28.63 -20.29
CA SER J 361 -34.96 -27.94 -21.40
C SER J 361 -34.22 -28.11 -22.71
N MET J 362 -32.99 -28.61 -22.66
CA MET J 362 -32.20 -28.77 -23.86
C MET J 362 -32.76 -29.90 -24.73
N SER J 363 -32.63 -29.73 -26.05
CA SER J 363 -33.04 -30.77 -27.00
C SER J 363 -31.88 -31.74 -27.20
N VAL J 364 -31.78 -32.68 -26.27
CA VAL J 364 -30.67 -33.62 -26.23
C VAL J 364 -31.14 -34.99 -26.70
N GLU J 365 -30.17 -35.88 -26.95
CA GLU J 365 -30.46 -37.26 -27.24
C GLU J 365 -30.69 -38.04 -25.93
N ARG J 366 -31.26 -39.23 -26.07
CA ARG J 366 -31.61 -40.05 -24.91
C ARG J 366 -30.44 -40.83 -24.34
N ASP J 367 -29.33 -40.94 -25.08
CA ASP J 367 -28.22 -41.79 -24.68
C ASP J 367 -27.05 -41.02 -24.10
N ILE J 368 -27.26 -39.76 -23.69
CA ILE J 368 -26.16 -38.95 -23.19
C ILE J 368 -25.80 -39.43 -21.79
N ARG J 369 -24.53 -39.79 -21.60
CA ARG J 369 -24.04 -40.23 -20.30
C ARG J 369 -23.58 -39.02 -19.52
N PHE J 370 -24.52 -38.44 -18.77
CA PHE J 370 -24.20 -37.25 -17.97
C PHE J 370 -23.20 -37.54 -16.86
N GLU J 371 -23.10 -38.81 -16.43
CA GLU J 371 -22.08 -39.17 -15.46
C GLU J 371 -20.68 -38.99 -16.05
N LEU J 372 -20.51 -39.38 -17.32
CA LEU J 372 -19.23 -39.18 -17.98
C LEU J 372 -18.89 -37.70 -18.09
N LEU J 373 -19.87 -36.87 -18.45
CA LEU J 373 -19.64 -35.44 -18.53
C LEU J 373 -19.30 -34.86 -17.17
N ALA J 374 -19.96 -35.33 -16.11
CA ALA J 374 -19.63 -34.87 -14.76
C ALA J 374 -18.20 -35.26 -14.38
N ARG J 375 -17.78 -36.47 -14.75
CA ARG J 375 -16.41 -36.88 -14.46
C ARG J 375 -15.38 -36.15 -15.29
N LEU J 376 -15.76 -35.65 -16.47
CA LEU J 376 -14.84 -34.91 -17.31
C LEU J 376 -14.63 -33.47 -16.86
N CYS J 377 -15.40 -33.02 -15.87
CA CYS J 377 -15.20 -31.70 -15.29
C CYS J 377 -14.77 -31.86 -13.83
N PRO J 378 -13.48 -32.11 -13.57
CA PRO J 378 -13.07 -32.47 -12.21
C PRO J 378 -13.40 -31.42 -11.16
N ASN J 379 -12.93 -30.20 -11.35
CA ASN J 379 -13.17 -29.10 -10.41
C ASN J 379 -13.84 -27.97 -11.18
N SER J 380 -15.16 -28.06 -11.30
CA SER J 380 -15.93 -27.09 -12.07
C SER J 380 -17.18 -26.72 -11.30
N THR J 381 -17.51 -25.43 -11.29
CA THR J 381 -18.68 -24.94 -10.60
C THR J 381 -19.93 -25.22 -11.44
N GLY J 382 -21.10 -24.99 -10.83
CA GLY J 382 -22.34 -25.16 -11.57
C GLY J 382 -22.48 -24.20 -12.72
N ALA J 383 -21.90 -23.00 -12.58
CA ALA J 383 -21.89 -22.04 -13.69
C ALA J 383 -21.12 -22.60 -14.88
N GLU J 384 -20.00 -23.27 -14.62
CA GLU J 384 -19.26 -23.90 -15.70
C GLU J 384 -20.05 -25.05 -16.33
N ILE J 385 -20.85 -25.76 -15.54
CA ILE J 385 -21.70 -26.80 -16.11
C ILE J 385 -22.75 -26.19 -17.01
N ARG J 386 -23.36 -25.08 -16.59
CA ARG J 386 -24.33 -24.41 -17.46
C ARG J 386 -23.66 -23.90 -18.73
N SER J 387 -22.43 -23.39 -18.60
CA SER J 387 -21.69 -22.96 -19.78
C SER J 387 -21.42 -24.12 -20.71
N VAL J 388 -21.10 -25.29 -20.15
CA VAL J 388 -20.88 -26.48 -20.97
C VAL J 388 -22.15 -26.87 -21.71
N CYS J 389 -23.29 -26.86 -21.03
CA CYS J 389 -24.54 -27.18 -21.69
C CYS J 389 -24.87 -26.18 -22.79
N THR J 390 -24.66 -24.89 -22.52
CA THR J 390 -24.90 -23.86 -23.52
C THR J 390 -23.99 -24.04 -24.72
N GLU J 391 -22.71 -24.36 -24.48
CA GLU J 391 -21.78 -24.54 -25.58
C GLU J 391 -22.10 -25.80 -26.38
N ALA J 392 -22.61 -26.84 -25.72
CA ALA J 392 -23.04 -28.02 -26.45
C ALA J 392 -24.22 -27.71 -27.35
N GLY J 393 -25.19 -26.96 -26.82
CA GLY J 393 -26.29 -26.50 -27.67
C GLY J 393 -25.81 -25.64 -28.82
N MET J 394 -24.82 -24.78 -28.55
CA MET J 394 -24.27 -23.93 -29.60
C MET J 394 -23.58 -24.74 -30.68
N PHE J 395 -22.81 -25.77 -30.27
CA PHE J 395 -22.14 -26.64 -31.22
C PHE J 395 -23.16 -27.38 -32.09
N ALA J 396 -24.22 -27.88 -31.47
CA ALA J 396 -25.23 -28.58 -32.25
C ALA J 396 -26.08 -27.63 -33.08
N ILE J 397 -26.07 -26.34 -32.74
CA ILE J 397 -26.72 -25.34 -33.59
C ILE J 397 -25.85 -24.99 -34.79
N ARG J 398 -24.53 -24.89 -34.57
CA ARG J 398 -23.56 -24.52 -35.61
C ARG J 398 -23.76 -25.35 -36.85
N ALA J 399 -23.60 -26.67 -36.72
CA ALA J 399 -24.10 -27.59 -37.73
C ALA J 399 -25.61 -27.63 -37.61
N ARG J 400 -26.31 -27.69 -38.74
CA ARG J 400 -27.77 -27.55 -38.73
C ARG J 400 -28.39 -28.84 -38.18
N ARG J 401 -28.31 -28.97 -36.85
CA ARG J 401 -28.90 -30.10 -36.13
C ARG J 401 -29.78 -29.56 -35.01
N LYS J 402 -30.93 -30.20 -34.82
CA LYS J 402 -31.85 -29.78 -33.77
C LYS J 402 -31.71 -30.59 -32.48
N ILE J 403 -30.85 -31.61 -32.47
CA ILE J 403 -30.61 -32.43 -31.29
C ILE J 403 -29.13 -32.39 -30.97
N ALA J 404 -28.80 -32.13 -29.72
CA ALA J 404 -27.41 -32.08 -29.26
C ALA J 404 -26.99 -33.49 -28.85
N THR J 405 -26.06 -34.06 -29.59
CA THR J 405 -25.57 -35.40 -29.29
C THR J 405 -24.51 -35.35 -28.18
N GLU J 406 -24.10 -36.54 -27.74
CA GLU J 406 -23.06 -36.62 -26.73
C GLU J 406 -21.73 -36.10 -27.25
N LYS J 407 -21.49 -36.17 -28.55
CA LYS J 407 -20.27 -35.62 -29.13
C LYS J 407 -20.23 -34.11 -28.95
N ASP J 408 -21.37 -33.44 -29.12
CA ASP J 408 -21.43 -32.00 -28.89
C ASP J 408 -21.13 -31.66 -27.45
N PHE J 409 -21.64 -32.46 -26.51
CA PHE J 409 -21.33 -32.22 -25.10
C PHE J 409 -19.86 -32.47 -24.79
N LEU J 410 -19.26 -33.48 -25.43
CA LEU J 410 -17.83 -33.70 -25.26
C LEU J 410 -17.02 -32.52 -25.77
N GLU J 411 -17.38 -32.01 -26.95
CA GLU J 411 -16.70 -30.84 -27.50
C GLU J 411 -16.88 -29.63 -26.60
N ALA J 412 -18.08 -29.45 -26.06
CA ALA J 412 -18.33 -28.32 -25.16
C ALA J 412 -17.50 -28.45 -23.89
N VAL J 413 -17.41 -29.66 -23.33
CA VAL J 413 -16.58 -29.87 -22.16
C VAL J 413 -15.13 -29.52 -22.46
N ASN J 414 -14.63 -29.98 -23.61
CA ASN J 414 -13.28 -29.63 -24.01
C ASN J 414 -13.10 -28.13 -24.08
N LYS J 415 -13.98 -27.44 -24.80
CA LYS J 415 -13.85 -26.01 -25.03
C LYS J 415 -13.98 -25.19 -23.75
N VAL J 416 -14.80 -25.63 -22.80
CA VAL J 416 -15.02 -24.83 -21.60
C VAL J 416 -14.01 -25.16 -20.52
N ILE J 417 -13.73 -26.42 -20.26
CA ILE J 417 -12.86 -26.81 -19.15
C ILE J 417 -11.42 -26.92 -19.65
N LYS J 418 -11.19 -27.73 -20.69
CA LYS J 418 -9.82 -28.05 -21.08
C LYS J 418 -9.15 -26.88 -21.78
N SER J 419 -9.89 -26.17 -22.63
CA SER J 419 -9.31 -25.04 -23.34
C SER J 419 -8.87 -23.93 -22.38
N TYR J 420 -9.69 -23.67 -21.36
CA TYR J 420 -9.33 -22.67 -20.34
C TYR J 420 -9.51 -23.25 -18.95
N THR J 426 -0.89 -31.90 -23.83
CA THR J 426 -0.76 -33.34 -24.06
C THR J 426 0.55 -33.91 -23.48
N PRO J 427 1.70 -33.26 -23.70
CA PRO J 427 2.93 -33.76 -23.04
C PRO J 427 2.83 -33.76 -21.52
N ARG J 428 2.10 -32.80 -20.95
CA ARG J 428 1.87 -32.81 -19.51
C ARG J 428 1.05 -34.03 -19.09
N TYR J 429 0.03 -34.38 -19.88
CA TYR J 429 -0.77 -35.56 -19.60
C TYR J 429 -0.06 -36.86 -19.98
N MET J 430 1.09 -36.79 -20.67
CA MET J 430 1.82 -38.00 -21.02
C MET J 430 2.39 -38.67 -19.78
N THR J 431 2.69 -37.89 -18.74
CA THR J 431 3.28 -38.47 -17.53
C THR J 431 2.25 -39.28 -16.75
N TYR J 432 0.99 -38.89 -16.81
CA TYR J 432 -0.05 -39.61 -16.09
C TYR J 432 -0.65 -40.70 -16.95
N ASN J 433 -0.93 -41.84 -16.32
CA ASN J 433 -1.56 -42.96 -17.01
C ASN J 433 -2.29 -43.85 -16.01
N THR K 40 -41.76 0.31 -23.04
CA THR K 40 -40.92 -0.54 -23.87
C THR K 40 -39.58 0.13 -24.15
N LYS K 41 -39.61 1.21 -24.93
CA LYS K 41 -38.42 1.99 -25.29
C LYS K 41 -37.39 1.11 -25.99
N GLY K 42 -37.75 0.69 -27.20
CA GLY K 42 -36.93 -0.20 -28.00
C GLY K 42 -35.52 0.31 -28.25
N PRO K 43 -34.72 -0.51 -28.93
CA PRO K 43 -33.30 -0.17 -29.09
C PRO K 43 -33.09 1.14 -29.84
N ASP K 44 -32.11 1.90 -29.38
CA ASP K 44 -31.71 3.14 -30.05
C ASP K 44 -30.46 2.88 -30.89
N ALA K 45 -30.69 2.22 -32.03
CA ALA K 45 -29.60 1.81 -32.89
C ALA K 45 -28.88 3.00 -33.49
N ALA K 46 -27.57 2.87 -33.67
CA ALA K 46 -26.77 3.93 -34.27
C ALA K 46 -27.12 4.07 -35.75
N SER K 47 -27.12 5.32 -36.23
CA SER K 47 -27.43 5.61 -37.61
C SER K 47 -26.19 5.46 -38.48
N LYS K 48 -26.39 4.96 -39.70
CA LYS K 48 -25.30 4.80 -40.64
C LYS K 48 -25.86 4.86 -42.05
N LEU K 49 -25.04 5.33 -42.99
CA LEU K 49 -25.42 5.35 -44.40
C LEU K 49 -25.08 4.01 -45.04
N PRO K 50 -25.75 3.69 -46.17
CA PRO K 50 -25.37 2.48 -46.90
C PRO K 50 -23.92 2.54 -47.37
N LEU K 51 -23.27 1.39 -47.35
CA LEU K 51 -21.87 1.26 -47.74
C LEU K 51 -21.76 1.28 -49.26
N VAL K 52 -20.66 1.86 -49.74
CA VAL K 52 -20.34 1.87 -51.16
C VAL K 52 -19.31 0.78 -51.43
N THR K 53 -19.62 -0.11 -52.36
CA THR K 53 -18.81 -1.28 -52.64
C THR K 53 -17.58 -1.02 -53.52
N PRO K 54 -17.66 -0.19 -54.57
CA PRO K 54 -16.55 -0.17 -55.55
C PRO K 54 -15.20 0.21 -54.95
N HIS K 55 -15.17 1.01 -53.89
CA HIS K 55 -13.93 1.42 -53.23
C HIS K 55 -13.05 2.23 -54.18
N THR K 56 -12.63 1.61 -55.28
CA THR K 56 -11.84 2.31 -56.29
C THR K 56 -12.63 3.48 -56.86
N GLN K 57 -11.93 4.58 -57.13
CA GLN K 57 -12.57 5.79 -57.62
C GLN K 57 -13.02 5.62 -59.06
N CYS K 58 -14.04 4.80 -59.28
CA CYS K 58 -14.59 4.56 -60.61
C CYS K 58 -15.93 5.28 -60.75
N ARG K 59 -16.57 5.08 -61.90
CA ARG K 59 -17.85 5.73 -62.16
C ARG K 59 -18.97 5.13 -61.34
N LEU K 60 -18.95 3.82 -61.09
CA LEU K 60 -20.01 3.19 -60.33
C LEU K 60 -20.06 3.73 -58.90
N LYS K 61 -18.90 3.94 -58.28
CA LYS K 61 -18.86 4.53 -56.95
C LYS K 61 -19.44 5.94 -56.96
N LEU K 62 -19.11 6.71 -58.00
CA LEU K 62 -19.69 8.05 -58.12
C LEU K 62 -21.20 7.99 -58.26
N LEU K 63 -21.71 7.03 -59.03
CA LEU K 63 -23.15 6.89 -59.19
C LEU K 63 -23.82 6.51 -57.87
N LYS K 64 -23.22 5.60 -57.12
CA LYS K 64 -23.79 5.21 -55.83
C LYS K 64 -23.81 6.39 -54.86
N LEU K 65 -22.71 7.13 -54.80
CA LEU K 65 -22.67 8.29 -53.92
C LEU K 65 -23.66 9.35 -54.36
N GLU K 66 -23.82 9.54 -55.67
CA GLU K 66 -24.80 10.50 -56.18
C GLU K 66 -26.21 10.06 -55.84
N ARG K 67 -26.49 8.76 -55.87
CA ARG K 67 -27.80 8.27 -55.49
C ARG K 67 -28.07 8.52 -54.00
N ILE K 68 -27.06 8.28 -53.16
CA ILE K 68 -27.21 8.57 -51.73
C ILE K 68 -27.46 10.07 -51.52
N LYS K 69 -26.70 10.92 -52.22
CA LYS K 69 -26.91 12.36 -52.13
C LYS K 69 -28.30 12.75 -52.61
N ASP K 70 -28.78 12.10 -53.67
CA ASP K 70 -30.11 12.42 -54.19
C ASP K 70 -31.18 12.10 -53.17
N TYR K 71 -31.07 10.94 -52.51
CA TYR K 71 -32.03 10.63 -51.46
C TYR K 71 -31.92 11.61 -50.30
N LEU K 72 -30.70 12.02 -49.94
CA LEU K 72 -30.55 13.01 -48.87
C LEU K 72 -31.20 14.34 -49.26
N LEU K 73 -31.04 14.76 -50.52
CA LEU K 73 -31.69 15.97 -51.00
C LEU K 73 -33.21 15.83 -50.98
N MET K 74 -33.73 14.67 -51.38
CA MET K 74 -35.18 14.46 -51.33
C MET K 74 -35.70 14.57 -49.90
N GLU K 75 -34.98 13.96 -48.95
CA GLU K 75 -35.39 14.06 -47.56
C GLU K 75 -35.33 15.50 -47.07
N GLU K 76 -34.26 16.21 -47.41
CA GLU K 76 -34.14 17.61 -46.99
C GLU K 76 -35.28 18.45 -47.57
N GLU K 77 -35.58 18.25 -48.85
CA GLU K 77 -36.65 19.01 -49.49
C GLU K 77 -38.00 18.69 -48.87
N PHE K 78 -38.26 17.42 -48.58
CA PHE K 78 -39.54 17.04 -47.98
C PHE K 78 -39.69 17.63 -46.60
N ILE K 79 -38.70 17.44 -45.73
CA ILE K 79 -38.81 17.93 -44.37
C ILE K 79 -38.53 19.42 -44.26
N ARG K 80 -38.18 20.08 -45.38
CA ARG K 80 -38.12 21.53 -45.40
C ARG K 80 -39.42 22.13 -45.90
N ASN K 81 -40.08 21.49 -46.87
CA ASN K 81 -41.35 21.99 -47.35
C ASN K 81 -42.50 21.59 -46.45
N GLN K 82 -42.28 20.63 -45.54
CA GLN K 82 -43.33 20.23 -44.62
C GLN K 82 -43.82 21.41 -43.78
N GLU K 83 -42.94 21.99 -42.97
CA GLU K 83 -43.36 23.04 -42.06
C GLU K 83 -43.73 24.32 -42.80
N GLN K 84 -43.06 24.59 -43.92
CA GLN K 84 -43.35 25.81 -44.67
C GLN K 84 -44.70 25.72 -45.36
N MET K 85 -45.01 24.57 -45.96
CA MET K 85 -46.31 24.39 -46.59
C MET K 85 -47.43 24.25 -45.57
N LYS K 86 -47.12 23.76 -44.37
CA LYS K 86 -48.14 23.65 -43.34
C LYS K 86 -48.64 25.05 -42.95
N PRO K 87 -49.96 25.20 -42.75
CA PRO K 87 -50.55 26.49 -42.39
C PRO K 87 -50.46 26.79 -40.91
N LYS K 91 -57.83 23.66 -31.91
CA LYS K 91 -57.29 22.31 -31.85
C LYS K 91 -56.52 22.09 -30.56
N GLN K 92 -55.44 21.32 -30.64
CA GLN K 92 -54.60 21.03 -29.48
C GLN K 92 -53.82 22.24 -29.00
N GLU K 93 -53.77 23.32 -29.79
CA GLU K 93 -53.01 24.50 -29.40
C GLU K 93 -53.54 25.09 -28.10
N GLU K 94 -54.86 25.11 -27.92
CA GLU K 94 -55.43 25.64 -26.69
C GLU K 94 -54.98 24.84 -25.48
N GLU K 95 -55.02 23.51 -25.59
CA GLU K 95 -54.60 22.67 -24.47
C GLU K 95 -53.11 22.83 -24.18
N ARG K 96 -52.29 22.86 -25.22
CA ARG K 96 -50.85 23.05 -25.00
C ARG K 96 -50.56 24.40 -24.35
N SER K 97 -51.23 25.45 -24.81
CA SER K 97 -51.03 26.76 -24.22
C SER K 97 -51.46 26.77 -22.76
N LYS K 98 -52.61 26.17 -22.45
CA LYS K 98 -53.07 26.13 -21.06
C LYS K 98 -52.08 25.38 -20.18
N VAL K 99 -51.61 24.23 -20.65
CA VAL K 99 -50.67 23.44 -19.87
C VAL K 99 -49.37 24.21 -19.66
N ASP K 100 -48.90 24.91 -20.70
CA ASP K 100 -47.65 25.66 -20.57
C ASP K 100 -47.78 26.84 -19.62
N ASP K 101 -48.89 27.59 -19.69
CA ASP K 101 -49.07 28.67 -18.72
C ASP K 101 -49.20 28.14 -17.30
N LEU K 102 -49.90 27.02 -17.12
CA LEU K 102 -50.01 26.44 -15.78
C LEU K 102 -48.65 25.99 -15.27
N ARG K 103 -47.83 25.41 -16.16
CA ARG K 103 -46.50 24.96 -15.76
C ARG K 103 -45.58 26.13 -15.43
N GLY K 104 -45.54 27.12 -16.31
CA GLY K 104 -44.66 28.25 -16.11
C GLY K 104 -43.22 27.92 -16.42
N THR K 105 -42.36 28.92 -16.48
CA THR K 105 -40.94 28.72 -16.69
C THR K 105 -40.15 29.59 -15.74
N PRO K 106 -39.01 29.09 -15.24
CA PRO K 106 -38.42 27.76 -15.43
C PRO K 106 -39.13 26.69 -14.60
N MET K 107 -38.93 25.42 -14.94
CA MET K 107 -39.49 24.31 -14.18
C MET K 107 -38.37 23.61 -13.44
N SER K 108 -38.40 23.67 -12.12
CA SER K 108 -37.38 23.02 -11.30
C SER K 108 -37.54 21.51 -11.39
N VAL K 109 -36.41 20.81 -11.27
CA VAL K 109 -36.38 19.35 -11.30
C VAL K 109 -36.11 18.88 -9.87
N GLY K 110 -37.04 18.09 -9.33
CA GLY K 110 -36.88 17.55 -8.00
C GLY K 110 -37.12 16.04 -8.00
N THR K 111 -36.92 15.44 -6.84
CA THR K 111 -37.11 14.01 -6.67
C THR K 111 -38.36 13.76 -5.83
N LEU K 112 -39.23 12.88 -6.31
CA LEU K 112 -40.43 12.53 -5.58
C LEU K 112 -40.06 11.61 -4.42
N GLU K 113 -40.40 12.01 -3.20
CA GLU K 113 -40.11 11.21 -2.02
C GLU K 113 -41.25 10.29 -1.65
N GLU K 114 -42.44 10.85 -1.38
CA GLU K 114 -43.59 10.04 -1.02
C GLU K 114 -44.80 10.58 -1.75
N ILE K 115 -45.80 9.71 -1.91
CA ILE K 115 -47.10 10.06 -2.48
C ILE K 115 -48.10 9.94 -1.34
N ILE K 116 -48.68 11.06 -0.94
CA ILE K 116 -49.60 11.05 0.20
C ILE K 116 -51.02 10.79 -0.27
N ASP K 117 -51.57 11.68 -1.08
CA ASP K 117 -52.91 11.54 -1.64
C ASP K 117 -52.79 11.41 -3.15
N ASP K 118 -53.94 11.32 -3.81
CA ASP K 118 -53.97 11.33 -5.26
C ASP K 118 -53.55 12.68 -5.84
N ASN K 119 -53.61 13.74 -5.04
CA ASN K 119 -53.30 15.09 -5.52
C ASN K 119 -52.35 15.82 -4.56
N HIS K 120 -51.56 15.06 -3.80
CA HIS K 120 -50.59 15.65 -2.89
C HIS K 120 -49.39 14.72 -2.77
N ALA K 121 -48.20 15.30 -2.64
CA ALA K 121 -46.98 14.52 -2.55
C ALA K 121 -45.91 15.34 -1.86
N ILE K 122 -44.89 14.65 -1.35
CA ILE K 122 -43.72 15.28 -0.76
C ILE K 122 -42.57 15.13 -1.76
N VAL K 123 -42.06 16.27 -2.24
CA VAL K 123 -40.96 16.29 -3.18
C VAL K 123 -39.80 17.02 -2.52
N SER K 124 -38.59 16.51 -2.74
CA SER K 124 -37.38 17.11 -2.18
C SER K 124 -36.68 17.88 -3.30
N THR K 125 -36.47 19.17 -3.08
CA THR K 125 -35.77 19.98 -4.05
C THR K 125 -34.31 19.54 -4.14
N SER K 126 -33.61 20.07 -5.15
CA SER K 126 -32.22 19.68 -5.37
C SER K 126 -31.34 20.11 -4.19
N VAL K 127 -31.82 21.02 -3.35
CA VAL K 127 -31.06 21.45 -2.18
C VAL K 127 -31.26 20.53 -0.99
N GLY K 128 -32.13 19.53 -1.10
CA GLY K 128 -32.35 18.59 -0.02
C GLY K 128 -33.53 18.91 0.89
N SER K 129 -34.23 20.02 0.66
CA SER K 129 -35.39 20.36 1.47
C SER K 129 -36.65 19.81 0.83
N GLU K 130 -37.43 19.06 1.60
CA GLU K 130 -38.67 18.48 1.08
C GLU K 130 -39.82 19.47 1.26
N HIS K 131 -40.75 19.45 0.31
CA HIS K 131 -41.91 20.31 0.32
C HIS K 131 -43.16 19.46 0.11
N TYR K 132 -44.23 19.78 0.85
CA TYR K 132 -45.51 19.12 0.69
C TYR K 132 -46.29 19.89 -0.38
N VAL K 133 -46.24 19.38 -1.60
CA VAL K 133 -46.77 20.10 -2.74
C VAL K 133 -47.99 19.37 -3.28
N SER K 134 -48.67 20.01 -4.23
CA SER K 134 -49.89 19.48 -4.82
C SER K 134 -49.59 18.90 -6.20
N ILE K 135 -50.25 17.80 -6.52
CA ILE K 135 -50.08 17.15 -7.82
C ILE K 135 -51.15 17.67 -8.77
N LEU K 136 -50.74 18.23 -9.89
CA LEU K 136 -51.69 18.78 -10.84
C LEU K 136 -52.30 17.66 -11.68
N SER K 137 -53.47 17.96 -12.27
CA SER K 137 -54.24 16.93 -12.95
C SER K 137 -53.52 16.39 -14.17
N PHE K 138 -52.83 17.25 -14.91
CA PHE K 138 -52.18 16.83 -16.16
C PHE K 138 -50.84 16.15 -15.88
N VAL K 139 -50.88 15.16 -14.98
CA VAL K 139 -49.71 14.36 -14.65
C VAL K 139 -50.14 12.91 -14.52
N ASP K 140 -49.41 12.00 -15.15
CA ASP K 140 -49.72 10.59 -15.01
C ASP K 140 -49.45 10.13 -13.59
N LYS K 141 -50.47 9.60 -12.92
CA LYS K 141 -50.25 9.01 -11.61
C LYS K 141 -49.64 7.62 -11.70
N ASP K 142 -49.64 7.02 -12.90
CA ASP K 142 -49.10 5.68 -13.06
C ASP K 142 -47.58 5.68 -12.94
N LEU K 143 -46.91 6.59 -13.65
CA LEU K 143 -45.45 6.62 -13.62
C LEU K 143 -44.92 7.45 -12.47
N LEU K 144 -45.79 8.06 -11.67
CA LEU K 144 -45.37 8.82 -10.51
C LEU K 144 -45.00 7.86 -9.40
N GLU K 145 -43.71 7.55 -9.27
CA GLU K 145 -43.24 6.59 -8.29
C GLU K 145 -42.13 7.21 -7.46
N PRO K 146 -41.96 6.77 -6.22
CA PRO K 146 -40.91 7.33 -5.36
C PRO K 146 -39.53 7.16 -5.99
N GLY K 147 -38.70 8.20 -5.80
CA GLY K 147 -37.38 8.22 -6.38
C GLY K 147 -37.30 8.80 -7.77
N CYS K 148 -38.43 8.94 -8.46
CA CYS K 148 -38.42 9.49 -9.80
C CYS K 148 -38.15 11.00 -9.77
N SER K 149 -37.65 11.52 -10.88
CA SER K 149 -37.36 12.94 -11.02
C SER K 149 -38.61 13.65 -11.50
N VAL K 150 -39.25 14.38 -10.60
CA VAL K 150 -40.48 15.10 -10.92
C VAL K 150 -40.13 16.50 -11.41
N LEU K 151 -41.08 17.10 -12.12
CA LEU K 151 -40.96 18.47 -12.59
C LEU K 151 -41.85 19.35 -11.72
N LEU K 152 -41.27 20.39 -11.12
CA LEU K 152 -41.98 21.22 -10.16
C LEU K 152 -42.09 22.65 -10.66
N ASN K 153 -43.17 23.30 -10.28
CA ASN K 153 -43.33 24.73 -10.55
C ASN K 153 -42.25 25.50 -9.81
N HIS K 154 -41.80 26.60 -10.41
CA HIS K 154 -40.73 27.37 -9.80
C HIS K 154 -41.19 28.04 -8.51
N LYS K 155 -42.42 28.56 -8.49
CA LYS K 155 -42.92 29.32 -7.36
C LYS K 155 -43.67 28.44 -6.36
N VAL K 156 -44.74 27.78 -6.82
CA VAL K 156 -45.59 26.99 -5.95
C VAL K 156 -44.99 25.61 -5.67
N HIS K 157 -44.08 25.13 -6.51
CA HIS K 157 -43.42 23.83 -6.41
C HIS K 157 -44.37 22.67 -6.65
N ALA K 158 -45.57 22.93 -7.14
CA ALA K 158 -46.51 21.85 -7.43
C ALA K 158 -45.96 20.95 -8.53
N VAL K 159 -46.20 19.65 -8.41
CA VAL K 159 -45.73 18.71 -9.41
C VAL K 159 -46.50 18.95 -10.71
N ILE K 160 -45.77 19.30 -11.76
CA ILE K 160 -46.37 19.60 -13.05
C ILE K 160 -45.91 18.66 -14.15
N GLY K 161 -45.01 17.74 -13.86
CA GLY K 161 -44.56 16.79 -14.85
C GLY K 161 -43.54 15.85 -14.24
N VAL K 162 -43.14 14.87 -15.05
CA VAL K 162 -42.13 13.90 -14.64
C VAL K 162 -41.02 13.89 -15.69
N LEU K 163 -39.78 13.96 -15.23
CA LEU K 163 -38.64 13.86 -16.12
C LEU K 163 -38.39 12.38 -16.41
N MET K 164 -38.71 11.96 -17.64
CA MET K 164 -38.69 10.54 -17.96
C MET K 164 -37.26 10.01 -18.13
N ASP K 165 -36.49 10.62 -19.04
CA ASP K 165 -35.15 10.14 -19.31
C ASP K 165 -34.27 10.27 -18.08
N ASP K 166 -33.98 11.51 -17.67
CA ASP K 166 -33.22 11.81 -16.46
C ASP K 166 -31.93 10.99 -16.39
N THR K 167 -31.36 10.65 -17.55
CA THR K 167 -30.16 9.85 -17.60
C THR K 167 -28.95 10.68 -17.16
N ASP K 168 -28.04 10.03 -16.45
CA ASP K 168 -26.78 10.67 -16.10
C ASP K 168 -26.05 11.07 -17.38
N PRO K 169 -25.67 12.35 -17.52
CA PRO K 169 -24.97 12.76 -18.75
C PRO K 169 -23.67 12.01 -18.99
N LEU K 170 -23.05 11.49 -17.93
CA LEU K 170 -21.85 10.68 -18.10
C LEU K 170 -22.14 9.30 -18.67
N VAL K 171 -23.41 8.91 -18.74
CA VAL K 171 -23.80 7.64 -19.34
C VAL K 171 -24.29 7.84 -20.77
N THR K 172 -25.10 8.87 -21.01
CA THR K 172 -25.63 9.10 -22.34
C THR K 172 -24.54 9.39 -23.36
N VAL K 173 -23.35 9.79 -22.91
CA VAL K 173 -22.23 9.92 -23.84
C VAL K 173 -21.74 8.55 -24.31
N MET K 174 -21.84 7.54 -23.45
CA MET K 174 -21.38 6.21 -23.80
C MET K 174 -22.16 5.62 -24.97
N LYS K 175 -23.41 6.04 -25.15
CA LYS K 175 -24.22 5.52 -26.25
C LYS K 175 -23.60 5.89 -27.59
N VAL K 176 -23.55 4.92 -28.49
CA VAL K 176 -23.00 5.12 -29.82
C VAL K 176 -24.11 5.64 -30.73
N GLU K 177 -23.88 6.81 -31.34
CA GLU K 177 -24.84 7.39 -32.28
C GLU K 177 -24.38 7.25 -33.72
N LYS K 178 -23.10 7.52 -33.98
CA LYS K 178 -22.52 7.35 -35.31
C LYS K 178 -21.72 6.04 -35.29
N ALA K 179 -22.23 5.04 -36.00
CA ALA K 179 -21.59 3.74 -36.00
C ALA K 179 -20.23 3.82 -36.70
N PRO K 180 -19.22 3.11 -36.19
CA PRO K 180 -17.92 3.11 -36.87
C PRO K 180 -18.02 2.48 -38.25
N GLN K 181 -17.17 2.96 -39.16
CA GLN K 181 -17.23 2.51 -40.54
C GLN K 181 -16.51 1.18 -40.77
N GLU K 182 -15.85 0.64 -39.76
CA GLU K 182 -15.14 -0.63 -39.90
C GLU K 182 -16.15 -1.77 -39.81
N THR K 183 -16.30 -2.52 -40.90
CA THR K 183 -17.21 -3.65 -40.95
C THR K 183 -16.42 -4.94 -40.72
N TYR K 184 -17.11 -6.08 -40.85
CA TYR K 184 -16.42 -7.36 -40.72
C TYR K 184 -15.48 -7.59 -41.89
N ALA K 185 -15.75 -6.96 -43.04
CA ALA K 185 -14.87 -7.08 -44.19
C ALA K 185 -13.54 -6.38 -43.97
N ASP K 186 -13.41 -5.58 -42.92
CA ASP K 186 -12.17 -4.90 -42.60
C ASP K 186 -11.28 -5.70 -41.68
N ILE K 187 -11.67 -6.93 -41.35
CA ILE K 187 -10.91 -7.80 -40.45
C ILE K 187 -10.35 -8.95 -41.25
N GLY K 188 -9.05 -9.16 -41.15
CA GLY K 188 -8.39 -10.27 -41.81
C GLY K 188 -8.24 -11.47 -40.90
N GLY K 189 -8.64 -12.64 -41.38
CA GLY K 189 -8.62 -13.81 -40.54
C GLY K 189 -9.62 -13.67 -39.42
N LEU K 190 -9.27 -14.21 -38.25
CA LEU K 190 -10.10 -14.12 -37.05
C LEU K 190 -11.48 -14.69 -37.30
N ASP K 191 -11.55 -15.71 -38.16
CA ASP K 191 -12.82 -16.31 -38.54
C ASP K 191 -13.50 -16.97 -37.34
N ASN K 192 -12.73 -17.70 -36.53
CA ASN K 192 -13.30 -18.32 -35.33
C ASN K 192 -13.75 -17.26 -34.33
N GLN K 193 -12.94 -16.22 -34.13
CA GLN K 193 -13.31 -15.14 -33.22
C GLN K 193 -14.56 -14.44 -33.71
N ILE K 194 -14.65 -14.16 -35.02
CA ILE K 194 -15.83 -13.53 -35.58
C ILE K 194 -17.05 -14.42 -35.39
N GLN K 195 -16.88 -15.72 -35.60
CA GLN K 195 -18.00 -16.64 -35.41
C GLN K 195 -18.49 -16.64 -33.98
N GLU K 196 -17.57 -16.69 -33.01
CA GLU K 196 -17.97 -16.69 -31.61
C GLU K 196 -18.66 -15.38 -31.23
N ILE K 197 -18.09 -14.25 -31.65
CA ILE K 197 -18.67 -12.96 -31.29
C ILE K 197 -20.05 -12.82 -31.94
N LYS K 198 -20.22 -13.33 -33.15
CA LYS K 198 -21.53 -13.27 -33.80
C LYS K 198 -22.53 -14.15 -33.06
N GLU K 199 -22.17 -15.41 -32.81
CA GLU K 199 -23.07 -16.31 -32.10
C GLU K 199 -23.42 -15.78 -30.71
N SER K 200 -22.59 -14.89 -30.17
CA SER K 200 -22.89 -14.34 -28.86
C SER K 200 -23.78 -13.10 -28.93
N VAL K 201 -23.48 -12.14 -29.81
CA VAL K 201 -24.14 -10.85 -29.77
C VAL K 201 -25.06 -10.57 -30.97
N GLU K 202 -24.81 -11.15 -32.15
CA GLU K 202 -25.54 -10.80 -33.35
C GLU K 202 -26.57 -11.87 -33.71
N LEU K 203 -26.14 -13.14 -33.76
CA LEU K 203 -27.06 -14.21 -34.10
C LEU K 203 -28.25 -14.34 -33.15
N PRO K 204 -28.10 -14.18 -31.82
CA PRO K 204 -29.30 -14.24 -30.95
C PRO K 204 -30.37 -13.23 -31.33
N LEU K 205 -29.98 -12.03 -31.75
CA LEU K 205 -30.97 -11.04 -32.19
C LEU K 205 -31.54 -11.40 -33.55
N THR K 206 -30.68 -11.80 -34.49
CA THR K 206 -31.14 -12.05 -35.85
C THR K 206 -31.94 -13.34 -35.94
N HIS K 207 -31.45 -14.41 -35.33
CA HIS K 207 -32.09 -15.73 -35.41
C HIS K 207 -32.25 -16.31 -34.01
N PRO K 208 -33.20 -15.79 -33.22
CA PRO K 208 -33.43 -16.38 -31.90
C PRO K 208 -34.12 -17.74 -31.94
N GLU K 209 -34.64 -18.15 -33.10
CA GLU K 209 -35.37 -19.41 -33.17
C GLU K 209 -34.47 -20.60 -32.87
N TYR K 210 -33.22 -20.55 -33.33
CA TYR K 210 -32.31 -21.65 -33.06
C TYR K 210 -32.14 -21.86 -31.56
N TYR K 211 -31.91 -20.77 -30.83
CA TYR K 211 -31.72 -20.87 -29.39
C TYR K 211 -33.00 -21.28 -28.68
N GLU K 212 -34.15 -20.76 -29.15
CA GLU K 212 -35.42 -21.12 -28.54
C GLU K 212 -35.71 -22.60 -28.69
N GLU K 213 -35.54 -23.14 -29.91
CA GLU K 213 -35.80 -24.56 -30.14
C GLU K 213 -34.78 -25.42 -29.41
N MET K 214 -33.53 -24.98 -29.35
CA MET K 214 -32.49 -25.78 -28.72
C MET K 214 -32.65 -25.82 -27.20
N GLY K 215 -33.36 -24.86 -26.62
CA GLY K 215 -33.53 -24.80 -25.18
C GLY K 215 -32.38 -24.18 -24.44
N ILE K 216 -31.44 -23.54 -25.13
CA ILE K 216 -30.27 -22.92 -24.51
C ILE K 216 -30.42 -21.41 -24.60
N LYS K 217 -30.07 -20.73 -23.52
CA LYS K 217 -29.97 -19.28 -23.57
C LYS K 217 -28.64 -18.90 -24.22
N PRO K 218 -28.64 -18.02 -25.21
CA PRO K 218 -27.40 -17.68 -25.91
C PRO K 218 -26.40 -17.02 -24.99
N PRO K 219 -25.10 -17.14 -25.28
CA PRO K 219 -24.08 -16.51 -24.43
C PRO K 219 -24.25 -15.00 -24.35
N LYS K 220 -24.40 -14.48 -23.14
CA LYS K 220 -24.66 -13.06 -22.92
C LYS K 220 -23.41 -12.30 -22.49
N GLY K 221 -22.24 -12.93 -22.54
CA GLY K 221 -21.02 -12.25 -22.16
C GLY K 221 -19.79 -12.85 -22.82
N VAL K 222 -18.94 -12.00 -23.36
CA VAL K 222 -17.72 -12.42 -24.04
C VAL K 222 -16.58 -11.51 -23.63
N ILE K 223 -15.38 -12.05 -23.53
CA ILE K 223 -14.17 -11.28 -23.28
C ILE K 223 -13.21 -11.50 -24.43
N LEU K 224 -12.63 -10.42 -24.93
CA LEU K 224 -11.66 -10.48 -26.02
C LEU K 224 -10.29 -10.17 -25.43
N TYR K 225 -9.43 -11.19 -25.36
CA TYR K 225 -8.11 -11.03 -24.78
C TYR K 225 -7.06 -11.54 -25.75
N GLY K 226 -5.87 -10.93 -25.67
CA GLY K 226 -4.77 -11.28 -26.53
C GLY K 226 -3.70 -10.21 -26.51
N PRO K 227 -2.63 -10.41 -27.27
CA PRO K 227 -1.58 -9.39 -27.35
C PRO K 227 -2.12 -8.10 -27.94
N PRO K 228 -1.52 -6.96 -27.61
CA PRO K 228 -2.01 -5.68 -28.14
C PRO K 228 -1.92 -5.63 -29.65
N GLY K 229 -2.85 -4.90 -30.26
CA GLY K 229 -2.89 -4.77 -31.71
C GLY K 229 -3.24 -6.03 -32.45
N THR K 230 -4.19 -6.82 -31.95
CA THR K 230 -4.56 -8.07 -32.59
C THR K 230 -5.93 -8.01 -33.25
N GLY K 231 -6.83 -7.15 -32.77
CA GLY K 231 -8.14 -7.02 -33.39
C GLY K 231 -9.30 -7.10 -32.44
N LYS K 232 -9.05 -6.89 -31.14
CA LYS K 232 -10.13 -6.88 -30.16
C LYS K 232 -11.04 -5.67 -30.36
N THR K 233 -10.48 -4.47 -30.26
CA THR K 233 -11.28 -3.27 -30.49
C THR K 233 -11.78 -3.22 -31.93
N LEU K 234 -11.02 -3.78 -32.87
CA LEU K 234 -11.51 -3.89 -34.25
C LEU K 234 -12.77 -4.74 -34.31
N LEU K 235 -12.78 -5.88 -33.62
CA LEU K 235 -13.96 -6.72 -33.62
C LEU K 235 -15.14 -6.03 -32.93
N ALA K 236 -14.88 -5.30 -31.85
CA ALA K 236 -15.95 -4.56 -31.19
C ALA K 236 -16.52 -3.49 -32.12
N LYS K 237 -15.64 -2.78 -32.85
CA LYS K 237 -16.09 -1.77 -33.80
C LYS K 237 -16.93 -2.39 -34.90
N ALA K 238 -16.50 -3.54 -35.42
CA ALA K 238 -17.28 -4.22 -36.44
C ALA K 238 -18.62 -4.67 -35.91
N VAL K 239 -18.66 -5.16 -34.66
CA VAL K 239 -19.91 -5.56 -34.05
C VAL K 239 -20.86 -4.39 -33.95
N ALA K 240 -20.36 -3.23 -33.50
CA ALA K 240 -21.19 -2.05 -33.38
C ALA K 240 -21.67 -1.58 -34.75
N ASN K 241 -20.82 -1.69 -35.77
CA ASN K 241 -21.22 -1.30 -37.11
C ASN K 241 -22.34 -2.20 -37.64
N GLN K 242 -22.26 -3.50 -37.36
CA GLN K 242 -23.25 -4.42 -37.93
C GLN K 242 -24.49 -4.55 -37.06
N THR K 243 -24.39 -4.29 -35.76
CA THR K 243 -25.50 -4.59 -34.87
C THR K 243 -26.67 -3.64 -35.10
N SER K 244 -27.87 -4.15 -34.81
CA SER K 244 -29.08 -3.36 -34.82
C SER K 244 -29.53 -2.98 -33.41
N ALA K 245 -28.80 -3.43 -32.39
CA ALA K 245 -29.08 -3.08 -31.01
C ALA K 245 -28.32 -1.82 -30.61
N THR K 246 -28.77 -1.19 -29.53
CA THR K 246 -28.05 -0.04 -29.01
C THR K 246 -26.69 -0.48 -28.47
N PHE K 247 -25.68 0.34 -28.73
CA PHE K 247 -24.31 0.01 -28.38
C PHE K 247 -23.78 1.05 -27.41
N LEU K 248 -23.34 0.58 -26.24
CA LEU K 248 -22.76 1.44 -25.22
C LEU K 248 -21.29 1.08 -25.06
N ARG K 249 -20.41 2.07 -25.21
CA ARG K 249 -18.97 1.86 -25.15
C ARG K 249 -18.41 2.59 -23.94
N VAL K 250 -17.76 1.84 -23.05
CA VAL K 250 -17.04 2.43 -21.93
C VAL K 250 -15.59 1.98 -22.02
N VAL K 251 -14.72 2.55 -21.20
CA VAL K 251 -13.30 2.21 -21.21
C VAL K 251 -12.86 1.52 -19.93
N GLY K 252 -13.72 1.43 -18.92
CA GLY K 252 -13.30 0.87 -17.66
C GLY K 252 -12.51 1.82 -16.80
N SER K 253 -12.14 2.99 -17.32
CA SER K 253 -11.53 4.04 -16.54
C SER K 253 -12.46 5.22 -16.31
N GLU K 254 -13.47 5.41 -17.17
CA GLU K 254 -14.52 6.38 -16.89
C GLU K 254 -15.55 5.85 -15.92
N LEU K 255 -15.55 4.54 -15.66
CA LEU K 255 -16.44 3.97 -14.67
C LEU K 255 -16.01 4.33 -13.25
N ILE K 256 -14.83 4.91 -13.08
CA ILE K 256 -14.32 5.29 -11.78
C ILE K 256 -14.56 6.78 -11.57
N GLN K 257 -15.22 7.12 -10.48
CA GLN K 257 -15.58 8.49 -10.17
C GLN K 257 -14.87 8.97 -8.91
N LYS K 258 -14.68 10.27 -8.82
CA LYS K 258 -13.95 10.85 -7.69
C LYS K 258 -14.67 10.59 -6.37
N TYR K 259 -15.99 10.79 -6.35
CA TYR K 259 -16.74 10.70 -5.11
C TYR K 259 -16.95 9.24 -4.72
N LEU K 260 -17.47 9.05 -3.50
CA LEU K 260 -17.49 7.73 -2.90
C LEU K 260 -18.46 6.80 -3.62
N GLY K 261 -19.74 7.13 -3.62
CA GLY K 261 -20.71 6.23 -4.21
C GLY K 261 -20.92 6.37 -5.70
N ASP K 262 -20.25 7.31 -6.36
CA ASP K 262 -20.59 7.63 -7.74
C ASP K 262 -20.13 6.56 -8.72
N GLY K 263 -19.16 5.74 -8.35
CA GLY K 263 -18.68 4.68 -9.22
C GLY K 263 -19.72 3.59 -9.44
N PRO K 264 -20.08 2.88 -8.36
CA PRO K 264 -21.16 1.90 -8.48
C PRO K 264 -22.48 2.48 -8.95
N LYS K 265 -22.79 3.71 -8.55
CA LYS K 265 -24.01 4.34 -9.05
C LYS K 265 -23.94 4.55 -10.55
N LEU K 266 -22.77 4.96 -11.06
CA LEU K 266 -22.61 5.13 -12.49
C LEU K 266 -22.74 3.80 -13.22
N VAL K 267 -22.18 2.73 -12.64
CA VAL K 267 -22.31 1.41 -13.25
C VAL K 267 -23.77 0.99 -13.30
N ARG K 268 -24.50 1.20 -12.20
CA ARG K 268 -25.92 0.86 -12.18
C ARG K 268 -26.71 1.67 -13.19
N GLU K 269 -26.38 2.97 -13.32
CA GLU K 269 -27.09 3.80 -14.30
C GLU K 269 -26.79 3.33 -15.72
N LEU K 270 -25.54 2.96 -16.00
CA LEU K 270 -25.19 2.47 -17.32
C LEU K 270 -25.98 1.21 -17.65
N PHE K 271 -26.06 0.28 -16.70
CA PHE K 271 -26.77 -0.96 -16.99
C PHE K 271 -28.29 -0.75 -17.01
N ARG K 272 -28.80 0.22 -16.25
CA ARG K 272 -30.21 0.58 -16.35
C ARG K 272 -30.53 1.14 -17.73
N VAL K 273 -29.65 1.98 -18.26
CA VAL K 273 -29.84 2.52 -19.61
C VAL K 273 -29.78 1.40 -20.63
N ALA K 274 -28.83 0.47 -20.46
CA ALA K 274 -28.75 -0.68 -21.35
C ALA K 274 -30.02 -1.52 -21.28
N GLU K 275 -30.63 -1.61 -20.10
CA GLU K 275 -31.87 -2.37 -19.95
C GLU K 275 -33.05 -1.62 -20.57
N GLU K 276 -33.04 -0.29 -20.52
CA GLU K 276 -34.18 0.47 -21.04
C GLU K 276 -34.39 0.21 -22.52
N HIS K 277 -33.30 0.23 -23.29
CA HIS K 277 -33.34 -0.15 -24.70
C HIS K 277 -33.04 -1.64 -24.76
N ALA K 278 -34.11 -2.46 -24.85
CA ALA K 278 -34.08 -3.88 -24.51
C ALA K 278 -32.92 -4.62 -25.17
N PRO K 279 -32.75 -4.62 -26.50
CA PRO K 279 -31.56 -5.25 -27.08
C PRO K 279 -30.40 -4.28 -26.99
N SER K 280 -29.41 -4.62 -26.17
CA SER K 280 -28.29 -3.72 -25.93
C SER K 280 -26.99 -4.50 -25.90
N ILE K 281 -25.92 -3.83 -26.32
CA ILE K 281 -24.57 -4.37 -26.25
C ILE K 281 -23.71 -3.35 -25.51
N VAL K 282 -23.07 -3.78 -24.44
CA VAL K 282 -22.20 -2.94 -23.64
C VAL K 282 -20.77 -3.40 -23.86
N PHE K 283 -19.94 -2.53 -24.43
CA PHE K 283 -18.54 -2.82 -24.69
C PHE K 283 -17.70 -2.15 -23.62
N ILE K 284 -17.13 -2.95 -22.72
CA ILE K 284 -16.22 -2.44 -21.70
C ILE K 284 -14.79 -2.73 -22.14
N ASP K 285 -14.19 -1.82 -22.87
CA ASP K 285 -12.80 -1.97 -23.25
C ASP K 285 -11.91 -1.78 -22.03
N GLU K 286 -10.67 -2.26 -22.14
CA GLU K 286 -9.69 -2.18 -21.05
C GLU K 286 -10.36 -2.48 -19.72
N ILE K 287 -10.81 -3.71 -19.51
CA ILE K 287 -11.52 -4.09 -18.27
C ILE K 287 -10.46 -4.27 -17.19
N ASP K 288 -9.21 -4.49 -17.59
CA ASP K 288 -8.10 -4.64 -16.61
C ASP K 288 -8.13 -3.44 -15.68
N ALA K 289 -8.65 -2.32 -16.18
CA ALA K 289 -8.58 -1.11 -15.37
C ALA K 289 -9.30 -1.29 -14.04
N ILE K 290 -10.45 -1.96 -14.04
CA ILE K 290 -11.20 -2.22 -12.82
C ILE K 290 -11.39 -3.71 -12.54
N GLY K 291 -11.08 -4.58 -13.48
CA GLY K 291 -11.31 -6.00 -13.29
C GLY K 291 -10.18 -6.71 -12.59
N THR K 292 -9.20 -5.96 -12.10
CA THR K 292 -8.04 -6.57 -11.45
C THR K 292 -8.47 -7.33 -10.20
N LYS K 293 -7.70 -8.35 -9.87
CA LYS K 293 -8.09 -9.30 -8.83
C LYS K 293 -8.31 -8.59 -7.50
N ARG K 294 -9.40 -8.94 -6.83
CA ARG K 294 -9.68 -8.39 -5.51
C ARG K 294 -8.64 -8.84 -4.50
N TYR K 295 -8.27 -7.93 -3.60
CA TYR K 295 -7.32 -8.23 -2.55
C TYR K 295 -7.54 -7.27 -1.39
N ASP K 296 -7.05 -7.65 -0.22
CA ASP K 296 -7.18 -6.79 0.97
C ASP K 296 -6.26 -5.59 0.83
N SER K 297 -6.85 -4.42 0.57
CA SER K 297 -6.10 -3.20 0.31
C SER K 297 -6.34 -2.20 1.43
N ASN K 298 -5.27 -1.62 1.96
CA ASN K 298 -5.37 -0.61 3.00
C ASN K 298 -5.36 0.79 2.38
N SER K 299 -6.35 1.03 1.51
CA SER K 299 -6.51 2.32 0.87
C SER K 299 -7.97 2.47 0.45
N GLY K 300 -8.52 3.66 0.66
CA GLY K 300 -9.90 3.90 0.27
C GLY K 300 -10.13 3.85 -1.22
N GLY K 301 -9.15 4.34 -2.00
CA GLY K 301 -9.31 4.32 -3.45
C GLY K 301 -9.37 2.92 -4.02
N GLU K 302 -8.45 2.06 -3.60
CA GLU K 302 -8.44 0.69 -4.12
C GLU K 302 -9.69 -0.07 -3.71
N ARG K 303 -10.14 0.12 -2.47
CA ARG K 303 -11.36 -0.54 -2.03
C ARG K 303 -12.58 0.00 -2.75
N GLU K 304 -12.60 1.30 -3.05
CA GLU K 304 -13.71 1.84 -3.83
C GLU K 304 -13.72 1.31 -5.26
N ILE K 305 -12.53 1.12 -5.84
CA ILE K 305 -12.46 0.55 -7.18
C ILE K 305 -12.91 -0.91 -7.16
N GLN K 306 -12.53 -1.65 -6.12
CA GLN K 306 -13.03 -3.00 -5.94
C GLN K 306 -14.54 -3.00 -5.79
N ARG K 307 -15.08 -2.00 -5.09
CA ARG K 307 -16.53 -1.85 -4.95
C ARG K 307 -17.19 -1.61 -6.30
N THR K 308 -16.57 -0.77 -7.13
CA THR K 308 -17.08 -0.52 -8.47
C THR K 308 -17.11 -1.81 -9.29
N MET K 309 -16.04 -2.60 -9.21
CA MET K 309 -16.01 -3.87 -9.93
C MET K 309 -17.06 -4.82 -9.39
N LEU K 310 -17.27 -4.82 -8.08
CA LEU K 310 -18.29 -5.68 -7.48
C LEU K 310 -19.68 -5.28 -7.94
N GLU K 311 -19.95 -3.99 -8.05
CA GLU K 311 -21.21 -3.54 -8.63
C GLU K 311 -21.32 -3.98 -10.08
N LEU K 312 -20.22 -3.90 -10.83
CA LEU K 312 -20.22 -4.33 -12.22
C LEU K 312 -20.62 -5.80 -12.34
N LEU K 313 -20.01 -6.66 -11.52
CA LEU K 313 -20.29 -8.08 -11.65
C LEU K 313 -21.57 -8.48 -10.93
N ASN K 314 -22.13 -7.61 -10.09
CA ASN K 314 -23.48 -7.83 -9.59
C ASN K 314 -24.51 -7.49 -10.66
N GLN K 315 -24.24 -6.46 -11.47
CA GLN K 315 -25.07 -6.17 -12.63
C GLN K 315 -24.96 -7.28 -13.66
N LEU K 316 -23.76 -7.85 -13.80
CA LEU K 316 -23.55 -8.90 -14.79
C LEU K 316 -24.34 -10.16 -14.44
N ASP K 317 -24.22 -10.64 -13.21
CA ASP K 317 -24.92 -11.84 -12.78
C ASP K 317 -25.07 -11.77 -11.26
N GLY K 318 -26.27 -11.41 -10.81
CA GLY K 318 -26.57 -11.38 -9.41
C GLY K 318 -28.05 -11.60 -9.20
N PHE K 319 -28.58 -10.99 -8.15
CA PHE K 319 -30.02 -10.99 -7.95
C PHE K 319 -30.68 -10.23 -9.09
N ASP K 320 -31.83 -10.74 -9.54
CA ASP K 320 -32.56 -10.26 -10.72
C ASP K 320 -31.81 -10.61 -11.99
N SER K 321 -32.54 -11.02 -13.02
CA SER K 321 -31.91 -11.36 -14.29
C SER K 321 -31.38 -10.10 -14.98
N ARG K 322 -30.28 -10.25 -15.70
CA ARG K 322 -29.65 -9.14 -16.38
C ARG K 322 -30.50 -8.59 -17.52
N GLY K 323 -31.28 -9.43 -18.19
CA GLY K 323 -32.08 -8.99 -19.32
C GLY K 323 -31.33 -9.16 -20.62
N ASP K 324 -31.89 -8.58 -21.68
CA ASP K 324 -31.35 -8.73 -23.03
C ASP K 324 -30.19 -7.75 -23.26
N VAL K 325 -29.25 -7.77 -22.32
CA VAL K 325 -28.05 -6.94 -22.39
C VAL K 325 -26.84 -7.85 -22.49
N LYS K 326 -26.10 -7.72 -23.58
CA LYS K 326 -24.90 -8.49 -23.82
C LYS K 326 -23.67 -7.62 -23.60
N VAL K 327 -22.68 -8.17 -22.91
CA VAL K 327 -21.51 -7.42 -22.49
C VAL K 327 -20.28 -7.96 -23.21
N ILE K 328 -19.52 -7.07 -23.83
CA ILE K 328 -18.26 -7.41 -24.47
C ILE K 328 -17.15 -6.72 -23.67
N MET K 329 -16.18 -7.50 -23.23
CA MET K 329 -15.04 -6.94 -22.47
C MET K 329 -13.74 -7.21 -23.23
N ALA K 330 -12.75 -6.34 -23.17
CA ALA K 330 -11.48 -6.46 -23.85
C ALA K 330 -10.35 -6.16 -22.88
N THR K 331 -9.27 -6.92 -22.99
CA THR K 331 -8.11 -6.74 -22.12
C THR K 331 -6.89 -7.38 -22.77
N ASN K 332 -5.72 -6.82 -22.50
CA ASN K 332 -4.46 -7.42 -22.93
C ASN K 332 -3.89 -8.37 -21.91
N ARG K 333 -4.47 -8.43 -20.71
CA ARG K 333 -3.94 -9.24 -19.62
C ARG K 333 -5.13 -9.84 -18.87
N ILE K 334 -5.51 -11.05 -19.26
CA ILE K 334 -6.67 -11.70 -18.66
C ILE K 334 -6.27 -12.43 -17.38
N GLU K 335 -4.98 -12.76 -17.22
CA GLU K 335 -4.54 -13.45 -16.02
C GLU K 335 -4.61 -12.57 -14.79
N THR K 336 -4.71 -11.26 -14.97
CA THR K 336 -4.80 -10.32 -13.86
C THR K 336 -6.23 -9.98 -13.49
N LEU K 337 -7.21 -10.61 -14.14
CA LEU K 337 -8.61 -10.29 -13.90
C LEU K 337 -9.15 -11.13 -12.75
N ASP K 338 -10.10 -10.54 -12.03
CA ASP K 338 -10.71 -11.24 -10.91
C ASP K 338 -11.48 -12.47 -11.41
N PRO K 339 -11.33 -13.63 -10.78
CA PRO K 339 -12.03 -14.82 -11.27
C PRO K 339 -13.54 -14.67 -11.28
N ALA K 340 -14.10 -13.91 -10.32
CA ALA K 340 -15.55 -13.73 -10.29
C ALA K 340 -16.04 -12.93 -11.48
N LEU K 341 -15.18 -12.06 -12.03
CA LEU K 341 -15.61 -11.21 -13.14
C LEU K 341 -15.70 -11.98 -14.44
N ILE K 342 -14.76 -12.91 -14.68
CA ILE K 342 -14.70 -13.62 -15.94
C ILE K 342 -15.23 -15.05 -15.81
N ARG K 343 -15.88 -15.36 -14.70
CA ARG K 343 -16.46 -16.68 -14.51
C ARG K 343 -17.64 -16.88 -15.47
N PRO K 344 -17.94 -18.13 -15.81
CA PRO K 344 -19.11 -18.39 -16.64
C PRO K 344 -20.38 -17.89 -15.96
N GLY K 345 -21.30 -17.39 -16.76
CA GLY K 345 -22.48 -16.76 -16.22
C GLY K 345 -22.40 -15.25 -16.37
N ARG K 346 -21.20 -14.70 -16.19
CA ARG K 346 -20.93 -13.31 -16.52
C ARG K 346 -20.23 -13.19 -17.86
N ILE K 347 -19.11 -13.89 -18.03
CA ILE K 347 -18.41 -14.00 -19.30
C ILE K 347 -18.53 -15.46 -19.73
N ASP K 348 -19.31 -15.70 -20.77
CA ASP K 348 -19.59 -17.07 -21.20
C ASP K 348 -18.61 -17.58 -22.25
N ARG K 349 -18.00 -16.70 -23.04
CA ARG K 349 -17.04 -17.11 -24.06
C ARG K 349 -15.77 -16.28 -23.88
N LYS K 350 -14.67 -16.97 -23.58
CA LYS K 350 -13.37 -16.31 -23.45
C LYS K 350 -12.65 -16.39 -24.80
N ILE K 351 -12.99 -15.45 -25.67
CA ILE K 351 -12.47 -15.49 -27.03
C ILE K 351 -11.01 -15.05 -27.05
N GLU K 352 -10.14 -15.93 -27.53
CA GLU K 352 -8.71 -15.67 -27.58
C GLU K 352 -8.37 -14.97 -28.89
N PHE K 353 -7.41 -14.05 -28.82
CA PHE K 353 -6.97 -13.25 -29.96
C PHE K 353 -5.47 -13.40 -30.11
N PRO K 354 -5.00 -14.48 -30.73
CA PRO K 354 -3.55 -14.71 -30.85
C PRO K 354 -2.92 -13.82 -31.91
N LEU K 355 -1.61 -13.76 -31.88
CA LEU K 355 -0.88 -13.06 -32.92
C LEU K 355 -1.14 -13.72 -34.27
N PRO K 356 -1.30 -12.96 -35.35
CA PRO K 356 -1.68 -13.56 -36.63
C PRO K 356 -0.64 -14.54 -37.13
N ASP K 357 -1.12 -15.61 -37.75
CA ASP K 357 -0.25 -16.57 -38.41
C ASP K 357 -0.03 -16.13 -39.86
N GLU K 358 0.56 -17.01 -40.68
CA GLU K 358 0.91 -16.62 -42.04
C GLU K 358 -0.33 -16.30 -42.85
N LYS K 359 -1.38 -17.13 -42.75
CA LYS K 359 -2.60 -16.88 -43.51
C LYS K 359 -3.28 -15.60 -43.06
N THR K 360 -3.38 -15.40 -41.75
CA THR K 360 -3.98 -14.18 -41.24
C THR K 360 -3.15 -12.95 -41.59
N LYS K 361 -1.82 -13.09 -41.55
CA LYS K 361 -0.96 -11.98 -41.95
C LYS K 361 -1.17 -11.63 -43.41
N LYS K 362 -1.30 -12.63 -44.28
CA LYS K 362 -1.58 -12.37 -45.68
C LYS K 362 -2.93 -11.68 -45.85
N ARG K 363 -3.95 -12.13 -45.11
CA ARG K 363 -5.26 -11.48 -45.22
C ARG K 363 -5.21 -10.03 -44.76
N ILE K 364 -4.52 -9.75 -43.65
CA ILE K 364 -4.39 -8.37 -43.18
C ILE K 364 -3.61 -7.51 -44.18
N PHE K 365 -2.55 -8.05 -44.78
CA PHE K 365 -1.83 -7.30 -45.81
C PHE K 365 -2.72 -7.02 -47.01
N GLN K 366 -3.53 -8.00 -47.42
CA GLN K 366 -4.45 -7.78 -48.53
C GLN K 366 -5.46 -6.69 -48.20
N ILE K 367 -5.96 -6.68 -46.97
CA ILE K 367 -6.95 -5.67 -46.59
C ILE K 367 -6.32 -4.29 -46.52
N HIS K 368 -5.14 -4.18 -45.94
CA HIS K 368 -4.54 -2.88 -45.70
C HIS K 368 -3.75 -2.34 -46.88
N THR K 369 -3.53 -3.16 -47.91
CA THR K 369 -2.95 -2.68 -49.16
C THR K 369 -3.98 -2.57 -50.27
N SER K 370 -5.27 -2.75 -49.96
CA SER K 370 -6.29 -2.70 -51.00
C SER K 370 -6.40 -1.29 -51.59
N ARG K 371 -6.39 -0.27 -50.74
CA ARG K 371 -6.49 1.10 -51.23
C ARG K 371 -5.19 1.55 -51.88
N MET K 372 -4.06 0.97 -51.47
CA MET K 372 -2.77 1.39 -51.99
C MET K 372 -2.60 0.97 -53.44
N THR K 373 -1.91 1.81 -54.21
CA THR K 373 -1.58 1.51 -55.60
C THR K 373 -0.28 0.71 -55.58
N LEU K 374 -0.43 -0.61 -55.59
CA LEU K 374 0.70 -1.49 -55.39
C LEU K 374 1.50 -1.65 -56.69
N ALA K 375 2.75 -2.04 -56.56
CA ALA K 375 3.61 -2.26 -57.72
C ALA K 375 3.41 -3.68 -58.25
N ASP K 376 4.28 -4.06 -59.20
CA ASP K 376 4.21 -5.40 -59.76
C ASP K 376 5.23 -6.34 -59.13
N ASP K 377 6.41 -5.82 -58.78
CA ASP K 377 7.48 -6.62 -58.21
C ASP K 377 7.30 -6.88 -56.72
N VAL K 378 6.29 -6.26 -56.10
CA VAL K 378 6.09 -6.33 -54.66
C VAL K 378 5.48 -7.71 -54.34
N THR K 379 6.26 -8.54 -53.67
CA THR K 379 5.77 -9.83 -53.16
C THR K 379 5.66 -9.69 -51.65
N LEU K 380 4.43 -9.56 -51.16
CA LEU K 380 4.21 -9.38 -49.72
C LEU K 380 4.64 -10.60 -48.92
N ASP K 381 4.80 -11.76 -49.56
CA ASP K 381 5.11 -12.99 -48.84
C ASP K 381 6.41 -12.87 -48.06
N ASP K 382 7.36 -12.08 -48.56
CA ASP K 382 8.62 -11.91 -47.85
C ASP K 382 8.39 -11.26 -46.48
N LEU K 383 7.51 -10.26 -46.42
CA LEU K 383 7.18 -9.64 -45.14
C LEU K 383 6.25 -10.51 -44.31
N ILE K 384 5.39 -11.30 -44.96
CA ILE K 384 4.45 -12.14 -44.22
C ILE K 384 5.19 -13.19 -43.39
N MET K 385 6.34 -13.66 -43.86
CA MET K 385 7.05 -14.74 -43.18
C MET K 385 7.31 -14.41 -41.72
N ALA K 386 8.18 -13.42 -41.47
CA ALA K 386 8.50 -12.96 -40.12
C ALA K 386 9.03 -14.08 -39.26
N LYS K 387 9.37 -13.80 -38.01
CA LYS K 387 9.73 -14.88 -37.08
C LYS K 387 8.49 -15.45 -36.41
N ASP K 388 7.89 -14.69 -35.50
CA ASP K 388 6.60 -15.08 -34.93
C ASP K 388 5.72 -13.92 -34.49
N ASP K 389 6.11 -12.66 -34.68
CA ASP K 389 5.59 -11.56 -33.88
C ASP K 389 5.17 -10.37 -34.74
N LEU K 390 4.40 -10.62 -35.80
CA LEU K 390 3.81 -9.55 -36.58
C LEU K 390 2.32 -9.50 -36.29
N SER K 391 1.87 -8.41 -35.67
CA SER K 391 0.47 -8.25 -35.30
C SER K 391 -0.26 -7.43 -36.36
N GLY K 392 -1.60 -7.47 -36.30
CA GLY K 392 -2.40 -6.75 -37.27
C GLY K 392 -2.14 -5.26 -37.25
N ALA K 393 -1.90 -4.70 -36.06
CA ALA K 393 -1.57 -3.29 -35.94
C ALA K 393 -0.25 -2.98 -36.63
N ASP K 394 0.72 -3.89 -36.49
CA ASP K 394 2.01 -3.69 -37.16
C ASP K 394 1.88 -3.75 -38.66
N ILE K 395 1.00 -4.61 -39.17
CA ILE K 395 0.84 -4.80 -40.62
C ILE K 395 0.29 -3.54 -41.26
N LYS K 396 -0.47 -2.75 -40.50
CA LYS K 396 -1.04 -1.52 -41.04
C LYS K 396 -0.02 -0.39 -40.97
N ALA K 397 0.77 -0.35 -39.90
CA ALA K 397 1.85 0.63 -39.81
C ALA K 397 2.90 0.37 -40.87
N ILE K 398 3.12 -0.90 -41.22
CA ILE K 398 4.03 -1.24 -42.31
C ILE K 398 3.55 -0.63 -43.61
N CYS K 399 2.25 -0.75 -43.90
CA CYS K 399 1.70 -0.16 -45.12
C CYS K 399 1.82 1.35 -45.10
N THR K 400 1.51 1.97 -43.96
CA THR K 400 1.62 3.43 -43.86
C THR K 400 3.05 3.89 -44.06
N GLU K 401 4.01 3.20 -43.44
CA GLU K 401 5.40 3.56 -43.58
C GLU K 401 5.90 3.33 -45.01
N ALA K 402 5.43 2.27 -45.65
CA ALA K 402 5.79 2.04 -47.06
C ALA K 402 5.28 3.16 -47.94
N GLY K 403 4.04 3.59 -47.71
CA GLY K 403 3.52 4.74 -48.44
C GLY K 403 4.33 5.99 -48.19
N LEU K 404 4.78 6.19 -46.95
CA LEU K 404 5.61 7.34 -46.63
C LEU K 404 6.94 7.29 -47.35
N MET K 405 7.58 6.12 -47.39
CA MET K 405 8.83 5.97 -48.13
C MET K 405 8.62 6.20 -49.63
N ALA K 406 7.47 5.76 -50.17
CA ALA K 406 7.17 6.05 -51.56
C ALA K 406 7.02 7.54 -51.79
N LEU K 407 6.36 8.24 -50.85
CA LEU K 407 6.25 9.69 -50.94
C LEU K 407 7.62 10.35 -50.89
N ARG K 408 8.55 9.75 -50.16
CA ARG K 408 9.90 10.31 -50.09
C ARG K 408 10.57 10.30 -51.46
N GLU K 409 10.39 9.23 -52.22
CA GLU K 409 10.94 9.13 -53.57
C GLU K 409 10.02 9.70 -54.63
N ARG K 410 9.03 10.50 -54.23
CA ARG K 410 8.06 11.14 -55.12
C ARG K 410 7.26 10.13 -55.93
N ARG K 411 7.01 8.95 -55.37
CA ARG K 411 6.24 7.91 -56.03
C ARG K 411 4.94 7.69 -55.27
N MET K 412 3.85 7.53 -56.01
CA MET K 412 2.58 7.14 -55.41
C MET K 412 2.32 5.66 -55.54
N LYS K 413 3.25 4.90 -56.12
CA LYS K 413 3.18 3.45 -56.24
C LYS K 413 4.27 2.85 -55.38
N VAL K 414 3.89 2.18 -54.29
CA VAL K 414 4.87 1.60 -53.39
C VAL K 414 5.50 0.36 -54.02
N THR K 415 6.77 0.14 -53.71
CA THR K 415 7.53 -0.97 -54.28
C THR K 415 8.05 -1.86 -53.15
N ASN K 416 8.84 -2.86 -53.54
CA ASN K 416 9.32 -3.84 -52.57
C ASN K 416 10.33 -3.23 -51.61
N GLU K 417 11.25 -2.41 -52.13
CA GLU K 417 12.24 -1.77 -51.26
C GLU K 417 11.55 -0.89 -50.24
N ASP K 418 10.50 -0.18 -50.64
CA ASP K 418 9.72 0.61 -49.70
C ASP K 418 9.15 -0.26 -48.59
N PHE K 419 8.62 -1.43 -48.95
CA PHE K 419 8.01 -2.30 -47.96
C PHE K 419 9.06 -2.85 -46.98
N LYS K 420 10.21 -3.28 -47.47
CA LYS K 420 11.22 -3.81 -46.55
C LYS K 420 11.79 -2.71 -45.66
N LYS K 421 12.01 -1.51 -46.21
CA LYS K 421 12.44 -0.40 -45.37
C LYS K 421 11.40 -0.08 -44.31
N SER K 422 10.12 -0.08 -44.70
CA SER K 422 9.05 0.19 -43.74
C SER K 422 9.02 -0.85 -42.63
N LYS K 423 9.19 -2.13 -43.00
CA LYS K 423 9.21 -3.18 -41.98
C LYS K 423 10.38 -3.00 -41.02
N GLU K 424 11.58 -2.77 -41.55
CA GLU K 424 12.75 -2.65 -40.70
C GLU K 424 12.83 -1.28 -40.03
N ASN K 425 11.85 -0.43 -40.30
CA ASN K 425 11.82 0.88 -39.67
C ASN K 425 10.77 0.90 -38.56
N VAL K 426 9.65 0.22 -38.77
CA VAL K 426 8.46 0.45 -37.95
C VAL K 426 8.38 -0.51 -36.77
N LEU K 427 8.99 -1.69 -36.87
CA LEU K 427 8.87 -2.67 -35.80
C LEU K 427 9.89 -2.35 -34.72
N TYR K 428 9.42 -2.34 -33.47
CA TYR K 428 10.33 -2.25 -32.33
C TYR K 428 10.20 -3.52 -31.49
N LYS K 429 11.32 -4.23 -31.32
CA LYS K 429 11.35 -5.48 -30.58
C LYS K 429 11.63 -5.23 -29.10
N LYS K 430 10.93 -5.98 -28.25
CA LYS K 430 11.06 -5.94 -26.79
C LYS K 430 11.24 -4.52 -26.24
N THR K 434 14.13 -12.98 -24.41
CA THR K 434 14.57 -13.94 -25.41
C THR K 434 15.70 -14.81 -24.87
N PRO K 435 15.59 -16.12 -25.09
CA PRO K 435 16.64 -17.04 -24.62
C PRO K 435 17.86 -17.03 -25.53
N GLU K 436 18.98 -17.46 -24.95
CA GLU K 436 20.25 -17.51 -25.66
C GLU K 436 20.35 -18.83 -26.41
N GLY K 437 21.55 -19.13 -26.90
CA GLY K 437 21.78 -20.38 -27.62
C GLY K 437 21.92 -21.58 -26.71
N LEU K 438 20.92 -21.80 -25.84
CA LEU K 438 20.95 -22.94 -24.94
C LEU K 438 20.33 -24.18 -25.58
N TYR K 439 19.14 -24.04 -26.12
CA TYR K 439 18.39 -25.19 -26.61
C TYR K 439 18.81 -25.53 -28.03
N LEU K 440 18.80 -26.83 -28.32
CA LEU K 440 19.15 -27.32 -29.65
C LEU K 440 17.97 -28.02 -30.29
N ASP L 39 -31.62 92.56 -56.06
CA ASP L 39 -30.45 91.78 -56.42
C ASP L 39 -29.31 92.01 -55.43
N LEU L 40 -28.60 93.13 -55.61
CA LEU L 40 -27.49 93.45 -54.72
C LEU L 40 -27.97 93.67 -53.29
N TYR L 41 -29.01 94.49 -53.11
CA TYR L 41 -29.52 94.76 -51.78
C TYR L 41 -30.12 93.49 -51.16
N SER L 42 -30.83 92.69 -51.96
CA SER L 42 -31.38 91.45 -51.44
C SER L 42 -30.28 90.49 -51.01
N ARG L 43 -29.23 90.37 -51.82
CA ARG L 43 -28.11 89.50 -51.45
C ARG L 43 -27.46 89.98 -50.16
N TYR L 44 -27.25 91.29 -50.04
CA TYR L 44 -26.62 91.85 -48.85
C TYR L 44 -27.47 91.60 -47.60
N LYS L 45 -28.79 91.79 -47.72
CA LYS L 45 -29.68 91.57 -46.59
C LYS L 45 -29.74 90.10 -46.17
N LYS L 46 -29.85 89.19 -47.15
CA LYS L 46 -29.82 87.78 -46.82
C LYS L 46 -28.48 87.38 -46.22
N LEU L 47 -27.39 88.01 -46.66
CA LEU L 47 -26.09 87.70 -46.08
C LEU L 47 -26.02 88.13 -44.62
N GLN L 48 -26.57 89.30 -44.29
CA GLN L 48 -26.62 89.70 -42.88
C GLN L 48 -27.47 88.74 -42.08
N GLN L 49 -28.62 88.33 -42.63
CA GLN L 49 -29.49 87.39 -41.92
C GLN L 49 -28.77 86.07 -41.67
N GLU L 50 -28.03 85.58 -42.66
CA GLU L 50 -27.35 84.29 -42.53
C GLU L 50 -26.16 84.40 -41.58
N LEU L 51 -25.50 85.55 -41.54
CA LEU L 51 -24.49 85.80 -40.50
C LEU L 51 -25.10 85.74 -39.11
N GLU L 52 -26.23 86.43 -38.91
CA GLU L 52 -26.84 86.44 -37.58
C GLU L 52 -27.28 85.04 -37.18
N PHE L 53 -27.87 84.30 -38.12
CA PHE L 53 -28.27 82.92 -37.86
C PHE L 53 -27.06 82.07 -37.47
N LEU L 54 -25.97 82.18 -38.22
CA LEU L 54 -24.79 81.38 -37.92
C LEU L 54 -24.20 81.74 -36.57
N GLU L 55 -24.23 83.03 -36.21
CA GLU L 55 -23.76 83.43 -34.89
C GLU L 55 -24.61 82.81 -33.79
N VAL L 56 -25.93 82.78 -34.01
CA VAL L 56 -26.82 82.12 -33.05
C VAL L 56 -26.47 80.64 -32.92
N GLN L 57 -26.20 79.98 -34.05
CA GLN L 57 -25.81 78.58 -34.00
C GLN L 57 -24.49 78.40 -33.24
N GLU L 58 -23.53 79.30 -33.45
CA GLU L 58 -22.27 79.20 -32.72
C GLU L 58 -22.49 79.30 -31.22
N GLU L 59 -23.29 80.27 -30.79
CA GLU L 59 -23.56 80.41 -29.36
C GLU L 59 -24.26 79.18 -28.81
N TYR L 60 -25.25 78.66 -29.54
CA TYR L 60 -25.99 77.49 -29.08
C TYR L 60 -25.07 76.27 -28.99
N ILE L 61 -24.18 76.10 -29.97
CA ILE L 61 -23.29 74.94 -29.95
C ILE L 61 -22.27 75.06 -28.82
N LYS L 62 -21.80 76.28 -28.54
CA LYS L 62 -20.89 76.45 -27.40
C LYS L 62 -21.59 76.10 -26.09
N ASP L 63 -22.84 76.55 -25.93
CA ASP L 63 -23.59 76.22 -24.72
C ASP L 63 -23.81 74.71 -24.61
N GLU L 64 -24.13 74.06 -25.73
CA GLU L 64 -24.31 72.61 -25.71
C GLU L 64 -23.00 71.90 -25.42
N GLN L 65 -21.88 72.46 -25.87
CA GLN L 65 -20.58 71.88 -25.55
C GLN L 65 -20.32 71.93 -24.05
N LYS L 66 -20.61 73.06 -23.42
CA LYS L 66 -20.42 73.16 -21.97
C LYS L 66 -21.35 72.19 -21.24
N ASN L 67 -22.62 72.11 -21.67
CA ASN L 67 -23.55 71.18 -21.04
C ASN L 67 -23.11 69.73 -21.21
N LEU L 68 -22.59 69.39 -22.38
CA LEU L 68 -22.15 68.03 -22.63
C LEU L 68 -20.90 67.69 -21.83
N LYS L 69 -20.01 68.68 -21.63
CA LYS L 69 -18.86 68.46 -20.76
C LYS L 69 -19.32 68.19 -19.33
N LYS L 70 -20.30 68.95 -18.85
CA LYS L 70 -20.84 68.70 -17.52
C LYS L 70 -21.47 67.31 -17.43
N GLU L 71 -22.21 66.90 -18.46
CA GLU L 71 -22.82 65.58 -18.47
C GLU L 71 -21.76 64.48 -18.49
N PHE L 72 -20.67 64.69 -19.23
CA PHE L 72 -19.59 63.72 -19.25
C PHE L 72 -18.93 63.60 -17.88
N LEU L 73 -18.74 64.72 -17.20
CA LEU L 73 -18.21 64.67 -15.84
C LEU L 73 -19.13 63.89 -14.91
N HIS L 74 -20.45 64.14 -15.03
CA HIS L 74 -21.41 63.39 -14.22
C HIS L 74 -21.36 61.90 -14.52
N ALA L 75 -21.24 61.55 -15.80
CA ALA L 75 -21.17 60.13 -16.17
C ALA L 75 -19.90 59.48 -15.63
N GLN L 76 -18.78 60.20 -15.66
CA GLN L 76 -17.55 59.68 -15.05
C GLN L 76 -17.74 59.47 -13.55
N GLU L 77 -18.42 60.42 -12.90
CA GLU L 77 -18.68 60.28 -11.47
C GLU L 77 -19.55 59.06 -11.19
N GLU L 78 -20.54 58.80 -12.04
CA GLU L 78 -21.37 57.61 -11.87
C GLU L 78 -20.55 56.34 -12.08
N VAL L 79 -19.67 56.35 -13.08
CA VAL L 79 -18.78 55.20 -13.30
C VAL L 79 -17.97 54.92 -12.06
N LYS L 80 -17.43 55.98 -11.43
CA LYS L 80 -16.71 55.80 -10.18
C LYS L 80 -17.62 55.28 -9.07
N ARG L 81 -18.85 55.79 -9.03
CA ARG L 81 -19.78 55.40 -7.97
C ARG L 81 -20.23 53.95 -8.13
N ILE L 82 -20.00 53.36 -9.30
CA ILE L 82 -20.30 51.95 -9.51
C ILE L 82 -19.46 51.11 -8.54
N GLN L 83 -18.22 51.52 -8.32
CA GLN L 83 -17.35 50.88 -7.34
C GLN L 83 -17.35 51.75 -6.09
N SER L 84 -18.20 51.39 -5.11
CA SER L 84 -18.46 52.28 -3.99
C SER L 84 -18.43 51.55 -2.64
N ILE L 85 -17.50 50.61 -2.49
CA ILE L 85 -17.08 49.91 -1.27
C ILE L 85 -17.71 48.52 -1.16
N PRO L 86 -19.00 48.34 -0.80
CA PRO L 86 -19.44 46.98 -0.44
C PRO L 86 -19.50 46.06 -1.64
N LEU L 87 -18.34 45.58 -2.08
CA LEU L 87 -18.22 44.71 -3.24
C LEU L 87 -17.87 43.29 -2.80
N VAL L 88 -18.49 42.32 -3.46
CA VAL L 88 -18.24 40.92 -3.15
C VAL L 88 -17.07 40.43 -3.96
N ILE L 89 -16.11 39.80 -3.30
CA ILE L 89 -14.95 39.23 -3.98
C ILE L 89 -15.39 38.03 -4.80
N GLY L 90 -14.86 37.93 -6.02
CA GLY L 90 -15.13 36.79 -6.87
C GLY L 90 -13.86 36.37 -7.59
N GLN L 91 -13.91 35.15 -8.13
CA GLN L 91 -12.81 34.58 -8.88
C GLN L 91 -13.09 34.70 -10.37
N PHE L 92 -12.13 35.24 -11.11
CA PHE L 92 -12.26 35.34 -12.57
C PHE L 92 -11.98 33.98 -13.18
N LEU L 93 -12.98 33.38 -13.82
CA LEU L 93 -12.78 32.10 -14.49
C LEU L 93 -12.24 32.29 -15.91
N GLU L 94 -12.99 32.97 -16.76
CA GLU L 94 -12.55 33.19 -18.14
C GLU L 94 -13.40 34.30 -18.75
N ALA L 95 -12.78 35.09 -19.62
CA ALA L 95 -13.45 36.18 -20.30
C ALA L 95 -14.12 35.63 -21.55
N VAL L 96 -15.45 35.78 -21.63
CA VAL L 96 -16.17 35.37 -22.83
C VAL L 96 -15.75 36.23 -24.02
N ASP L 97 -15.66 37.54 -23.80
CA ASP L 97 -15.33 38.54 -24.81
C ASP L 97 -15.22 39.87 -24.09
N GLN L 98 -14.76 40.89 -24.81
CA GLN L 98 -14.60 42.20 -24.19
C GLN L 98 -15.95 42.72 -23.71
N ASN L 99 -15.94 43.37 -22.55
CA ASN L 99 -17.11 43.90 -21.83
C ASN L 99 -17.95 42.78 -21.24
N THR L 100 -17.36 41.63 -20.91
CA THR L 100 -18.12 40.48 -20.45
C THR L 100 -17.16 39.43 -19.91
N ALA L 101 -17.58 38.75 -18.84
CA ALA L 101 -16.74 37.70 -18.27
C ALA L 101 -17.60 36.74 -17.46
N ILE L 102 -17.02 35.58 -17.17
CA ILE L 102 -17.60 34.62 -16.24
C ILE L 102 -16.82 34.72 -14.94
N VAL L 103 -17.49 35.05 -13.85
CA VAL L 103 -16.86 35.24 -12.56
C VAL L 103 -17.48 34.27 -11.56
N GLY L 104 -16.65 33.75 -10.67
CA GLY L 104 -17.14 32.87 -9.61
C GLY L 104 -17.27 33.60 -8.30
N SER L 105 -18.50 33.99 -7.95
CA SER L 105 -18.71 34.71 -6.71
C SER L 105 -18.42 33.79 -5.52
N THR L 106 -17.80 34.35 -4.49
CA THR L 106 -17.49 33.59 -3.29
C THR L 106 -18.73 33.21 -2.49
N THR L 107 -19.92 33.61 -2.93
CA THR L 107 -21.14 33.05 -2.36
C THR L 107 -21.33 31.59 -2.75
N GLY L 108 -20.57 31.11 -3.74
CA GLY L 108 -20.61 29.73 -4.13
C GLY L 108 -21.27 29.42 -5.46
N SER L 109 -21.67 30.43 -6.23
CA SER L 109 -22.36 30.23 -7.49
C SER L 109 -21.72 31.07 -8.59
N ASN L 110 -21.58 30.49 -9.77
CA ASN L 110 -20.95 31.17 -10.88
C ASN L 110 -21.93 32.12 -11.56
N TYR L 111 -21.40 33.23 -12.08
CA TYR L 111 -22.22 34.23 -12.74
C TYR L 111 -21.59 34.66 -14.06
N TYR L 112 -22.45 35.02 -15.00
CA TYR L 112 -22.04 35.64 -16.26
C TYR L 112 -22.34 37.13 -16.13
N VAL L 113 -21.29 37.94 -16.06
CA VAL L 113 -21.41 39.34 -15.70
C VAL L 113 -20.74 40.20 -16.77
N ARG L 114 -20.88 41.51 -16.61
CA ARG L 114 -20.36 42.48 -17.55
C ARG L 114 -19.14 43.18 -16.97
N ILE L 115 -18.09 43.32 -17.77
CA ILE L 115 -16.88 43.99 -17.35
C ILE L 115 -16.99 45.49 -17.62
N LEU L 116 -16.70 46.29 -16.61
CA LEU L 116 -16.55 47.73 -16.81
C LEU L 116 -15.35 48.01 -17.71
N SER L 117 -15.52 48.94 -18.64
CA SER L 117 -14.46 49.22 -19.60
C SER L 117 -13.24 49.81 -18.92
N THR L 118 -13.44 50.51 -17.80
CA THR L 118 -12.35 51.22 -17.14
C THR L 118 -11.31 50.29 -16.53
N ILE L 119 -11.64 49.01 -16.33
CA ILE L 119 -10.62 48.13 -15.79
C ILE L 119 -9.58 47.82 -16.86
N ASP L 120 -8.32 47.80 -16.44
CA ASP L 120 -7.19 47.47 -17.28
C ASP L 120 -7.24 45.96 -17.54
N ARG L 121 -7.31 45.59 -18.83
CA ARG L 121 -7.60 44.21 -19.23
C ARG L 121 -6.48 43.24 -18.86
N GLU L 122 -5.23 43.70 -18.83
CA GLU L 122 -4.13 42.78 -18.54
C GLU L 122 -4.16 42.24 -17.10
N LEU L 123 -4.91 42.87 -16.19
CA LEU L 123 -5.01 42.28 -14.86
C LEU L 123 -5.97 41.09 -14.80
N LEU L 124 -6.86 40.93 -15.77
CA LEU L 124 -7.76 39.77 -15.76
C LEU L 124 -6.96 38.50 -16.10
N LYS L 125 -6.36 37.94 -15.06
CA LYS L 125 -5.65 36.68 -15.16
C LYS L 125 -6.64 35.55 -15.33
N PRO L 126 -6.19 34.38 -15.78
CA PRO L 126 -7.12 33.24 -15.90
C PRO L 126 -7.79 32.86 -14.60
N ASN L 127 -7.17 33.18 -13.47
CA ASN L 127 -7.80 32.98 -12.16
C ASN L 127 -7.24 34.06 -11.23
N ALA L 128 -7.99 35.15 -11.08
CA ALA L 128 -7.59 36.27 -10.24
C ALA L 128 -8.76 36.72 -9.39
N SER L 129 -8.45 37.28 -8.24
CA SER L 129 -9.48 37.79 -7.34
C SER L 129 -9.98 39.13 -7.86
N VAL L 130 -11.30 39.22 -8.09
CA VAL L 130 -11.93 40.42 -8.62
C VAL L 130 -13.03 40.85 -7.68
N ALA L 131 -13.38 42.13 -7.71
CA ALA L 131 -14.47 42.63 -6.89
C ALA L 131 -15.72 42.79 -7.74
N LEU L 132 -16.83 42.24 -7.25
CA LEU L 132 -18.10 42.26 -7.96
C LEU L 132 -19.07 43.21 -7.29
N HIS L 133 -19.90 43.86 -8.09
CA HIS L 133 -20.98 44.67 -7.54
C HIS L 133 -21.88 43.82 -6.66
N LYS L 134 -22.31 44.38 -5.53
CA LYS L 134 -23.11 43.61 -4.58
C LYS L 134 -24.41 43.15 -5.21
N HIS L 135 -25.09 44.03 -5.95
CA HIS L 135 -26.39 43.69 -6.52
C HIS L 135 -26.28 43.15 -7.94
N SER L 136 -25.72 43.94 -8.85
CA SER L 136 -25.68 43.55 -10.25
C SER L 136 -24.67 42.45 -10.53
N ASN L 137 -23.82 42.13 -9.57
CA ASN L 137 -22.79 41.09 -9.67
C ASN L 137 -21.73 41.40 -10.71
N ALA L 138 -21.82 42.55 -11.37
CA ALA L 138 -20.89 42.89 -12.44
C ALA L 138 -19.48 43.09 -11.89
N LEU L 139 -18.49 42.71 -12.69
CA LEU L 139 -17.10 42.91 -12.30
C LEU L 139 -16.76 44.39 -12.44
N VAL L 140 -16.32 44.99 -11.33
CA VAL L 140 -16.12 46.43 -11.28
C VAL L 140 -14.70 46.78 -10.87
N ASP L 141 -13.97 45.80 -10.32
CA ASP L 141 -12.62 46.07 -9.83
C ASP L 141 -11.87 44.74 -9.76
N VAL L 142 -10.55 44.84 -9.80
CA VAL L 142 -9.66 43.70 -9.66
C VAL L 142 -8.81 43.91 -8.42
N LEU L 143 -8.90 42.98 -7.49
CA LEU L 143 -8.16 43.11 -6.24
C LEU L 143 -6.69 42.72 -6.44
N PRO L 144 -5.79 43.34 -5.69
CA PRO L 144 -4.38 42.96 -5.79
C PRO L 144 -4.16 41.54 -5.32
N PRO L 145 -3.19 40.82 -5.89
CA PRO L 145 -2.88 39.43 -5.54
C PRO L 145 -2.57 39.24 -4.05
N SER L 149 1.92 33.70 0.89
CA SER L 149 3.16 33.00 1.25
C SER L 149 3.17 31.58 0.69
N SER L 150 1.98 31.02 0.49
CA SER L 150 1.79 29.71 -0.13
C SER L 150 2.58 28.69 0.70
N ILE L 151 3.61 28.04 0.16
CA ILE L 151 4.27 26.97 0.89
C ILE L 151 5.41 27.53 1.74
N MET L 152 6.39 28.20 1.13
CA MET L 152 7.40 28.92 1.90
C MET L 152 7.43 30.40 1.58
N MET L 153 7.74 30.78 0.35
CA MET L 153 7.86 32.17 -0.09
C MET L 153 8.53 33.04 0.98
N LEU L 154 9.81 32.74 1.23
CA LEU L 154 10.56 33.39 2.29
C LEU L 154 10.36 34.90 2.27
N THR L 155 9.78 35.42 3.34
CA THR L 155 9.40 36.82 3.43
C THR L 155 10.58 37.68 3.87
N SER L 156 10.39 38.99 3.81
CA SER L 156 11.43 39.91 4.24
C SER L 156 11.74 39.75 5.72
N ASP L 157 10.73 39.53 6.55
CA ASP L 157 10.94 39.27 7.97
C ASP L 157 11.37 37.85 8.25
N GLN L 158 11.32 36.96 7.26
CA GLN L 158 11.73 35.57 7.42
C GLN L 158 13.10 35.27 6.83
N LYS L 159 13.91 36.31 6.61
CA LYS L 159 15.25 36.11 6.07
C LYS L 159 16.11 35.35 7.07
N PRO L 160 17.01 34.48 6.59
CA PRO L 160 17.86 33.72 7.51
C PRO L 160 18.88 34.57 8.25
N ASP L 161 19.19 35.76 7.75
CA ASP L 161 20.14 36.71 8.35
C ASP L 161 21.51 36.06 8.62
N VAL L 162 21.94 35.30 7.62
CA VAL L 162 23.30 34.81 7.61
C VAL L 162 24.03 35.60 6.53
N MET L 163 25.06 36.34 6.93
CA MET L 163 25.83 37.15 5.99
C MET L 163 26.98 36.33 5.42
N TYR L 164 27.54 36.82 4.31
CA TYR L 164 28.70 36.16 3.74
C TYR L 164 29.91 36.25 4.67
N ALA L 165 29.99 37.31 5.47
CA ALA L 165 31.05 37.42 6.44
C ALA L 165 30.92 36.38 7.55
N ASP L 166 29.68 36.02 7.91
CA ASP L 166 29.47 35.02 8.94
C ASP L 166 30.01 33.66 8.52
N ILE L 167 30.11 33.43 7.21
CA ILE L 167 30.66 32.17 6.70
C ILE L 167 32.18 32.27 6.72
N GLY L 168 32.84 31.30 7.34
CA GLY L 168 34.27 31.33 7.48
C GLY L 168 35.03 30.61 6.39
N GLY L 169 35.63 31.36 5.47
CA GLY L 169 36.55 30.79 4.50
C GLY L 169 35.97 29.73 3.58
N MET L 170 35.09 30.13 2.67
CA MET L 170 34.58 29.25 1.62
C MET L 170 34.67 29.96 0.28
N ASP L 171 35.84 30.55 0.02
CA ASP L 171 35.96 31.50 -1.10
C ASP L 171 35.69 30.84 -2.44
N ILE L 172 36.24 29.64 -2.67
CA ILE L 172 35.98 28.95 -3.94
C ILE L 172 34.49 28.64 -4.07
N GLN L 173 33.90 28.05 -3.03
CA GLN L 173 32.48 27.72 -3.08
C GLN L 173 31.62 28.98 -3.15
N LYS L 174 32.00 30.02 -2.39
CA LYS L 174 31.25 31.27 -2.42
C LYS L 174 31.23 31.86 -3.82
N GLN L 175 32.40 31.94 -4.45
CA GLN L 175 32.47 32.54 -5.79
C GLN L 175 31.72 31.70 -6.81
N GLU L 176 31.88 30.37 -6.74
CA GLU L 176 31.19 29.51 -7.70
C GLU L 176 29.69 29.59 -7.54
N VAL L 177 29.20 29.69 -6.30
CA VAL L 177 27.76 29.80 -6.07
C VAL L 177 27.25 31.14 -6.53
N ARG L 178 27.96 32.22 -6.20
CA ARG L 178 27.50 33.55 -6.57
C ARG L 178 27.46 33.74 -8.08
N GLU L 179 28.48 33.25 -8.79
CA GLU L 179 28.53 33.39 -10.24
C GLU L 179 27.37 32.70 -10.94
N ALA L 180 26.52 31.97 -10.23
CA ALA L 180 25.41 31.29 -10.86
C ALA L 180 24.08 31.71 -10.25
N VAL L 181 24.09 32.11 -8.98
CA VAL L 181 22.83 32.36 -8.28
C VAL L 181 22.67 33.80 -7.79
N GLU L 182 23.68 34.64 -7.92
CA GLU L 182 23.54 36.06 -7.60
C GLU L 182 23.96 36.98 -8.74
N LEU L 183 25.06 36.66 -9.41
CA LEU L 183 25.51 37.51 -10.52
C LEU L 183 24.53 37.59 -11.68
N PRO L 184 23.91 36.50 -12.15
CA PRO L 184 22.95 36.64 -13.26
C PRO L 184 21.79 37.58 -12.96
N LEU L 185 21.31 37.61 -11.72
CA LEU L 185 20.19 38.49 -11.39
C LEU L 185 20.60 39.96 -11.39
N THR L 186 21.83 40.27 -10.99
CA THR L 186 22.29 41.65 -10.96
C THR L 186 23.09 42.00 -12.21
N HIS L 187 24.18 41.29 -12.47
CA HIS L 187 25.05 41.59 -13.60
C HIS L 187 24.78 40.63 -14.76
N PHE L 188 23.57 40.73 -15.31
CA PHE L 188 23.22 39.96 -16.49
C PHE L 188 23.86 40.52 -17.76
N GLU L 189 24.37 41.75 -17.71
CA GLU L 189 24.95 42.36 -18.90
C GLU L 189 26.19 41.61 -19.36
N LEU L 190 27.01 41.13 -18.42
CA LEU L 190 28.20 40.38 -18.80
C LEU L 190 27.84 39.06 -19.45
N TYR L 191 26.83 38.38 -18.91
CA TYR L 191 26.36 37.14 -19.52
C TYR L 191 25.83 37.39 -20.93
N LYS L 192 25.11 38.49 -21.12
CA LYS L 192 24.64 38.82 -22.46
C LYS L 192 25.81 39.12 -23.40
N GLN L 193 26.82 39.84 -22.90
CA GLN L 193 27.97 40.18 -23.75
C GLN L 193 28.71 38.95 -24.19
N ILE L 194 28.93 37.99 -23.29
CA ILE L 194 29.53 36.72 -23.71
C ILE L 194 28.53 35.81 -24.38
N GLY L 195 27.23 35.98 -24.11
CA GLY L 195 26.20 35.15 -24.70
C GLY L 195 26.36 33.69 -24.36
N ILE L 196 26.16 33.34 -23.09
CA ILE L 196 26.44 32.01 -22.60
C ILE L 196 25.28 31.38 -21.86
N ASP L 197 24.16 32.11 -21.67
CA ASP L 197 23.01 31.54 -20.98
C ASP L 197 23.40 31.08 -19.58
N PRO L 198 23.56 32.02 -18.64
CA PRO L 198 24.15 31.70 -17.32
C PRO L 198 23.56 30.46 -16.70
N PRO L 199 24.36 29.73 -15.92
CA PRO L 199 23.89 28.46 -15.35
C PRO L 199 22.64 28.63 -14.49
N ARG L 200 21.75 27.65 -14.58
CA ARG L 200 20.48 27.69 -13.87
C ARG L 200 20.45 26.80 -12.64
N GLY L 201 21.36 25.85 -12.53
CA GLY L 201 21.33 24.90 -11.43
C GLY L 201 22.69 24.76 -10.79
N VAL L 202 22.68 24.65 -9.47
CA VAL L 202 23.88 24.46 -8.68
C VAL L 202 23.66 23.28 -7.73
N LEU L 203 24.61 22.35 -7.71
CA LEU L 203 24.57 21.21 -6.81
C LEU L 203 25.74 21.33 -5.84
N MET L 204 25.44 21.60 -4.58
CA MET L 204 26.46 21.61 -3.54
C MET L 204 26.46 20.26 -2.84
N TYR L 205 27.64 19.68 -2.68
CA TYR L 205 27.77 18.36 -2.09
C TYR L 205 29.04 18.29 -1.26
N GLY L 206 29.03 17.37 -0.30
CA GLY L 206 30.16 17.17 0.58
C GLY L 206 29.75 16.50 1.87
N PRO L 207 30.69 16.32 2.78
CA PRO L 207 30.36 15.73 4.08
C PRO L 207 29.38 16.63 4.82
N PRO L 208 28.51 16.04 5.65
CA PRO L 208 27.55 16.87 6.39
C PRO L 208 28.22 17.81 7.35
N GLY L 209 27.61 18.97 7.53
CA GLY L 209 28.15 20.00 8.40
C GLY L 209 29.24 20.85 7.79
N CYS L 210 29.48 20.74 6.49
CA CYS L 210 30.56 21.49 5.86
C CYS L 210 30.15 22.92 5.51
N GLY L 211 28.85 23.23 5.50
CA GLY L 211 28.43 24.60 5.27
C GLY L 211 27.61 24.82 4.02
N LYS L 212 26.91 23.79 3.57
CA LYS L 212 26.07 23.92 2.38
C LYS L 212 24.81 24.72 2.69
N THR L 213 24.02 24.26 3.66
CA THR L 213 22.81 24.96 4.04
C THR L 213 23.11 26.36 4.55
N MET L 214 24.25 26.53 5.23
CA MET L 214 24.64 27.87 5.67
C MET L 214 24.90 28.79 4.47
N LEU L 215 25.57 28.28 3.44
CA LEU L 215 25.76 29.08 2.23
C LEU L 215 24.45 29.38 1.52
N ALA L 216 23.52 28.43 1.47
CA ALA L 216 22.21 28.73 0.89
C ALA L 216 21.48 29.80 1.70
N LYS L 217 21.60 29.75 3.02
CA LYS L 217 21.02 30.78 3.87
C LYS L 217 21.64 32.14 3.57
N ALA L 218 22.97 32.17 3.40
CA ALA L 218 23.65 33.42 3.07
C ALA L 218 23.18 33.96 1.73
N VAL L 219 23.00 33.08 0.75
CA VAL L 219 22.48 33.48 -0.55
C VAL L 219 21.07 34.05 -0.41
N ALA L 220 20.25 33.40 0.43
CA ALA L 220 18.88 33.88 0.65
C ALA L 220 18.88 35.26 1.26
N HIS L 221 19.76 35.51 2.23
CA HIS L 221 19.81 36.81 2.88
C HIS L 221 20.35 37.90 1.97
N HIS L 222 21.26 37.55 1.06
CA HIS L 222 21.97 38.53 0.24
C HIS L 222 21.36 38.72 -1.14
N THR L 223 20.25 38.06 -1.44
CA THR L 223 19.66 38.12 -2.76
C THR L 223 18.47 39.07 -2.81
N THR L 224 18.24 39.64 -3.98
CA THR L 224 17.07 40.46 -4.23
C THR L 224 15.93 39.67 -4.84
N ALA L 225 16.12 38.38 -5.08
CA ALA L 225 15.11 37.52 -5.68
C ALA L 225 14.37 36.73 -4.60
N ALA L 226 13.16 36.31 -4.94
CA ALA L 226 12.37 35.49 -4.03
C ALA L 226 13.09 34.18 -3.75
N PHE L 227 13.14 33.79 -2.49
CA PHE L 227 13.83 32.57 -2.09
C PHE L 227 12.83 31.52 -1.65
N ILE L 228 12.98 30.31 -2.18
CA ILE L 228 12.14 29.18 -1.81
C ILE L 228 13.04 28.10 -1.24
N ARG L 229 12.74 27.67 -0.01
CA ARG L 229 13.53 26.66 0.69
C ARG L 229 12.63 25.46 0.97
N VAL L 230 12.98 24.31 0.38
CA VAL L 230 12.26 23.07 0.61
C VAL L 230 13.28 21.98 0.90
N VAL L 231 12.79 20.89 1.49
CA VAL L 231 13.61 19.72 1.79
C VAL L 231 13.17 18.58 0.89
N GLY L 232 14.14 17.81 0.41
CA GLY L 232 13.82 16.68 -0.44
C GLY L 232 12.86 15.70 0.21
N SER L 233 12.86 15.64 1.54
CA SER L 233 11.96 14.75 2.25
C SER L 233 10.53 15.29 2.27
N GLU L 234 10.36 16.59 2.04
CA GLU L 234 9.01 17.15 1.97
C GLU L 234 8.25 16.59 0.78
N PHE L 235 8.95 16.28 -0.31
CA PHE L 235 8.29 15.83 -1.52
C PHE L 235 7.74 14.42 -1.37
N VAL L 236 8.45 13.57 -0.62
CA VAL L 236 7.99 12.20 -0.40
C VAL L 236 6.78 12.24 0.53
N GLN L 237 5.59 12.04 -0.04
CA GLN L 237 4.36 12.05 0.73
C GLN L 237 3.53 10.82 0.36
N LYS L 238 2.45 10.61 1.11
CA LYS L 238 1.44 9.65 0.72
C LYS L 238 0.55 10.29 -0.33
N TYR L 239 -0.57 9.63 -0.66
CA TYR L 239 -1.55 10.20 -1.60
C TYR L 239 -0.90 10.51 -2.94
N LEU L 240 -0.58 9.43 -3.65
CA LEU L 240 0.19 9.49 -4.90
C LEU L 240 -0.25 10.64 -5.79
N GLY L 241 0.72 11.27 -6.44
CA GLY L 241 0.47 12.47 -7.21
C GLY L 241 0.49 13.75 -6.42
N GLU L 242 0.85 13.69 -5.14
CA GLU L 242 1.02 14.88 -4.32
C GLU L 242 2.46 15.33 -4.19
N GLY L 243 3.42 14.41 -4.34
CA GLY L 243 4.81 14.76 -4.38
C GLY L 243 5.15 15.58 -5.60
N PRO L 244 4.92 15.02 -6.79
CA PRO L 244 5.12 15.82 -8.00
C PRO L 244 4.22 17.04 -8.05
N ARG L 245 3.02 16.96 -7.46
CA ARG L 245 2.18 18.14 -7.37
C ARG L 245 2.86 19.23 -6.57
N MET L 246 3.53 18.87 -5.47
CA MET L 246 4.20 19.89 -4.68
C MET L 246 5.45 20.41 -5.41
N VAL L 247 6.14 19.55 -6.14
CA VAL L 247 7.28 20.01 -6.94
C VAL L 247 6.82 21.04 -7.97
N ARG L 248 5.74 20.72 -8.69
CA ARG L 248 5.19 21.63 -9.69
C ARG L 248 4.67 22.90 -9.04
N ASP L 249 4.06 22.79 -7.85
CA ASP L 249 3.60 23.98 -7.14
C ASP L 249 4.76 24.89 -6.79
N VAL L 250 5.87 24.31 -6.30
CA VAL L 250 7.03 25.11 -5.94
C VAL L 250 7.59 25.82 -7.17
N PHE L 251 7.74 25.09 -8.27
CA PHE L 251 8.32 25.70 -9.46
C PHE L 251 7.40 26.76 -10.06
N ARG L 252 6.09 26.52 -10.05
CA ARG L 252 5.16 27.52 -10.56
C ARG L 252 5.14 28.75 -9.66
N LEU L 253 5.27 28.55 -8.34
CA LEU L 253 5.37 29.68 -7.43
C LEU L 253 6.62 30.50 -7.73
N ALA L 254 7.75 29.83 -7.97
CA ALA L 254 8.96 30.55 -8.35
C ALA L 254 8.76 31.29 -9.66
N LYS L 255 8.01 30.69 -10.59
CA LYS L 255 7.74 31.33 -11.86
C LYS L 255 6.93 32.62 -11.68
N GLU L 256 5.91 32.59 -10.81
CA GLU L 256 5.01 33.73 -10.70
C GLU L 256 5.74 34.99 -10.25
N ASN L 257 6.47 34.91 -9.14
CA ASN L 257 7.31 36.03 -8.68
C ASN L 257 8.75 35.70 -9.00
N ALA L 258 9.18 36.07 -10.20
CA ALA L 258 10.54 35.96 -10.67
C ALA L 258 11.20 37.33 -10.70
N PRO L 259 12.54 37.41 -10.52
CA PRO L 259 13.50 36.31 -10.33
C PRO L 259 13.32 35.57 -9.02
N ALA L 260 13.67 34.29 -8.98
CA ALA L 260 13.47 33.49 -7.79
C ALA L 260 14.60 32.47 -7.69
N ILE L 261 14.82 31.97 -6.48
CA ILE L 261 15.80 30.93 -6.21
C ILE L 261 15.11 29.80 -5.47
N ILE L 262 15.25 28.58 -5.98
CA ILE L 262 14.70 27.40 -5.34
C ILE L 262 15.85 26.61 -4.73
N PHE L 263 15.80 26.42 -3.42
CA PHE L 263 16.80 25.62 -2.72
C PHE L 263 16.14 24.34 -2.24
N ILE L 264 16.51 23.22 -2.86
CA ILE L 264 15.98 21.92 -2.45
C ILE L 264 17.06 21.20 -1.66
N ASP L 265 17.05 21.37 -0.35
CA ASP L 265 18.05 20.77 0.52
C ASP L 265 17.74 19.30 0.74
N GLU L 266 18.80 18.51 0.89
CA GLU L 266 18.68 17.06 1.10
C GLU L 266 17.88 16.41 -0.02
N ILE L 267 18.21 16.78 -1.25
CA ILE L 267 17.52 16.27 -2.44
C ILE L 267 17.97 14.84 -2.68
N ASP L 268 19.02 14.42 -1.98
CA ASP L 268 19.55 13.07 -2.16
C ASP L 268 18.50 12.00 -1.87
N ALA L 269 17.46 12.34 -1.12
CA ALA L 269 16.35 11.42 -0.90
C ALA L 269 15.72 11.06 -2.22
N ILE L 270 15.09 12.03 -2.88
CA ILE L 270 14.62 11.83 -4.25
C ILE L 270 15.66 12.31 -5.24
N ALA L 271 16.74 11.55 -5.38
CA ALA L 271 17.66 11.78 -6.49
C ALA L 271 18.32 10.50 -6.98
N THR L 272 17.98 9.34 -6.42
CA THR L 272 18.73 8.13 -6.68
C THR L 272 18.59 7.72 -8.14
N LYS L 273 19.59 6.99 -8.63
CA LYS L 273 19.61 6.54 -10.01
C LYS L 273 18.35 5.74 -10.32
N ARG L 274 17.62 6.20 -11.34
CA ARG L 274 16.38 5.53 -11.73
C ARG L 274 16.63 4.12 -12.23
N PHE L 275 16.04 3.14 -11.56
CA PHE L 275 16.07 1.76 -12.02
C PHE L 275 14.65 1.29 -12.33
N ASP L 276 14.55 0.02 -12.70
CA ASP L 276 13.25 -0.53 -13.06
C ASP L 276 12.40 -0.77 -11.82
N ALA L 277 11.72 0.28 -11.36
CA ALA L 277 10.87 0.16 -10.17
C ALA L 277 9.74 -0.81 -10.44
N GLN L 278 9.44 -1.65 -9.44
CA GLN L 278 8.46 -2.71 -9.59
C GLN L 278 7.28 -2.57 -8.63
N THR L 279 7.23 -1.52 -7.82
CA THR L 279 6.10 -1.27 -6.94
C THR L 279 5.65 0.16 -7.12
N GLY L 280 4.37 0.40 -6.81
CA GLY L 280 3.82 1.74 -6.96
C GLY L 280 4.51 2.76 -6.09
N ALA L 281 4.79 2.39 -4.84
CA ALA L 281 5.54 3.29 -3.95
C ALA L 281 6.93 3.56 -4.49
N ASP L 282 7.57 2.53 -5.05
CA ASP L 282 8.89 2.71 -5.66
C ASP L 282 8.81 3.58 -6.89
N ARG L 283 7.72 3.45 -7.66
CA ARG L 283 7.54 4.29 -8.84
C ARG L 283 7.20 5.72 -8.48
N GLU L 284 6.69 5.96 -7.27
CA GLU L 284 6.33 7.32 -6.87
C GLU L 284 7.56 8.23 -6.78
N VAL L 285 8.66 7.72 -6.21
CA VAL L 285 9.85 8.55 -6.10
C VAL L 285 10.46 8.81 -7.48
N GLN L 286 10.41 7.82 -8.37
CA GLN L 286 10.88 8.03 -9.73
C GLN L 286 10.01 9.06 -10.45
N ARG L 287 8.69 9.00 -10.20
CA ARG L 287 7.79 9.99 -10.78
C ARG L 287 8.09 11.39 -10.25
N ILE L 288 8.42 11.49 -8.96
CA ILE L 288 8.78 12.77 -8.37
C ILE L 288 10.04 13.31 -9.03
N LEU L 289 11.04 12.45 -9.21
CA LEU L 289 12.27 12.87 -9.87
C LEU L 289 12.02 13.30 -11.30
N LEU L 290 11.17 12.56 -12.03
CA LEU L 290 10.86 12.92 -13.40
C LEU L 290 10.16 14.27 -13.47
N GLU L 291 9.23 14.52 -12.55
CA GLU L 291 8.57 15.82 -12.52
C GLU L 291 9.56 16.93 -12.21
N LEU L 292 10.50 16.68 -11.30
CA LEU L 292 11.51 17.69 -11.00
C LEU L 292 12.39 17.97 -12.22
N LEU L 293 12.79 16.91 -12.94
CA LEU L 293 13.59 17.10 -14.15
C LEU L 293 12.83 17.88 -15.20
N ASN L 294 11.55 17.55 -15.39
CA ASN L 294 10.74 18.27 -16.38
C ASN L 294 10.57 19.73 -15.99
N GLN L 295 10.40 20.00 -14.70
CA GLN L 295 10.25 21.38 -14.25
C GLN L 295 11.53 22.17 -14.43
N MET L 296 12.69 21.55 -14.18
CA MET L 296 13.94 22.28 -14.29
C MET L 296 14.29 22.57 -15.74
N ASP L 297 14.41 21.52 -16.56
CA ASP L 297 14.73 21.67 -17.98
C ASP L 297 13.71 20.84 -18.76
N GLY L 298 12.59 21.46 -19.10
CA GLY L 298 11.56 20.79 -19.86
C GLY L 298 11.02 21.65 -20.99
N PHE L 299 9.77 21.42 -21.38
CA PHE L 299 9.17 22.22 -22.45
C PHE L 299 9.08 23.68 -22.04
N ASP L 300 8.61 23.95 -20.82
CA ASP L 300 8.48 25.31 -20.31
C ASP L 300 9.82 25.71 -19.70
N GLN L 301 10.61 26.44 -20.46
CA GLN L 301 11.86 26.96 -19.93
C GLN L 301 11.55 27.99 -18.84
N ASN L 302 12.16 27.80 -17.67
CA ASN L 302 11.82 28.62 -16.52
C ASN L 302 12.17 30.08 -16.76
N VAL L 303 13.45 30.37 -16.99
CA VAL L 303 13.97 31.71 -17.23
C VAL L 303 13.84 32.55 -15.96
N ASN L 304 14.97 33.02 -15.44
CA ASN L 304 15.11 33.91 -14.29
C ASN L 304 14.87 33.22 -12.95
N VAL L 305 14.74 31.89 -12.91
CA VAL L 305 14.70 31.16 -11.65
C VAL L 305 15.91 30.24 -11.61
N LYS L 306 16.53 30.14 -10.44
CA LYS L 306 17.74 29.35 -10.24
C LYS L 306 17.49 28.30 -9.18
N VAL L 307 17.98 27.09 -9.43
CA VAL L 307 17.75 25.94 -8.57
C VAL L 307 19.07 25.57 -7.88
N ILE L 308 19.03 25.47 -6.56
CA ILE L 308 20.19 25.07 -5.77
C ILE L 308 19.84 23.78 -5.04
N MET L 309 20.72 22.79 -5.13
CA MET L 309 20.52 21.51 -4.50
C MET L 309 21.70 21.17 -3.61
N ALA L 310 21.42 20.50 -2.49
CA ALA L 310 22.44 20.10 -1.54
C ALA L 310 22.30 18.61 -1.26
N THR L 311 23.39 17.87 -1.45
CA THR L 311 23.45 16.45 -1.13
C THR L 311 24.69 16.20 -0.30
N ASN L 312 24.96 14.91 -0.04
CA ASN L 312 26.22 14.49 0.54
C ASN L 312 26.95 13.44 -0.26
N ARG L 313 26.32 12.84 -1.26
CA ARG L 313 26.92 11.78 -2.05
C ARG L 313 27.36 12.27 -3.42
N ALA L 314 26.42 12.81 -4.20
CA ALA L 314 26.67 13.40 -5.51
C ALA L 314 27.05 12.37 -6.56
N ASP L 315 27.16 11.09 -6.17
CA ASP L 315 27.43 10.02 -7.11
C ASP L 315 26.29 9.03 -7.25
N THR L 316 25.40 8.95 -6.27
CA THR L 316 24.19 8.14 -6.38
C THR L 316 23.07 8.87 -7.09
N LEU L 317 23.30 10.13 -7.49
CA LEU L 317 22.26 10.93 -8.12
C LEU L 317 22.01 10.48 -9.55
N ASP L 318 20.81 10.76 -10.04
CA ASP L 318 20.44 10.37 -11.38
C ASP L 318 21.31 11.13 -12.40
N PRO L 319 21.86 10.44 -13.40
CA PRO L 319 22.62 11.16 -14.44
C PRO L 319 21.80 12.20 -15.17
N ALA L 320 20.48 12.03 -15.25
CA ALA L 320 19.64 13.06 -15.87
C ALA L 320 19.61 14.33 -15.04
N LEU L 321 19.71 14.20 -13.71
CA LEU L 321 19.74 15.38 -12.86
C LEU L 321 21.07 16.12 -12.99
N LEU L 322 22.18 15.40 -13.05
CA LEU L 322 23.50 16.00 -13.17
C LEU L 322 23.82 16.42 -14.60
N ARG L 323 22.82 16.45 -15.47
CA ARG L 323 23.03 16.85 -16.85
C ARG L 323 23.43 18.32 -16.91
N PRO L 324 24.34 18.68 -17.81
CA PRO L 324 24.76 20.10 -17.90
C PRO L 324 23.66 21.05 -18.30
N GLY L 325 22.45 20.57 -18.56
CA GLY L 325 21.36 21.47 -18.85
C GLY L 325 20.50 21.72 -17.62
N ARG L 326 20.71 20.92 -16.58
CA ARG L 326 19.90 20.99 -15.36
C ARG L 326 20.71 21.44 -14.15
N LEU L 327 21.79 20.74 -13.82
CA LEU L 327 22.69 21.12 -12.73
C LEU L 327 24.03 21.46 -13.37
N ASP L 328 24.16 22.70 -13.80
CA ASP L 328 25.35 23.12 -14.54
C ASP L 328 26.61 23.01 -13.68
N ARG L 329 26.53 23.46 -12.43
CA ARG L 329 27.69 23.51 -11.55
C ARG L 329 27.50 22.52 -10.42
N LYS L 330 28.51 21.67 -10.21
CA LYS L 330 28.54 20.71 -9.11
C LYS L 330 29.70 21.11 -8.20
N ILE L 331 29.40 21.90 -7.19
CA ILE L 331 30.42 22.48 -6.33
C ILE L 331 30.65 21.57 -5.14
N GLU L 332 31.91 21.23 -4.88
CA GLU L 332 32.29 20.36 -3.77
C GLU L 332 32.51 21.18 -2.51
N PHE L 333 32.01 20.66 -1.40
CA PHE L 333 32.18 21.28 -0.08
C PHE L 333 32.99 20.34 0.80
N PRO L 334 34.31 20.32 0.64
CA PRO L 334 35.12 19.36 1.37
C PRO L 334 35.25 19.73 2.84
N LEU L 335 35.80 18.80 3.61
CA LEU L 335 36.09 19.09 5.01
C LEU L 335 37.13 20.21 5.10
N PRO L 336 36.97 21.15 6.02
CA PRO L 336 37.93 22.26 6.10
C PRO L 336 39.33 21.77 6.41
N ASP L 337 40.31 22.42 5.80
CA ASP L 337 41.72 22.08 5.98
C ASP L 337 42.39 23.07 6.94
N ARG L 338 43.71 22.94 7.08
CA ARG L 338 44.45 23.81 7.97
C ARG L 338 44.58 25.20 7.36
N ARG L 339 43.48 25.96 7.41
CA ARG L 339 43.34 27.28 6.78
C ARG L 339 41.86 27.64 6.83
N GLN L 340 41.03 26.83 6.17
CA GLN L 340 39.59 26.98 6.33
C GLN L 340 39.17 26.78 7.78
N LYS L 341 39.79 25.83 8.48
CA LYS L 341 39.49 25.62 9.90
C LYS L 341 39.86 26.85 10.71
N ARG L 342 41.00 27.48 10.41
CA ARG L 342 41.38 28.68 11.12
C ARG L 342 40.39 29.81 10.89
N LEU L 343 39.94 29.97 9.65
CA LEU L 343 38.96 31.01 9.35
C LEU L 343 37.63 30.74 10.04
N ILE L 344 37.19 29.48 10.08
CA ILE L 344 35.96 29.14 10.76
C ILE L 344 36.08 29.43 12.25
N PHE L 345 37.20 29.04 12.86
CA PHE L 345 37.42 29.30 14.27
C PHE L 345 37.39 30.79 14.57
N SER L 346 38.11 31.58 13.77
CA SER L 346 38.14 33.02 13.99
C SER L 346 36.76 33.63 13.82
N THR L 347 36.03 33.24 12.78
CA THR L 347 34.72 33.80 12.53
C THR L 347 33.76 33.49 13.66
N ILE L 348 33.76 32.25 14.15
CA ILE L 348 32.84 31.88 15.21
C ILE L 348 33.23 32.56 16.52
N THR L 349 34.52 32.56 16.86
CA THR L 349 34.97 33.11 18.12
C THR L 349 35.07 34.62 18.14
N SER L 350 34.86 35.29 17.00
CA SER L 350 34.88 36.74 16.99
C SER L 350 33.82 37.32 17.91
N LYS L 351 32.62 36.75 17.89
CA LYS L 351 31.57 37.26 18.76
C LYS L 351 31.71 36.78 20.20
N MET L 352 32.46 35.71 20.42
CA MET L 352 32.65 35.21 21.78
C MET L 352 33.63 36.09 22.56
N ASN L 353 33.49 36.07 23.88
CA ASN L 353 34.35 36.89 24.73
C ASN L 353 35.79 36.40 24.69
N LEU L 354 36.01 35.09 24.78
CA LEU L 354 37.33 34.48 24.72
C LEU L 354 38.28 35.05 25.77
N SER L 355 39.57 34.75 25.65
CA SER L 355 40.55 35.22 26.61
C SER L 355 41.89 35.42 25.90
N GLU L 356 42.78 36.14 26.57
CA GLU L 356 44.12 36.36 26.02
C GLU L 356 44.92 35.07 25.96
N GLU L 357 44.73 34.20 26.95
CA GLU L 357 45.56 33.00 27.05
C GLU L 357 45.19 31.91 26.06
N VAL L 358 43.98 31.93 25.51
CA VAL L 358 43.58 30.92 24.54
C VAL L 358 44.23 31.24 23.20
N ASP L 359 44.77 30.22 22.55
CA ASP L 359 45.44 30.35 21.26
C ASP L 359 44.76 29.38 20.30
N LEU L 360 43.88 29.91 19.45
CA LEU L 360 43.12 29.07 18.53
C LEU L 360 44.02 28.33 17.55
N GLU L 361 45.22 28.84 17.29
CA GLU L 361 46.13 28.14 16.39
C GLU L 361 46.55 26.80 16.95
N ASP L 362 46.54 26.65 18.27
CA ASP L 362 46.84 25.36 18.88
C ASP L 362 45.79 24.33 18.50
N TYR L 363 44.52 24.73 18.45
CA TYR L 363 43.45 23.81 18.10
C TYR L 363 43.31 23.63 16.60
N VAL L 364 43.65 24.65 15.82
CA VAL L 364 43.52 24.56 14.37
C VAL L 364 44.51 23.56 13.80
N ALA L 365 45.75 23.55 14.32
CA ALA L 365 46.80 22.72 13.76
C ALA L 365 46.61 21.23 14.04
N ARG L 366 45.66 20.87 14.87
CA ARG L 366 45.46 19.47 15.21
C ARG L 366 45.03 18.69 13.97
N PRO L 367 45.47 17.43 13.82
CA PRO L 367 45.19 16.69 12.58
C PRO L 367 43.77 16.19 12.46
N ASP L 368 42.93 16.39 13.48
CA ASP L 368 41.57 15.87 13.45
C ASP L 368 40.78 16.51 12.31
N LYS L 369 40.06 15.68 11.56
CA LYS L 369 39.24 16.14 10.44
C LYS L 369 37.82 16.35 10.95
N ILE L 370 37.45 17.61 11.12
CA ILE L 370 36.16 17.97 11.70
C ILE L 370 35.53 19.07 10.84
N SER L 371 34.22 18.93 10.58
CA SER L 371 33.50 19.87 9.74
C SER L 371 33.24 21.17 10.48
N GLY L 372 32.71 22.14 9.74
CA GLY L 372 32.36 23.42 10.34
C GLY L 372 31.31 23.29 11.42
N ALA L 373 30.38 22.34 11.25
CA ALA L 373 29.43 22.04 12.31
C ALA L 373 30.15 21.55 13.55
N ASP L 374 31.20 20.75 13.37
CA ASP L 374 31.99 20.30 14.51
C ASP L 374 32.70 21.47 15.17
N ILE L 375 33.20 22.43 14.38
CA ILE L 375 33.83 23.62 14.96
C ILE L 375 32.81 24.40 15.78
N ASN L 376 31.61 24.57 15.25
CA ASN L 376 30.58 25.31 15.97
C ASN L 376 30.20 24.57 17.25
N SER L 377 30.09 23.25 17.19
CA SER L 377 29.77 22.47 18.38
C SER L 377 30.89 22.58 19.43
N ILE L 378 32.14 22.57 18.98
CA ILE L 378 33.27 22.73 19.89
C ILE L 378 33.18 24.07 20.61
N CYS L 379 32.91 25.13 19.85
CA CYS L 379 32.85 26.46 20.45
C CYS L 379 31.66 26.59 21.39
N GLN L 380 30.51 26.00 21.01
CA GLN L 380 29.34 26.05 21.88
C GLN L 380 29.57 25.28 23.18
N GLU L 381 30.19 24.11 23.09
CA GLU L 381 30.54 23.36 24.30
C GLU L 381 31.56 24.11 25.14
N SER L 382 32.50 24.82 24.51
CA SER L 382 33.44 25.63 25.28
C SER L 382 32.70 26.73 26.04
N GLY L 383 31.75 27.38 25.40
CA GLY L 383 30.93 28.36 26.08
C GLY L 383 30.12 27.77 27.22
N MET L 384 29.52 26.60 26.98
CA MET L 384 28.76 25.92 28.03
C MET L 384 29.65 25.53 29.21
N LEU L 385 30.86 25.06 28.95
CA LEU L 385 31.77 24.70 30.03
C LEU L 385 32.18 25.94 30.81
N ALA L 386 32.45 27.04 30.12
CA ALA L 386 32.78 28.28 30.81
C ALA L 386 31.62 28.77 31.66
N VAL L 387 30.40 28.62 31.15
CA VAL L 387 29.23 29.13 31.88
C VAL L 387 28.86 28.21 33.04
N ARG L 388 29.17 26.92 32.94
CA ARG L 388 28.81 25.99 34.01
C ARG L 388 29.57 26.29 35.29
N GLU L 389 30.82 26.71 35.16
CA GLU L 389 31.66 27.04 36.30
C GLU L 389 31.50 28.49 36.76
N ASN L 390 30.37 29.14 36.40
CA ASN L 390 30.07 30.51 36.81
C ASN L 390 31.18 31.47 36.37
N ARG L 391 31.68 31.28 35.16
CA ARG L 391 32.75 32.09 34.59
C ARG L 391 32.26 32.74 33.32
N TYR L 392 32.50 34.04 33.18
CA TYR L 392 32.12 34.76 31.98
C TYR L 392 33.23 34.82 30.93
N ILE L 393 34.35 34.16 31.18
CA ILE L 393 35.49 34.15 30.27
C ILE L 393 35.78 32.70 29.89
N VAL L 394 36.12 32.49 28.62
CA VAL L 394 36.46 31.16 28.13
C VAL L 394 37.97 31.06 28.00
N LEU L 395 38.54 30.01 28.60
CA LEU L 395 39.98 29.87 28.72
C LEU L 395 40.44 28.64 27.92
N ALA L 396 41.73 28.31 28.09
CA ALA L 396 42.30 27.19 27.35
C ALA L 396 41.74 25.86 27.84
N LYS L 397 41.48 25.73 29.14
CA LYS L 397 41.13 24.43 29.70
C LYS L 397 39.75 23.96 29.24
N ASP L 398 38.75 24.84 29.33
CA ASP L 398 37.41 24.43 28.93
C ASP L 398 37.32 24.27 27.41
N PHE L 399 38.04 25.09 26.67
CA PHE L 399 38.09 24.92 25.21
C PHE L 399 38.71 23.58 24.85
N GLU L 400 39.80 23.20 25.54
CA GLU L 400 40.43 21.91 25.29
C GLU L 400 39.50 20.76 25.64
N LYS L 401 38.79 20.87 26.77
CA LYS L 401 37.88 19.79 27.15
C LYS L 401 36.73 19.67 26.17
N ALA L 402 36.21 20.81 25.68
CA ALA L 402 35.16 20.77 24.67
C ALA L 402 35.68 20.15 23.38
N TYR L 403 36.90 20.50 22.98
CA TYR L 403 37.51 19.89 21.82
C TYR L 403 37.58 18.37 21.97
N LYS L 404 38.08 17.91 23.11
CA LYS L 404 38.20 16.48 23.35
C LYS L 404 36.84 15.80 23.34
N THR L 405 35.83 16.44 23.94
CA THR L 405 34.49 15.86 23.98
C THR L 405 33.90 15.73 22.59
N VAL L 406 34.00 16.77 21.78
CA VAL L 406 33.39 16.74 20.45
C VAL L 406 34.16 15.78 19.54
N ILE L 407 35.49 15.74 19.67
CA ILE L 407 36.29 14.82 18.87
C ILE L 407 35.84 13.38 19.08
N LYS L 408 35.48 13.01 20.30
CA LYS L 408 35.02 11.66 20.58
C LYS L 408 33.70 11.44 19.86
N LYS L 409 33.76 10.80 18.70
CA LYS L 409 32.60 10.53 17.86
C LYS L 409 32.41 9.06 17.56
N ASP L 410 33.38 8.22 17.92
CA ASP L 410 33.30 6.80 17.59
C ASP L 410 32.13 6.12 18.29
N GLU L 411 31.89 6.49 19.55
CA GLU L 411 30.88 5.81 20.36
C GLU L 411 31.27 4.35 20.55
N GLN L 412 30.40 3.40 20.18
CA GLN L 412 30.76 2.00 20.38
C GLN L 412 31.64 1.45 19.25
N GLU L 413 31.08 1.36 18.04
CA GLU L 413 31.72 0.67 16.90
C GLU L 413 32.03 -0.80 17.17
N HIS L 414 31.67 -1.30 18.34
CA HIS L 414 31.72 -2.72 18.71
C HIS L 414 33.12 -3.33 18.66
N GLU L 415 34.16 -2.53 18.41
CA GLU L 415 35.57 -2.84 18.62
C GLU L 415 36.17 -3.77 17.57
N PHE L 416 35.38 -4.36 16.67
CA PHE L 416 35.95 -5.26 15.67
C PHE L 416 35.78 -4.79 14.23
N TYR L 417 34.85 -3.87 13.95
CA TYR L 417 34.81 -3.28 12.62
C TYR L 417 36.03 -2.41 12.37
N LYS L 418 36.46 -1.65 13.38
CA LYS L 418 37.59 -0.71 13.31
C LYS L 418 37.32 0.44 12.34
N LYS M 15 -54.70 59.48 68.51
CA LYS M 15 -54.79 59.82 67.09
C LYS M 15 -53.42 59.70 66.43
N LEU M 16 -52.37 59.69 67.25
CA LEU M 16 -51.02 59.57 66.71
C LEU M 16 -50.78 58.19 66.11
N LEU M 17 -51.32 57.14 66.73
CA LEU M 17 -51.15 55.79 66.21
C LEU M 17 -51.84 55.63 64.85
N GLU M 18 -53.00 56.25 64.69
CA GLU M 18 -53.67 56.24 63.40
C GLU M 18 -52.80 56.87 62.33
N HIS M 19 -52.18 58.02 62.64
CA HIS M 19 -51.31 58.68 61.67
C HIS M 19 -50.05 57.85 61.40
N LYS M 20 -49.59 57.10 62.40
CA LYS M 20 -48.40 56.26 62.19
C LYS M 20 -48.70 55.08 61.27
N GLU M 21 -49.82 54.41 61.48
CA GLU M 21 -50.21 53.36 60.55
C GLU M 21 -50.49 53.93 59.16
N ILE M 22 -51.01 55.16 59.12
CA ILE M 22 -51.16 55.87 57.87
C ILE M 22 -49.83 56.02 57.15
N ASP M 23 -48.81 56.50 57.88
CA ASP M 23 -47.50 56.70 57.28
C ASP M 23 -46.90 55.37 56.83
N GLY M 24 -47.14 54.30 57.58
CA GLY M 24 -46.69 53.00 57.15
C GLY M 24 -47.29 52.58 55.83
N ARG M 25 -48.62 52.71 55.70
CA ARG M 25 -49.26 52.35 54.43
C ARG M 25 -48.79 53.25 53.30
N LEU M 26 -48.63 54.55 53.57
CA LEU M 26 -48.24 55.47 52.51
C LEU M 26 -46.81 55.20 52.05
N LYS M 27 -45.92 54.86 52.99
CA LYS M 27 -44.57 54.46 52.63
C LYS M 27 -44.56 53.17 51.82
N GLU M 28 -45.43 52.22 52.17
CA GLU M 28 -45.57 51.02 51.35
C GLU M 28 -45.97 51.38 49.92
N LEU M 29 -46.93 52.30 49.78
CA LEU M 29 -47.37 52.72 48.45
C LEU M 29 -46.25 53.40 47.69
N ARG M 30 -45.47 54.24 48.38
CA ARG M 30 -44.34 54.91 47.74
C ARG M 30 -43.30 53.90 47.23
N GLU M 31 -42.98 52.90 48.05
CA GLU M 31 -42.01 51.90 47.62
C GLU M 31 -42.56 51.06 46.47
N GLN M 32 -43.86 50.78 46.48
CA GLN M 32 -44.47 50.07 45.36
C GLN M 32 -44.36 50.89 44.08
N LEU M 33 -44.60 52.20 44.17
CA LEU M 33 -44.42 53.06 43.00
C LEU M 33 -42.98 53.07 42.53
N LYS M 34 -42.03 53.07 43.46
CA LYS M 34 -40.61 53.05 43.07
C LYS M 34 -40.29 51.76 42.30
N GLU M 35 -40.74 50.62 42.81
CA GLU M 35 -40.46 49.36 42.13
C GLU M 35 -41.16 49.31 40.76
N LEU M 36 -42.39 49.84 40.70
CA LEU M 36 -43.08 49.92 39.42
C LEU M 36 -42.32 50.80 38.43
N THR M 37 -41.73 51.90 38.93
CA THR M 37 -40.95 52.77 38.07
C THR M 37 -39.71 52.05 37.54
N LYS M 38 -39.06 51.26 38.39
CA LYS M 38 -37.91 50.48 37.92
C LYS M 38 -38.33 49.47 36.86
N GLN M 39 -39.48 48.82 37.06
CA GLN M 39 -39.96 47.86 36.07
C GLN M 39 -40.35 48.55 34.77
N TYR M 40 -40.92 49.75 34.87
CA TYR M 40 -41.24 50.52 33.67
C TYR M 40 -39.97 50.93 32.93
N GLU M 41 -38.93 51.29 33.67
CA GLU M 41 -37.67 51.62 33.03
C GLU M 41 -37.06 50.41 32.32
N LYS M 42 -37.17 49.23 32.92
CA LYS M 42 -36.71 48.02 32.24
C LYS M 42 -37.53 47.76 30.98
N SER M 43 -38.84 48.01 31.04
CA SER M 43 -39.68 47.82 29.86
C SER M 43 -39.29 48.80 28.75
N GLU M 44 -39.06 50.06 29.09
CA GLU M 44 -38.63 51.02 28.10
C GLU M 44 -37.26 50.68 27.53
N ASN M 45 -36.37 50.16 28.38
CA ASN M 45 -35.05 49.76 27.91
C ASN M 45 -35.16 48.62 26.91
N ASP M 46 -36.02 47.63 27.17
CA ASP M 46 -36.15 46.54 26.22
C ASP M 46 -36.88 46.96 24.96
N LEU M 47 -37.81 47.92 25.08
CA LEU M 47 -38.46 48.47 23.89
C LEU M 47 -37.47 49.21 23.01
N LYS M 48 -36.59 50.01 23.61
CA LYS M 48 -35.51 50.64 22.86
C LYS M 48 -34.57 49.59 22.28
N ALA M 49 -34.27 48.54 23.05
CA ALA M 49 -33.43 47.46 22.57
C ALA M 49 -34.06 46.73 21.39
N LEU M 50 -35.38 46.81 21.24
CA LEU M 50 -36.06 46.06 20.18
C LEU M 50 -35.63 46.55 18.80
N GLN M 51 -35.42 47.85 18.63
CA GLN M 51 -35.05 48.39 17.34
C GLN M 51 -33.68 47.93 16.88
N SER M 52 -32.83 47.47 17.80
CA SER M 52 -31.48 47.06 17.43
C SER M 52 -31.53 45.83 16.53
N VAL M 53 -30.61 45.77 15.58
CA VAL M 53 -30.51 44.67 14.64
C VAL M 53 -29.15 44.02 14.77
N GLY M 54 -29.08 42.74 14.45
CA GLY M 54 -27.84 42.01 14.55
C GLY M 54 -26.83 42.46 13.50
N GLN M 55 -25.57 42.11 13.75
CA GLN M 55 -24.47 42.46 12.86
C GLN M 55 -23.69 41.19 12.54
N ILE M 56 -23.38 41.00 11.25
CA ILE M 56 -22.66 39.81 10.84
C ILE M 56 -21.25 39.83 11.40
N VAL M 57 -20.72 38.65 11.67
CA VAL M 57 -19.40 38.47 12.26
C VAL M 57 -18.45 37.96 11.17
N GLY M 58 -17.29 38.61 11.05
CA GLY M 58 -16.32 38.22 10.05
C GLY M 58 -14.92 38.55 10.48
N GLU M 59 -13.95 38.03 9.73
CA GLU M 59 -12.54 38.25 9.97
C GLU M 59 -11.96 39.16 8.88
N VAL M 60 -11.21 40.17 9.30
CA VAL M 60 -10.52 41.03 8.36
C VAL M 60 -9.34 40.26 7.77
N LEU M 61 -9.47 39.82 6.52
CA LEU M 61 -8.39 39.04 5.91
C LEU M 61 -7.21 39.91 5.51
N LYS M 62 -7.48 41.10 4.96
CA LYS M 62 -6.43 41.91 4.39
C LYS M 62 -6.82 43.39 4.49
N GLN M 63 -5.81 44.25 4.38
CA GLN M 63 -5.99 45.70 4.38
C GLN M 63 -5.79 46.19 2.95
N LEU M 64 -6.87 46.58 2.28
CA LEU M 64 -6.75 47.08 0.92
C LEU M 64 -6.18 48.49 0.91
N THR M 65 -6.88 49.44 1.53
CA THR M 65 -6.40 50.79 1.69
C THR M 65 -6.69 51.22 3.12
N GLU M 66 -6.57 52.51 3.40
CA GLU M 66 -6.93 53.03 4.72
C GLU M 66 -8.42 52.86 4.99
N GLU M 67 -9.25 53.11 3.98
CA GLU M 67 -10.70 53.06 4.13
C GLU M 67 -11.34 51.84 3.48
N LYS M 68 -10.55 50.89 3.00
CA LYS M 68 -11.07 49.69 2.37
C LYS M 68 -10.53 48.46 3.08
N PHE M 69 -11.40 47.50 3.35
CA PHE M 69 -11.03 46.30 4.08
C PHE M 69 -11.57 45.08 3.34
N ILE M 70 -10.93 43.94 3.58
CA ILE M 70 -11.37 42.65 3.07
C ILE M 70 -11.82 41.83 4.27
N VAL M 71 -13.09 41.44 4.30
CA VAL M 71 -13.65 40.68 5.41
C VAL M 71 -14.32 39.45 4.86
N LYS M 72 -14.17 38.33 5.57
CA LYS M 72 -14.82 37.08 5.23
C LYS M 72 -15.87 36.79 6.28
N ALA M 73 -17.13 36.69 5.85
CA ALA M 73 -18.17 36.28 6.78
C ALA M 73 -17.95 34.82 7.16
N THR M 74 -18.32 34.50 8.40
CA THR M 74 -18.03 33.17 8.94
C THR M 74 -18.60 32.09 8.04
N ASN M 75 -19.88 32.17 7.69
CA ASN M 75 -20.40 31.25 6.70
C ASN M 75 -21.05 32.04 5.60
N GLY M 76 -20.35 33.07 5.15
CA GLY M 76 -20.76 33.81 3.99
C GLY M 76 -19.60 34.00 3.03
N PRO M 77 -19.83 34.86 2.04
CA PRO M 77 -18.78 35.15 1.07
C PRO M 77 -17.89 36.26 1.60
N ARG M 78 -16.82 36.52 0.85
CA ARG M 78 -15.87 37.59 1.17
C ARG M 78 -16.36 38.88 0.58
N TYR M 79 -16.36 39.94 1.38
CA TYR M 79 -16.78 41.26 0.94
C TYR M 79 -15.64 42.26 1.11
N VAL M 80 -15.52 43.18 0.16
CA VAL M 80 -14.71 44.37 0.32
C VAL M 80 -15.58 45.41 1.01
N VAL M 81 -15.12 45.89 2.17
CA VAL M 81 -15.91 46.80 3.00
C VAL M 81 -15.01 47.91 3.50
N GLY M 82 -15.63 48.88 4.17
CA GLY M 82 -14.90 49.97 4.78
C GLY M 82 -15.31 50.14 6.23
N CYS M 83 -14.43 50.81 6.97
CA CYS M 83 -14.67 51.03 8.39
C CYS M 83 -15.80 52.03 8.60
N ARG M 84 -16.31 52.09 9.83
CA ARG M 84 -17.40 53.00 10.13
C ARG M 84 -16.95 54.45 10.08
N ARG M 85 -16.03 54.83 10.98
CA ARG M 85 -15.46 56.17 11.05
C ARG M 85 -14.58 56.29 12.30
N GLN M 86 -15.20 56.29 13.47
CA GLN M 86 -14.47 56.51 14.71
C GLN M 86 -13.94 55.19 15.28
N LEU M 87 -13.26 54.41 14.44
CA LEU M 87 -12.66 53.15 14.85
C LEU M 87 -11.16 53.22 14.63
N ASP M 88 -10.40 52.73 15.59
CA ASP M 88 -8.94 52.70 15.48
C ASP M 88 -8.56 51.66 14.44
N LYS M 89 -8.15 52.14 13.27
CA LYS M 89 -7.84 51.24 12.15
C LYS M 89 -6.72 50.27 12.49
N SER M 90 -5.88 50.61 13.47
CA SER M 90 -4.77 49.72 13.82
C SER M 90 -5.27 48.47 14.53
N LYS M 91 -6.42 48.56 15.22
CA LYS M 91 -6.97 47.38 15.87
C LYS M 91 -7.39 46.32 14.87
N LEU M 92 -7.62 46.72 13.61
CA LEU M 92 -8.06 45.78 12.61
C LEU M 92 -6.88 45.18 11.85
N LYS M 93 -6.07 44.36 12.52
CA LYS M 93 -5.05 43.61 11.81
C LYS M 93 -5.71 42.49 11.01
N PRO M 94 -5.01 41.93 10.03
CA PRO M 94 -5.47 40.68 9.43
C PRO M 94 -5.72 39.61 10.48
N GLY M 95 -6.91 39.01 10.47
CA GLY M 95 -7.26 37.96 11.41
C GLY M 95 -8.14 38.38 12.55
N THR M 96 -8.35 39.67 12.76
CA THR M 96 -9.19 40.12 13.86
C THR M 96 -10.66 39.83 13.57
N ARG M 97 -11.46 39.75 14.63
CA ARG M 97 -12.89 39.56 14.48
C ARG M 97 -13.62 40.90 14.53
N VAL M 98 -14.50 41.12 13.54
CA VAL M 98 -15.25 42.37 13.43
C VAL M 98 -16.72 42.05 13.22
N ALA M 99 -17.56 43.06 13.44
CA ALA M 99 -19.01 42.95 13.33
C ALA M 99 -19.49 43.89 12.23
N LEU M 100 -19.61 43.35 11.01
CA LEU M 100 -20.11 44.14 9.90
C LEU M 100 -21.58 44.47 10.09
N ASP M 101 -21.98 45.65 9.61
CA ASP M 101 -23.40 45.96 9.55
C ASP M 101 -24.08 45.03 8.55
N MET M 102 -25.35 44.75 8.78
CA MET M 102 -26.03 43.74 7.99
C MET M 102 -26.55 44.30 6.66
N THR M 103 -26.58 45.62 6.51
CA THR M 103 -27.09 46.25 5.29
C THR M 103 -25.98 46.89 4.48
N THR M 104 -25.22 47.81 5.06
CA THR M 104 -24.12 48.45 4.34
C THR M 104 -22.81 47.69 4.48
N LEU M 105 -22.76 46.66 5.33
CA LEU M 105 -21.63 45.76 5.45
C LEU M 105 -20.37 46.44 5.98
N THR M 106 -20.49 47.67 6.45
CA THR M 106 -19.35 48.41 6.98
C THR M 106 -18.92 47.80 8.32
N ILE M 107 -17.62 47.82 8.59
CA ILE M 107 -17.12 47.34 9.88
C ILE M 107 -17.58 48.30 10.96
N MET M 108 -18.27 47.76 11.96
CA MET M 108 -18.85 48.57 13.03
C MET M 108 -18.07 48.49 14.33
N ARG M 109 -17.57 47.32 14.70
CA ARG M 109 -16.80 47.17 15.92
C ARG M 109 -15.94 45.91 15.82
N TYR M 110 -14.91 45.85 16.65
CA TYR M 110 -14.03 44.70 16.72
C TYR M 110 -14.38 43.81 17.91
N LEU M 111 -14.03 42.54 17.82
CA LEU M 111 -14.37 41.57 18.84
C LEU M 111 -13.15 40.74 19.21
N PRO M 112 -13.05 40.27 20.47
CA PRO M 112 -11.98 39.33 20.86
C PRO M 112 -12.07 38.13 19.96
N ARG M 113 -10.98 37.39 19.82
CA ARG M 113 -11.06 36.16 19.00
C ARG M 113 -11.94 35.16 19.75
N GLU M 114 -12.42 34.12 19.07
CA GLU M 114 -13.14 33.05 19.79
C GLU M 114 -12.15 31.90 20.02
N VAL M 115 -12.07 31.38 21.25
CA VAL M 115 -11.05 30.33 21.56
C VAL M 115 -11.17 29.23 20.50
N ASP M 116 -10.05 28.90 19.82
CA ASP M 116 -10.08 27.90 18.73
C ASP M 116 -10.07 26.48 19.32
N PRO M 117 -10.44 25.42 18.56
CA PRO M 117 -10.39 23.99 19.04
C PRO M 117 -8.95 23.52 19.31
N LEU M 118 -8.26 22.95 18.32
CA LEU M 118 -6.92 22.39 18.47
C LEU M 118 -6.21 22.92 19.71
N VAL M 119 -6.35 24.22 19.99
CA VAL M 119 -5.59 24.85 21.06
C VAL M 119 -6.30 24.70 22.40
N TYR M 120 -6.06 23.58 23.08
CA TYR M 120 -6.57 23.39 24.43
C TYR M 120 -5.42 23.07 25.38
N ASN M 121 -4.47 22.25 24.94
CA ASN M 121 -3.25 22.01 25.67
C ASN M 121 -2.07 22.82 25.13
N MET M 122 -2.24 23.57 24.04
CA MET M 122 -1.20 24.43 23.52
C MET M 122 -1.30 25.86 24.01
N SER M 123 -2.37 26.26 24.68
CA SER M 123 -2.52 27.66 25.05
C SER M 123 -2.87 27.84 26.51
N HIS M 124 -3.25 26.76 27.20
CA HIS M 124 -3.57 26.86 28.61
C HIS M 124 -2.32 27.21 29.41
N GLU M 125 -2.49 28.10 30.39
CA GLU M 125 -1.40 28.54 31.25
C GLU M 125 -1.57 27.91 32.63
N ASP M 126 -0.45 27.47 33.21
CA ASP M 126 -0.43 26.91 34.56
C ASP M 126 0.68 27.57 35.38
N PRO M 127 0.49 28.84 35.81
CA PRO M 127 1.45 29.51 36.69
C PRO M 127 1.38 29.02 38.14
N GLY M 128 1.31 27.70 38.32
CA GLY M 128 1.14 27.11 39.63
C GLY M 128 2.45 27.02 40.39
N ASN M 129 2.35 26.50 41.61
CA ASN M 129 3.50 26.29 42.48
C ASN M 129 3.42 24.86 43.01
N VAL M 130 4.04 23.94 42.29
CA VAL M 130 4.13 22.54 42.70
C VAL M 130 5.51 22.33 43.29
N SER M 131 5.56 22.03 44.59
CA SER M 131 6.84 21.86 45.26
C SER M 131 7.53 20.59 44.78
N TYR M 132 8.86 20.56 44.92
CA TYR M 132 9.60 19.38 44.56
C TYR M 132 9.32 18.21 45.51
N SER M 133 8.69 18.48 46.65
CA SER M 133 8.29 17.41 47.55
C SER M 133 7.20 16.55 46.94
N GLU M 134 6.32 17.14 46.12
CA GLU M 134 5.27 16.37 45.48
C GLU M 134 5.85 15.29 44.56
N ILE M 135 6.87 15.63 43.79
CA ILE M 135 7.55 14.68 42.91
C ILE M 135 8.77 14.20 43.70
N GLY M 136 8.58 13.14 44.48
CA GLY M 136 9.59 12.72 45.43
C GLY M 136 10.57 11.70 44.86
N GLY M 137 11.79 11.74 45.39
CA GLY M 137 12.81 10.79 45.02
C GLY M 137 13.61 11.13 43.79
N LEU M 138 13.58 12.39 43.35
CA LEU M 138 14.34 12.82 42.18
C LEU M 138 15.06 14.14 42.45
N SER M 139 15.77 14.21 43.57
CA SER M 139 16.50 15.43 43.91
C SER M 139 17.59 15.75 42.89
N GLU M 140 18.33 14.71 42.45
CA GLU M 140 19.40 14.95 41.48
C GLU M 140 18.83 15.45 40.15
N GLN M 141 17.74 14.84 39.69
CA GLN M 141 17.14 15.24 38.43
C GLN M 141 16.60 16.67 38.48
N ILE M 142 15.95 17.05 39.59
CA ILE M 142 15.44 18.42 39.67
C ILE M 142 16.60 19.40 39.80
N ARG M 143 17.67 19.01 40.48
CA ARG M 143 18.86 19.85 40.52
C ARG M 143 19.41 20.09 39.12
N GLU M 144 19.49 19.03 38.33
CA GLU M 144 20.03 19.14 36.97
C GLU M 144 19.10 19.98 36.09
N LEU M 145 17.79 19.79 36.25
CA LEU M 145 16.83 20.59 35.49
C LEU M 145 16.93 22.07 35.85
N ARG M 146 17.08 22.37 37.14
CA ARG M 146 17.28 23.75 37.55
C ARG M 146 18.56 24.32 36.97
N GLU M 147 19.66 23.57 37.06
CA GLU M 147 20.91 24.02 36.48
C GLU M 147 20.80 24.29 34.99
N VAL M 148 19.95 23.54 34.28
CA VAL M 148 19.76 23.74 32.85
C VAL M 148 18.85 24.94 32.54
N ILE M 149 17.74 25.10 33.25
CA ILE M 149 16.74 26.10 32.88
C ILE M 149 16.94 27.45 33.57
N GLU M 150 17.30 27.47 34.86
CA GLU M 150 17.40 28.71 35.61
C GLU M 150 18.46 29.65 35.07
N LEU M 151 19.66 29.14 34.80
CA LEU M 151 20.75 30.00 34.36
C LEU M 151 20.44 30.79 33.10
N PRO M 152 19.91 30.18 32.02
CA PRO M 152 19.57 31.02 30.86
C PRO M 152 18.41 31.96 31.12
N LEU M 153 17.36 31.47 31.79
CA LEU M 153 16.19 32.31 32.04
C LEU M 153 16.55 33.48 32.95
N THR M 154 17.32 33.21 34.02
CA THR M 154 17.57 34.25 35.02
C THR M 154 18.48 35.34 34.47
N ASN M 155 19.60 34.97 33.88
CA ASN M 155 20.62 35.92 33.44
C ASN M 155 21.13 35.50 32.07
N PRO M 156 20.47 35.94 31.00
CA PRO M 156 21.02 35.73 29.66
C PRO M 156 22.11 36.73 29.30
N GLU M 157 22.33 37.76 30.14
CA GLU M 157 23.36 38.74 29.84
C GLU M 157 24.74 38.10 29.81
N LEU M 158 25.02 37.21 30.77
CA LEU M 158 26.28 36.47 30.74
C LEU M 158 26.37 35.56 29.52
N PHE M 159 25.25 34.99 29.08
CA PHE M 159 25.26 34.12 27.91
C PHE M 159 25.59 34.90 26.64
N GLN M 160 25.02 36.11 26.50
CA GLN M 160 25.38 36.91 25.34
C GLN M 160 26.77 37.52 25.49
N ARG M 161 27.25 37.67 26.72
CA ARG M 161 28.61 38.15 26.94
C ARG M 161 29.64 37.11 26.50
N VAL M 162 29.47 35.86 26.93
CA VAL M 162 30.41 34.81 26.54
C VAL M 162 30.30 34.50 25.06
N GLY M 163 29.12 34.71 24.47
CA GLY M 163 28.90 34.57 23.04
C GLY M 163 27.86 33.53 22.68
N ILE M 164 27.82 32.41 23.40
CA ILE M 164 26.89 31.34 23.09
C ILE M 164 25.47 31.76 23.46
N ILE M 165 24.64 31.96 22.44
CA ILE M 165 23.24 32.34 22.65
C ILE M 165 22.37 31.13 23.00
N PRO M 166 22.33 30.07 22.18
CA PRO M 166 21.27 29.06 22.35
C PRO M 166 21.65 27.99 23.36
N PRO M 167 20.89 27.84 24.43
CA PRO M 167 21.02 26.66 25.32
C PRO M 167 20.03 25.54 25.06
N LYS M 168 19.26 25.60 23.96
CA LYS M 168 18.18 24.67 23.70
C LYS M 168 18.64 23.22 23.55
N GLY M 169 17.69 22.29 23.51
CA GLY M 169 18.01 20.88 23.42
C GLY M 169 17.36 20.04 24.50
N CYS M 170 18.17 19.52 25.42
CA CYS M 170 17.75 18.79 26.62
C CYS M 170 17.11 17.45 26.30
N LEU M 171 17.18 16.51 27.23
CA LEU M 171 16.76 15.15 26.98
C LEU M 171 16.68 14.42 28.31
N LEU M 172 15.56 13.74 28.54
CA LEU M 172 15.25 13.07 29.81
C LEU M 172 14.81 11.63 29.58
N TYR M 173 15.59 10.88 28.81
CA TYR M 173 15.24 9.50 28.53
C TYR M 173 15.33 8.64 29.80
N GLY M 174 14.49 7.62 29.85
CA GLY M 174 14.40 6.75 31.01
C GLY M 174 13.20 5.83 30.90
N PRO M 175 12.79 5.23 32.02
CA PRO M 175 11.61 4.38 32.00
C PRO M 175 10.38 5.20 31.70
N PRO M 176 9.36 4.59 31.08
CA PRO M 176 8.17 5.36 30.70
C PRO M 176 7.29 5.67 31.89
N GLY M 177 6.78 6.90 31.93
CA GLY M 177 5.80 7.28 32.93
C GLY M 177 6.30 7.23 34.36
N THR M 178 7.57 7.57 34.59
CA THR M 178 8.16 7.55 35.92
C THR M 178 8.16 8.92 36.59
N GLY M 179 7.54 9.93 35.98
CA GLY M 179 7.52 11.25 36.56
C GLY M 179 8.17 12.30 35.67
N LYS M 180 8.19 12.04 34.36
CA LYS M 180 8.79 12.99 33.43
C LYS M 180 8.06 14.32 33.42
N THR M 181 6.73 14.29 33.44
CA THR M 181 5.96 15.53 33.43
C THR M 181 6.14 16.31 34.72
N LEU M 182 6.19 15.60 35.85
CA LEU M 182 6.37 16.27 37.13
C LEU M 182 7.73 16.96 37.21
N LEU M 183 8.72 16.45 36.47
CA LEU M 183 10.04 17.09 36.45
C LEU M 183 9.94 18.50 35.91
N ALA M 184 9.22 18.69 34.80
CA ALA M 184 8.96 20.04 34.31
C ALA M 184 7.92 20.76 35.14
N ARG M 185 7.11 20.03 35.91
CA ARG M 185 6.18 20.63 36.86
C ARG M 185 6.88 21.01 38.15
N ALA M 186 7.91 20.26 38.55
CA ALA M 186 8.72 20.65 39.69
C ALA M 186 9.45 21.96 39.42
N VAL M 187 10.00 22.12 38.22
CA VAL M 187 10.68 23.34 37.83
C VAL M 187 9.72 24.53 37.75
N ALA M 188 8.42 24.26 37.71
CA ALA M 188 7.41 25.31 37.73
C ALA M 188 7.35 26.05 39.06
N SER M 189 8.25 25.75 40.00
CA SER M 189 8.30 26.50 41.26
C SER M 189 8.58 27.96 41.00
N GLN M 190 9.50 28.25 40.08
CA GLN M 190 9.76 29.61 39.63
C GLN M 190 9.31 29.76 38.19
N LEU M 191 8.28 30.59 37.98
CA LEU M 191 7.78 30.97 36.67
C LEU M 191 7.27 29.75 35.91
N ASP M 192 7.52 29.71 34.60
CA ASP M 192 7.05 28.62 33.74
C ASP M 192 5.52 28.56 33.75
N CYS M 193 4.89 29.54 33.12
CA CYS M 193 3.44 29.72 33.25
C CYS M 193 2.67 28.88 32.23
N ASN M 194 2.91 29.09 30.93
CA ASN M 194 2.11 28.41 29.92
C ASN M 194 2.27 26.90 30.01
N PHE M 195 3.51 26.40 29.99
CA PHE M 195 3.80 24.99 30.21
C PHE M 195 2.97 24.09 29.31
N LEU M 196 3.20 24.19 28.00
CA LEU M 196 2.38 23.46 27.05
C LEU M 196 2.81 21.99 26.97
N LYS M 197 1.85 21.13 26.69
CA LYS M 197 2.10 19.71 26.46
C LYS M 197 1.51 19.32 25.11
N VAL M 198 2.38 19.06 24.14
CA VAL M 198 2.00 18.74 22.78
C VAL M 198 2.54 17.38 22.39
N VAL M 199 2.56 16.45 23.34
CA VAL M 199 3.14 15.11 23.24
C VAL M 199 2.93 14.45 21.89
N SER M 200 4.02 13.94 21.31
CA SER M 200 4.03 13.07 20.13
C SER M 200 3.09 13.53 19.02
N SER M 201 2.87 14.84 18.88
CA SER M 201 1.89 15.31 17.92
C SER M 201 2.06 16.78 17.57
N SER M 202 1.54 17.16 16.41
CA SER M 202 1.33 18.55 16.02
C SER M 202 2.62 19.35 15.88
N ILE M 203 3.77 18.69 15.72
CA ILE M 203 5.00 19.42 15.45
C ILE M 203 5.71 18.87 14.21
N VAL M 204 5.51 17.59 13.91
CA VAL M 204 6.19 16.97 12.78
C VAL M 204 5.19 16.25 11.89
N ASP M 205 4.40 15.35 12.49
CA ASP M 205 3.42 14.55 11.76
C ASP M 205 4.07 13.81 10.61
N LYS M 206 4.93 12.83 10.92
CA LYS M 206 5.66 12.06 9.93
C LYS M 206 6.61 12.97 9.15
N TYR M 207 6.19 13.48 8.00
CA TYR M 207 7.13 14.28 7.23
C TYR M 207 7.22 15.73 7.72
N ILE M 208 6.23 16.56 7.40
CA ILE M 208 6.20 17.98 7.78
C ILE M 208 4.84 18.41 8.29
N GLY M 209 3.80 17.59 8.06
CA GLY M 209 2.41 18.02 8.04
C GLY M 209 2.01 19.13 8.98
N GLU M 210 2.51 19.08 10.22
CA GLU M 210 2.28 20.11 11.21
C GLU M 210 3.49 21.03 11.26
N SER M 211 3.33 22.26 10.78
CA SER M 211 4.41 23.23 10.74
C SER M 211 3.80 24.62 10.63
N ALA M 212 4.66 25.64 10.83
CA ALA M 212 4.23 27.04 10.82
C ALA M 212 3.09 27.25 11.81
N ARG M 213 1.86 27.03 11.36
CA ARG M 213 0.73 27.06 12.27
C ARG M 213 0.79 25.97 13.33
N LEU M 214 1.73 25.03 13.21
CA LEU M 214 1.95 24.01 14.22
C LEU M 214 3.43 23.91 14.60
N ILE M 215 4.23 24.91 14.26
CA ILE M 215 5.61 24.98 14.74
C ILE M 215 5.86 26.35 15.35
N ARG M 216 5.14 27.37 14.89
CA ARG M 216 5.41 28.73 15.31
C ARG M 216 4.49 29.22 16.42
N GLU M 217 3.26 28.70 16.52
CA GLU M 217 2.36 29.20 17.54
C GLU M 217 2.87 28.87 18.93
N MET M 218 3.62 27.78 19.08
CA MET M 218 4.39 27.58 20.31
C MET M 218 5.12 28.85 20.70
N PHE M 219 5.95 29.36 19.80
CA PHE M 219 6.78 30.50 20.17
C PHE M 219 5.99 31.80 20.23
N ASN M 220 4.89 31.91 19.49
CA ASN M 220 4.09 33.13 19.61
C ASN M 220 3.40 33.21 20.97
N TYR M 221 2.60 32.19 21.34
CA TYR M 221 1.79 32.29 22.60
C TYR M 221 2.69 32.20 23.81
N ALA M 222 3.97 31.86 23.62
CA ALA M 222 4.91 31.86 24.75
C ALA M 222 5.46 33.28 24.90
N ARG M 223 5.72 33.92 23.76
CA ARG M 223 6.32 35.25 23.76
C ARG M 223 5.32 36.29 24.23
N ASP M 224 4.06 36.15 23.84
CA ASP M 224 3.05 37.13 24.23
C ASP M 224 2.64 36.95 25.69
N HIS M 225 3.31 36.05 26.40
CA HIS M 225 3.05 35.84 27.81
C HIS M 225 4.37 35.57 28.52
N GLN M 226 4.26 35.16 29.79
CA GLN M 226 5.40 34.89 30.67
C GLN M 226 6.12 33.63 30.19
N PRO M 227 7.38 33.41 30.59
CA PRO M 227 8.15 32.31 30.01
C PRO M 227 7.54 30.96 30.34
N CYS M 228 7.78 30.00 29.46
CA CYS M 228 7.17 28.68 29.58
C CYS M 228 8.08 27.63 28.96
N ILE M 229 7.49 26.46 28.79
CA ILE M 229 8.27 25.33 28.21
C ILE M 229 7.40 24.63 27.17
N ILE M 230 7.78 24.76 25.90
CA ILE M 230 7.02 24.02 24.84
C ILE M 230 6.92 22.56 25.28
N PHE M 231 7.94 22.02 25.95
CA PHE M 231 7.86 20.65 26.52
C PHE M 231 7.24 19.67 25.55
N MET M 232 7.77 19.54 24.34
CA MET M 232 7.23 18.46 23.48
C MET M 232 7.56 17.16 24.21
N ASP M 233 6.74 16.12 24.07
CA ASP M 233 7.04 14.91 24.89
C ASP M 233 7.10 13.66 24.01
N GLU M 234 7.66 12.57 24.55
CA GLU M 234 7.75 11.27 23.82
C GLU M 234 7.79 11.51 22.31
N ILE M 235 8.88 12.11 21.83
CA ILE M 235 9.00 12.32 20.39
C ILE M 235 9.34 11.03 19.66
N ASP M 236 9.54 9.93 20.37
CA ASP M 236 9.73 8.64 19.73
C ASP M 236 8.47 8.16 19.02
N ALA M 237 7.33 8.81 19.27
CA ALA M 237 6.06 8.44 18.65
C ALA M 237 5.48 9.58 17.81
N ILE M 238 6.32 10.47 17.29
CA ILE M 238 5.83 11.53 16.42
C ILE M 238 5.44 10.92 15.08
N GLY M 239 4.23 11.22 14.62
CA GLY M 239 3.73 10.61 13.40
C GLY M 239 3.63 9.10 13.49
N GLY M 240 3.28 8.58 14.66
CA GLY M 240 3.17 7.15 14.86
C GLY M 240 3.22 6.74 16.32
N ILE M 253 11.81 10.79 7.05
CA ILE M 253 11.14 11.19 8.27
C ILE M 253 12.16 11.66 9.29
N GLN M 254 13.28 10.93 9.40
CA GLN M 254 14.36 11.39 10.26
C GLN M 254 14.91 12.72 9.76
N ARG M 255 15.24 12.82 8.48
CA ARG M 255 15.78 14.06 7.93
C ARG M 255 14.83 15.23 8.17
N THR M 256 13.52 14.97 8.13
CA THR M 256 12.56 16.01 8.44
C THR M 256 12.72 16.51 9.87
N LEU M 257 12.89 15.58 10.83
CA LEU M 257 13.12 15.99 12.20
C LEU M 257 14.43 16.76 12.33
N MET M 258 15.46 16.32 11.59
CA MET M 258 16.74 17.02 11.60
C MET M 258 16.55 18.46 11.18
N GLU M 259 15.76 18.67 10.12
CA GLU M 259 15.53 20.02 9.61
C GLU M 259 14.66 20.84 10.56
N LEU M 260 13.65 20.22 11.16
CA LEU M 260 12.77 20.93 12.08
C LEU M 260 13.52 21.44 13.30
N LEU M 261 14.36 20.60 13.91
CA LEU M 261 15.14 21.05 15.05
C LEU M 261 16.21 22.07 14.68
N ASN M 262 16.66 22.08 13.42
CA ASN M 262 17.66 23.02 12.94
C ASN M 262 17.04 24.21 12.22
N GLN M 263 15.73 24.40 12.37
CA GLN M 263 15.03 25.52 11.76
C GLN M 263 15.28 26.78 12.60
N MET M 264 14.52 27.83 12.34
CA MET M 264 14.68 29.09 13.06
C MET M 264 14.13 29.03 14.49
N ASP M 265 13.80 27.85 15.02
CA ASP M 265 13.36 27.73 16.40
C ASP M 265 14.40 28.30 17.36
N GLY M 266 15.66 27.94 17.16
CA GLY M 266 16.72 28.52 17.96
C GLY M 266 17.18 29.89 17.51
N PHE M 267 16.71 30.34 16.34
CA PHE M 267 17.02 31.68 15.89
C PHE M 267 16.51 32.75 16.85
N ASP M 268 15.22 32.73 17.18
CA ASP M 268 14.61 33.77 17.98
C ASP M 268 14.66 33.44 19.46
N THR M 269 14.29 32.21 19.83
CA THR M 269 14.34 31.75 21.22
C THR M 269 13.62 32.75 22.11
N LEU M 270 12.34 32.96 21.81
CA LEU M 270 11.62 34.06 22.42
C LEU M 270 11.40 33.84 23.90
N HIS M 271 11.93 34.76 24.69
CA HIS M 271 11.59 34.94 26.11
C HIS M 271 11.98 33.67 26.89
N ARG M 272 13.09 33.05 26.50
CA ARG M 272 13.74 31.99 27.28
C ARG M 272 12.82 30.79 27.52
N VAL M 273 12.26 30.26 26.42
CA VAL M 273 11.35 29.11 26.49
C VAL M 273 12.11 27.87 26.06
N LYS M 274 12.18 26.91 26.97
CA LYS M 274 13.03 25.73 26.69
C LYS M 274 12.20 24.54 26.23
N MET M 275 12.88 23.50 25.75
CA MET M 275 12.18 22.27 25.35
C MET M 275 12.48 21.14 26.34
N ILE M 276 11.47 20.59 27.01
CA ILE M 276 11.76 19.48 27.96
C ILE M 276 11.45 18.00 27.57
N MET M 277 11.89 17.67 26.35
CA MET M 277 11.60 16.36 25.72
C MET M 277 11.76 15.21 26.71
N ALA M 278 10.79 14.30 26.73
CA ALA M 278 10.88 13.10 27.61
C ALA M 278 10.56 11.86 26.77
N THR M 279 11.42 10.83 26.79
CA THR M 279 11.12 9.59 26.05
C THR M 279 12.16 8.54 26.35
N ASN M 280 12.78 7.99 25.31
CA ASN M 280 13.83 6.98 25.45
C ASN M 280 14.89 7.28 24.38
N ALA M 288 24.34 11.43 14.47
CA ALA M 288 24.90 12.54 15.22
C ALA M 288 23.81 13.47 15.74
N LEU M 289 22.88 12.90 16.50
CA LEU M 289 21.78 13.64 17.08
C LEU M 289 22.10 14.21 18.45
N LEU M 290 23.23 13.84 19.04
CA LEU M 290 23.51 14.21 20.41
C LEU M 290 24.43 15.42 20.54
N ARG M 291 24.79 16.07 19.43
CA ARG M 291 25.71 17.19 19.47
C ARG M 291 24.94 18.48 19.76
N PRO M 292 25.66 19.55 20.17
CA PRO M 292 24.98 20.82 20.45
C PRO M 292 24.25 21.36 19.23
N GLY M 293 23.21 22.13 19.49
CA GLY M 293 22.35 22.66 18.46
C GLY M 293 21.25 21.71 18.02
N ARG M 294 21.39 20.43 18.35
CA ARG M 294 20.40 19.40 18.05
C ARG M 294 19.79 18.79 19.31
N LEU M 295 20.63 18.38 20.26
CA LEU M 295 20.16 17.93 21.57
C LEU M 295 21.19 18.34 22.61
N ASP M 296 20.74 19.04 23.63
CA ASP M 296 21.59 19.44 24.74
C ASP M 296 21.75 18.27 25.71
N ARG M 297 22.22 18.58 26.93
CA ARG M 297 22.51 17.57 27.94
C ARG M 297 21.38 16.56 28.09
N LYS M 298 21.74 15.28 28.05
CA LYS M 298 20.81 14.17 28.21
C LYS M 298 21.00 13.57 29.59
N ILE M 299 19.90 13.28 30.28
CA ILE M 299 19.93 12.70 31.61
C ILE M 299 19.08 11.44 31.63
N HIS M 300 19.64 10.37 32.16
CA HIS M 300 18.92 9.11 32.32
C HIS M 300 18.14 9.16 33.62
N ILE M 301 16.81 9.16 33.52
CA ILE M 301 15.97 9.13 34.70
C ILE M 301 16.21 7.80 35.41
N ASP M 302 16.82 7.86 36.58
CA ASP M 302 17.22 6.66 37.28
C ASP M 302 15.99 5.83 37.65
N LEU M 303 16.16 4.51 37.63
CA LEU M 303 15.10 3.63 38.07
C LEU M 303 14.76 3.95 39.52
N PRO M 304 13.47 4.09 39.86
CA PRO M 304 13.09 4.50 41.22
C PRO M 304 13.74 3.66 42.31
N ASN M 305 14.64 4.27 43.06
CA ASN M 305 15.34 3.59 44.14
C ASN M 305 14.35 3.32 45.26
N GLU M 306 14.55 2.21 45.97
CA GLU M 306 13.66 1.85 47.07
C GLU M 306 13.64 2.93 48.13
N GLN M 307 14.81 3.49 48.45
CA GLN M 307 14.87 4.62 49.37
C GLN M 307 14.17 5.84 48.78
N ALA M 308 14.01 5.88 47.46
CA ALA M 308 13.16 6.89 46.84
C ALA M 308 11.74 6.39 46.67
N ARG M 309 11.56 5.07 46.53
CA ARG M 309 10.24 4.49 46.48
C ARG M 309 9.44 4.82 47.73
N LEU M 310 10.11 4.89 48.88
CA LEU M 310 9.41 5.23 50.11
C LEU M 310 8.88 6.66 50.05
N ASP M 311 9.68 7.60 49.53
CA ASP M 311 9.19 8.97 49.38
C ASP M 311 8.03 9.03 48.39
N ILE M 312 8.14 8.31 47.27
CA ILE M 312 7.05 8.32 46.29
C ILE M 312 5.77 7.77 46.91
N LEU M 313 5.88 6.66 47.64
CA LEU M 313 4.69 6.07 48.25
C LEU M 313 4.12 7.00 49.31
N LYS M 314 4.98 7.73 50.02
CA LYS M 314 4.50 8.71 50.99
C LYS M 314 3.70 9.82 50.32
N ILE M 315 4.25 10.40 49.25
CA ILE M 315 3.62 11.59 48.69
C ILE M 315 2.44 11.20 47.81
N HIS M 316 2.32 9.91 47.48
CA HIS M 316 1.14 9.46 46.74
C HIS M 316 0.05 8.99 47.69
N ALA M 317 0.43 8.45 48.84
CA ALA M 317 -0.53 7.94 49.82
C ALA M 317 -0.96 9.00 50.83
N GLY M 318 -0.62 10.27 50.58
CA GLY M 318 -1.04 11.34 51.45
C GLY M 318 -2.53 11.58 51.48
N PRO M 319 -3.12 11.93 50.33
CA PRO M 319 -4.55 12.28 50.32
C PRO M 319 -5.47 11.18 50.78
N ILE M 320 -5.13 9.91 50.53
CA ILE M 320 -6.02 8.82 50.91
C ILE M 320 -6.10 8.73 52.42
N THR M 321 -7.32 8.69 52.95
CA THR M 321 -7.55 8.64 54.38
C THR M 321 -6.99 7.36 54.98
N LYS M 322 -6.10 7.49 55.95
CA LYS M 322 -5.37 6.37 56.52
C LYS M 322 -5.47 6.39 58.04
N HIS M 323 -4.87 5.38 58.65
CA HIS M 323 -4.88 5.22 60.10
C HIS M 323 -3.47 5.40 60.66
N GLY M 324 -3.39 5.51 61.98
CA GLY M 324 -2.12 5.80 62.63
C GLY M 324 -1.12 4.67 62.50
N GLU M 325 -1.58 3.43 62.58
CA GLU M 325 -0.67 2.28 62.57
C GLU M 325 -0.02 2.06 61.22
N ILE M 326 -0.41 2.80 60.18
CA ILE M 326 0.18 2.64 58.86
C ILE M 326 1.66 2.97 58.92
N ASP M 327 2.45 2.28 58.10
CA ASP M 327 3.88 2.51 58.01
C ASP M 327 4.40 2.10 56.63
N TYR M 328 5.11 3.01 55.99
CA TYR M 328 5.60 2.85 54.62
C TYR M 328 7.07 2.43 54.60
N GLU M 329 7.42 1.31 55.22
CA GLU M 329 8.81 0.88 55.31
C GLU M 329 9.07 -0.43 54.57
N ALA M 330 8.32 -1.48 54.85
CA ALA M 330 8.51 -2.76 54.19
C ALA M 330 7.80 -2.85 52.85
N ILE M 331 6.91 -1.89 52.56
CA ILE M 331 6.21 -1.90 51.28
C ILE M 331 7.20 -1.79 50.14
N VAL M 332 8.10 -0.81 50.20
CA VAL M 332 9.07 -0.62 49.13
C VAL M 332 10.04 -1.80 49.08
N LYS M 333 10.23 -2.49 50.21
CA LYS M 333 11.00 -3.73 50.18
C LYS M 333 10.28 -4.75 49.29
N LEU M 334 8.99 -4.96 49.51
CA LEU M 334 8.24 -5.93 48.72
C LEU M 334 7.77 -5.35 47.40
N SER M 335 7.60 -4.03 47.30
CA SER M 335 7.16 -3.37 46.07
C SER M 335 8.40 -2.95 45.29
N ASP M 336 8.77 -3.75 44.29
CA ASP M 336 9.83 -3.42 43.35
C ASP M 336 9.26 -3.30 41.94
N GLY M 337 8.13 -2.61 41.81
CA GLY M 337 7.46 -2.50 40.53
C GLY M 337 8.17 -1.57 39.56
N PHE M 338 9.07 -0.73 40.07
CA PHE M 338 9.98 0.08 39.25
C PHE M 338 9.26 1.13 38.41
N ASN M 339 8.11 1.64 38.87
CA ASN M 339 7.38 2.66 38.11
C ASN M 339 6.60 3.54 39.09
N GLY M 340 6.60 4.85 38.83
CA GLY M 340 5.87 5.76 39.69
C GLY M 340 4.37 5.59 39.58
N ALA M 341 3.87 5.41 38.36
CA ALA M 341 2.45 5.13 38.19
C ALA M 341 2.05 3.83 38.87
N ASP M 342 3.00 2.91 39.04
CA ASP M 342 2.74 1.73 39.86
C ASP M 342 2.44 2.14 41.29
N LEU M 343 3.21 3.09 41.84
CA LEU M 343 2.93 3.58 43.18
C LEU M 343 1.59 4.29 43.27
N ARG M 344 1.27 5.13 42.29
CA ARG M 344 -0.04 5.79 42.29
C ARG M 344 -1.16 4.77 42.25
N ASN M 345 -1.03 3.77 41.38
CA ASN M 345 -2.07 2.77 41.23
C ASN M 345 -2.19 1.86 42.44
N VAL M 346 -1.08 1.59 43.15
CA VAL M 346 -1.19 0.76 44.34
C VAL M 346 -1.78 1.57 45.49
N CYS M 347 -1.49 2.88 45.55
CA CYS M 347 -2.19 3.73 46.49
C CYS M 347 -3.69 3.71 46.24
N THR M 348 -4.08 3.80 44.96
CA THR M 348 -5.50 3.76 44.62
C THR M 348 -6.09 2.38 44.89
N GLU M 349 -5.32 1.32 44.65
CA GLU M 349 -5.82 -0.03 44.77
C GLU M 349 -5.97 -0.46 46.23
N ALA M 350 -5.14 0.08 47.13
CA ALA M 350 -5.37 -0.16 48.55
C ALA M 350 -6.69 0.44 49.00
N GLY M 351 -6.98 1.66 48.56
CA GLY M 351 -8.30 2.22 48.81
C GLY M 351 -9.40 1.38 48.19
N MET M 352 -9.18 0.92 46.95
CA MET M 352 -10.14 0.06 46.27
C MET M 352 -10.44 -1.19 47.08
N PHE M 353 -9.40 -1.76 47.70
CA PHE M 353 -9.60 -2.86 48.63
C PHE M 353 -10.45 -2.41 49.82
N ALA M 354 -10.20 -1.20 50.31
CA ALA M 354 -10.94 -0.66 51.44
C ALA M 354 -12.41 -0.37 51.12
N ILE M 355 -12.77 -0.23 49.83
CA ILE M 355 -14.17 -0.06 49.47
C ILE M 355 -15.01 -1.23 49.95
N ARG M 356 -14.51 -2.45 49.81
CA ARG M 356 -15.17 -3.58 50.44
C ARG M 356 -15.07 -3.43 51.95
N ALA M 357 -16.22 -3.53 52.62
CA ALA M 357 -16.38 -3.19 54.03
C ALA M 357 -16.28 -1.67 54.23
N ASP M 358 -16.75 -1.18 55.37
CA ASP M 358 -16.85 0.25 55.63
C ASP M 358 -15.52 0.91 56.00
N HIS M 359 -14.40 0.25 55.76
CA HIS M 359 -13.10 0.78 56.17
C HIS M 359 -12.85 2.16 55.54
N ASP M 360 -12.84 3.19 56.38
CA ASP M 360 -12.48 4.54 55.94
C ASP M 360 -10.99 4.77 55.95
N PHE M 361 -10.21 3.79 56.42
CA PHE M 361 -8.77 3.88 56.50
C PHE M 361 -8.19 2.56 56.01
N VAL M 362 -6.96 2.61 55.55
CA VAL M 362 -6.31 1.44 54.97
C VAL M 362 -5.23 0.95 55.93
N VAL M 363 -5.22 -0.35 56.18
CA VAL M 363 -4.33 -0.94 57.17
C VAL M 363 -3.07 -1.45 56.46
N GLN M 364 -2.04 -1.72 57.26
CA GLN M 364 -0.76 -2.16 56.70
C GLN M 364 -0.92 -3.47 55.94
N GLU M 365 -1.75 -4.38 56.44
CA GLU M 365 -2.07 -5.59 55.70
C GLU M 365 -2.74 -5.24 54.37
N ASP M 366 -3.52 -4.17 54.33
CA ASP M 366 -4.19 -3.79 53.09
C ASP M 366 -3.20 -3.27 52.06
N PHE M 367 -2.25 -2.44 52.48
CA PHE M 367 -1.19 -2.02 51.57
C PHE M 367 -0.37 -3.23 51.11
N MET M 368 -0.07 -4.16 52.02
CA MET M 368 0.68 -5.35 51.62
C MET M 368 -0.08 -6.16 50.58
N LYS M 369 -1.39 -6.32 50.77
CA LYS M 369 -2.20 -6.99 49.77
C LYS M 369 -2.16 -6.27 48.44
N ALA M 370 -2.26 -4.93 48.48
CA ALA M 370 -2.25 -4.15 47.26
C ALA M 370 -0.94 -4.29 46.50
N VAL M 371 0.20 -4.25 47.20
CA VAL M 371 1.47 -4.37 46.50
C VAL M 371 1.68 -5.79 46.00
N ARG M 372 1.39 -6.79 46.84
CA ARG M 372 1.56 -8.17 46.37
C ARG M 372 0.62 -8.51 45.23
N LYS M 373 -0.45 -7.72 45.06
CA LYS M 373 -1.29 -7.83 43.87
C LYS M 373 -0.65 -7.13 42.67
N VAL M 374 -0.31 -5.85 42.82
CA VAL M 374 0.06 -5.04 41.67
C VAL M 374 1.45 -5.42 41.15
N ALA M 375 2.44 -5.50 42.04
CA ALA M 375 3.81 -5.80 41.62
C ALA M 375 3.92 -7.16 40.95
N ASP M 376 2.99 -8.07 41.24
CA ASP M 376 2.91 -9.34 40.54
C ASP M 376 2.00 -9.28 39.31
N SER M 377 0.92 -8.50 39.38
CA SER M 377 0.05 -8.35 38.22
C SER M 377 0.76 -7.60 37.10
N LYS M 378 1.70 -6.72 37.43
CA LYS M 378 2.46 -6.01 36.41
C LYS M 378 3.27 -6.96 35.55
N LYS M 379 3.69 -8.10 36.13
CA LYS M 379 4.44 -9.09 35.37
C LYS M 379 3.62 -9.69 34.23
N LEU M 380 2.30 -9.70 34.35
CA LEU M 380 1.44 -10.18 33.28
C LEU M 380 1.07 -9.03 32.34
N ILE N 52 -51.75 65.37 58.64
CA ILE N 52 -53.09 65.11 58.13
C ILE N 52 -53.18 65.47 56.66
N LYS N 53 -52.33 66.40 56.21
CA LYS N 53 -52.28 66.76 54.81
C LYS N 53 -51.74 65.61 53.96
N ILE N 54 -50.86 64.80 54.56
CA ILE N 54 -50.23 63.72 53.81
C ILE N 54 -51.27 62.70 53.35
N MET N 55 -52.30 62.43 54.17
CA MET N 55 -53.42 61.62 53.69
C MET N 55 -53.90 62.03 52.32
N LYS N 56 -54.52 63.21 52.24
CA LYS N 56 -55.16 63.58 50.99
C LYS N 56 -54.14 63.76 49.88
N SER N 57 -53.10 64.57 50.12
CA SER N 57 -52.17 64.87 49.05
C SER N 57 -51.50 63.60 48.53
N GLU N 58 -50.86 62.85 49.43
CA GLU N 58 -50.06 61.71 49.01
C GLU N 58 -50.94 60.58 48.49
N VAL N 59 -52.08 60.29 49.13
CA VAL N 59 -52.90 59.19 48.62
C VAL N 59 -53.41 59.52 47.22
N LEU N 60 -53.88 60.76 47.00
CA LEU N 60 -54.38 61.10 45.67
C LEU N 60 -53.27 61.03 44.63
N ARG N 61 -52.12 61.64 44.91
CA ARG N 61 -51.05 61.64 43.93
C ARG N 61 -50.56 60.23 43.64
N VAL N 62 -50.38 59.41 44.69
CA VAL N 62 -49.79 58.10 44.49
C VAL N 62 -50.76 57.17 43.76
N THR N 63 -52.06 57.23 44.08
CA THR N 63 -53.01 56.43 43.30
C THR N 63 -53.07 56.89 41.85
N HIS N 64 -52.97 58.20 41.61
CA HIS N 64 -52.97 58.68 40.23
C HIS N 64 -51.76 58.16 39.46
N GLU N 65 -50.57 58.24 40.06
CA GLU N 65 -49.39 57.69 39.41
C GLU N 65 -49.49 56.18 39.24
N LEU N 66 -50.06 55.48 40.23
CA LEU N 66 -50.26 54.05 40.11
C LEU N 66 -51.11 53.72 38.90
N GLN N 67 -52.23 54.41 38.71
CA GLN N 67 -53.12 54.10 37.59
C GLN N 67 -52.47 54.46 36.26
N ALA N 68 -51.83 55.64 36.18
CA ALA N 68 -51.20 56.04 34.93
C ALA N 68 -50.07 55.08 34.56
N MET N 69 -49.23 54.73 35.53
CA MET N 69 -48.15 53.79 35.26
C MET N 69 -48.71 52.40 34.95
N LYS N 70 -49.85 52.04 35.54
CA LYS N 70 -50.42 50.71 35.30
C LYS N 70 -50.91 50.58 33.87
N ASP N 71 -51.67 51.56 33.37
CA ASP N 71 -52.16 51.43 32.00
C ASP N 71 -51.03 51.69 31.00
N LYS N 72 -50.01 52.46 31.38
CA LYS N 72 -48.86 52.60 30.49
C LYS N 72 -48.05 51.32 30.44
N ILE N 73 -47.93 50.60 31.56
CA ILE N 73 -47.29 49.29 31.55
C ILE N 73 -48.08 48.31 30.73
N LYS N 74 -49.41 48.35 30.83
CA LYS N 74 -50.22 47.44 30.02
C LYS N 74 -50.03 47.75 28.53
N GLU N 75 -49.94 49.04 28.18
CA GLU N 75 -49.66 49.41 26.79
C GLU N 75 -48.30 48.90 26.34
N ASN N 76 -47.27 49.09 27.16
CA ASN N 76 -45.93 48.65 26.79
C ASN N 76 -45.87 47.12 26.65
N SER N 77 -46.51 46.41 27.57
CA SER N 77 -46.52 44.95 27.49
C SER N 77 -47.28 44.47 26.27
N GLU N 78 -48.39 45.12 25.94
CA GLU N 78 -49.13 44.76 24.73
C GLU N 78 -48.29 45.00 23.49
N LYS N 79 -47.57 46.12 23.45
CA LYS N 79 -46.71 46.42 22.31
C LYS N 79 -45.59 45.37 22.18
N ILE N 80 -45.00 44.99 23.31
CA ILE N 80 -43.97 43.97 23.30
C ILE N 80 -44.53 42.64 22.82
N LYS N 81 -45.70 42.25 23.33
CA LYS N 81 -46.29 40.97 22.96
C LYS N 81 -46.64 40.92 21.48
N VAL N 82 -47.25 41.99 20.96
CA VAL N 82 -47.62 42.00 19.55
C VAL N 82 -46.37 42.08 18.69
N ASN N 83 -45.30 42.70 19.21
CA ASN N 83 -44.07 42.80 18.45
C ASN N 83 -43.27 41.50 18.46
N LYS N 84 -43.49 40.64 19.44
CA LYS N 84 -42.82 39.34 19.50
C LYS N 84 -43.48 38.41 18.48
N THR N 85 -43.06 38.57 17.22
CA THR N 85 -43.55 37.68 16.17
C THR N 85 -43.12 36.25 16.46
N LEU N 86 -44.09 35.35 16.49
CA LEU N 86 -43.92 34.01 17.03
C LEU N 86 -42.85 33.14 16.36
N PRO N 87 -42.61 33.20 15.01
CA PRO N 87 -41.64 32.29 14.38
C PRO N 87 -40.38 31.94 15.18
N TYR N 88 -39.70 32.93 15.79
CA TYR N 88 -38.67 32.67 16.79
C TYR N 88 -37.58 31.73 16.25
N LEU N 89 -36.81 32.24 15.28
CA LEU N 89 -35.73 31.45 14.74
C LEU N 89 -34.79 31.00 15.85
N VAL N 90 -34.65 29.68 16.02
CA VAL N 90 -33.91 29.14 17.15
C VAL N 90 -32.42 29.36 16.96
N SER N 91 -31.75 29.82 18.01
CA SER N 91 -30.33 30.12 17.94
C SER N 91 -29.66 29.82 19.27
N ASN N 92 -28.34 29.75 19.25
CA ASN N 92 -27.54 29.49 20.43
C ASN N 92 -26.59 30.66 20.68
N VAL N 93 -26.33 30.93 21.95
CA VAL N 93 -25.41 31.98 22.36
C VAL N 93 -24.03 31.34 22.47
N ILE N 94 -23.16 31.62 21.50
CA ILE N 94 -21.85 30.97 21.50
C ILE N 94 -20.94 31.63 22.52
N GLU N 95 -21.16 32.92 22.82
CA GLU N 95 -20.43 33.57 23.89
C GLU N 95 -21.20 34.79 24.36
N LEU N 96 -20.87 35.22 25.57
CA LEU N 96 -21.44 36.43 26.17
C LEU N 96 -20.28 37.35 26.55
N LEU N 97 -20.32 38.58 26.05
CA LEU N 97 -19.27 39.55 26.31
C LEU N 97 -19.87 40.88 26.73
N ASP N 98 -19.11 41.62 27.54
CA ASP N 98 -19.55 42.92 28.03
C ASP N 98 -19.49 43.95 26.92
N VAL N 99 -20.20 45.06 27.11
CA VAL N 99 -20.26 46.11 26.11
C VAL N 99 -18.88 46.71 25.85
N LYS N 120 -23.60 42.48 28.22
CA LYS N 120 -24.72 43.24 27.68
C LYS N 120 -24.87 42.99 26.19
N CYS N 121 -23.85 42.38 25.59
CA CYS N 121 -23.85 42.04 24.18
C CYS N 121 -23.59 40.55 24.03
N ALA N 122 -24.15 39.96 22.97
CA ALA N 122 -24.04 38.53 22.76
C ALA N 122 -23.70 38.23 21.30
N VAL N 123 -23.01 37.11 21.10
CA VAL N 123 -22.72 36.58 19.77
C VAL N 123 -23.56 35.33 19.59
N ILE N 124 -24.50 35.39 18.64
CA ILE N 124 -25.51 34.35 18.46
C ILE N 124 -25.21 33.62 17.15
N LYS N 125 -25.18 32.29 17.21
CA LYS N 125 -25.11 31.45 16.02
C LYS N 125 -26.51 30.88 15.82
N THR N 126 -27.14 31.27 14.72
CA THR N 126 -28.49 30.81 14.45
C THR N 126 -28.47 29.36 13.97
N SER N 127 -29.65 28.74 13.95
CA SER N 127 -29.78 27.40 13.41
C SER N 127 -29.51 27.36 11.91
N THR N 128 -29.50 28.51 11.24
CA THR N 128 -29.10 28.61 9.84
C THR N 128 -27.60 28.66 9.65
N ARG N 129 -26.82 28.27 10.66
CA ARG N 129 -25.36 28.10 10.54
C ARG N 129 -24.65 29.41 10.22
N GLN N 130 -25.11 30.51 10.82
CA GLN N 130 -24.46 31.80 10.69
C GLN N 130 -24.51 32.54 12.01
N THR N 131 -23.40 33.17 12.38
CA THR N 131 -23.26 33.82 13.67
C THR N 131 -23.35 35.34 13.51
N TYR N 132 -24.19 35.97 14.33
CA TYR N 132 -24.35 37.41 14.31
C TYR N 132 -24.05 37.97 15.69
N PHE N 133 -23.42 39.14 15.73
CA PHE N 133 -23.22 39.88 16.96
C PHE N 133 -24.46 40.70 17.27
N LEU N 134 -24.83 40.76 18.55
CA LEU N 134 -26.02 41.49 18.96
C LEU N 134 -25.62 42.73 19.75
N PRO N 135 -25.86 43.93 19.25
CA PRO N 135 -25.55 45.14 20.03
C PRO N 135 -26.29 45.19 21.35
N VAL N 136 -27.48 44.60 21.44
CA VAL N 136 -28.21 44.49 22.70
C VAL N 136 -28.64 43.04 22.86
N ILE N 137 -28.88 42.64 24.11
CA ILE N 137 -29.27 41.27 24.38
C ILE N 137 -30.66 40.99 23.79
N GLY N 138 -31.60 41.89 24.05
CA GLY N 138 -32.96 41.70 23.57
C GLY N 138 -33.99 41.84 24.66
N LEU N 139 -34.94 40.91 24.72
CA LEU N 139 -36.03 40.95 25.67
C LEU N 139 -35.78 40.10 26.91
N VAL N 140 -34.61 39.50 27.04
CA VAL N 140 -34.27 38.69 28.20
C VAL N 140 -33.14 39.36 28.96
N ASP N 141 -32.76 38.76 30.08
CA ASP N 141 -31.73 39.30 30.96
C ASP N 141 -30.39 38.64 30.65
N ALA N 142 -29.35 39.47 30.51
CA ALA N 142 -28.03 38.95 30.18
C ALA N 142 -27.47 38.07 31.30
N GLU N 143 -27.82 38.38 32.55
CA GLU N 143 -27.33 37.60 33.67
C GLU N 143 -27.83 36.15 33.60
N LYS N 144 -29.10 35.97 33.22
CA LYS N 144 -29.67 34.63 33.14
C LYS N 144 -29.36 34.01 31.78
N LEU N 145 -28.08 34.04 31.39
CA LEU N 145 -27.65 33.49 30.12
C LEU N 145 -26.18 33.09 30.23
N LYS N 146 -25.77 32.23 29.32
CA LYS N 146 -24.39 31.74 29.28
C LYS N 146 -24.14 31.21 27.88
N PRO N 147 -22.91 30.78 27.59
CA PRO N 147 -22.69 30.08 26.32
C PRO N 147 -23.54 28.83 26.21
N GLY N 148 -24.08 28.58 25.02
CA GLY N 148 -24.73 27.33 24.69
C GLY N 148 -26.22 27.27 24.90
N ASP N 149 -26.83 28.26 25.54
CA ASP N 149 -28.27 28.24 25.76
C ASP N 149 -29.04 28.44 24.47
N LEU N 150 -30.22 27.81 24.41
CA LEU N 150 -31.11 27.91 23.26
C LEU N 150 -32.00 29.13 23.44
N VAL N 151 -31.97 30.05 22.48
CA VAL N 151 -32.76 31.26 22.52
C VAL N 151 -33.46 31.43 21.18
N GLY N 152 -34.71 31.87 21.22
CA GLY N 152 -35.46 32.15 20.01
C GLY N 152 -35.32 33.59 19.55
N VAL N 153 -34.44 33.83 18.59
CA VAL N 153 -34.20 35.16 18.08
C VAL N 153 -35.18 35.47 16.95
N ASN N 154 -35.26 36.74 16.58
CA ASN N 154 -36.10 37.17 15.47
C ASN N 154 -35.60 36.58 14.16
N LYS N 155 -36.52 36.42 13.21
CA LYS N 155 -36.17 35.85 11.92
C LYS N 155 -35.16 36.72 11.18
N ASP N 156 -35.39 38.04 11.17
CA ASP N 156 -34.58 38.97 10.42
C ASP N 156 -33.77 39.90 11.30
N SER N 157 -34.37 40.42 12.37
CA SER N 157 -33.62 41.27 13.30
C SER N 157 -32.57 40.47 14.07
N TYR N 158 -32.77 39.16 14.19
CA TYR N 158 -31.84 38.26 14.87
C TYR N 158 -31.64 38.62 16.33
N LEU N 159 -32.61 39.30 16.92
CA LEU N 159 -32.54 39.73 18.32
C LEU N 159 -33.26 38.72 19.20
N ILE N 160 -32.66 38.41 20.34
CA ILE N 160 -33.22 37.39 21.23
C ILE N 160 -34.56 37.85 21.76
N LEU N 161 -35.58 37.00 21.59
CA LEU N 161 -36.93 37.32 22.03
C LEU N 161 -37.31 36.59 23.32
N GLU N 162 -36.90 35.34 23.49
CA GLU N 162 -37.09 34.65 24.76
C GLU N 162 -36.10 33.51 24.85
N THR N 163 -35.82 33.06 26.07
CA THR N 163 -35.01 31.88 26.27
C THR N 163 -35.83 30.62 26.06
N LEU N 164 -35.14 29.53 25.74
CA LEU N 164 -35.82 28.28 25.44
C LEU N 164 -35.34 27.18 26.36
N PRO N 165 -36.24 26.29 26.81
CA PRO N 165 -35.81 25.20 27.69
C PRO N 165 -34.94 24.20 26.94
N THR N 166 -34.13 23.46 27.69
CA THR N 166 -33.22 22.48 27.11
C THR N 166 -33.98 21.50 26.24
N GLU N 167 -33.65 21.50 24.95
CA GLU N 167 -34.32 20.68 23.95
C GLU N 167 -33.42 19.53 23.52
N TYR N 168 -33.97 18.32 23.56
CA TYR N 168 -33.23 17.11 23.20
C TYR N 168 -33.76 16.59 21.88
N ASP N 169 -32.84 16.19 21.00
CA ASP N 169 -33.23 15.63 19.72
C ASP N 169 -33.97 14.30 19.90
N SER N 170 -34.78 13.95 18.91
CA SER N 170 -35.52 12.70 18.97
C SER N 170 -34.59 11.50 19.07
N ARG N 171 -33.45 11.56 18.38
CA ARG N 171 -32.46 10.48 18.48
C ARG N 171 -31.94 10.34 19.89
N VAL N 172 -31.69 11.46 20.57
CA VAL N 172 -31.17 11.41 21.94
C VAL N 172 -32.21 10.79 22.86
N LYS N 173 -33.48 11.15 22.70
CA LYS N 173 -34.53 10.56 23.54
C LYS N 173 -34.67 9.07 23.26
N ALA N 174 -34.58 8.67 21.98
CA ALA N 174 -34.63 7.25 21.65
C ALA N 174 -33.40 6.51 22.18
N MET N 175 -32.31 7.25 22.42
CA MET N 175 -31.08 6.65 22.94
C MET N 175 -31.25 6.12 24.37
N GLU N 176 -32.21 6.64 25.12
CA GLU N 176 -32.40 6.22 26.49
C GLU N 176 -33.00 4.82 26.54
N VAL N 177 -32.58 4.05 27.55
CA VAL N 177 -33.05 2.68 27.73
C VAL N 177 -34.39 2.73 28.47
N ASP N 178 -35.44 2.26 27.80
CA ASP N 178 -36.76 2.14 28.41
C ASP N 178 -37.22 0.70 28.60
N GLU N 179 -36.79 -0.22 27.75
CA GLU N 179 -37.18 -1.63 27.90
C GLU N 179 -36.47 -2.31 29.05
N ARG N 180 -35.28 -1.82 29.44
CA ARG N 180 -34.49 -2.40 30.53
C ARG N 180 -34.26 -3.90 30.28
N PRO N 181 -33.34 -4.25 29.39
CA PRO N 181 -33.10 -5.67 29.09
C PRO N 181 -32.70 -6.42 30.35
N THR N 182 -33.14 -7.67 30.43
CA THR N 182 -32.94 -8.52 31.61
C THR N 182 -31.78 -9.47 31.35
N GLU N 183 -30.61 -9.16 31.92
CA GLU N 183 -29.45 -10.03 31.82
C GLU N 183 -28.72 -9.99 33.16
N GLN N 184 -28.87 -11.05 33.94
CA GLN N 184 -28.14 -11.14 35.21
C GLN N 184 -26.67 -11.38 34.95
N TYR N 185 -25.85 -11.10 35.96
CA TYR N 185 -24.42 -11.36 35.85
C TYR N 185 -24.10 -12.85 35.82
N SER N 186 -25.06 -13.70 36.20
CA SER N 186 -24.85 -15.13 36.10
C SER N 186 -24.74 -15.59 34.65
N ASP N 187 -25.33 -14.82 33.73
CA ASP N 187 -25.27 -15.17 32.31
C ASP N 187 -23.90 -14.93 31.70
N ILE N 188 -23.00 -14.28 32.44
CA ILE N 188 -21.65 -14.01 31.95
C ILE N 188 -20.70 -15.01 32.60
N GLY N 189 -19.99 -15.76 31.78
CA GLY N 189 -19.04 -16.75 32.25
C GLY N 189 -17.63 -16.40 31.82
N GLY N 190 -16.67 -16.70 32.70
CA GLY N 190 -15.28 -16.46 32.42
C GLY N 190 -14.81 -15.03 32.65
N LEU N 191 -15.72 -14.10 32.92
CA LEU N 191 -15.37 -12.72 33.25
C LEU N 191 -15.93 -12.44 34.63
N ASP N 192 -15.18 -12.81 35.67
CA ASP N 192 -15.49 -12.41 37.03
C ASP N 192 -14.69 -11.19 37.46
N LYS N 193 -13.40 -11.16 37.10
CA LYS N 193 -12.60 -9.97 37.36
C LYS N 193 -13.11 -8.77 36.57
N GLN N 194 -13.46 -8.97 35.30
CA GLN N 194 -13.95 -7.87 34.48
C GLN N 194 -15.27 -7.32 35.00
N ILE N 195 -16.19 -8.21 35.39
CA ILE N 195 -17.45 -7.77 35.96
C ILE N 195 -17.21 -6.98 37.25
N GLN N 196 -16.30 -7.45 38.10
CA GLN N 196 -16.01 -6.75 39.34
C GLN N 196 -15.43 -5.37 39.06
N GLU N 197 -14.50 -5.27 38.11
CA GLU N 197 -13.94 -3.97 37.77
C GLU N 197 -15.02 -3.02 37.26
N LEU N 198 -15.88 -3.52 36.36
CA LEU N 198 -16.91 -2.65 35.80
C LEU N 198 -17.90 -2.19 36.87
N VAL N 199 -18.31 -3.09 37.76
CA VAL N 199 -19.29 -2.72 38.77
C VAL N 199 -18.66 -1.80 39.83
N GLU N 200 -17.36 -1.97 40.09
CA GLU N 200 -16.69 -1.13 41.08
C GLU N 200 -16.24 0.21 40.50
N ALA N 201 -16.20 0.34 39.18
CA ALA N 201 -15.82 1.61 38.57
C ALA N 201 -17.01 2.40 38.04
N ILE N 202 -18.11 1.75 37.70
CA ILE N 202 -19.25 2.43 37.09
C ILE N 202 -20.49 2.42 37.97
N VAL N 203 -20.72 1.39 38.78
CA VAL N 203 -21.91 1.28 39.62
C VAL N 203 -21.60 1.63 41.07
N LEU N 204 -20.50 1.12 41.60
CA LEU N 204 -20.12 1.40 42.98
C LEU N 204 -19.91 2.88 43.26
N PRO N 205 -19.18 3.64 42.43
CA PRO N 205 -19.09 5.09 42.69
C PRO N 205 -20.41 5.81 42.50
N MET N 206 -21.39 5.18 41.84
CA MET N 206 -22.66 5.84 41.58
C MET N 206 -23.52 5.93 42.83
N ASN N 207 -23.86 4.77 43.41
CA ASN N 207 -24.78 4.71 44.53
C ASN N 207 -24.09 4.88 45.88
N HIS N 208 -22.77 5.08 45.90
CA HIS N 208 -22.05 5.35 47.14
C HIS N 208 -21.55 6.79 47.21
N LYS N 209 -20.77 7.22 46.23
CA LYS N 209 -20.35 8.61 46.10
C LYS N 209 -19.68 9.16 47.36
N GLU N 210 -20.50 9.55 48.34
CA GLU N 210 -20.02 10.34 49.47
C GLU N 210 -18.90 9.62 50.22
N LYS N 211 -18.96 8.29 50.30
CA LYS N 211 -17.94 7.56 51.03
C LYS N 211 -16.66 7.44 50.21
N PHE N 212 -16.79 7.38 48.87
CA PHE N 212 -15.63 7.52 48.01
C PHE N 212 -14.90 8.82 48.29
N GLU N 213 -15.66 9.91 48.48
CA GLU N 213 -15.06 11.17 48.92
C GLU N 213 -14.50 11.04 50.32
N ASN N 214 -15.13 10.23 51.18
CA ASN N 214 -14.65 10.06 52.55
C ASN N 214 -13.24 9.48 52.56
N LEU N 215 -12.98 8.47 51.72
CA LEU N 215 -11.60 8.00 51.59
C LEU N 215 -10.73 8.95 50.80
N GLY N 216 -11.31 9.95 50.15
CA GLY N 216 -10.53 10.88 49.34
C GLY N 216 -9.86 10.22 48.16
N ILE N 217 -10.50 9.23 47.56
CA ILE N 217 -9.99 8.50 46.40
C ILE N 217 -10.86 8.85 45.21
N GLN N 218 -10.23 9.17 44.09
CA GLN N 218 -10.96 9.63 42.92
C GLN N 218 -11.46 8.43 42.12
N PRO N 219 -12.78 8.25 41.98
CA PRO N 219 -13.28 7.19 41.11
C PRO N 219 -13.15 7.60 39.66
N PRO N 220 -12.68 6.69 38.80
CA PRO N 220 -12.41 7.06 37.41
C PRO N 220 -13.67 7.49 36.67
N LYS N 221 -13.49 8.42 35.73
CA LYS N 221 -14.61 9.02 35.03
C LYS N 221 -15.22 8.10 33.97
N GLY N 222 -14.41 7.27 33.33
CA GLY N 222 -14.93 6.45 32.24
C GLY N 222 -14.21 5.12 32.16
N VAL N 223 -14.88 4.18 31.51
CA VAL N 223 -14.39 2.80 31.36
C VAL N 223 -14.40 2.46 29.88
N LEU N 224 -13.27 1.94 29.39
CA LEU N 224 -13.17 1.45 28.02
C LEU N 224 -13.02 -0.06 28.06
N MET N 225 -14.07 -0.77 27.63
CA MET N 225 -14.02 -2.23 27.51
C MET N 225 -13.51 -2.55 26.11
N TYR N 226 -12.35 -3.17 26.04
CA TYR N 226 -11.73 -3.49 24.76
C TYR N 226 -11.29 -4.94 24.73
N GLY N 227 -11.30 -5.52 23.54
CA GLY N 227 -10.88 -6.89 23.35
C GLY N 227 -11.32 -7.44 22.01
N PRO N 228 -10.98 -8.69 21.74
CA PRO N 228 -11.39 -9.33 20.49
C PRO N 228 -12.91 -9.42 20.41
N PRO N 229 -13.47 -9.47 19.21
CA PRO N 229 -14.93 -9.58 19.08
C PRO N 229 -15.44 -10.87 19.71
N GLY N 230 -16.63 -10.78 20.31
CA GLY N 230 -17.24 -11.93 20.96
C GLY N 230 -16.77 -12.21 22.36
N THR N 231 -15.97 -11.31 22.94
CA THR N 231 -15.45 -11.53 24.28
C THR N 231 -16.43 -11.17 25.38
N GLY N 232 -17.50 -10.43 25.06
CA GLY N 232 -18.53 -10.15 26.03
C GLY N 232 -18.64 -8.71 26.46
N LYS N 233 -18.12 -7.79 25.64
CA LYS N 233 -18.18 -6.37 25.95
C LYS N 233 -19.61 -5.86 26.01
N THR N 234 -20.31 -5.90 24.88
CA THR N 234 -21.70 -5.46 24.85
C THR N 234 -22.59 -6.30 25.74
N LEU N 235 -22.28 -7.58 25.93
CA LEU N 235 -22.99 -8.41 26.88
C LEU N 235 -22.86 -7.88 28.30
N LEU N 236 -21.63 -7.51 28.69
CA LEU N 236 -21.42 -6.94 30.01
C LEU N 236 -22.14 -5.60 30.14
N ALA N 237 -22.14 -4.79 29.09
CA ALA N 237 -22.84 -3.52 29.12
C ALA N 237 -24.34 -3.73 29.32
N ARG N 238 -24.91 -4.69 28.59
CA ARG N 238 -26.32 -4.99 28.72
C ARG N 238 -26.66 -5.51 30.11
N ALA N 239 -25.78 -6.35 30.67
CA ALA N 239 -25.99 -6.84 32.02
C ALA N 239 -25.91 -5.70 33.04
N CYS N 240 -24.97 -4.77 32.85
CA CYS N 240 -24.87 -3.63 33.74
C CYS N 240 -26.13 -2.77 33.67
N ALA N 241 -26.65 -2.57 32.46
CA ALA N 241 -27.94 -1.88 32.33
C ALA N 241 -29.05 -2.66 33.01
N ALA N 242 -28.95 -3.99 33.01
CA ALA N 242 -29.98 -4.82 33.64
C ALA N 242 -29.98 -4.67 35.15
N GLN N 243 -28.81 -4.77 35.78
CA GLN N 243 -28.69 -4.84 37.24
C GLN N 243 -28.29 -3.51 37.85
N THR N 244 -28.71 -2.40 37.25
CA THR N 244 -28.48 -1.08 37.85
C THR N 244 -29.76 -0.28 37.74
N LYS N 245 -29.93 0.67 38.67
CA LYS N 245 -31.08 1.55 38.62
C LYS N 245 -30.77 2.84 37.89
N ALA N 246 -29.55 3.02 37.42
CA ALA N 246 -29.16 4.23 36.70
C ALA N 246 -29.87 4.27 35.34
N THR N 247 -30.04 5.49 34.83
CA THR N 247 -30.68 5.70 33.54
C THR N 247 -29.64 5.46 32.45
N PHE N 248 -29.66 4.24 31.89
CA PHE N 248 -28.71 3.88 30.86
C PHE N 248 -28.98 4.68 29.58
N LEU N 249 -27.90 5.12 28.93
CA LEU N 249 -27.96 5.90 27.71
C LEU N 249 -27.09 5.21 26.67
N LYS N 250 -27.68 4.25 25.95
CA LYS N 250 -26.95 3.51 24.94
C LYS N 250 -26.81 4.33 23.66
N LEU N 251 -25.76 4.05 22.91
CA LEU N 251 -25.55 4.65 21.60
C LEU N 251 -24.45 3.87 20.88
N ALA N 252 -24.19 4.28 19.64
CA ALA N 252 -23.15 3.70 18.83
C ALA N 252 -22.32 4.80 18.18
N GLY N 253 -21.10 4.45 17.80
CA GLY N 253 -20.23 5.38 17.11
C GLY N 253 -20.79 5.91 15.81
N PRO N 254 -21.30 5.03 14.94
CA PRO N 254 -21.86 5.54 13.67
C PRO N 254 -23.06 6.44 13.85
N GLN N 255 -23.75 6.36 15.00
CA GLN N 255 -24.88 7.26 15.23
C GLN N 255 -24.44 8.71 15.26
N LEU N 256 -23.30 8.99 15.89
CA LEU N 256 -22.81 10.35 16.01
C LEU N 256 -21.98 10.76 14.79
N VAL N 257 -22.49 10.48 13.61
CA VAL N 257 -21.87 10.88 12.36
C VAL N 257 -22.98 11.25 11.38
N GLN N 258 -23.10 12.54 11.07
CA GLN N 258 -24.20 13.03 10.25
C GLN N 258 -23.66 13.91 9.13
N MET N 259 -24.48 14.08 8.10
CA MET N 259 -24.10 14.90 6.96
C MET N 259 -23.82 16.34 7.38
N PHE N 260 -24.73 16.92 8.15
CA PHE N 260 -24.69 18.35 8.42
C PHE N 260 -23.56 18.70 9.38
N ILE N 261 -22.90 19.83 9.11
CA ILE N 261 -21.75 20.22 9.91
C ILE N 261 -22.20 20.57 11.31
N GLY N 262 -21.51 20.00 12.30
CA GLY N 262 -21.84 20.22 13.69
C GLY N 262 -23.00 19.40 14.21
N ASP N 263 -23.60 18.55 13.37
CA ASP N 263 -24.74 17.75 13.83
C ASP N 263 -24.28 16.64 14.78
N GLY N 264 -23.13 16.03 14.52
CA GLY N 264 -22.61 15.02 15.44
C GLY N 264 -22.22 15.60 16.78
N ALA N 265 -21.54 16.74 16.77
CA ALA N 265 -21.19 17.41 18.02
C ALA N 265 -22.44 17.82 18.78
N LYS N 266 -23.44 18.34 18.08
CA LYS N 266 -24.71 18.66 18.71
C LYS N 266 -25.35 17.42 19.31
N LEU N 267 -25.28 16.30 18.59
CA LEU N 267 -25.88 15.05 19.07
C LEU N 267 -25.23 14.60 20.36
N VAL N 268 -23.89 14.55 20.40
CA VAL N 268 -23.22 14.10 21.60
C VAL N 268 -23.42 15.10 22.74
N ARG N 269 -23.51 16.39 22.42
CA ARG N 269 -23.79 17.38 23.45
C ARG N 269 -25.15 17.16 24.08
N ASP N 270 -26.18 16.91 23.26
CA ASP N 270 -27.51 16.66 23.83
C ASP N 270 -27.54 15.35 24.59
N ALA N 271 -26.81 14.34 24.11
CA ALA N 271 -26.75 13.08 24.84
C ALA N 271 -26.16 13.28 26.23
N PHE N 272 -25.05 14.02 26.31
CA PHE N 272 -24.42 14.25 27.60
C PHE N 272 -25.28 15.15 28.48
N ALA N 273 -25.99 16.11 27.89
CA ALA N 273 -26.89 16.95 28.68
C ALA N 273 -28.04 16.14 29.26
N LEU N 274 -28.65 15.27 28.46
CA LEU N 274 -29.70 14.40 28.96
C LEU N 274 -29.16 13.47 30.04
N ALA N 275 -27.91 13.04 29.89
CA ALA N 275 -27.27 12.26 30.95
C ALA N 275 -27.13 13.09 32.23
N LYS N 276 -26.78 14.37 32.09
CA LYS N 276 -26.65 15.22 33.26
C LYS N 276 -27.99 15.41 33.96
N GLU N 277 -29.07 15.54 33.20
CA GLU N 277 -30.37 15.83 33.78
C GLU N 277 -30.81 14.70 34.71
N LYS N 278 -30.64 13.45 34.27
CA LYS N 278 -30.85 12.31 35.15
C LYS N 278 -29.61 12.08 36.01
N ALA N 279 -29.75 12.24 37.33
CA ALA N 279 -28.59 12.17 38.20
C ALA N 279 -27.89 10.81 38.09
N PRO N 280 -28.57 9.68 38.28
CA PRO N 280 -27.88 8.40 38.03
C PRO N 280 -27.98 7.97 36.57
N SER N 281 -27.07 8.48 35.74
CA SER N 281 -27.09 8.20 34.31
C SER N 281 -25.76 7.62 33.85
N ILE N 282 -25.85 6.59 33.02
CA ILE N 282 -24.69 5.92 32.43
C ILE N 282 -24.77 6.06 30.92
N ILE N 283 -23.67 6.44 30.30
CA ILE N 283 -23.57 6.57 28.86
C ILE N 283 -22.74 5.40 28.33
N PHE N 284 -23.30 4.65 27.40
CA PHE N 284 -22.62 3.53 26.77
C PHE N 284 -22.43 3.85 25.29
N ILE N 285 -21.19 4.17 24.92
CA ILE N 285 -20.87 4.48 23.51
C ILE N 285 -20.26 3.22 22.92
N ASP N 286 -21.12 2.39 22.34
CA ASP N 286 -20.67 1.15 21.72
C ASP N 286 -20.02 1.45 20.36
N GLU N 287 -19.05 0.61 20.00
CA GLU N 287 -18.32 0.73 18.74
C GLU N 287 -17.70 2.12 18.61
N LEU N 288 -16.80 2.42 19.54
CA LEU N 288 -16.14 3.72 19.57
C LEU N 288 -15.23 3.95 18.37
N ASP N 289 -14.90 2.91 17.61
CA ASP N 289 -13.97 3.05 16.49
C ASP N 289 -14.53 3.96 15.41
N ALA N 290 -15.86 4.10 15.32
CA ALA N 290 -16.44 4.89 14.25
C ALA N 290 -16.03 6.35 14.35
N ILE N 291 -16.02 6.90 15.56
CA ILE N 291 -15.62 8.29 15.79
C ILE N 291 -14.25 8.39 16.44
N GLY N 292 -13.71 7.29 16.94
CA GLY N 292 -12.46 7.34 17.68
C GLY N 292 -11.23 7.09 16.83
N THR N 293 -11.37 7.25 15.51
CA THR N 293 -10.23 7.03 14.62
C THR N 293 -9.12 8.02 14.91
N LYS N 294 -7.89 7.60 14.60
CA LYS N 294 -6.74 8.47 14.81
C LYS N 294 -6.84 9.71 13.93
N ARG N 295 -6.33 10.82 14.44
CA ARG N 295 -6.43 12.09 13.72
C ARG N 295 -5.71 12.02 12.39
N PHE N 296 -6.37 12.48 11.33
CA PHE N 296 -5.79 12.49 10.00
C PHE N 296 -5.84 13.89 9.40
N ALA N 301 -15.17 16.26 3.01
CA ALA N 301 -14.41 16.53 4.23
C ALA N 301 -15.16 16.01 5.45
N GLY N 302 -15.68 14.78 5.35
CA GLY N 302 -16.34 14.17 6.49
C GLY N 302 -15.40 13.88 7.63
N ASP N 303 -14.09 13.78 7.34
CA ASP N 303 -13.11 13.60 8.40
C ASP N 303 -13.14 14.77 9.37
N ARG N 304 -13.34 15.99 8.86
CA ARG N 304 -13.44 17.15 9.73
C ARG N 304 -14.64 17.05 10.65
N GLU N 305 -15.78 16.59 10.12
CA GLU N 305 -16.98 16.46 10.95
C GLU N 305 -16.79 15.38 12.02
N VAL N 306 -16.19 14.25 11.65
CA VAL N 306 -15.94 13.19 12.62
C VAL N 306 -14.97 13.68 13.70
N GLN N 307 -13.96 14.44 13.30
CA GLN N 307 -13.04 15.01 14.26
C GLN N 307 -13.75 15.98 15.19
N ARG N 308 -14.65 16.81 14.65
CA ARG N 308 -15.41 17.72 15.50
C ARG N 308 -16.24 16.95 16.52
N THR N 309 -16.86 15.86 16.08
CA THR N 309 -17.60 15.01 17.01
C THR N 309 -16.69 14.45 18.10
N MET N 310 -15.49 13.99 17.72
CA MET N 310 -14.59 13.40 18.69
C MET N 310 -14.11 14.42 19.71
N LEU N 311 -13.74 15.62 19.25
CA LEU N 311 -13.33 16.67 20.18
C LEU N 311 -14.50 17.14 21.05
N GLU N 312 -15.72 17.12 20.52
CA GLU N 312 -16.87 17.44 21.36
C GLU N 312 -17.05 16.39 22.45
N LEU N 313 -16.85 15.12 22.10
CA LEU N 313 -16.91 14.06 23.11
C LEU N 313 -15.83 14.25 24.16
N LEU N 314 -14.61 14.61 23.74
CA LEU N 314 -13.54 14.86 24.68
C LEU N 314 -13.85 16.04 25.59
N ASN N 315 -14.43 17.11 25.03
CA ASN N 315 -14.79 18.27 25.82
C ASN N 315 -15.88 17.94 26.84
N GLN N 316 -16.87 17.14 26.44
CA GLN N 316 -17.87 16.69 27.38
C GLN N 316 -17.29 15.82 28.48
N LEU N 317 -16.35 14.93 28.14
CA LEU N 317 -15.70 14.10 29.14
C LEU N 317 -14.90 14.94 30.12
N ASP N 318 -14.18 15.95 29.62
CA ASP N 318 -13.39 16.81 30.50
C ASP N 318 -14.23 17.78 31.31
N GLY N 319 -15.41 18.15 30.81
CA GLY N 319 -16.24 19.12 31.51
C GLY N 319 -16.95 18.57 32.72
N PHE N 320 -16.93 17.26 32.92
CA PHE N 320 -17.51 16.67 34.12
C PHE N 320 -16.78 17.17 35.35
N GLN N 321 -17.54 17.59 36.34
CA GLN N 321 -16.96 17.88 37.64
C GLN N 321 -16.48 16.55 38.24
N PRO N 322 -15.33 16.53 38.92
CA PRO N 322 -14.72 15.25 39.29
C PRO N 322 -15.64 14.38 40.15
N ASN N 323 -15.60 13.08 39.87
CA ASN N 323 -16.48 12.10 40.51
C ASN N 323 -17.95 12.53 40.49
N THR N 324 -18.40 13.01 39.32
CA THR N 324 -19.80 13.37 39.16
C THR N 324 -20.66 12.10 39.06
N GLN N 325 -21.96 12.31 38.92
CA GLN N 325 -22.92 11.22 38.90
C GLN N 325 -23.17 10.66 37.51
N VAL N 326 -22.32 10.98 36.53
CA VAL N 326 -22.46 10.46 35.17
C VAL N 326 -21.18 9.72 34.82
N LYS N 327 -21.30 8.44 34.48
CA LYS N 327 -20.18 7.60 34.10
C LYS N 327 -20.37 7.15 32.66
N VAL N 328 -19.26 7.04 31.93
CA VAL N 328 -19.26 6.72 30.51
C VAL N 328 -18.56 5.39 30.29
N ILE N 329 -19.21 4.50 29.55
CA ILE N 329 -18.62 3.22 29.16
C ILE N 329 -18.52 3.19 27.64
N ALA N 330 -17.35 2.78 27.14
CA ALA N 330 -17.13 2.65 25.71
C ALA N 330 -16.55 1.28 25.41
N ALA N 331 -16.94 0.74 24.24
CA ALA N 331 -16.49 -0.58 23.83
C ALA N 331 -15.87 -0.49 22.44
N THR N 332 -14.89 -1.34 22.19
CA THR N 332 -14.17 -1.33 20.92
C THR N 332 -13.46 -2.66 20.72
N ASN N 333 -13.55 -3.20 19.50
CA ASN N 333 -12.77 -4.37 19.14
C ASN N 333 -11.38 -4.02 18.66
N ARG N 334 -11.17 -2.81 18.16
CA ARG N 334 -9.88 -2.36 17.64
C ARG N 334 -9.44 -1.15 18.47
N VAL N 335 -8.39 -1.33 19.27
CA VAL N 335 -7.88 -0.24 20.09
C VAL N 335 -6.76 0.50 19.37
N ASP N 336 -6.04 -0.19 18.49
CA ASP N 336 -5.00 0.43 17.68
C ASP N 336 -5.59 1.51 16.79
N ILE N 337 -6.83 1.31 16.34
CA ILE N 337 -7.55 2.34 15.62
C ILE N 337 -7.89 3.52 16.53
N LEU N 338 -8.22 3.26 17.79
CA LEU N 338 -8.70 4.30 18.69
C LEU N 338 -7.66 5.40 18.86
N ASP N 339 -8.13 6.63 18.85
CA ASP N 339 -7.25 7.79 18.99
C ASP N 339 -6.63 7.79 20.38
N PRO N 340 -5.31 7.92 20.50
CA PRO N 340 -4.69 7.90 21.83
C PRO N 340 -5.13 9.04 22.74
N ALA N 341 -5.58 10.16 22.15
CA ALA N 341 -6.04 11.28 22.98
C ALA N 341 -7.35 10.96 23.68
N LEU N 342 -8.00 9.85 23.31
CA LEU N 342 -9.23 9.47 23.99
C LEU N 342 -8.94 8.90 25.38
N LEU N 343 -7.91 8.06 25.50
CA LEU N 343 -7.58 7.47 26.78
C LEU N 343 -7.13 8.51 27.79
N ARG N 344 -5.96 9.12 27.55
CA ARG N 344 -5.38 10.15 28.40
C ARG N 344 -5.52 9.85 29.89
N SER N 345 -5.77 10.88 30.70
CA SER N 345 -5.82 10.76 32.15
C SER N 345 -7.16 11.17 32.73
N GLY N 346 -7.76 12.26 32.25
CA GLY N 346 -9.07 12.67 32.73
C GLY N 346 -10.23 11.94 32.08
N ARG N 347 -10.03 11.44 30.87
CA ARG N 347 -11.04 10.74 30.11
C ARG N 347 -11.00 9.25 30.46
N LEU N 348 -11.59 8.41 29.61
CA LEU N 348 -11.61 6.97 29.83
C LEU N 348 -10.23 6.43 30.17
N ASP N 349 -10.07 5.91 31.39
CA ASP N 349 -8.82 5.32 31.83
C ASP N 349 -8.87 3.81 32.04
N ARG N 350 -9.96 3.30 32.63
CA ARG N 350 -10.04 1.87 32.94
C ARG N 350 -10.22 1.09 31.65
N LYS N 351 -9.08 0.81 31.01
CA LYS N 351 -9.04 -0.02 29.82
C LYS N 351 -9.24 -1.46 30.26
N ILE N 352 -10.50 -1.82 30.45
CA ILE N 352 -10.82 -3.16 30.95
C ILE N 352 -10.59 -4.17 29.83
N GLU N 353 -9.56 -4.98 29.99
CA GLU N 353 -9.20 -6.01 29.03
C GLU N 353 -10.25 -7.12 29.01
N PHE N 354 -10.74 -7.43 27.81
CA PHE N 354 -11.59 -8.60 27.62
C PHE N 354 -10.80 -9.65 26.87
N PRO N 355 -10.33 -10.70 27.52
CA PRO N 355 -9.50 -11.69 26.85
C PRO N 355 -10.32 -12.78 26.17
N MET N 356 -9.67 -13.49 25.27
CA MET N 356 -10.28 -14.66 24.67
C MET N 356 -10.54 -15.69 25.78
N PRO N 357 -11.72 -16.29 25.84
CA PRO N 357 -12.02 -17.20 26.96
C PRO N 357 -11.05 -18.36 27.02
N ASN N 358 -10.65 -18.72 28.23
CA ASN N 358 -9.80 -19.87 28.42
C ASN N 358 -10.66 -21.12 28.61
N GLU N 359 -10.00 -22.23 28.98
CA GLU N 359 -10.70 -23.52 29.07
C GLU N 359 -11.88 -23.44 30.03
N GLU N 360 -11.63 -22.96 31.25
CA GLU N 360 -12.72 -22.83 32.22
C GLU N 360 -13.77 -21.84 31.74
N ALA N 361 -13.34 -20.73 31.15
CA ALA N 361 -14.29 -19.74 30.65
C ALA N 361 -15.14 -20.33 29.54
N ARG N 362 -14.52 -21.06 28.60
CA ARG N 362 -15.29 -21.65 27.52
C ARG N 362 -16.27 -22.69 28.04
N ALA N 363 -15.85 -23.54 28.98
CA ALA N 363 -16.76 -24.51 29.55
C ALA N 363 -17.93 -23.83 30.24
N ARG N 364 -17.66 -22.76 30.99
CA ARG N 364 -18.73 -22.03 31.66
C ARG N 364 -19.69 -21.40 30.66
N ILE N 365 -19.15 -20.86 29.55
CA ILE N 365 -20.00 -20.23 28.55
C ILE N 365 -20.91 -21.27 27.90
N MET N 366 -20.34 -22.43 27.56
CA MET N 366 -21.17 -23.49 26.98
C MET N 366 -22.24 -23.97 27.97
N GLN N 367 -21.89 -24.03 29.26
CA GLN N 367 -22.89 -24.39 30.26
C GLN N 367 -24.00 -23.35 30.33
N ILE N 368 -23.63 -22.06 30.25
CA ILE N 368 -24.64 -21.00 30.31
C ILE N 368 -25.58 -21.06 29.13
N HIS N 369 -25.04 -21.21 27.92
CA HIS N 369 -25.85 -21.15 26.72
C HIS N 369 -26.54 -22.47 26.40
N SER N 370 -26.28 -23.52 27.18
CA SER N 370 -27.00 -24.77 27.07
C SER N 370 -28.00 -24.97 28.20
N ARG N 371 -28.20 -23.94 29.04
CA ARG N 371 -29.10 -24.08 30.18
C ARG N 371 -30.55 -24.28 29.72
N LYS N 372 -30.96 -23.58 28.67
CA LYS N 372 -32.34 -23.66 28.21
C LYS N 372 -32.62 -24.90 27.40
N MET N 373 -31.59 -25.65 26.99
CA MET N 373 -31.74 -26.79 26.10
C MET N 373 -31.65 -28.10 26.88
N ASN N 374 -32.39 -29.09 26.42
CA ASN N 374 -32.36 -30.42 27.02
C ASN N 374 -31.07 -31.12 26.64
N VAL N 375 -30.14 -31.23 27.58
CA VAL N 375 -28.79 -31.71 27.33
C VAL N 375 -28.54 -32.96 28.17
N SER N 376 -27.87 -33.93 27.57
CA SER N 376 -27.56 -35.17 28.29
C SER N 376 -26.63 -34.87 29.47
N PRO N 377 -26.75 -35.61 30.57
CA PRO N 377 -25.81 -35.42 31.68
C PRO N 377 -24.42 -35.91 31.35
N ASP N 378 -24.29 -36.66 30.25
CA ASP N 378 -23.03 -37.29 29.86
C ASP N 378 -22.11 -36.36 29.08
N VAL N 379 -22.55 -35.14 28.77
CA VAL N 379 -21.71 -34.21 28.03
C VAL N 379 -20.57 -33.76 28.91
N ASN N 380 -19.34 -33.85 28.39
CA ASN N 380 -18.14 -33.45 29.12
C ASN N 380 -17.72 -32.08 28.60
N TYR N 381 -18.17 -31.03 29.29
CA TYR N 381 -17.87 -29.68 28.85
C TYR N 381 -16.39 -29.37 28.94
N GLU N 382 -15.66 -30.04 29.83
CA GLU N 382 -14.21 -29.87 29.87
C GLU N 382 -13.57 -30.34 28.58
N GLU N 383 -14.02 -31.49 28.05
CA GLU N 383 -13.50 -31.96 26.77
C GLU N 383 -13.87 -31.01 25.64
N LEU N 384 -15.09 -30.46 25.68
CA LEU N 384 -15.50 -29.50 24.67
C LEU N 384 -14.61 -28.26 24.71
N ALA N 385 -14.31 -27.77 25.91
CA ALA N 385 -13.47 -26.58 26.03
C ALA N 385 -12.07 -26.82 25.45
N ARG N 386 -11.52 -28.01 25.66
CA ARG N 386 -10.24 -28.35 25.05
C ARG N 386 -10.35 -28.35 23.53
N CYS N 387 -11.46 -28.84 23.00
CA CYS N 387 -11.65 -28.97 21.56
C CYS N 387 -11.92 -27.65 20.87
N THR N 388 -12.13 -26.57 21.62
CA THR N 388 -12.48 -25.27 21.06
C THR N 388 -11.44 -24.20 21.40
N ASP N 389 -10.16 -24.51 21.20
CA ASP N 389 -9.13 -23.51 21.39
C ASP N 389 -9.36 -22.35 20.43
N ASP N 390 -9.05 -21.14 20.89
CA ASP N 390 -9.20 -19.91 20.10
C ASP N 390 -10.65 -19.67 19.70
N PHE N 391 -11.57 -19.96 20.62
CA PHE N 391 -13.00 -19.68 20.45
C PHE N 391 -13.40 -18.56 21.38
N ASN N 392 -14.08 -17.56 20.85
CA ASN N 392 -14.62 -16.51 21.69
C ASN N 392 -15.98 -16.94 22.25
N GLY N 393 -16.56 -16.09 23.10
CA GLY N 393 -17.83 -16.42 23.70
C GLY N 393 -18.94 -16.59 22.68
N ALA N 394 -18.93 -15.75 21.65
CA ALA N 394 -19.91 -15.87 20.58
C ALA N 394 -19.77 -17.21 19.87
N GLN N 395 -18.53 -17.65 19.64
CA GLN N 395 -18.32 -18.94 19.00
C GLN N 395 -18.78 -20.09 19.89
N CYS N 396 -18.62 -19.97 21.20
CA CYS N 396 -19.13 -21.02 22.09
C CYS N 396 -20.65 -21.06 22.11
N LYS N 397 -21.29 -19.89 22.10
CA LYS N 397 -22.74 -19.86 22.00
C LYS N 397 -23.21 -20.46 20.70
N ALA N 398 -22.51 -20.16 19.60
CA ALA N 398 -22.83 -20.78 18.32
C ALA N 398 -22.59 -22.29 18.36
N VAL N 399 -21.59 -22.73 19.12
CA VAL N 399 -21.37 -24.16 19.28
C VAL N 399 -22.58 -24.81 19.93
N CYS N 400 -23.09 -24.20 21.00
CA CYS N 400 -24.28 -24.75 21.66
C CYS N 400 -25.49 -24.74 20.72
N VAL N 401 -25.68 -23.65 19.99
CA VAL N 401 -26.84 -23.54 19.09
C VAL N 401 -26.75 -24.57 17.98
N GLU N 402 -25.56 -24.74 17.38
CA GLU N 402 -25.39 -25.69 16.30
C GLU N 402 -25.50 -27.12 16.83
N ALA N 403 -25.06 -27.36 18.05
CA ALA N 403 -25.29 -28.67 18.66
C ALA N 403 -26.77 -28.95 18.81
N GLY N 404 -27.54 -27.94 19.23
CA GLY N 404 -28.98 -28.10 19.31
C GLY N 404 -29.61 -28.42 17.97
N MET N 405 -29.19 -27.71 16.93
CA MET N 405 -29.74 -27.97 15.60
C MET N 405 -29.31 -29.32 15.05
N ILE N 406 -28.09 -29.76 15.35
CA ILE N 406 -27.67 -31.09 14.91
C ILE N 406 -28.47 -32.16 15.63
N ALA N 407 -28.78 -31.94 16.91
CA ALA N 407 -29.67 -32.86 17.60
C ALA N 407 -31.06 -32.87 16.98
N LEU N 408 -31.56 -31.69 16.61
CA LEU N 408 -32.89 -31.59 16.03
C LEU N 408 -32.93 -32.24 14.64
N ARG N 409 -31.81 -32.19 13.91
CA ARG N 409 -31.76 -32.77 12.58
C ARG N 409 -31.99 -34.27 12.62
N ARG N 410 -31.38 -34.95 13.60
CA ARG N 410 -31.57 -36.38 13.78
C ARG N 410 -32.89 -36.73 14.45
N GLY N 411 -33.68 -35.73 14.83
CA GLY N 411 -34.88 -35.99 15.59
C GLY N 411 -34.61 -36.53 16.98
N ALA N 412 -33.52 -36.08 17.60
CA ALA N 412 -33.17 -36.51 18.95
C ALA N 412 -33.85 -35.59 19.96
N THR N 413 -34.47 -36.19 20.97
CA THR N 413 -35.12 -35.38 22.01
C THR N 413 -34.13 -34.69 22.92
N GLU N 414 -32.90 -35.21 23.01
CA GLU N 414 -31.91 -34.68 23.93
C GLU N 414 -30.55 -34.61 23.23
N LEU N 415 -29.75 -33.64 23.64
CA LEU N 415 -28.45 -33.43 23.00
C LEU N 415 -27.43 -34.45 23.52
N THR N 416 -26.35 -34.60 22.77
CA THR N 416 -25.28 -35.52 23.12
C THR N 416 -23.93 -34.82 22.96
N HIS N 417 -22.90 -35.45 23.53
CA HIS N 417 -21.55 -34.89 23.41
C HIS N 417 -21.10 -34.86 21.96
N GLU N 418 -21.40 -35.91 21.20
CA GLU N 418 -21.01 -35.94 19.79
C GLU N 418 -21.75 -34.87 19.01
N ASP N 419 -22.97 -34.54 19.40
CA ASP N 419 -23.67 -33.42 18.79
C ASP N 419 -22.91 -32.11 19.05
N TYR N 420 -22.37 -31.96 20.25
CA TYR N 420 -21.59 -30.76 20.56
C TYR N 420 -20.31 -30.71 19.74
N MET N 421 -19.64 -31.86 19.58
CA MET N 421 -18.42 -31.88 18.77
C MET N 421 -18.73 -31.56 17.31
N GLU N 422 -19.83 -32.10 16.78
CA GLU N 422 -20.23 -31.77 15.43
C GLU N 422 -20.57 -30.30 15.30
N GLY N 423 -21.22 -29.72 16.31
CA GLY N 423 -21.48 -28.29 16.29
C GLY N 423 -20.20 -27.46 16.33
N ILE N 424 -19.21 -27.93 17.08
CA ILE N 424 -17.89 -27.29 17.08
C ILE N 424 -17.31 -27.30 15.68
N LEU N 425 -17.43 -28.43 15.00
CA LEU N 425 -16.96 -28.51 13.61
C LEU N 425 -17.71 -27.54 12.71
N GLU N 426 -19.03 -27.45 12.88
CA GLU N 426 -19.84 -26.62 12.00
C GLU N 426 -19.67 -25.13 12.26
N VAL N 427 -19.24 -24.75 13.47
CA VAL N 427 -19.06 -23.35 13.78
C VAL N 427 -17.97 -22.73 12.89
N GLN N 428 -16.86 -23.45 12.72
CA GLN N 428 -15.75 -22.99 11.88
C GLN N 428 -15.88 -23.47 10.44
N ALA N 429 -17.08 -23.85 10.01
CA ALA N 429 -17.38 -24.32 8.66
C ALA N 429 -16.61 -25.56 8.26
N LYS N 430 -15.95 -26.23 9.21
CA LYS N 430 -15.21 -27.44 8.89
C LYS N 430 -16.15 -28.62 8.68
N LYS N 431 -15.75 -29.52 7.78
CA LYS N 431 -16.51 -30.73 7.50
C LYS N 431 -15.59 -31.92 7.69
N LYS N 432 -16.06 -32.91 8.43
CA LYS N 432 -15.27 -34.10 8.73
C LYS N 432 -15.70 -35.24 7.82
N ALA N 433 -14.72 -35.91 7.22
CA ALA N 433 -14.96 -37.08 6.38
C ALA N 433 -14.00 -38.18 6.80
N ASN N 434 -14.33 -39.41 6.39
CA ASN N 434 -13.48 -40.55 6.68
C ASN N 434 -12.32 -40.55 5.69
N LEU N 435 -11.21 -39.96 6.11
CA LEU N 435 -10.02 -39.93 5.25
C LEU N 435 -9.49 -41.33 5.03
N GLN N 436 -9.07 -41.60 3.80
CA GLN N 436 -8.64 -42.92 3.38
C GLN N 436 -7.26 -43.29 3.89
N TYR N 437 -6.54 -42.33 4.47
CA TYR N 437 -5.24 -42.61 5.05
C TYR N 437 -5.21 -42.43 6.56
N TYR N 438 -6.34 -42.21 7.20
CA TYR N 438 -6.42 -42.00 8.63
C TYR N 438 -7.21 -43.15 9.25
N ALA N 439 -6.51 -44.20 9.63
CA ALA N 439 -7.16 -45.38 10.16
C ALA N 439 -6.49 -45.85 11.44
N ARG O 5 -4.89 -23.07 4.24
CA ARG O 5 -4.36 -24.36 3.80
C ARG O 5 -3.02 -24.19 3.10
N SER O 6 -2.86 -23.06 2.41
CA SER O 6 -1.66 -22.82 1.61
C SER O 6 -0.39 -22.84 2.46
N GLU O 7 -0.50 -22.57 3.77
CA GLU O 7 0.65 -22.63 4.65
C GLU O 7 0.87 -23.99 5.28
N TYR O 8 -0.07 -24.93 5.09
CA TYR O 8 0.01 -26.25 5.68
C TYR O 8 0.20 -27.35 4.65
N ASP O 9 0.10 -27.04 3.34
CA ASP O 9 0.13 -28.04 2.30
C ASP O 9 1.43 -28.01 1.49
N ARG O 10 2.47 -27.38 2.01
CA ARG O 10 3.74 -27.25 1.31
C ARG O 10 4.77 -28.27 1.81
N GLY O 11 4.33 -29.44 2.22
CA GLY O 11 5.24 -30.45 2.71
C GLY O 11 4.55 -31.57 3.46
N VAL O 12 5.12 -32.78 3.39
CA VAL O 12 4.57 -33.92 4.10
C VAL O 12 4.85 -33.90 5.59
N ASN O 13 5.73 -33.01 6.04
CA ASN O 13 6.12 -32.94 7.44
C ASN O 13 5.27 -31.97 8.24
N THR O 14 4.28 -31.34 7.63
CA THR O 14 3.45 -30.34 8.28
C THR O 14 2.04 -30.88 8.49
N PHE O 15 1.52 -30.68 9.70
CA PHE O 15 0.18 -31.12 10.07
C PHE O 15 -0.78 -29.95 9.97
N SER O 16 -1.93 -30.19 9.33
CA SER O 16 -3.00 -29.21 9.33
C SER O 16 -3.66 -29.17 10.71
N PRO O 17 -4.34 -28.07 11.04
CA PRO O 17 -5.11 -28.04 12.29
C PRO O 17 -6.11 -29.19 12.39
N GLU O 18 -6.68 -29.62 11.26
CA GLU O 18 -7.53 -30.79 11.26
C GLU O 18 -6.73 -32.08 11.44
N GLY O 19 -5.41 -31.98 11.52
CA GLY O 19 -4.55 -33.14 11.62
C GLY O 19 -4.20 -33.78 10.30
N ARG O 20 -4.83 -33.35 9.21
CA ARG O 20 -4.58 -33.95 7.91
C ARG O 20 -3.22 -33.54 7.37
N LEU O 21 -2.57 -34.45 6.65
CA LEU O 21 -1.37 -34.13 5.89
C LEU O 21 -1.82 -33.69 4.51
N PHE O 22 -1.79 -32.38 4.26
CA PHE O 22 -2.29 -31.87 2.99
C PHE O 22 -1.23 -31.99 1.91
N GLN O 23 -0.57 -33.13 1.84
CA GLN O 23 0.23 -33.53 0.69
C GLN O 23 -0.03 -34.95 0.25
N VAL O 24 -0.44 -35.84 1.16
CA VAL O 24 -0.92 -37.16 0.75
C VAL O 24 -2.21 -37.03 -0.03
N GLU O 25 -3.12 -36.17 0.42
CA GLU O 25 -4.39 -36.00 -0.29
C GLU O 25 -4.18 -35.48 -1.70
N TYR O 26 -3.17 -34.63 -1.90
CA TYR O 26 -2.84 -34.20 -3.24
C TYR O 26 -2.32 -35.36 -4.08
N ALA O 27 -1.59 -36.28 -3.46
CA ALA O 27 -1.16 -37.49 -4.17
C ALA O 27 -2.36 -38.35 -4.55
N ILE O 28 -3.37 -38.43 -3.69
CA ILE O 28 -4.60 -39.13 -4.06
C ILE O 28 -5.27 -38.43 -5.24
N GLU O 29 -5.22 -37.09 -5.25
CA GLU O 29 -5.75 -36.35 -6.38
C GLU O 29 -4.96 -36.67 -7.65
N ALA O 30 -3.67 -36.98 -7.50
CA ALA O 30 -2.86 -37.32 -8.67
C ALA O 30 -3.33 -38.60 -9.34
N ILE O 31 -3.73 -39.59 -8.55
CA ILE O 31 -4.19 -40.86 -9.12
C ILE O 31 -5.50 -40.68 -9.88
N LYS O 32 -6.22 -39.60 -9.61
CA LYS O 32 -7.47 -39.34 -10.31
C LYS O 32 -7.25 -38.87 -11.73
N LEU O 33 -6.02 -38.52 -12.10
CA LEU O 33 -5.68 -38.11 -13.46
C LEU O 33 -5.30 -39.27 -14.35
N GLY O 34 -5.20 -40.47 -13.81
CA GLY O 34 -4.93 -41.66 -14.60
C GLY O 34 -6.20 -42.30 -15.12
N SER O 35 -6.02 -43.15 -16.12
CA SER O 35 -7.16 -43.83 -16.73
C SER O 35 -7.73 -44.87 -15.78
N THR O 36 -9.03 -45.12 -15.92
CA THR O 36 -9.74 -45.98 -15.00
C THR O 36 -9.22 -47.41 -15.06
N ALA O 37 -9.01 -48.01 -13.89
CA ALA O 37 -8.62 -49.41 -13.77
C ALA O 37 -9.61 -50.12 -12.88
N ILE O 38 -10.09 -51.27 -13.34
CA ILE O 38 -11.13 -52.02 -12.65
C ILE O 38 -10.63 -53.44 -12.38
N GLY O 39 -10.74 -53.86 -11.13
CA GLY O 39 -10.40 -55.23 -10.76
C GLY O 39 -11.50 -55.87 -9.97
N ILE O 40 -11.84 -57.12 -10.28
CA ILE O 40 -12.90 -57.86 -9.60
C ILE O 40 -12.32 -59.17 -9.10
N GLN O 41 -12.55 -59.48 -7.82
CA GLN O 41 -12.09 -60.72 -7.22
C GLN O 41 -13.27 -61.66 -7.06
N THR O 42 -13.21 -62.80 -7.74
CA THR O 42 -14.23 -63.83 -7.65
C THR O 42 -13.59 -65.13 -7.20
N SER O 43 -14.44 -66.12 -6.88
CA SER O 43 -13.93 -67.41 -6.44
C SER O 43 -13.15 -68.10 -7.55
N GLU O 44 -13.57 -67.89 -8.80
CA GLU O 44 -12.88 -68.53 -9.93
C GLU O 44 -11.57 -67.84 -10.27
N GLY O 45 -11.38 -66.60 -9.84
CA GLY O 45 -10.14 -65.90 -10.13
C GLY O 45 -10.32 -64.40 -9.98
N VAL O 46 -9.31 -63.66 -10.42
CA VAL O 46 -9.28 -62.21 -10.35
C VAL O 46 -9.10 -61.66 -11.76
N CYS O 47 -9.94 -60.70 -12.13
CA CYS O 47 -9.86 -60.05 -13.43
C CYS O 47 -9.47 -58.59 -13.26
N LEU O 48 -8.70 -58.07 -14.21
CA LEU O 48 -8.26 -56.68 -14.18
C LEU O 48 -8.51 -56.06 -15.55
N ALA O 49 -9.37 -55.04 -15.58
CA ALA O 49 -9.67 -54.31 -16.80
C ALA O 49 -9.35 -52.84 -16.61
N VAL O 50 -8.70 -52.23 -17.60
CA VAL O 50 -8.28 -50.84 -17.53
C VAL O 50 -8.66 -50.16 -18.84
N GLU O 51 -8.52 -48.84 -18.86
CA GLU O 51 -8.66 -48.02 -20.04
C GLU O 51 -7.28 -47.67 -20.58
N LYS O 52 -7.06 -47.94 -21.87
CA LYS O 52 -5.74 -47.68 -22.45
C LYS O 52 -5.40 -46.19 -22.41
N ARG O 53 -6.34 -45.33 -22.78
CA ARG O 53 -6.10 -43.91 -22.96
C ARG O 53 -4.94 -43.71 -23.95
N ILE O 54 -5.21 -44.09 -25.21
CA ILE O 54 -4.22 -43.87 -26.25
C ILE O 54 -4.23 -42.40 -26.64
N THR O 55 -3.05 -41.85 -26.93
CA THR O 55 -2.94 -40.45 -27.32
C THR O 55 -2.54 -40.27 -28.76
N SER O 56 -1.95 -41.29 -29.38
CA SER O 56 -1.54 -41.22 -30.76
C SER O 56 -1.51 -42.62 -31.35
N PRO O 57 -2.00 -42.81 -32.57
CA PRO O 57 -1.94 -44.15 -33.19
C PRO O 57 -0.53 -44.61 -33.46
N LEU O 58 0.45 -43.71 -33.53
CA LEU O 58 1.82 -44.12 -33.80
C LEU O 58 2.46 -44.79 -32.59
N MET O 59 2.04 -44.44 -31.39
CA MET O 59 2.58 -45.08 -30.20
C MET O 59 2.21 -46.55 -30.18
N GLU O 60 3.16 -47.38 -29.80
CA GLU O 60 2.90 -48.81 -29.69
C GLU O 60 1.95 -49.06 -28.52
N PRO O 61 0.83 -49.75 -28.74
CA PRO O 61 -0.12 -49.95 -27.63
C PRO O 61 0.48 -50.70 -26.46
N SER O 62 1.42 -51.60 -26.71
CA SER O 62 2.06 -52.34 -25.63
C SER O 62 3.12 -51.52 -24.91
N SER O 63 3.45 -50.33 -25.40
CA SER O 63 4.50 -49.54 -24.78
C SER O 63 4.10 -49.06 -23.39
N ILE O 64 2.91 -48.47 -23.27
CA ILE O 64 2.45 -48.00 -21.97
C ILE O 64 1.97 -49.19 -21.16
N GLU O 65 2.25 -49.18 -19.87
CA GLU O 65 1.97 -50.32 -18.99
C GLU O 65 0.91 -49.93 -17.98
N LYS O 66 -0.25 -50.58 -18.08
CA LYS O 66 -1.31 -50.46 -17.08
C LYS O 66 -1.47 -51.72 -16.25
N ILE O 67 -1.46 -52.89 -16.88
CA ILE O 67 -1.39 -54.16 -16.18
C ILE O 67 -0.03 -54.79 -16.50
N VAL O 68 0.66 -55.26 -15.46
CA VAL O 68 1.99 -55.83 -15.61
C VAL O 68 2.05 -57.15 -14.85
N GLU O 69 3.10 -57.92 -15.14
CA GLU O 69 3.37 -59.17 -14.45
C GLU O 69 4.27 -58.87 -13.26
N ILE O 70 3.67 -58.72 -12.09
CA ILE O 70 4.47 -58.68 -10.86
C ILE O 70 5.13 -60.02 -10.63
N ASP O 71 4.38 -61.10 -10.81
CA ASP O 71 4.90 -62.46 -10.70
C ASP O 71 4.02 -63.35 -11.55
N ALA O 72 4.37 -64.64 -11.61
CA ALA O 72 3.58 -65.58 -12.38
C ALA O 72 2.16 -65.71 -11.86
N HIS O 73 1.91 -65.32 -10.62
CA HIS O 73 0.60 -65.46 -10.00
C HIS O 73 -0.01 -64.15 -9.51
N ILE O 74 0.67 -63.02 -9.70
CA ILE O 74 0.15 -61.72 -9.28
C ILE O 74 0.26 -60.75 -10.44
N GLY O 75 -0.83 -60.04 -10.73
CA GLY O 75 -0.83 -58.95 -11.69
C GLY O 75 -1.21 -57.67 -11.00
N CYS O 76 -0.70 -56.55 -11.50
CA CYS O 76 -0.93 -55.24 -10.90
C CYS O 76 -1.55 -54.29 -11.92
N ALA O 77 -2.56 -53.54 -11.48
CA ALA O 77 -3.22 -52.56 -12.32
C ALA O 77 -2.83 -51.16 -11.85
N MET O 78 -2.50 -50.29 -12.79
CA MET O 78 -1.91 -48.99 -12.52
C MET O 78 -2.93 -47.88 -12.67
N SER O 79 -2.73 -46.79 -11.93
CA SER O 79 -3.45 -45.54 -12.16
C SER O 79 -2.66 -44.42 -11.48
N GLY O 80 -2.18 -43.48 -12.27
CA GLY O 80 -1.48 -42.34 -11.72
C GLY O 80 -0.19 -41.99 -12.46
N LEU O 81 0.82 -41.55 -11.72
CA LEU O 81 2.08 -41.18 -12.31
C LEU O 81 2.80 -42.40 -12.87
N ILE O 82 3.37 -42.27 -14.06
CA ILE O 82 4.04 -43.40 -14.69
C ILE O 82 5.33 -43.74 -13.96
N LYS O 83 6.12 -42.73 -13.59
CA LYS O 83 7.41 -42.98 -12.96
C LYS O 83 7.25 -43.66 -11.61
N ASP O 84 6.35 -43.12 -10.77
CA ASP O 84 6.12 -43.72 -9.46
C ASP O 84 5.58 -45.13 -9.59
N ALA O 85 4.67 -45.34 -10.55
CA ALA O 85 4.13 -46.68 -10.78
C ALA O 85 5.22 -47.65 -11.19
N LYS O 86 6.12 -47.22 -12.08
CA LYS O 86 7.21 -48.10 -12.51
C LYS O 86 8.12 -48.43 -11.34
N THR O 87 8.44 -47.44 -10.51
CA THR O 87 9.28 -47.71 -9.34
C THR O 87 8.62 -48.71 -8.40
N LEU O 88 7.33 -48.50 -8.12
CA LEU O 88 6.61 -49.39 -7.20
C LEU O 88 6.49 -50.79 -7.78
N ILE O 89 6.25 -50.91 -9.08
CA ILE O 89 6.10 -52.21 -9.72
C ILE O 89 7.43 -52.95 -9.73
N ASP O 90 8.53 -52.25 -10.00
CA ASP O 90 9.85 -52.88 -9.93
C ASP O 90 10.15 -53.32 -8.51
N LYS O 91 9.76 -52.53 -7.51
CA LYS O 91 9.95 -52.94 -6.13
C LYS O 91 9.15 -54.19 -5.82
N ALA O 92 7.92 -54.28 -6.33
CA ALA O 92 7.11 -55.47 -6.12
C ALA O 92 7.77 -56.70 -6.74
N ARG O 93 8.27 -56.55 -7.97
CA ARG O 93 8.94 -57.68 -8.63
C ARG O 93 10.18 -58.11 -7.85
N VAL O 94 11.00 -57.14 -7.43
CA VAL O 94 12.22 -57.46 -6.70
C VAL O 94 11.88 -58.14 -5.38
N GLU O 95 10.85 -57.66 -4.68
CA GLU O 95 10.49 -58.26 -3.41
C GLU O 95 9.92 -59.65 -3.57
N THR O 96 9.13 -59.89 -4.62
CA THR O 96 8.61 -61.23 -4.83
C THR O 96 9.73 -62.20 -5.20
N GLN O 97 10.72 -61.73 -5.96
CA GLN O 97 11.87 -62.57 -6.25
C GLN O 97 12.68 -62.84 -4.99
N ASN O 98 12.81 -61.83 -4.12
CA ASN O 98 13.56 -62.02 -2.88
C ASN O 98 12.85 -63.03 -1.97
N HIS O 99 11.52 -62.94 -1.89
CA HIS O 99 10.78 -63.91 -1.09
C HIS O 99 10.92 -65.31 -1.64
N TRP O 100 10.84 -65.46 -2.97
CA TRP O 100 11.02 -66.79 -3.56
C TRP O 100 12.43 -67.31 -3.29
N PHE O 101 13.42 -66.42 -3.33
CA PHE O 101 14.81 -66.84 -3.08
C PHE O 101 14.98 -67.29 -1.64
N THR O 102 14.51 -66.49 -0.68
CA THR O 102 14.77 -66.77 0.72
C THR O 102 13.91 -67.89 1.28
N TYR O 103 12.64 -67.95 0.89
CA TYR O 103 11.71 -68.90 1.50
C TYR O 103 11.25 -70.01 0.55
N ASN O 104 11.68 -69.99 -0.71
CA ASN O 104 11.31 -71.02 -1.69
C ASN O 104 9.80 -71.16 -1.81
N GLU O 105 9.10 -70.03 -1.82
CA GLU O 105 7.66 -70.04 -1.96
C GLU O 105 7.21 -68.72 -2.58
N THR O 106 6.05 -68.77 -3.23
CA THR O 106 5.47 -67.58 -3.84
C THR O 106 4.84 -66.72 -2.74
N MET O 107 5.13 -65.42 -2.74
CA MET O 107 4.59 -64.55 -1.72
C MET O 107 3.09 -64.39 -1.89
N THR O 108 2.39 -64.28 -0.76
CA THR O 108 0.97 -63.98 -0.77
C THR O 108 0.76 -62.56 -1.31
N VAL O 109 -0.43 -62.34 -1.91
CA VAL O 109 -0.77 -61.01 -2.39
C VAL O 109 -0.74 -60.02 -1.24
N GLU O 110 -1.21 -60.44 -0.06
CA GLU O 110 -1.09 -59.63 1.15
C GLU O 110 0.35 -59.18 1.36
N SER O 111 1.29 -60.12 1.29
CA SER O 111 2.67 -59.80 1.66
C SER O 111 3.35 -58.94 0.61
N VAL O 112 3.09 -59.19 -0.67
CA VAL O 112 3.70 -58.35 -1.70
C VAL O 112 3.10 -56.95 -1.66
N THR O 113 1.80 -56.84 -1.39
CA THR O 113 1.19 -55.53 -1.25
C THR O 113 1.74 -54.79 -0.05
N GLN O 114 1.97 -55.51 1.06
CA GLN O 114 2.62 -54.92 2.23
C GLN O 114 4.04 -54.45 1.89
N ALA O 115 4.76 -55.24 1.10
CA ALA O 115 6.12 -54.85 0.72
C ALA O 115 6.12 -53.58 -0.11
N VAL O 116 5.17 -53.47 -1.05
CA VAL O 116 5.06 -52.24 -1.84
C VAL O 116 4.67 -51.06 -0.94
N SER O 117 3.74 -51.29 -0.01
CA SER O 117 3.32 -50.21 0.88
C SER O 117 4.45 -49.78 1.80
N ASN O 118 5.39 -50.68 2.08
CA ASN O 118 6.56 -50.31 2.87
C ASN O 118 7.38 -49.24 2.16
N LEU O 119 7.57 -49.39 0.85
CA LEU O 119 8.23 -48.34 0.07
C LEU O 119 7.36 -47.11 -0.04
N ALA O 120 6.05 -47.29 -0.19
CA ALA O 120 5.14 -46.16 -0.29
C ALA O 120 5.03 -45.36 1.01
N LEU O 121 5.41 -45.94 2.15
CA LEU O 121 5.40 -45.26 3.43
C LEU O 121 6.56 -44.30 3.62
N GLN O 122 7.68 -44.53 2.95
CA GLN O 122 8.86 -43.69 3.15
C GLN O 122 8.77 -42.43 2.31
N PHE O 123 7.77 -41.60 2.58
CA PHE O 123 7.61 -40.33 1.88
C PHE O 123 8.13 -39.14 2.68
N GLY O 124 9.27 -39.31 3.35
CA GLY O 124 9.82 -38.27 4.18
C GLY O 124 10.12 -38.73 5.60
N GLU O 125 10.39 -40.03 5.75
CA GLU O 125 10.69 -40.62 7.05
C GLU O 125 12.19 -40.75 7.29
N GLU O 126 13.00 -39.93 6.61
CA GLU O 126 14.45 -39.90 6.79
C GLU O 126 15.08 -41.28 6.60
N ASP O 127 14.75 -41.89 5.47
CA ASP O 127 15.28 -43.21 5.09
C ASP O 127 14.97 -44.28 6.14
N SER O 134 11.24 -37.42 0.63
CA SER O 134 10.81 -37.04 -0.71
C SER O 134 9.32 -36.68 -0.72
N ARG O 135 8.57 -37.30 -1.61
CA ARG O 135 7.15 -37.06 -1.80
C ARG O 135 6.42 -38.38 -1.88
N PRO O 136 5.13 -38.40 -1.57
CA PRO O 136 4.35 -39.64 -1.71
C PRO O 136 4.29 -40.10 -3.15
N PHE O 137 4.24 -41.40 -3.35
CA PHE O 137 4.14 -42.01 -4.68
C PHE O 137 2.73 -41.78 -5.21
N GLY O 138 2.57 -40.81 -6.11
CA GLY O 138 1.26 -40.48 -6.61
C GLY O 138 0.71 -41.51 -7.59
N VAL O 139 0.40 -42.71 -7.10
CA VAL O 139 -0.09 -43.78 -7.94
C VAL O 139 -0.82 -44.79 -7.05
N ALA O 140 -1.95 -45.28 -7.54
CA ALA O 140 -2.70 -46.34 -6.88
C ALA O 140 -2.54 -47.64 -7.66
N LEU O 141 -2.25 -48.72 -6.95
CA LEU O 141 -2.03 -50.02 -7.56
C LEU O 141 -3.12 -51.00 -7.15
N LEU O 142 -3.59 -51.77 -8.11
CA LEU O 142 -4.56 -52.83 -7.86
C LEU O 142 -3.85 -54.17 -8.02
N PHE O 143 -3.51 -54.80 -6.91
CA PHE O 143 -2.80 -56.07 -6.93
C PHE O 143 -3.80 -57.21 -6.94
N GLY O 144 -3.80 -57.98 -8.01
CA GLY O 144 -4.71 -59.11 -8.13
C GLY O 144 -3.98 -60.40 -8.43
N GLY O 145 -4.34 -61.47 -7.74
CA GLY O 145 -3.69 -62.75 -7.97
C GLY O 145 -4.28 -63.81 -7.07
N VAL O 146 -3.76 -65.02 -7.24
CA VAL O 146 -4.18 -66.18 -6.45
C VAL O 146 -3.01 -66.62 -5.58
N ASP O 147 -3.33 -67.19 -4.42
CA ASP O 147 -2.33 -67.64 -3.46
C ASP O 147 -2.91 -68.82 -2.69
N GLU O 148 -2.23 -69.21 -1.60
CA GLU O 148 -2.72 -70.31 -0.78
C GLU O 148 -4.08 -70.02 -0.17
N LYS O 149 -4.45 -68.75 -0.04
CA LYS O 149 -5.76 -68.35 0.43
C LYS O 149 -6.78 -68.27 -0.70
N GLY O 150 -6.33 -68.40 -1.94
CA GLY O 150 -7.21 -68.28 -3.08
C GLY O 150 -7.00 -66.98 -3.83
N PRO O 151 -7.81 -66.75 -4.86
CA PRO O 151 -7.71 -65.48 -5.59
C PRO O 151 -7.99 -64.30 -4.67
N GLN O 152 -7.16 -63.26 -4.79
CA GLN O 152 -7.27 -62.09 -3.93
C GLN O 152 -7.01 -60.84 -4.74
N LEU O 153 -7.64 -59.74 -4.31
CA LEU O 153 -7.45 -58.44 -4.93
C LEU O 153 -7.16 -57.42 -3.84
N PHE O 154 -6.12 -56.61 -4.05
CA PHE O 154 -5.71 -55.62 -3.07
C PHE O 154 -5.47 -54.27 -3.74
N HIS O 155 -5.93 -53.21 -3.09
CA HIS O 155 -5.77 -51.86 -3.58
C HIS O 155 -4.85 -51.09 -2.65
N MET O 156 -3.90 -50.36 -3.23
CA MET O 156 -2.95 -49.56 -2.47
C MET O 156 -3.05 -48.11 -2.92
N ASP O 157 -2.99 -47.20 -1.97
CA ASP O 157 -3.07 -45.78 -2.25
C ASP O 157 -1.74 -45.10 -1.92
N PRO O 158 -1.54 -43.86 -2.38
CA PRO O 158 -0.23 -43.21 -2.17
C PRO O 158 0.23 -43.16 -0.72
N SER O 159 -0.70 -43.10 0.24
CA SER O 159 -0.31 -43.11 1.64
C SER O 159 0.27 -44.44 2.08
N GLY O 160 0.16 -45.48 1.25
CA GLY O 160 0.55 -46.81 1.65
C GLY O 160 -0.54 -47.62 2.32
N THR O 161 -1.71 -47.04 2.52
CA THR O 161 -2.84 -47.77 3.08
C THR O 161 -3.33 -48.78 2.06
N PHE O 162 -3.24 -50.05 2.40
CA PHE O 162 -3.63 -51.14 1.52
C PHE O 162 -4.69 -51.99 2.21
N VAL O 163 -5.67 -52.45 1.45
CA VAL O 163 -6.78 -53.20 2.01
C VAL O 163 -7.31 -54.17 0.95
N GLN O 164 -7.75 -55.34 1.39
CA GLN O 164 -8.39 -56.28 0.49
C GLN O 164 -9.71 -55.70 -0.01
N CYS O 165 -9.95 -55.82 -1.32
CA CYS O 165 -11.18 -55.34 -1.94
C CYS O 165 -11.77 -56.45 -2.79
N ASP O 166 -13.08 -56.61 -2.71
CA ASP O 166 -13.74 -57.59 -3.56
C ASP O 166 -13.75 -57.14 -5.01
N ALA O 167 -14.07 -55.88 -5.27
CA ALA O 167 -14.05 -55.35 -6.64
C ALA O 167 -13.79 -53.85 -6.54
N ARG O 168 -12.53 -53.45 -6.70
CA ARG O 168 -12.13 -52.06 -6.56
C ARG O 168 -11.90 -51.45 -7.94
N ALA O 169 -12.35 -50.21 -8.11
CA ALA O 169 -12.13 -49.44 -9.33
C ALA O 169 -11.34 -48.19 -8.98
N ILE O 170 -10.25 -47.95 -9.69
CA ILE O 170 -9.38 -46.80 -9.48
C ILE O 170 -9.18 -46.09 -10.81
N GLY O 171 -8.88 -44.79 -10.74
CA GLY O 171 -8.63 -44.04 -11.95
C GLY O 171 -9.46 -42.78 -12.07
N SER O 172 -9.63 -42.29 -13.31
CA SER O 172 -10.43 -41.09 -13.53
C SER O 172 -11.89 -41.33 -13.17
N ALA O 173 -12.43 -42.48 -13.54
CA ALA O 173 -13.83 -42.82 -13.30
C ALA O 173 -13.99 -43.76 -12.12
N SER O 174 -13.20 -43.57 -11.06
CA SER O 174 -13.25 -44.47 -9.92
C SER O 174 -14.61 -44.44 -9.25
N GLU O 175 -15.21 -43.26 -9.13
CA GLU O 175 -16.44 -43.12 -8.35
C GLU O 175 -17.61 -43.82 -9.04
N GLY O 176 -17.86 -43.47 -10.31
CA GLY O 176 -18.99 -44.07 -11.01
C GLY O 176 -18.82 -45.55 -11.25
N ALA O 177 -17.62 -45.96 -11.66
CA ALA O 177 -17.35 -47.38 -11.86
C ALA O 177 -17.49 -48.14 -10.54
N GLN O 178 -17.03 -47.54 -9.45
CA GLN O 178 -17.16 -48.19 -8.14
C GLN O 178 -18.62 -48.33 -7.75
N SER O 179 -19.44 -47.30 -7.98
CA SER O 179 -20.86 -47.39 -7.65
C SER O 179 -21.54 -48.48 -8.45
N SER O 180 -21.33 -48.51 -9.77
CA SER O 180 -21.92 -49.56 -10.58
C SER O 180 -21.39 -50.93 -10.20
N LEU O 181 -20.13 -51.00 -9.75
CA LEU O 181 -19.57 -52.25 -9.26
C LEU O 181 -20.30 -52.73 -8.02
N GLN O 182 -20.60 -51.82 -7.09
CA GLN O 182 -21.41 -52.18 -5.94
C GLN O 182 -22.76 -52.70 -6.37
N GLU O 183 -23.36 -52.06 -7.38
CA GLU O 183 -24.67 -52.52 -7.82
C GLU O 183 -24.63 -53.85 -8.56
N VAL O 184 -23.49 -54.23 -9.13
CA VAL O 184 -23.45 -55.36 -10.06
C VAL O 184 -22.68 -56.55 -9.50
N TYR O 185 -22.02 -56.41 -8.34
CA TYR O 185 -21.13 -57.44 -7.82
C TYR O 185 -21.84 -58.30 -6.79
N HIS O 186 -21.62 -59.61 -6.86
CA HIS O 186 -22.04 -60.53 -5.82
C HIS O 186 -20.97 -61.60 -5.66
N LYS O 187 -20.95 -62.23 -4.48
CA LYS O 187 -19.87 -63.13 -4.12
C LYS O 187 -19.86 -64.43 -4.91
N SER O 188 -21.00 -64.82 -5.48
CA SER O 188 -21.10 -66.07 -6.23
C SER O 188 -20.80 -65.87 -7.71
N MET O 189 -20.27 -64.72 -8.09
CA MET O 189 -19.93 -64.42 -9.47
C MET O 189 -18.78 -65.30 -9.94
N THR O 190 -18.88 -65.76 -11.19
CA THR O 190 -17.81 -66.53 -11.83
C THR O 190 -16.95 -65.59 -12.66
N LEU O 191 -15.87 -66.16 -13.22
CA LEU O 191 -14.91 -65.33 -13.96
C LEU O 191 -15.52 -64.74 -15.21
N LYS O 192 -16.30 -65.53 -15.96
CA LYS O 192 -16.84 -65.04 -17.23
C LYS O 192 -17.77 -63.86 -17.01
N GLU O 193 -18.70 -63.98 -16.06
CA GLU O 193 -19.61 -62.88 -15.77
C GLU O 193 -18.87 -61.71 -15.16
N ALA O 194 -17.79 -61.99 -14.41
CA ALA O 194 -16.96 -60.90 -13.91
C ALA O 194 -16.35 -60.10 -15.04
N ILE O 195 -15.81 -60.77 -16.05
CA ILE O 195 -15.23 -60.09 -17.20
C ILE O 195 -16.29 -59.30 -17.94
N LYS O 196 -17.46 -59.91 -18.14
CA LYS O 196 -18.53 -59.23 -18.86
C LYS O 196 -18.99 -57.99 -18.12
N SER O 197 -19.20 -58.09 -16.81
CA SER O 197 -19.66 -56.95 -16.03
C SER O 197 -18.60 -55.85 -15.97
N SER O 198 -17.33 -56.23 -15.82
CA SER O 198 -16.27 -55.23 -15.80
C SER O 198 -16.16 -54.51 -17.12
N LEU O 199 -16.29 -55.24 -18.23
CA LEU O 199 -16.24 -54.61 -19.55
C LEU O 199 -17.45 -53.69 -19.77
N ILE O 200 -18.63 -54.12 -19.31
CA ILE O 200 -19.81 -53.27 -19.41
C ILE O 200 -19.62 -51.98 -18.63
N ILE O 201 -19.09 -52.09 -17.42
CA ILE O 201 -18.86 -50.90 -16.60
C ILE O 201 -17.82 -50.00 -17.24
N LEU O 202 -16.76 -50.59 -17.81
CA LEU O 202 -15.76 -49.79 -18.50
C LEU O 202 -16.37 -49.05 -19.69
N LYS O 203 -17.22 -49.72 -20.47
CA LYS O 203 -17.87 -49.04 -21.59
C LYS O 203 -18.82 -47.97 -21.10
N GLN O 204 -19.35 -48.11 -19.88
CA GLN O 204 -20.25 -47.10 -19.34
C GLN O 204 -19.49 -45.84 -18.96
N VAL O 205 -18.25 -45.97 -18.52
CA VAL O 205 -17.51 -44.85 -17.94
C VAL O 205 -16.38 -44.40 -18.85
N MET O 206 -16.37 -44.89 -20.09
CA MET O 206 -15.30 -44.58 -21.04
C MET O 206 -15.80 -43.54 -22.03
N GLU O 207 -14.99 -42.50 -22.24
CA GLU O 207 -15.38 -41.43 -23.16
C GLU O 207 -15.48 -41.94 -24.58
N GLU O 208 -14.52 -42.74 -25.02
CA GLU O 208 -14.49 -43.28 -26.36
C GLU O 208 -15.26 -44.60 -26.43
N LYS O 209 -15.73 -44.94 -27.63
CA LYS O 209 -16.45 -46.19 -27.82
C LYS O 209 -15.52 -47.36 -27.53
N LEU O 210 -16.05 -48.36 -26.83
CA LEU O 210 -15.23 -49.50 -26.43
C LEU O 210 -14.89 -50.37 -27.64
N ASN O 211 -13.61 -50.70 -27.77
CA ASN O 211 -13.13 -51.61 -28.80
C ASN O 211 -11.96 -52.39 -28.22
N ALA O 212 -11.21 -53.06 -29.09
CA ALA O 212 -10.14 -53.94 -28.63
C ALA O 212 -8.80 -53.24 -28.51
N THR O 213 -8.67 -52.00 -28.96
CA THR O 213 -7.40 -51.29 -28.91
C THR O 213 -7.31 -50.26 -27.79
N ASN O 214 -8.43 -49.94 -27.15
CA ASN O 214 -8.45 -48.93 -26.10
C ASN O 214 -8.59 -49.51 -24.69
N ILE O 215 -8.53 -50.83 -24.53
CA ILE O 215 -8.46 -51.46 -23.22
C ILE O 215 -7.50 -52.63 -23.28
N GLU O 216 -7.01 -53.06 -22.12
CA GLU O 216 -6.33 -54.33 -21.97
C GLU O 216 -6.94 -55.06 -20.79
N LEU O 217 -7.19 -56.35 -20.97
CA LEU O 217 -7.84 -57.19 -19.97
C LEU O 217 -6.84 -58.24 -19.50
N ALA O 218 -6.82 -58.49 -18.19
CA ALA O 218 -5.93 -59.49 -17.62
C ALA O 218 -6.64 -60.25 -16.52
N THR O 219 -6.40 -61.56 -16.45
CA THR O 219 -7.00 -62.40 -15.42
C THR O 219 -5.92 -63.24 -14.76
N VAL O 220 -6.15 -63.58 -13.49
CA VAL O 220 -5.32 -64.54 -12.77
C VAL O 220 -6.23 -65.53 -12.08
N GLN O 221 -6.22 -66.78 -12.54
CA GLN O 221 -7.03 -67.83 -11.97
C GLN O 221 -6.15 -68.88 -11.31
N PRO O 222 -6.66 -69.57 -10.29
CA PRO O 222 -5.87 -70.65 -9.67
C PRO O 222 -5.56 -71.74 -10.68
N GLY O 223 -4.35 -72.28 -10.58
CA GLY O 223 -3.87 -73.24 -11.56
C GLY O 223 -3.17 -72.57 -12.71
N GLN O 224 -3.88 -71.71 -13.44
CA GLN O 224 -3.28 -70.97 -14.53
C GLN O 224 -2.44 -69.82 -14.00
N ASN O 225 -1.71 -69.18 -14.92
CA ASN O 225 -0.83 -68.09 -14.57
C ASN O 225 -1.45 -66.76 -15.00
N PHE O 226 -0.67 -65.68 -14.84
CA PHE O 226 -1.11 -64.35 -15.23
C PHE O 226 -1.35 -64.30 -16.73
N HIS O 227 -2.61 -64.16 -17.14
CA HIS O 227 -2.98 -64.11 -18.55
C HIS O 227 -3.47 -62.71 -18.87
N MET O 228 -2.81 -62.06 -19.83
CA MET O 228 -3.26 -60.78 -20.37
C MET O 228 -3.92 -61.05 -21.70
N PHE O 229 -5.19 -60.65 -21.83
CA PHE O 229 -5.96 -60.96 -23.02
C PHE O 229 -5.31 -60.35 -24.26
N THR O 230 -5.22 -61.16 -25.31
CA THR O 230 -4.65 -60.72 -26.58
C THR O 230 -5.71 -60.00 -27.40
N LYS O 231 -5.32 -59.52 -28.58
CA LYS O 231 -6.25 -58.76 -29.41
C LYS O 231 -7.44 -59.61 -29.82
N GLU O 232 -7.19 -60.85 -30.24
CA GLU O 232 -8.29 -61.73 -30.65
C GLU O 232 -9.19 -62.06 -29.47
N GLU O 233 -8.61 -62.34 -28.30
CA GLU O 233 -9.41 -62.65 -27.12
C GLU O 233 -10.20 -61.43 -26.68
N LEU O 234 -9.61 -60.22 -26.80
CA LEU O 234 -10.33 -59.01 -26.47
C LEU O 234 -11.54 -58.82 -27.38
N GLU O 235 -11.36 -59.02 -28.69
CA GLU O 235 -12.49 -58.92 -29.59
C GLU O 235 -13.54 -59.98 -29.28
N GLU O 236 -13.10 -61.17 -28.86
CA GLU O 236 -14.05 -62.21 -28.49
C GLU O 236 -14.88 -61.80 -27.28
N VAL O 237 -14.26 -61.19 -26.27
CA VAL O 237 -15.01 -60.89 -25.05
C VAL O 237 -15.86 -59.64 -25.21
N ILE O 238 -15.44 -58.70 -26.07
CA ILE O 238 -16.25 -57.49 -26.24
C ILE O 238 -17.38 -57.70 -27.24
N LYS O 239 -17.51 -58.89 -27.84
CA LYS O 239 -18.55 -59.11 -28.84
C LYS O 239 -19.94 -59.04 -28.22
N ASP O 240 -20.17 -59.76 -27.13
CA ASP O 240 -21.50 -59.84 -26.56
C ASP O 240 -21.88 -58.58 -25.80
N ILE O 241 -20.92 -57.92 -25.17
CA ILE O 241 -21.19 -56.72 -24.39
C ILE O 241 -21.56 -55.56 -25.30
PB ADP P . 16.29 15.84 -23.37
O1B ADP P . 16.59 15.60 -24.83
O2B ADP P . 14.86 16.22 -23.09
O3B ADP P . 16.85 14.79 -22.44
PA ADP P . 16.82 18.57 -23.72
O1A ADP P . 16.86 18.37 -25.21
O2A ADP P . 15.60 19.20 -23.09
O3A ADP P . 17.12 17.16 -23.02
O5' ADP P . 18.09 19.45 -23.30
C5' ADP P . 19.23 19.45 -24.15
C4' ADP P . 19.89 20.82 -24.18
O4' ADP P . 21.06 20.70 -24.98
C3' ADP P . 18.97 21.84 -24.82
O3' ADP P . 18.93 23.02 -24.02
C2' ADP P . 19.59 22.16 -26.16
O2' ADP P . 19.82 23.56 -26.26
C1' ADP P . 20.92 21.42 -26.21
N9 ADP P . 20.90 20.43 -27.31
C8 ADP P . 20.66 19.11 -27.16
N7 ADP P . 20.72 18.47 -28.35
C5 ADP P . 21.01 19.38 -29.29
C6 ADP P . 21.21 19.36 -30.74
N6 ADP P . 21.12 18.21 -31.46
N1 ADP P . 21.50 20.54 -31.35
C2 ADP P . 21.60 21.68 -30.65
N3 ADP P . 21.42 21.77 -29.32
C4 ADP P . 21.13 20.67 -28.59
MG MG Q . 13.47 16.19 -21.72
ZN ZN R . -44.85 44.55 0.98
PG ATP S . -20.51 -15.10 -7.46
O1G ATP S . -20.10 -14.68 -8.82
O2G ATP S . -21.60 -14.23 -6.84
O3G ATP S . -19.35 -15.23 -6.47
PB ATP S . -22.51 -17.30 -7.15
O1B ATP S . -23.40 -16.41 -6.39
O2B ATP S . -22.15 -18.64 -6.51
O3B ATP S . -21.15 -16.57 -7.50
PA ATP S . -24.53 -17.83 -9.23
O1A ATP S . -25.07 -16.58 -9.80
O2A ATP S . -25.40 -18.46 -8.16
O3A ATP S . -23.10 -17.62 -8.60
O5' ATP S . -24.26 -18.91 -10.35
C5' ATP S . -24.38 -18.59 -11.74
C4' ATP S . -25.24 -19.64 -12.39
O4' ATP S . -24.65 -20.94 -12.16
C3' ATP S . -26.65 -19.75 -11.81
O3' ATP S . -27.53 -18.86 -12.49
C2' ATP S . -27.02 -21.21 -12.08
O2' ATP S . -27.69 -21.38 -13.31
C1' ATP S . -25.66 -21.93 -12.09
N9 ATP S . -25.41 -22.73 -10.90
C8 ATP S . -24.46 -22.51 -9.95
N7 ATP S . -24.44 -23.39 -8.98
C5 ATP S . -25.47 -24.26 -9.32
C6 ATP S . -25.98 -25.42 -8.71
N6 ATP S . -25.50 -25.92 -7.57
N1 ATP S . -27.00 -26.06 -9.31
C2 ATP S . -27.48 -25.56 -10.45
N3 ATP S . -27.08 -24.47 -11.13
C4 ATP S . -26.07 -23.87 -10.51
MG MG T . -23.53 -13.98 -6.59
PG ATP U . -5.01 -2.70 -27.92
O1G ATP U . -3.91 -3.17 -27.03
O2G ATP U . -6.32 -2.40 -27.19
O3G ATP U . -4.62 -1.48 -28.76
PB ATP U . -6.56 -4.16 -29.99
O1B ATP U . -6.55 -5.58 -30.39
O2B ATP U . -7.85 -3.65 -29.36
O3B ATP U . -5.40 -3.81 -28.99
PA ATP U . -6.94 -2.76 -32.56
O1A ATP U . -7.56 -1.43 -32.44
O2A ATP U . -7.91 -3.87 -32.94
O3A ATP U . -6.22 -3.21 -31.23
O5' ATP U . -5.76 -2.77 -33.61
C5' ATP U . -5.28 -1.54 -34.20
C4' ATP U . -5.47 -1.64 -35.69
O4' ATP U . -4.87 -2.85 -36.16
C3' ATP U . -6.92 -1.71 -36.13
O3' ATP U . -7.45 -0.40 -36.33
C2' ATP U . -6.84 -2.46 -37.46
O2' ATP U . -6.77 -1.58 -38.58
C1' ATP U . -5.54 -3.29 -37.33
N9 ATP U . -5.77 -4.72 -37.21
C8 ATP U . -5.51 -5.50 -36.11
N7 ATP U . -5.80 -6.77 -36.29
C5 ATP U . -6.29 -6.82 -37.58
C6 ATP U . -6.78 -7.89 -38.36
N6 ATP U . -6.85 -9.15 -37.94
N1 ATP U . -7.19 -7.60 -39.62
C2 ATP U . -7.10 -6.34 -40.05
N3 ATP U . -6.67 -5.26 -39.40
C4 ATP U . -6.27 -5.56 -38.16
MG MG V . -8.17 -1.99 -27.79
PB ADP W . 25.34 20.98 6.15
O1B ADP W . 26.67 21.47 5.64
O2B ADP W . 25.36 19.54 6.60
O3B ADP W . 24.17 21.31 5.27
PA ADP W . 24.94 23.42 7.43
O1A ADP W . 23.55 23.79 7.91
O2A ADP W . 25.40 23.86 6.07
O3A ADP W . 25.07 21.82 7.49
O5' ADP W . 25.97 23.96 8.54
C5' ADP W . 26.18 23.25 9.75
C4' ADP W . 26.60 24.26 10.82
O4' ADP W . 28.01 24.41 10.81
C3' ADP W . 25.99 25.62 10.56
O3' ADP W . 25.03 25.93 11.59
C2' ADP W . 27.14 26.61 10.62
O2' ADP W . 26.94 27.52 11.70
C1' ADP W . 28.39 25.78 10.87
N9 ADP W . 29.38 26.02 9.80
C8 ADP W . 29.70 25.14 8.84
N7 ADP W . 30.66 25.64 8.01
C5 ADP W . 30.96 26.87 8.46
C6 ADP W . 31.90 27.93 8.04
N6 ADP W . 32.70 27.78 6.96
N1 ADP W . 31.92 29.06 8.77
C2 ADP W . 31.13 29.22 9.84
N3 ADP W . 30.26 28.30 10.28
C4 ADP W . 30.14 27.12 9.63
MG MG X . 22.22 20.85 5.08
PB ADP Y . 4.73 10.12 30.60
O1B ADP Y . 6.20 10.28 30.89
O2B ADP Y . 4.03 11.40 30.19
O3B ADP Y . 4.38 8.92 29.75
PA ADP Y . 4.43 10.71 33.31
O1A ADP Y . 5.79 10.35 33.84
O2A ADP Y . 4.12 12.13 32.91
O3A ADP Y . 4.09 9.78 32.04
O5' ADP Y . 3.32 10.26 34.39
C5' ADP Y . 2.84 11.23 35.32
C4' ADP Y . 1.98 10.59 36.39
O4' ADP Y . 2.71 9.56 37.08
C3' ADP Y . 1.56 11.63 37.42
O3' ADP Y . 0.14 11.69 37.52
C2' ADP Y . 2.14 11.16 38.74
O2' ADP Y . 1.12 11.12 39.73
C1' ADP Y . 2.69 9.76 38.49
N9 ADP Y . 4.07 9.62 38.99
C8 ADP Y . 5.04 8.95 38.34
N7 ADP Y . 6.21 8.96 39.02
C5 ADP Y . 6.00 9.66 40.15
C6 ADP Y . 6.83 10.05 41.32
N6 ADP Y . 8.13 9.70 41.41
N1 ADP Y . 6.24 10.79 42.29
C2 ADP Y . 4.95 11.14 42.21
N3 ADP Y . 4.14 10.82 41.18
C4 ADP Y . 4.60 10.09 40.13
PG ATP Z . -18.60 -7.35 19.40
O1G ATP Z . -19.82 -8.00 18.87
O2G ATP Z . -17.38 -7.57 18.53
O3G ATP Z . -18.76 -5.86 19.68
PB ATP Z . -18.82 -8.21 22.24
O1B ATP Z . -17.84 -8.75 23.19
O2B ATP Z . -19.47 -6.89 22.64
O3B ATP Z . -18.20 -7.98 20.81
PA ATP Z . -21.32 -9.71 22.65
O1A ATP Z . -21.04 -10.10 24.05
O2A ATP Z . -22.37 -8.63 22.46
O3A ATP Z . -19.99 -9.23 21.93
O5' ATP Z . -21.76 -10.98 21.82
C5' ATP Z . -21.14 -12.26 22.02
C4' ATP Z . -22.21 -13.31 22.19
O4' ATP Z . -21.67 -14.43 22.92
C3' ATP Z . -23.45 -12.86 22.96
O3' ATP Z . -24.62 -13.51 22.47
C2' ATP Z . -23.13 -13.25 24.41
O2' ATP Z . -24.29 -13.71 25.08
C1' ATP Z . -22.13 -14.41 24.26
N9 ATP Z . -20.97 -14.29 25.14
C8 ATP Z . -19.79 -13.68 24.85
N7 ATP Z . -18.91 -13.72 25.83
C5 ATP Z . -19.57 -14.40 26.82
C6 ATP Z . -19.19 -14.77 28.14
N6 ATP Z . -18.00 -14.50 28.67
N1 ATP Z . -20.09 -15.44 28.87
C2 ATP Z . -21.29 -15.73 28.35
N3 ATP Z . -21.76 -15.43 27.13
C4 ATP Z . -20.85 -14.77 26.42
MG MG AA . -20.55 -5.44 20.74
#